data_8C4C
#
_entry.id   8C4C
#
_cell.length_a   1.00
_cell.length_b   1.00
_cell.length_c   1.00
_cell.angle_alpha   90.00
_cell.angle_beta   90.00
_cell.angle_gamma   90.00
#
_symmetry.space_group_name_H-M   'P 1'
#
loop_
_entity.id
_entity.type
_entity.pdbx_description
1 polymer 'Actin, alpha skeletal muscle'
2 polymer 'Cell invasion protein SipA'
3 non-polymer "ADENOSINE-5'-DIPHOSPHATE"
4 non-polymer 'PHOSPHATE ION'
5 non-polymer 'MAGNESIUM ION'
#
loop_
_entity_poly.entity_id
_entity_poly.type
_entity_poly.pdbx_seq_one_letter_code
_entity_poly.pdbx_strand_id
1 'polypeptide(L)'
;MCDEDETTALVCDNGSGLVKAGFAGDDAPRAVFPSIVGRPRHQGVMVGMGQKDSYVGDEAQSKRGILTLKYPIE(HIC)G
IITNWDDMEKIWHHTFYNELRVAPEEHPTLLTEAPLNPKANREKMTQIMFETFNVPAMYVAIQAVLSLYASGRTTGIVLD
SGDGVTHNVPIYEGYALPHAIMRLDLAGRDLTDYLMKILTERGYSFVTTAEREIVRDIKEKLCYVALDFENEMATAASSS
SLEKSYELPDGQVITIGNERFRCPETLFQPSFIGMESAGIHETTYNSIMKCDIDIRKDLYANNVMSGGTTMYPGIADRMQ
KEITALAPSTMKIKIIAPPERKYSVWIGGSILASLSTFQQMWITKQEYDEAGPSIVHRKCF
;
A,B,C,D,E,F,G,H
2 'polypeptide(L)'
;NKAGTTDNDNSQTDKTGPFSGLKFKQNSFLSTVPSVTNMHSMHFDARETFLGVIRKALEPDTSTPFPVRRAFDGLRAEIL
PNDTIKSAALKAQCSDIDKHPELKAKMETLKEVITHHPQKEKLAEIALQFAREAGLTRLKGETDYVLSNVLDGLIGDGSW
RAGPAYESYLNKP
;
K,L,M,N
#
loop_
_chem_comp.id
_chem_comp.type
_chem_comp.name
_chem_comp.formula
ADP non-polymer ADENOSINE-5'-DIPHOSPHATE 'C10 H15 N5 O10 P2'
MG non-polymer 'MAGNESIUM ION' 'Mg 2'
PO4 non-polymer 'PHOSPHATE ION' 'O4 P -3'
#
# COMPACT_ATOMS: atom_id res chain seq x y z
N THR A 8 -23.62 78.55 -49.71
CA THR A 8 -22.18 78.71 -49.52
C THR A 8 -21.89 79.34 -48.16
N ALA A 9 -20.66 79.15 -47.68
CA ALA A 9 -20.27 79.57 -46.35
C ALA A 9 -19.09 80.54 -46.42
N LEU A 10 -19.19 81.65 -45.69
CA LEU A 10 -18.06 82.53 -45.51
C LEU A 10 -17.03 81.86 -44.61
N VAL A 11 -15.76 82.23 -44.77
CA VAL A 11 -14.68 81.37 -44.30
C VAL A 11 -13.59 82.13 -43.56
N CYS A 12 -12.52 81.40 -43.25
CA CYS A 12 -11.67 81.67 -42.09
C CYS A 12 -10.95 83.01 -42.12
N ASP A 13 -11.00 83.72 -40.99
CA ASP A 13 -9.96 84.67 -40.63
C ASP A 13 -10.20 85.19 -39.22
N ASN A 14 -9.12 85.33 -38.45
CA ASN A 14 -9.08 86.21 -37.29
C ASN A 14 -7.73 86.89 -37.18
N GLY A 15 -7.04 87.05 -38.30
CA GLY A 15 -5.66 87.48 -38.31
C GLY A 15 -5.37 88.74 -37.54
N SER A 16 -4.25 88.74 -36.81
CA SER A 16 -3.86 89.92 -36.05
C SER A 16 -3.47 91.07 -36.97
N GLY A 17 -2.90 90.75 -38.13
CA GLY A 17 -2.40 91.77 -39.04
C GLY A 17 -3.24 91.95 -40.28
N LEU A 18 -3.78 90.87 -40.81
CA LEU A 18 -4.55 90.90 -42.05
C LEU A 18 -5.86 90.14 -41.88
N VAL A 19 -6.87 90.57 -42.62
CA VAL A 19 -8.11 89.81 -42.76
C VAL A 19 -7.98 88.98 -44.02
N LYS A 20 -8.61 87.80 -44.02
CA LYS A 20 -8.65 86.93 -45.19
C LYS A 20 -10.07 86.37 -45.27
N ALA A 21 -10.90 86.99 -46.10
CA ALA A 21 -12.29 86.61 -46.23
C ALA A 21 -12.55 86.05 -47.62
N GLY A 22 -13.56 85.19 -47.70
CA GLY A 22 -13.88 84.55 -48.96
C GLY A 22 -15.00 83.54 -48.76
N PHE A 23 -15.11 82.65 -49.73
CA PHE A 23 -16.19 81.66 -49.78
C PHE A 23 -15.61 80.25 -49.75
N ALA A 24 -16.25 79.38 -48.98
CA ALA A 24 -15.82 77.98 -48.94
C ALA A 24 -15.90 77.37 -50.33
N GLY A 25 -14.85 76.64 -50.70
CA GLY A 25 -14.73 76.02 -52.00
C GLY A 25 -13.85 76.79 -52.96
N ASP A 26 -13.56 78.05 -52.69
CA ASP A 26 -12.66 78.82 -53.53
C ASP A 26 -11.22 78.47 -53.19
N ASP A 27 -10.32 78.76 -54.13
CA ASP A 27 -8.91 78.44 -53.98
C ASP A 27 -8.10 79.55 -53.33
N ALA A 28 -8.69 80.72 -53.12
CA ALA A 28 -7.97 81.84 -52.51
C ALA A 28 -8.99 82.82 -51.96
N PRO A 29 -8.64 83.57 -50.92
CA PRO A 29 -9.58 84.56 -50.38
C PRO A 29 -9.90 85.65 -51.40
N ARG A 30 -11.14 86.11 -51.38
CA ARG A 30 -11.60 87.14 -52.31
C ARG A 30 -11.23 88.55 -51.85
N ALA A 31 -10.81 88.73 -50.61
CA ALA A 31 -10.45 90.05 -50.09
C ALA A 31 -9.56 89.86 -48.89
N VAL A 32 -8.40 90.53 -48.87
CA VAL A 32 -7.47 90.37 -47.77
C VAL A 32 -7.51 91.60 -46.87
N PHE A 33 -7.03 92.74 -47.38
CA PHE A 33 -6.99 94.03 -46.68
C PHE A 33 -6.55 93.94 -45.22
N PRO A 34 -5.77 94.91 -44.72
CA PRO A 34 -5.28 94.81 -43.34
C PRO A 34 -6.39 94.96 -42.31
N SER A 35 -6.16 94.36 -41.15
CA SER A 35 -7.10 94.45 -40.03
C SER A 35 -6.79 95.71 -39.23
N ILE A 36 -7.15 96.86 -39.82
CA ILE A 36 -6.77 98.16 -39.29
C ILE A 36 -8.01 99.05 -39.24
N VAL A 37 -8.12 99.82 -38.16
CA VAL A 37 -9.14 100.87 -38.04
C VAL A 37 -8.43 102.15 -37.66
N GLY A 38 -8.53 103.16 -38.52
CA GLY A 38 -7.84 104.43 -38.33
C GLY A 38 -8.83 105.54 -38.02
N ARG A 39 -8.43 106.41 -37.08
CA ARG A 39 -9.23 107.57 -36.70
C ARG A 39 -8.55 108.86 -37.15
N PRO A 40 -9.30 109.83 -37.67
CA PRO A 40 -8.67 111.08 -38.12
C PRO A 40 -8.02 111.82 -36.97
N ARG A 41 -6.94 112.54 -37.29
CA ARG A 41 -6.29 113.45 -36.36
C ARG A 41 -5.91 114.72 -37.09
N HIS A 42 -5.71 115.78 -36.32
CA HIS A 42 -5.21 117.07 -36.79
C HIS A 42 -5.72 117.45 -38.18
N GLN A 43 -7.05 117.47 -38.30
CA GLN A 43 -7.71 117.92 -39.52
C GLN A 43 -9.15 118.30 -39.18
N GLY A 44 -9.86 118.80 -40.18
CA GLY A 44 -11.27 119.11 -40.04
C GLY A 44 -11.66 120.50 -40.51
N VAL A 45 -10.69 121.28 -40.98
CA VAL A 45 -10.98 122.64 -41.40
C VAL A 45 -11.81 122.66 -42.68
N MET A 46 -11.43 121.85 -43.66
CA MET A 46 -12.12 121.86 -44.94
C MET A 46 -13.39 121.02 -44.87
N VAL A 47 -14.46 121.54 -45.48
CA VAL A 47 -15.75 120.85 -45.53
C VAL A 47 -15.70 119.96 -46.77
N GLY A 48 -15.19 118.75 -46.60
CA GLY A 48 -15.06 117.83 -47.71
C GLY A 48 -13.78 117.00 -47.66
N MET A 49 -12.83 117.41 -46.83
CA MET A 49 -11.60 116.64 -46.63
C MET A 49 -11.83 115.57 -45.56
N GLY A 50 -12.74 114.66 -45.89
CA GLY A 50 -13.06 113.56 -45.00
C GLY A 50 -14.27 113.84 -44.12
N GLN A 51 -15.34 113.06 -44.32
CA GLN A 51 -16.53 113.13 -43.49
C GLN A 51 -16.65 111.97 -42.51
N LYS A 52 -16.08 110.81 -42.84
CA LYS A 52 -16.18 109.65 -41.98
C LYS A 52 -15.23 109.78 -40.79
N ASP A 53 -15.66 109.26 -39.64
CA ASP A 53 -14.87 109.33 -38.42
C ASP A 53 -13.90 108.16 -38.26
N SER A 54 -13.98 107.15 -39.12
CA SER A 54 -13.09 106.01 -39.02
C SER A 54 -13.00 105.33 -40.37
N TYR A 55 -11.81 104.81 -40.68
CA TYR A 55 -11.56 104.08 -41.91
C TYR A 55 -11.02 102.70 -41.56
N VAL A 56 -11.39 101.71 -42.36
CA VAL A 56 -11.12 100.31 -42.05
C VAL A 56 -10.32 99.68 -43.18
N GLY A 57 -9.25 98.97 -42.82
CA GLY A 57 -8.52 98.18 -43.79
C GLY A 57 -8.01 99.04 -44.93
N ASP A 58 -8.22 98.57 -46.16
CA ASP A 58 -7.87 99.36 -47.32
C ASP A 58 -8.63 100.68 -47.29
N GLU A 59 -7.97 101.73 -47.76
CA GLU A 59 -8.40 103.13 -47.70
C GLU A 59 -8.20 103.70 -46.30
N ALA A 60 -7.80 102.89 -45.32
CA ALA A 60 -7.16 103.39 -44.12
C ALA A 60 -5.65 103.39 -44.26
N GLN A 61 -5.11 102.40 -44.98
CA GLN A 61 -3.70 102.45 -45.37
C GLN A 61 -3.44 103.63 -46.30
N SER A 62 -4.36 103.90 -47.23
CA SER A 62 -4.17 105.01 -48.15
C SER A 62 -4.13 106.34 -47.41
N LYS A 63 -5.01 106.52 -46.43
CA LYS A 63 -5.09 107.75 -45.65
C LYS A 63 -4.25 107.71 -44.39
N ARG A 64 -3.28 106.78 -44.31
CA ARG A 64 -2.56 106.59 -43.07
C ARG A 64 -1.88 107.87 -42.59
N GLY A 65 -1.55 108.78 -43.51
CA GLY A 65 -0.85 109.98 -43.13
C GLY A 65 -1.60 110.85 -42.16
N ILE A 66 -2.93 110.90 -42.29
CA ILE A 66 -3.77 111.75 -41.45
C ILE A 66 -4.54 110.96 -40.40
N LEU A 67 -4.25 109.67 -40.25
CA LEU A 67 -4.99 108.79 -39.35
C LEU A 67 -4.10 108.27 -38.24
N THR A 68 -4.73 107.79 -37.18
CA THR A 68 -4.07 107.03 -36.12
C THR A 68 -4.52 105.57 -36.24
N LEU A 69 -3.66 104.74 -36.82
CA LEU A 69 -3.99 103.34 -37.05
C LEU A 69 -3.78 102.54 -35.78
N LYS A 70 -4.67 101.58 -35.55
CA LYS A 70 -4.53 100.67 -34.42
C LYS A 70 -5.24 99.37 -34.74
N TYR A 71 -4.62 98.25 -34.34
CA TYR A 71 -5.14 96.93 -34.66
C TYR A 71 -6.10 96.47 -33.56
N PRO A 72 -7.33 96.08 -33.89
CA PRO A 72 -8.21 95.52 -32.84
C PRO A 72 -7.68 94.24 -32.23
N ILE A 73 -6.80 93.53 -32.92
CA ILE A 73 -6.27 92.25 -32.45
C ILE A 73 -4.80 92.42 -32.14
N GLU A 74 -4.43 92.16 -30.89
CA GLU A 74 -3.03 92.13 -30.49
C GLU A 74 -2.70 90.73 -29.99
N HIC A 75 -1.56 90.21 -30.45
CA HIC A 75 -1.13 88.85 -30.22
C HIC A 75 -2.30 87.88 -30.15
O HIC A 75 -2.61 87.21 -29.16
CB HIC A 75 -0.30 88.64 -28.93
CG HIC A 75 -0.69 89.44 -27.76
ND1 HIC A 75 0.08 90.49 -27.23
CD2 HIC A 75 -1.86 89.28 -27.01
CE1 HIC A 75 -0.62 90.95 -26.18
NE2 HIC A 75 -1.82 90.24 -26.00
CZ HIC A 75 -2.80 90.45 -24.99
H HIC A 75 -0.89 90.72 -31.00
HA HIC A 75 -0.50 88.56 -31.10
HB2 HIC A 75 -0.35 87.54 -28.66
HB3 HIC A 75 0.78 88.85 -29.17
HD2 HIC A 75 -2.69 88.57 -27.12
HE1 HIC A 75 -0.32 91.77 -25.52
HZ1 HIC A 75 -3.79 90.74 -25.46
HZ2 HIC A 75 -2.48 91.28 -24.31
HZ3 HIC A 75 -2.94 89.51 -24.40
N GLY A 76 -3.01 87.80 -31.28
CA GLY A 76 -4.06 86.82 -31.47
C GLY A 76 -5.34 87.08 -30.72
N ILE A 77 -5.31 88.02 -29.77
CA ILE A 77 -6.45 88.34 -28.91
C ILE A 77 -7.03 89.66 -29.37
N ILE A 78 -8.34 89.70 -29.59
CA ILE A 78 -9.00 90.93 -30.01
C ILE A 78 -9.26 91.77 -28.75
N THR A 79 -8.75 92.99 -28.74
CA THR A 79 -8.78 93.85 -27.57
C THR A 79 -9.67 95.07 -27.75
N ASN A 80 -10.35 95.19 -28.88
CA ASN A 80 -11.28 96.30 -29.12
C ASN A 80 -12.44 95.75 -29.93
N TRP A 81 -13.52 95.39 -29.23
CA TRP A 81 -14.66 94.75 -29.90
C TRP A 81 -15.49 95.74 -30.70
N ASP A 82 -15.46 97.03 -30.36
CA ASP A 82 -16.12 98.03 -31.19
C ASP A 82 -15.46 98.11 -32.56
N ASP A 83 -14.12 98.08 -32.58
CA ASP A 83 -13.41 98.14 -33.86
C ASP A 83 -13.45 96.81 -34.59
N MET A 84 -13.41 95.69 -33.86
CA MET A 84 -13.51 94.39 -34.52
C MET A 84 -14.85 94.24 -35.23
N GLU A 85 -15.94 94.68 -34.59
CA GLU A 85 -17.24 94.66 -35.26
C GLU A 85 -17.22 95.52 -36.50
N LYS A 86 -16.50 96.64 -36.47
CA LYS A 86 -16.36 97.47 -37.68
C LYS A 86 -15.64 96.71 -38.77
N ILE A 87 -14.56 96.00 -38.43
CA ILE A 87 -13.81 95.25 -39.45
C ILE A 87 -14.67 94.13 -40.01
N TRP A 88 -15.39 93.40 -39.16
CA TRP A 88 -16.28 92.36 -39.66
C TRP A 88 -17.38 92.95 -40.52
N HIS A 89 -17.95 94.08 -40.08
CA HIS A 89 -18.98 94.73 -40.88
C HIS A 89 -18.42 95.18 -42.23
N HIS A 90 -17.20 95.70 -42.24
CA HIS A 90 -16.54 96.04 -43.49
C HIS A 90 -16.32 94.80 -44.35
N THR A 91 -15.97 93.68 -43.71
CA THR A 91 -15.68 92.46 -44.45
C THR A 91 -16.92 91.93 -45.16
N PHE A 92 -18.03 91.81 -44.43
CA PHE A 92 -19.23 91.21 -45.02
C PHE A 92 -19.85 92.11 -46.08
N TYR A 93 -19.97 93.41 -45.78
CA TYR A 93 -20.78 94.29 -46.61
C TYR A 93 -19.97 95.06 -47.64
N ASN A 94 -18.73 95.43 -47.34
CA ASN A 94 -17.94 96.25 -48.25
C ASN A 94 -16.87 95.47 -49.01
N GLU A 95 -16.60 94.23 -48.63
CA GLU A 95 -15.61 93.40 -49.32
C GLU A 95 -16.24 92.19 -50.00
N LEU A 96 -16.98 91.36 -49.25
CA LEU A 96 -17.63 90.20 -49.85
C LEU A 96 -18.96 90.56 -50.50
N ARG A 97 -19.53 91.72 -50.19
CA ARG A 97 -20.77 92.16 -50.80
C ARG A 97 -21.89 91.13 -50.58
N VAL A 98 -21.92 90.56 -49.38
CA VAL A 98 -22.89 89.52 -49.03
C VAL A 98 -23.66 89.93 -47.79
N ALA A 99 -24.77 89.22 -47.56
CA ALA A 99 -25.55 89.39 -46.35
C ALA A 99 -25.19 88.26 -45.39
N PRO A 100 -24.57 88.54 -44.23
CA PRO A 100 -24.11 87.45 -43.36
C PRO A 100 -25.23 86.57 -42.83
N GLU A 101 -26.47 87.05 -42.80
CA GLU A 101 -27.55 86.29 -42.18
C GLU A 101 -27.99 85.08 -43.01
N GLU A 102 -27.38 84.84 -44.17
CA GLU A 102 -27.74 83.72 -45.02
C GLU A 102 -26.52 82.87 -45.40
N HIS A 103 -25.40 83.07 -44.73
CA HIS A 103 -24.18 82.32 -45.02
C HIS A 103 -23.55 81.80 -43.73
N PRO A 104 -23.35 80.50 -43.58
CA PRO A 104 -22.52 80.02 -42.47
C PRO A 104 -21.13 80.62 -42.55
N THR A 105 -20.60 81.04 -41.40
CA THR A 105 -19.32 81.72 -41.34
C THR A 105 -18.36 80.93 -40.46
N LEU A 106 -17.19 80.61 -41.00
CA LEU A 106 -16.16 79.90 -40.26
C LEU A 106 -15.06 80.88 -39.88
N LEU A 107 -14.71 80.91 -38.60
CA LEU A 107 -13.70 81.81 -38.07
C LEU A 107 -12.53 80.99 -37.54
N THR A 108 -11.44 81.69 -37.24
CA THR A 108 -10.21 81.07 -36.74
C THR A 108 -9.83 81.65 -35.39
N GLU A 109 -8.86 81.01 -34.77
CA GLU A 109 -8.36 81.44 -33.47
C GLU A 109 -7.06 80.69 -33.19
N ALA A 110 -6.10 81.39 -32.57
CA ALA A 110 -4.90 80.73 -32.14
C ALA A 110 -5.20 79.83 -30.95
N PRO A 111 -4.44 78.75 -30.77
CA PRO A 111 -4.66 77.90 -29.59
C PRO A 111 -4.18 78.60 -28.33
N LEU A 112 -4.76 78.17 -27.20
CA LEU A 112 -4.44 78.72 -25.88
C LEU A 112 -4.85 80.19 -25.75
N ASN A 113 -5.79 80.64 -26.57
CA ASN A 113 -6.33 81.98 -26.42
C ASN A 113 -7.27 82.05 -25.22
N PRO A 114 -7.52 83.25 -24.70
CA PRO A 114 -8.57 83.38 -23.68
C PRO A 114 -9.91 82.92 -24.22
N LYS A 115 -10.66 82.22 -23.37
CA LYS A 115 -11.91 81.63 -23.83
C LYS A 115 -13.00 82.68 -24.03
N ALA A 116 -12.89 83.81 -23.33
CA ALA A 116 -13.80 84.92 -23.59
C ALA A 116 -13.69 85.40 -25.03
N ASN A 117 -12.51 85.25 -25.63
CA ASN A 117 -12.34 85.63 -27.04
C ASN A 117 -13.31 84.86 -27.92
N ARG A 118 -13.31 83.53 -27.82
CA ARG A 118 -14.23 82.72 -28.59
C ARG A 118 -15.68 83.00 -28.18
N GLU A 119 -15.93 83.17 -26.89
CA GLU A 119 -17.30 83.36 -26.43
C GLU A 119 -17.90 84.63 -27.03
N LYS A 120 -17.13 85.71 -27.06
CA LYS A 120 -17.63 86.95 -27.63
C LYS A 120 -17.63 86.92 -29.15
N MET A 121 -16.71 86.17 -29.76
CA MET A 121 -16.74 86.01 -31.21
C MET A 121 -18.05 85.38 -31.67
N THR A 122 -18.48 84.33 -30.97
CA THR A 122 -19.73 83.67 -31.34
C THR A 122 -20.94 84.50 -30.95
N GLN A 123 -20.81 85.34 -29.93
CA GLN A 123 -21.92 86.20 -29.53
C GLN A 123 -22.20 87.26 -30.59
N ILE A 124 -21.14 87.90 -31.09
CA ILE A 124 -21.31 88.94 -32.11
C ILE A 124 -21.85 88.33 -33.39
N MET A 125 -21.32 87.16 -33.79
CA MET A 125 -21.75 86.53 -35.03
C MET A 125 -23.24 86.22 -35.02
N PHE A 126 -23.74 85.70 -33.90
CA PHE A 126 -25.14 85.26 -33.85
C PHE A 126 -26.09 86.40 -33.54
N GLU A 127 -25.62 87.44 -32.86
CA GLU A 127 -26.51 88.51 -32.43
C GLU A 127 -26.44 89.73 -33.34
N THR A 128 -25.26 90.31 -33.53
CA THR A 128 -25.13 91.50 -34.35
C THR A 128 -25.11 91.21 -35.84
N PHE A 129 -24.80 89.97 -36.25
CA PHE A 129 -24.78 89.59 -37.64
C PHE A 129 -25.80 88.51 -38.01
N ASN A 130 -26.35 87.81 -37.02
CA ASN A 130 -27.46 86.89 -37.25
C ASN A 130 -27.10 85.81 -38.27
N VAL A 131 -25.87 85.34 -38.22
CA VAL A 131 -25.41 84.29 -39.12
C VAL A 131 -26.21 83.02 -38.83
N PRO A 132 -26.63 82.26 -39.84
CA PRO A 132 -27.40 81.04 -39.54
C PRO A 132 -26.61 80.03 -38.73
N ALA A 133 -25.30 79.95 -38.97
CA ALA A 133 -24.43 79.05 -38.22
C ALA A 133 -23.01 79.59 -38.33
N MET A 134 -22.16 79.16 -37.40
CA MET A 134 -20.76 79.57 -37.42
C MET A 134 -19.91 78.43 -36.89
N TYR A 135 -18.61 78.70 -36.75
CA TYR A 135 -17.66 77.74 -36.24
C TYR A 135 -16.34 78.45 -36.04
N VAL A 136 -15.60 78.04 -35.01
CA VAL A 136 -14.28 78.60 -34.72
C VAL A 136 -13.28 77.45 -34.80
N ALA A 137 -12.30 77.60 -35.68
CA ALA A 137 -11.29 76.59 -35.91
C ALA A 137 -9.93 77.08 -35.42
N ILE A 138 -9.02 76.13 -35.23
CA ILE A 138 -7.65 76.42 -34.83
C ILE A 138 -6.82 76.58 -36.10
N GLN A 139 -6.06 77.68 -36.17
CA GLN A 139 -5.38 78.01 -37.41
C GLN A 139 -4.40 76.92 -37.82
N ALA A 140 -3.69 76.34 -36.86
CA ALA A 140 -2.73 75.29 -37.18
C ALA A 140 -3.41 74.08 -37.81
N VAL A 141 -4.57 73.69 -37.27
CA VAL A 141 -5.30 72.55 -37.82
C VAL A 141 -5.67 72.81 -39.27
N LEU A 142 -6.12 74.02 -39.57
CA LEU A 142 -6.51 74.35 -40.95
C LEU A 142 -5.30 74.30 -41.88
N SER A 143 -4.15 74.78 -41.43
CA SER A 143 -2.96 74.72 -42.27
C SER A 143 -2.69 73.29 -42.72
N LEU A 144 -2.90 72.32 -41.83
CA LEU A 144 -2.73 70.93 -42.22
C LEU A 144 -3.74 70.52 -43.28
N TYR A 145 -4.99 70.98 -43.15
CA TYR A 145 -5.98 70.75 -44.19
C TYR A 145 -5.48 71.27 -45.54
N ALA A 146 -4.94 72.49 -45.55
CA ALA A 146 -4.45 73.07 -46.79
C ALA A 146 -3.31 72.25 -47.37
N SER A 147 -2.36 71.84 -46.53
CA SER A 147 -1.27 71.00 -46.99
C SER A 147 -1.73 69.63 -47.45
N GLY A 148 -2.92 69.19 -47.02
CA GLY A 148 -3.43 67.90 -47.40
C GLY A 148 -3.00 66.76 -46.51
N ARG A 149 -2.19 67.03 -45.49
CA ARG A 149 -1.73 66.01 -44.57
C ARG A 149 -2.77 65.72 -43.50
N THR A 150 -2.62 64.57 -42.85
CA THR A 150 -3.27 64.29 -41.58
C THR A 150 -2.26 64.10 -40.46
N THR A 151 -0.96 64.09 -40.80
CA THR A 151 0.12 63.99 -39.83
C THR A 151 1.05 65.18 -40.02
N GLY A 152 1.69 65.60 -38.95
CA GLY A 152 2.69 66.64 -39.03
C GLY A 152 2.49 67.67 -37.94
N ILE A 153 3.55 68.41 -37.67
CA ILE A 153 3.54 69.51 -36.71
C ILE A 153 3.62 70.80 -37.51
N VAL A 154 2.65 71.69 -37.29
CA VAL A 154 2.49 72.90 -38.09
C VAL A 154 2.96 74.08 -37.26
N LEU A 155 3.92 74.83 -37.79
CA LEU A 155 4.44 76.04 -37.16
C LEU A 155 3.76 77.22 -37.84
N ASP A 156 2.66 77.68 -37.25
CA ASP A 156 1.91 78.81 -37.78
C ASP A 156 2.31 80.08 -37.05
N SER A 157 2.77 81.06 -37.82
CA SER A 157 3.18 82.35 -37.25
C SER A 157 2.67 83.45 -38.17
N GLY A 158 1.77 84.29 -37.65
CA GLY A 158 1.22 85.38 -38.42
C GLY A 158 1.74 86.72 -37.96
N ASP A 159 0.84 87.64 -37.63
CA ASP A 159 1.22 88.96 -37.16
C ASP A 159 1.15 89.11 -35.66
N GLY A 160 0.55 88.17 -34.94
CA GLY A 160 0.48 88.29 -33.50
C GLY A 160 0.94 87.08 -32.71
N VAL A 161 0.93 85.89 -33.30
CA VAL A 161 1.17 84.67 -32.54
C VAL A 161 1.89 83.67 -33.44
N THR A 162 2.87 82.98 -32.86
CA THR A 162 3.47 81.80 -33.47
C THR A 162 3.18 80.63 -32.54
N HIS A 163 2.64 79.55 -33.10
CA HIS A 163 2.25 78.41 -32.29
C HIS A 163 2.49 77.12 -33.06
N ASN A 164 2.70 76.03 -32.31
CA ASN A 164 2.93 74.70 -32.86
C ASN A 164 1.81 73.77 -32.41
N VAL A 165 1.26 73.02 -33.35
CA VAL A 165 0.22 72.05 -33.04
C VAL A 165 0.60 70.71 -33.66
N PRO A 166 1.15 69.76 -32.89
CA PRO A 166 1.48 68.45 -33.47
C PRO A 166 0.23 67.60 -33.63
N ILE A 167 0.01 67.11 -34.84
CA ILE A 167 -1.11 66.25 -35.18
C ILE A 167 -0.56 65.02 -35.88
N TYR A 168 -0.97 63.82 -35.44
CA TYR A 168 -0.40 62.59 -35.97
C TYR A 168 -1.29 61.94 -37.03
N GLU A 169 -2.51 61.59 -36.68
CA GLU A 169 -3.45 60.95 -37.61
C GLU A 169 -4.80 61.61 -37.50
N GLY A 170 -4.80 62.94 -37.55
CA GLY A 170 -5.96 63.72 -37.20
C GLY A 170 -6.13 63.92 -35.71
N TYR A 171 -5.27 63.32 -34.90
CA TYR A 171 -5.34 63.44 -33.45
C TYR A 171 -4.31 64.47 -32.98
N ALA A 172 -4.79 65.58 -32.43
CA ALA A 172 -3.90 66.56 -31.83
C ALA A 172 -3.49 66.11 -30.44
N LEU A 173 -2.30 66.54 -30.03
CA LEU A 173 -1.80 66.30 -28.68
C LEU A 173 -1.83 67.61 -27.92
N PRO A 174 -2.95 67.96 -27.28
CA PRO A 174 -3.08 69.31 -26.72
C PRO A 174 -2.01 69.66 -25.70
N HIS A 175 -1.47 68.68 -24.98
CA HIS A 175 -0.43 68.97 -24.01
C HIS A 175 0.86 69.43 -24.67
N ALA A 176 1.03 69.18 -25.97
CA ALA A 176 2.22 69.55 -26.71
C ALA A 176 2.05 70.83 -27.52
N ILE A 177 0.92 71.53 -27.38
CA ILE A 177 0.75 72.80 -28.05
C ILE A 177 1.70 73.81 -27.44
N MET A 178 2.42 74.53 -28.29
CA MET A 178 3.29 75.62 -27.86
C MET A 178 2.83 76.92 -28.52
N ARG A 179 2.94 78.01 -27.77
CA ARG A 179 2.52 79.32 -28.24
C ARG A 179 3.48 80.37 -27.72
N LEU A 180 4.03 81.15 -28.64
CA LEU A 180 4.89 82.29 -28.31
C LEU A 180 4.21 83.55 -28.81
N ASP A 181 4.08 84.55 -27.94
CA ASP A 181 3.58 85.86 -28.35
C ASP A 181 4.73 86.65 -29.00
N LEU A 182 5.25 86.09 -30.08
CA LEU A 182 6.40 86.65 -30.79
C LEU A 182 6.25 86.28 -32.26
N ALA A 183 5.83 87.23 -33.07
CA ALA A 183 5.63 87.04 -34.49
C ALA A 183 5.89 88.39 -35.16
N GLY A 184 5.40 88.55 -36.39
CA GLY A 184 5.35 89.87 -36.97
C GLY A 184 4.69 90.81 -35.98
N ARG A 185 4.91 92.11 -36.13
CA ARG A 185 4.49 93.16 -35.21
C ARG A 185 5.38 93.18 -33.97
N ASP A 186 6.25 92.19 -33.78
CA ASP A 186 7.36 92.26 -32.85
C ASP A 186 8.70 92.33 -33.56
N LEU A 187 8.80 91.64 -34.70
CA LEU A 187 9.91 91.88 -35.62
C LEU A 187 9.82 93.28 -36.21
N THR A 188 8.60 93.73 -36.53
CA THR A 188 8.41 95.09 -37.02
C THR A 188 8.84 96.11 -35.98
N ASP A 189 8.40 95.92 -34.73
CA ASP A 189 8.82 96.83 -33.67
C ASP A 189 10.31 96.78 -33.44
N TYR A 190 10.92 95.60 -33.55
CA TYR A 190 12.37 95.50 -33.41
C TYR A 190 13.07 96.17 -34.59
N LEU A 191 12.54 96.02 -35.80
CA LEU A 191 13.18 96.61 -36.97
C LEU A 191 13.22 98.13 -36.87
N MET A 192 12.12 98.75 -36.47
CA MET A 192 12.13 100.21 -36.33
C MET A 192 13.05 100.65 -35.21
N LYS A 193 13.13 99.89 -34.13
CA LYS A 193 14.15 100.15 -33.12
C LYS A 193 15.54 99.98 -33.69
N ILE A 194 15.73 98.94 -34.51
CA ILE A 194 17.04 98.66 -35.07
C ILE A 194 17.39 99.64 -36.17
N LEU A 195 16.39 100.31 -36.76
CA LEU A 195 16.68 101.30 -37.79
C LEU A 195 17.13 102.63 -37.19
N THR A 196 16.87 102.87 -35.91
CA THR A 196 17.31 104.12 -35.30
C THR A 196 18.83 104.25 -35.31
N GLU A 197 19.53 103.16 -35.00
CA GLU A 197 20.99 103.19 -35.03
C GLU A 197 21.53 103.47 -36.42
N ARG A 198 20.72 103.29 -37.46
CA ARG A 198 21.15 103.65 -38.81
C ARG A 198 20.80 105.08 -39.17
N GLY A 199 19.88 105.70 -38.43
CA GLY A 199 19.57 107.11 -38.61
C GLY A 199 18.15 107.41 -39.03
N TYR A 200 17.25 106.43 -38.96
CA TYR A 200 15.86 106.59 -39.35
C TYR A 200 14.97 106.33 -38.14
N SER A 201 13.96 107.19 -37.96
CA SER A 201 13.16 107.20 -36.74
C SER A 201 11.92 106.33 -36.82
N PHE A 202 11.00 106.62 -37.74
CA PHE A 202 9.79 105.84 -37.94
C PHE A 202 8.97 105.74 -36.64
N VAL A 203 8.45 106.90 -36.24
CA VAL A 203 7.62 107.02 -35.05
C VAL A 203 6.29 106.30 -35.31
N THR A 204 5.48 106.14 -34.25
CA THR A 204 4.37 105.19 -34.22
C THR A 204 3.37 105.31 -35.38
N THR A 205 2.57 104.25 -35.56
CA THR A 205 1.42 104.19 -36.45
C THR A 205 1.80 104.26 -37.93
N ALA A 206 1.67 105.45 -38.54
CA ALA A 206 1.79 105.54 -39.99
C ALA A 206 3.15 105.04 -40.46
N GLU A 207 4.22 105.42 -39.76
CA GLU A 207 5.55 104.98 -40.15
C GLU A 207 5.78 103.51 -39.81
N ARG A 208 5.04 102.95 -38.85
CA ARG A 208 5.18 101.52 -38.55
C ARG A 208 4.79 100.69 -39.76
N GLU A 209 3.75 101.12 -40.49
CA GLU A 209 3.36 100.40 -41.70
C GLU A 209 4.47 100.45 -42.75
N ILE A 210 5.14 101.60 -42.86
CA ILE A 210 6.28 101.69 -43.78
C ILE A 210 7.36 100.71 -43.38
N VAL A 211 7.67 100.64 -42.08
CA VAL A 211 8.67 99.70 -41.60
C VAL A 211 8.23 98.28 -41.87
N ARG A 212 6.93 98.00 -41.71
CA ARG A 212 6.42 96.67 -42.02
C ARG A 212 6.63 96.33 -43.49
N ASP A 213 6.40 97.30 -44.38
CA ASP A 213 6.60 97.05 -45.80
C ASP A 213 8.08 96.79 -46.11
N ILE A 214 8.98 97.57 -45.51
CA ILE A 214 10.39 97.34 -45.77
C ILE A 214 10.81 95.98 -45.21
N LYS A 215 10.23 95.56 -44.09
CA LYS A 215 10.50 94.22 -43.57
C LYS A 215 10.03 93.16 -44.54
N GLU A 216 8.82 93.32 -45.08
CA GLU A 216 8.29 92.34 -46.02
C GLU A 216 9.08 92.28 -47.31
N LYS A 217 9.71 93.38 -47.71
CA LYS A 217 10.43 93.43 -48.98
C LYS A 217 11.90 93.05 -48.87
N LEU A 218 12.60 93.47 -47.81
CA LEU A 218 14.05 93.37 -47.75
C LEU A 218 14.57 92.35 -46.76
N CYS A 219 13.81 92.00 -45.72
CA CYS A 219 14.33 91.16 -44.66
C CYS A 219 14.38 89.69 -45.09
N TYR A 220 15.33 88.96 -44.53
CA TYR A 220 15.52 87.55 -44.83
C TYR A 220 16.24 86.89 -43.67
N VAL A 221 16.19 85.56 -43.64
CA VAL A 221 16.81 84.78 -42.58
C VAL A 221 18.15 84.27 -43.08
N ALA A 222 19.22 84.57 -42.34
CA ALA A 222 20.54 84.10 -42.71
C ALA A 222 20.71 82.65 -42.27
N LEU A 223 21.26 81.83 -43.18
CA LEU A 223 21.51 80.43 -42.84
C LEU A 223 22.50 80.32 -41.69
N ASP A 224 23.56 81.12 -41.72
CA ASP A 224 24.55 81.20 -40.65
C ASP A 224 24.66 82.65 -40.21
N PHE A 225 24.11 82.96 -39.04
CA PHE A 225 24.05 84.35 -38.60
C PHE A 225 25.44 84.93 -38.40
N GLU A 226 26.32 84.20 -37.71
CA GLU A 226 27.66 84.74 -37.44
C GLU A 226 28.43 84.97 -38.72
N ASN A 227 28.36 84.02 -39.66
CA ASN A 227 29.03 84.20 -40.93
C ASN A 227 28.41 85.37 -41.71
N GLU A 228 27.09 85.48 -41.69
CA GLU A 228 26.43 86.60 -42.37
C GLU A 228 26.80 87.93 -41.72
N MET A 229 26.90 87.95 -40.38
CA MET A 229 27.27 89.19 -39.70
C MET A 229 28.65 89.65 -40.13
N ALA A 230 29.60 88.72 -40.24
CA ALA A 230 30.94 89.08 -40.69
C ALA A 230 30.92 89.63 -42.11
N THR A 231 30.12 89.01 -42.98
CA THR A 231 30.05 89.47 -44.36
C THR A 231 29.54 90.90 -44.44
N ALA A 232 28.49 91.22 -43.68
CA ALA A 232 27.97 92.58 -43.68
C ALA A 232 29.01 93.57 -43.17
N ALA A 233 29.73 93.20 -42.11
CA ALA A 233 30.74 94.09 -41.56
C ALA A 233 31.87 94.34 -42.55
N SER A 234 32.32 93.30 -43.25
CA SER A 234 33.50 93.39 -44.09
C SER A 234 33.21 93.79 -45.52
N SER A 235 31.95 93.83 -45.94
CA SER A 235 31.61 94.17 -47.31
C SER A 235 30.33 95.00 -47.34
N SER A 236 29.92 95.36 -48.56
CA SER A 236 28.68 96.08 -48.81
C SER A 236 27.71 95.31 -49.68
N SER A 237 28.00 94.04 -49.99
CA SER A 237 27.16 93.29 -50.90
C SER A 237 25.75 93.12 -50.35
N LEU A 238 25.60 93.03 -49.04
CA LEU A 238 24.30 92.81 -48.41
C LEU A 238 23.49 94.10 -48.30
N GLU A 239 24.11 95.26 -48.50
CA GLU A 239 23.38 96.52 -48.42
C GLU A 239 22.31 96.59 -49.51
N LYS A 240 21.14 97.10 -49.15
CA LYS A 240 20.07 97.32 -50.10
C LYS A 240 19.30 98.58 -49.70
N SER A 241 18.77 99.26 -50.70
CA SER A 241 18.12 100.55 -50.51
C SER A 241 16.61 100.42 -50.70
N TYR A 242 15.86 101.26 -49.99
CA TYR A 242 14.41 101.28 -50.06
C TYR A 242 13.94 102.73 -50.12
N GLU A 243 12.94 102.99 -50.93
CA GLU A 243 12.44 104.34 -51.16
C GLU A 243 11.21 104.58 -50.29
N LEU A 244 11.30 105.58 -49.41
CA LEU A 244 10.16 105.95 -48.59
C LEU A 244 9.07 106.58 -49.44
N PRO A 245 7.84 106.65 -48.93
CA PRO A 245 6.75 107.21 -49.74
C PRO A 245 6.99 108.64 -50.20
N ASP A 246 7.78 109.40 -49.46
CA ASP A 246 8.06 110.80 -49.80
C ASP A 246 9.26 110.96 -50.71
N GLY A 247 9.87 109.86 -51.16
CA GLY A 247 10.99 109.91 -52.08
C GLY A 247 12.35 109.69 -51.43
N GLN A 248 12.45 109.83 -50.11
CA GLN A 248 13.71 109.57 -49.44
C GLN A 248 14.09 108.10 -49.59
N VAL A 249 15.39 107.85 -49.63
CA VAL A 249 15.94 106.51 -49.80
C VAL A 249 16.72 106.15 -48.53
N ILE A 250 16.41 104.99 -47.97
CA ILE A 250 17.10 104.48 -46.79
C ILE A 250 17.89 103.24 -47.18
N THR A 251 19.13 103.15 -46.71
CA THR A 251 20.00 102.01 -46.97
C THR A 251 20.03 101.13 -45.74
N ILE A 252 19.73 99.85 -45.92
CA ILE A 252 19.65 98.89 -44.83
C ILE A 252 20.63 97.76 -45.12
N GLY A 253 21.47 97.44 -44.14
CA GLY A 253 22.49 96.42 -44.31
C GLY A 253 22.23 95.17 -43.51
N ASN A 254 22.96 94.98 -42.42
CA ASN A 254 22.77 93.79 -41.60
C ASN A 254 21.45 93.82 -40.84
N GLU A 255 20.77 94.97 -40.80
CA GLU A 255 19.50 95.05 -40.11
C GLU A 255 18.43 94.20 -40.79
N ARG A 256 18.64 93.82 -42.05
CA ARG A 256 17.64 93.08 -42.80
C ARG A 256 17.76 91.57 -42.64
N PHE A 257 18.70 91.09 -41.81
CA PHE A 257 18.67 89.71 -41.35
C PHE A 257 18.74 89.60 -39.83
N ARG A 258 19.02 90.69 -39.12
CA ARG A 258 18.92 90.68 -37.67
C ARG A 258 17.46 90.75 -37.22
N CYS A 259 16.60 91.41 -37.99
CA CYS A 259 15.19 91.52 -37.61
C CYS A 259 14.52 90.16 -37.52
N PRO A 260 14.59 89.30 -38.55
CA PRO A 260 14.01 87.96 -38.41
C PRO A 260 14.83 87.02 -37.55
N GLU A 261 16.08 87.37 -37.23
CA GLU A 261 16.88 86.55 -36.33
C GLU A 261 16.25 86.46 -34.94
N THR A 262 15.38 87.40 -34.59
CA THR A 262 14.73 87.36 -33.28
C THR A 262 13.80 86.16 -33.17
N LEU A 263 13.42 85.56 -34.29
CA LEU A 263 12.62 84.34 -34.23
C LEU A 263 13.41 83.19 -33.63
N PHE A 264 14.72 83.15 -33.89
CA PHE A 264 15.57 82.10 -33.37
C PHE A 264 16.33 82.52 -32.12
N GLN A 265 16.43 83.82 -31.85
CA GLN A 265 17.07 84.33 -30.65
C GLN A 265 16.17 85.39 -30.03
N PRO A 266 15.06 84.97 -29.41
CA PRO A 266 14.11 85.94 -28.85
C PRO A 266 14.71 86.87 -27.81
N SER A 267 15.89 86.55 -27.28
CA SER A 267 16.54 87.45 -26.34
C SER A 267 16.93 88.77 -26.99
N PHE A 268 16.93 88.86 -28.32
CA PHE A 268 17.18 90.13 -28.98
C PHE A 268 16.17 91.19 -28.55
N ILE A 269 14.92 90.78 -28.36
CA ILE A 269 13.85 91.69 -27.96
C ILE A 269 13.51 91.54 -26.48
N GLY A 270 14.44 91.00 -25.69
CA GLY A 270 14.24 90.88 -24.26
C GLY A 270 13.41 89.71 -23.81
N MET A 271 12.99 88.84 -24.73
CA MET A 271 12.18 87.68 -24.35
C MET A 271 13.07 86.56 -23.84
N GLU A 272 12.56 85.81 -22.85
CA GLU A 272 13.28 84.70 -22.26
C GLU A 272 13.01 83.37 -22.96
N SER A 273 11.96 83.29 -23.76
CA SER A 273 11.60 82.03 -24.39
C SER A 273 12.66 81.61 -25.42
N ALA A 274 12.59 80.35 -25.81
CA ALA A 274 13.49 79.82 -26.82
C ALA A 274 12.99 80.19 -28.22
N GLY A 275 13.88 80.00 -29.20
CA GLY A 275 13.53 80.33 -30.56
C GLY A 275 12.47 79.40 -31.12
N ILE A 276 12.00 79.73 -32.33
CA ILE A 276 10.96 78.93 -32.95
C ILE A 276 11.49 77.55 -33.29
N HIS A 277 12.78 77.41 -33.57
CA HIS A 277 13.34 76.10 -33.87
C HIS A 277 13.33 75.22 -32.62
N GLU A 278 13.68 75.78 -31.47
CA GLU A 278 13.68 75.01 -30.23
C GLU A 278 12.26 74.77 -29.74
N THR A 279 11.37 75.73 -29.95
CA THR A 279 9.98 75.54 -29.56
C THR A 279 9.34 74.41 -30.36
N THR A 280 9.62 74.36 -31.68
CA THR A 280 9.13 73.25 -32.49
C THR A 280 9.72 71.94 -32.01
N TYR A 281 11.03 71.91 -31.73
CA TYR A 281 11.64 70.70 -31.22
C TYR A 281 11.12 70.36 -29.84
N ASN A 282 10.86 71.38 -29.01
CA ASN A 282 10.27 71.14 -27.70
C ASN A 282 8.83 70.65 -27.81
N SER A 283 8.07 71.11 -28.81
CA SER A 283 6.75 70.56 -29.05
C SER A 283 6.84 69.06 -29.30
N ILE A 284 7.71 68.66 -30.23
CA ILE A 284 8.16 67.28 -30.26
C ILE A 284 8.93 67.00 -28.97
N MET A 285 9.06 65.73 -28.64
CA MET A 285 9.66 65.31 -27.37
C MET A 285 8.70 65.54 -26.22
N LYS A 286 7.57 66.20 -26.49
CA LYS A 286 6.41 66.14 -25.62
C LYS A 286 5.32 65.24 -26.17
N CYS A 287 5.46 64.81 -27.42
CA CYS A 287 4.59 63.82 -28.02
C CYS A 287 5.14 62.42 -27.74
N ASP A 288 4.33 61.41 -28.06
CA ASP A 288 4.76 60.04 -27.85
C ASP A 288 5.96 59.73 -28.72
N ILE A 289 6.86 58.89 -28.20
CA ILE A 289 8.12 58.61 -28.89
C ILE A 289 7.86 58.01 -30.27
N ASP A 290 6.82 57.20 -30.41
CA ASP A 290 6.51 56.57 -31.68
C ASP A 290 5.98 57.55 -32.72
N ILE A 291 5.63 58.76 -32.31
CA ILE A 291 5.09 59.75 -33.22
C ILE A 291 6.15 60.71 -33.74
N ARG A 292 7.31 60.80 -33.06
CA ARG A 292 8.26 61.86 -33.36
C ARG A 292 8.86 61.72 -34.75
N LYS A 293 9.07 60.48 -35.22
CA LYS A 293 9.65 60.30 -36.53
C LYS A 293 8.78 60.92 -37.62
N ASP A 294 7.47 60.73 -37.52
CA ASP A 294 6.57 61.30 -38.51
C ASP A 294 6.41 62.81 -38.33
N LEU A 295 6.60 63.30 -37.10
CA LEU A 295 6.55 64.74 -36.87
C LEU A 295 7.83 65.43 -37.33
N TYR A 296 8.98 64.78 -37.21
CA TYR A 296 10.22 65.38 -37.70
C TYR A 296 10.11 65.68 -39.19
N ALA A 297 9.62 64.71 -39.96
CA ALA A 297 9.09 65.02 -41.28
C ALA A 297 7.72 65.67 -41.12
N ASN A 298 7.21 66.25 -42.20
CA ASN A 298 5.92 66.92 -42.16
C ASN A 298 5.94 68.11 -41.22
N ASN A 299 7.05 68.84 -41.22
CA ASN A 299 7.18 70.07 -40.44
C ASN A 299 6.61 71.20 -41.27
N VAL A 300 5.33 71.50 -41.07
CA VAL A 300 4.57 72.37 -41.97
C VAL A 300 4.70 73.81 -41.50
N MET A 301 5.06 74.70 -42.42
CA MET A 301 5.09 76.13 -42.16
C MET A 301 3.81 76.78 -42.66
N SER A 302 3.35 77.80 -41.93
CA SER A 302 2.17 78.54 -42.33
C SER A 302 2.25 79.94 -41.75
N GLY A 303 1.49 80.85 -42.34
CA GLY A 303 1.43 82.22 -41.87
C GLY A 303 2.42 83.12 -42.60
N GLY A 304 2.14 84.42 -42.54
CA GLY A 304 2.97 85.38 -43.26
C GLY A 304 4.38 85.46 -42.71
N THR A 305 4.54 85.34 -41.39
CA THR A 305 5.85 85.49 -40.78
C THR A 305 6.82 84.39 -41.19
N THR A 306 6.33 83.31 -41.80
CA THR A 306 7.18 82.26 -42.33
C THR A 306 7.57 82.49 -43.79
N MET A 307 7.31 83.68 -44.31
CA MET A 307 7.58 84.00 -45.71
C MET A 307 8.96 84.59 -45.93
N TYR A 308 9.76 84.77 -44.88
CA TYR A 308 11.11 85.27 -45.06
C TYR A 308 11.90 84.31 -45.95
N PRO A 309 12.64 84.82 -46.94
CA PRO A 309 13.52 83.93 -47.70
C PRO A 309 14.54 83.27 -46.77
N GLY A 310 14.72 81.97 -46.96
CA GLY A 310 15.70 81.23 -46.19
C GLY A 310 15.25 80.79 -44.81
N ILE A 311 14.02 81.10 -44.41
CA ILE A 311 13.55 80.66 -43.10
C ILE A 311 13.39 79.15 -43.06
N ALA A 312 12.92 78.56 -44.16
CA ALA A 312 12.75 77.11 -44.20
C ALA A 312 14.09 76.40 -44.08
N ASP A 313 15.10 76.88 -44.81
CA ASP A 313 16.41 76.25 -44.75
C ASP A 313 17.04 76.39 -43.38
N ARG A 314 16.92 77.58 -42.76
CA ARG A 314 17.46 77.76 -41.42
C ARG A 314 16.76 76.85 -40.41
N MET A 315 15.44 76.75 -40.49
CA MET A 315 14.72 75.84 -39.60
C MET A 315 15.09 74.40 -39.86
N GLN A 316 15.25 74.02 -41.13
CA GLN A 316 15.77 72.69 -41.45
C GLN A 316 17.11 72.46 -40.79
N LYS A 317 18.03 73.42 -40.93
CA LYS A 317 19.34 73.29 -40.31
C LYS A 317 19.24 73.24 -38.79
N GLU A 318 18.41 74.12 -38.21
CA GLU A 318 18.35 74.22 -36.76
C GLU A 318 17.71 72.98 -36.14
N ILE A 319 16.67 72.43 -36.78
CA ILE A 319 16.01 71.26 -36.22
C ILE A 319 16.80 69.99 -36.54
N THR A 320 17.60 69.99 -37.61
CA THR A 320 18.50 68.87 -37.82
C THR A 320 19.47 68.74 -36.65
N ALA A 321 20.00 69.86 -36.18
CA ALA A 321 20.53 69.91 -34.83
C ALA A 321 19.39 69.86 -33.83
N LEU A 322 19.71 69.50 -32.59
CA LEU A 322 18.77 69.23 -31.51
C LEU A 322 18.09 67.88 -31.68
N ALA A 323 18.29 67.18 -32.79
CA ALA A 323 17.57 65.94 -33.05
C ALA A 323 18.57 64.83 -33.40
N PRO A 324 18.19 63.57 -33.19
CA PRO A 324 19.10 62.47 -33.53
C PRO A 324 19.48 62.51 -35.00
N SER A 325 20.75 62.22 -35.29
CA SER A 325 21.24 62.29 -36.65
C SER A 325 20.47 61.40 -37.60
N THR A 326 19.95 60.27 -37.11
CA THR A 326 19.22 59.34 -37.97
C THR A 326 17.86 59.87 -38.39
N MET A 327 17.30 60.83 -37.67
CA MET A 327 16.00 61.38 -38.03
C MET A 327 16.12 62.23 -39.28
N LYS A 328 15.10 62.17 -40.13
CA LYS A 328 15.08 62.90 -41.39
C LYS A 328 14.15 64.11 -41.25
N ILE A 329 14.74 65.25 -40.91
CA ILE A 329 13.98 66.49 -40.77
C ILE A 329 13.57 66.97 -42.16
N LYS A 330 12.29 67.32 -42.31
CA LYS A 330 11.76 67.84 -43.56
C LYS A 330 10.81 68.99 -43.25
N ILE A 331 11.15 70.18 -43.73
CA ILE A 331 10.33 71.37 -43.56
C ILE A 331 9.47 71.54 -44.80
N ILE A 332 8.16 71.59 -44.61
CA ILE A 332 7.19 71.77 -45.68
C ILE A 332 6.77 73.23 -45.68
N ALA A 333 7.17 73.96 -46.70
CA ALA A 333 6.89 75.40 -46.81
C ALA A 333 6.27 75.68 -48.18
N PRO A 334 4.97 75.40 -48.34
CA PRO A 334 4.36 75.61 -49.64
C PRO A 334 4.35 77.08 -49.99
N PRO A 335 4.38 77.41 -51.29
CA PRO A 335 4.38 78.84 -51.67
C PRO A 335 3.19 79.61 -51.13
N GLU A 336 2.03 78.96 -50.96
CA GLU A 336 0.83 79.62 -50.44
C GLU A 336 0.77 79.56 -48.92
N ARG A 337 1.92 79.48 -48.25
CA ARG A 337 1.98 79.56 -46.80
C ARG A 337 1.07 80.65 -46.25
N LYS A 338 1.18 81.85 -46.81
CA LYS A 338 0.49 83.01 -46.26
C LYS A 338 -1.02 82.83 -46.23
N TYR A 339 -1.57 82.00 -47.12
CA TYR A 339 -2.99 81.71 -47.16
C TYR A 339 -3.30 80.25 -46.84
N SER A 340 -2.36 79.52 -46.23
CA SER A 340 -2.63 78.13 -45.89
C SER A 340 -3.81 78.00 -44.93
N VAL A 341 -3.89 78.87 -43.94
CA VAL A 341 -4.98 78.79 -42.97
C VAL A 341 -6.33 79.01 -43.66
N TRP A 342 -6.40 80.03 -44.51
CA TRP A 342 -7.64 80.30 -45.23
C TRP A 342 -7.99 79.16 -46.17
N ILE A 343 -7.01 78.61 -46.86
CA ILE A 343 -7.27 77.51 -47.79
C ILE A 343 -7.80 76.30 -47.05
N GLY A 344 -7.21 75.99 -45.89
CA GLY A 344 -7.71 74.89 -45.09
C GLY A 344 -9.13 75.15 -44.61
N GLY A 345 -9.42 76.38 -44.19
CA GLY A 345 -10.77 76.70 -43.80
C GLY A 345 -11.75 76.52 -44.94
N SER A 346 -11.35 76.92 -46.15
CA SER A 346 -12.20 76.71 -47.32
C SER A 346 -12.42 75.24 -47.56
N ILE A 347 -11.38 74.42 -47.44
CA ILE A 347 -11.53 72.98 -47.60
C ILE A 347 -12.44 72.42 -46.52
N LEU A 348 -12.19 72.80 -45.26
CA LEU A 348 -12.96 72.24 -44.15
C LEU A 348 -14.43 72.62 -44.25
N ALA A 349 -14.72 73.91 -44.44
CA ALA A 349 -16.10 74.36 -44.48
C ALA A 349 -16.89 73.79 -45.65
N SER A 350 -16.21 73.30 -46.69
CA SER A 350 -16.89 72.77 -47.86
C SER A 350 -17.13 71.27 -47.78
N LEU A 351 -16.55 70.59 -46.80
CA LEU A 351 -16.77 69.16 -46.67
C LEU A 351 -18.22 68.87 -46.30
N SER A 352 -18.81 67.88 -46.98
CA SER A 352 -20.17 67.48 -46.65
C SER A 352 -20.25 66.92 -45.24
N THR A 353 -19.24 66.15 -44.84
CA THR A 353 -19.22 65.58 -43.50
C THR A 353 -19.07 66.64 -42.42
N PHE A 354 -18.53 67.82 -42.76
CA PHE A 354 -18.38 68.89 -41.79
C PHE A 354 -19.70 69.61 -41.50
N GLN A 355 -20.69 69.49 -42.39
CA GLN A 355 -21.91 70.27 -42.23
C GLN A 355 -22.62 69.98 -40.91
N GLN A 356 -22.37 68.84 -40.29
CA GLN A 356 -22.93 68.55 -38.98
C GLN A 356 -22.22 69.28 -37.86
N MET A 357 -20.98 69.72 -38.08
CA MET A 357 -20.18 70.33 -37.03
C MET A 357 -20.51 71.81 -36.83
N TRP A 358 -21.25 72.42 -37.76
CA TRP A 358 -21.66 73.81 -37.58
C TRP A 358 -22.46 73.97 -36.29
N ILE A 359 -22.19 75.05 -35.58
CA ILE A 359 -23.06 75.49 -34.49
C ILE A 359 -24.12 76.40 -35.09
N THR A 360 -25.39 76.04 -34.88
CA THR A 360 -26.49 76.74 -35.50
C THR A 360 -27.11 77.73 -34.52
N LYS A 361 -27.86 78.68 -35.07
CA LYS A 361 -28.55 79.65 -34.23
C LYS A 361 -29.43 78.95 -33.21
N GLN A 362 -30.00 77.81 -33.58
CA GLN A 362 -30.85 77.07 -32.65
C GLN A 362 -30.06 76.62 -31.43
N GLU A 363 -28.84 76.10 -31.64
CA GLU A 363 -28.04 75.67 -30.50
C GLU A 363 -27.58 76.85 -29.66
N TYR A 364 -27.20 77.96 -30.30
CA TYR A 364 -26.65 79.08 -29.56
C TYR A 364 -27.64 79.64 -28.54
N ASP A 365 -28.86 79.93 -28.98
CA ASP A 365 -29.85 80.48 -28.08
C ASP A 365 -30.28 79.49 -27.00
N GLU A 366 -30.12 78.19 -27.26
CA GLU A 366 -30.40 77.20 -26.24
C GLU A 366 -29.29 77.16 -25.19
N ALA A 367 -28.03 77.33 -25.60
CA ALA A 367 -26.90 77.15 -24.72
C ALA A 367 -26.12 78.43 -24.43
N GLY A 368 -26.35 79.49 -25.19
CA GLY A 368 -25.63 80.73 -25.00
C GLY A 368 -24.24 80.67 -25.61
N PRO A 369 -23.43 81.71 -25.37
CA PRO A 369 -22.09 81.74 -25.98
C PRO A 369 -21.21 80.57 -25.61
N SER A 370 -21.37 80.01 -24.42
CA SER A 370 -20.46 78.97 -23.95
C SER A 370 -20.46 77.75 -24.85
N ILE A 371 -21.50 77.58 -25.67
CA ILE A 371 -21.59 76.43 -26.57
C ILE A 371 -20.32 76.25 -27.39
N VAL A 372 -19.63 77.34 -27.71
CA VAL A 372 -18.48 77.26 -28.60
C VAL A 372 -17.39 76.38 -28.02
N HIS A 373 -17.34 76.25 -26.69
CA HIS A 373 -16.27 75.48 -26.07
C HIS A 373 -16.49 73.99 -26.24
N ARG A 374 -17.73 73.53 -26.17
CA ARG A 374 -18.04 72.11 -26.29
C ARG A 374 -18.39 71.71 -27.71
N LYS A 375 -18.16 72.60 -28.68
CA LYS A 375 -18.42 72.32 -30.09
C LYS A 375 -17.22 72.59 -30.98
N CYS A 376 -16.19 73.27 -30.50
CA CYS A 376 -15.03 73.64 -31.30
C CYS A 376 -13.75 73.29 -30.55
N PHE A 377 -12.70 72.98 -31.31
CA PHE A 377 -11.39 72.70 -30.72
C PHE A 377 -10.71 74.01 -30.34
N THR B 8 27.77 66.19 15.20
CA THR B 8 26.44 65.79 14.78
C THR B 8 26.36 65.68 13.26
N ALA B 9 25.38 64.92 12.77
CA ALA B 9 25.22 64.68 11.35
C ALA B 9 24.29 65.71 10.73
N LEU B 10 24.54 66.00 9.45
CA LEU B 10 23.68 66.87 8.66
C LEU B 10 22.66 66.03 7.89
N VAL B 11 21.44 66.52 7.84
CA VAL B 11 20.37 65.89 7.07
C VAL B 11 19.95 66.89 6.01
N CYS B 12 20.19 66.55 4.74
CA CYS B 12 19.89 67.41 3.61
C CYS B 12 18.92 66.69 2.69
N ASP B 13 17.65 67.08 2.74
CA ASP B 13 16.63 66.54 1.84
C ASP B 13 16.62 67.43 0.59
N ASN B 14 17.35 67.00 -0.44
CA ASN B 14 17.57 67.86 -1.60
C ASN B 14 16.26 68.25 -2.25
N GLY B 15 15.46 67.28 -2.67
CA GLY B 15 14.16 67.58 -3.22
C GLY B 15 14.23 68.29 -4.55
N SER B 16 13.20 68.15 -5.38
CA SER B 16 13.21 68.80 -6.68
C SER B 16 12.99 70.30 -6.55
N GLY B 17 12.15 70.72 -5.59
CA GLY B 17 11.77 72.12 -5.49
C GLY B 17 12.45 72.88 -4.37
N LEU B 18 12.57 72.27 -3.19
CA LEU B 18 13.09 72.94 -2.01
C LEU B 18 14.23 72.12 -1.41
N VAL B 19 15.19 72.83 -0.82
CA VAL B 19 16.26 72.20 -0.06
C VAL B 19 15.91 72.31 1.42
N LYS B 20 15.74 71.16 2.07
CA LYS B 20 15.50 71.10 3.51
C LYS B 20 16.77 70.57 4.15
N ALA B 21 17.48 71.42 4.87
CA ALA B 21 18.76 71.08 5.47
C ALA B 21 18.75 71.42 6.95
N GLY B 22 19.53 70.67 7.72
CA GLY B 22 19.61 70.89 9.14
C GLY B 22 20.47 69.84 9.80
N PHE B 23 20.39 69.79 11.13
CA PHE B 23 21.19 68.87 11.92
C PHE B 23 20.33 67.74 12.46
N ALA B 24 20.88 66.54 12.44
CA ALA B 24 20.18 65.40 13.02
C ALA B 24 19.90 65.64 14.49
N GLY B 25 18.68 65.29 14.92
CA GLY B 25 18.24 65.51 16.26
C GLY B 25 17.33 66.71 16.45
N ASP B 26 17.32 67.65 15.51
CA ASP B 26 16.40 68.77 15.56
C ASP B 26 15.04 68.35 15.00
N ASP B 27 14.00 69.03 15.47
CA ASP B 27 12.64 68.71 15.07
C ASP B 27 12.25 69.31 13.74
N ALA B 28 12.98 70.29 13.24
CA ALA B 28 12.67 70.92 11.96
C ALA B 28 13.97 71.32 11.28
N PRO B 29 13.99 71.42 9.95
CA PRO B 29 15.22 71.86 9.28
C PRO B 29 15.55 73.30 9.60
N ARG B 30 16.86 73.59 9.65
CA ARG B 30 17.30 74.96 9.89
C ARG B 30 17.04 75.85 8.67
N ALA B 31 17.32 75.34 7.48
CA ALA B 31 17.24 76.12 6.26
C ALA B 31 16.27 75.44 5.30
N VAL B 32 15.32 76.23 4.77
CA VAL B 32 14.38 75.77 3.76
C VAL B 32 14.32 76.85 2.70
N PHE B 33 14.99 76.64 1.59
CA PHE B 33 15.08 77.62 0.52
C PHE B 33 14.88 76.95 -0.82
N PRO B 34 14.48 77.69 -1.84
CA PRO B 34 14.26 77.09 -3.17
C PRO B 34 15.53 76.45 -3.72
N SER B 35 15.34 75.38 -4.48
CA SER B 35 16.46 74.69 -5.13
C SER B 35 16.62 75.22 -6.56
N ILE B 36 16.97 76.50 -6.65
CA ILE B 36 17.08 77.20 -7.92
C ILE B 36 18.42 77.91 -8.00
N VAL B 37 18.89 78.12 -9.22
CA VAL B 37 20.06 78.93 -9.51
C VAL B 37 19.68 79.90 -10.61
N GLY B 38 19.90 81.20 -10.36
CA GLY B 38 19.48 82.25 -11.26
C GLY B 38 20.68 82.92 -11.91
N ARG B 39 20.60 83.09 -13.23
CA ARG B 39 21.59 83.81 -14.00
C ARG B 39 20.97 85.10 -14.55
N PRO B 40 21.68 86.23 -14.50
CA PRO B 40 21.10 87.47 -15.02
C PRO B 40 20.77 87.36 -16.51
N ARG B 41 19.65 87.98 -16.89
CA ARG B 41 19.25 88.05 -18.29
C ARG B 41 19.64 89.37 -18.95
N HIS B 42 19.65 90.46 -18.19
CA HIS B 42 19.77 91.80 -18.74
C HIS B 42 21.20 92.32 -18.59
N GLN B 43 21.40 93.59 -18.94
CA GLN B 43 22.71 94.14 -19.21
C GLN B 43 23.38 94.80 -18.00
N GLY B 44 22.78 94.75 -16.83
CA GLY B 44 23.40 95.34 -15.65
C GLY B 44 22.76 96.64 -15.20
N VAL B 45 23.35 97.80 -15.51
CA VAL B 45 24.57 98.04 -16.29
C VAL B 45 25.52 99.00 -15.57
N MET B 46 25.41 99.08 -14.26
CA MET B 46 26.20 100.02 -13.47
C MET B 46 27.54 99.41 -13.07
N VAL B 47 28.48 100.28 -12.73
CA VAL B 47 29.77 99.86 -12.18
C VAL B 47 29.55 99.44 -10.74
N GLY B 48 30.10 98.27 -10.38
CA GLY B 48 29.95 97.74 -9.05
C GLY B 48 28.68 96.97 -8.80
N MET B 49 27.81 96.84 -9.79
CA MET B 49 26.58 96.07 -9.68
C MET B 49 26.68 94.84 -10.58
N GLY B 50 26.12 93.74 -10.13
CA GLY B 50 26.03 92.54 -10.95
C GLY B 50 27.36 91.90 -11.29
N GLN B 51 28.29 91.84 -10.34
CA GLN B 51 29.52 91.08 -10.53
C GLN B 51 29.34 89.60 -10.19
N LYS B 52 28.23 89.24 -9.55
CA LYS B 52 27.95 87.84 -9.24
C LYS B 52 27.29 87.19 -10.44
N ASP B 53 27.90 86.12 -10.94
CA ASP B 53 27.41 85.46 -12.15
C ASP B 53 26.16 84.63 -11.90
N SER B 54 25.87 84.29 -10.64
CA SER B 54 24.72 83.45 -10.33
C SER B 54 24.24 83.74 -8.92
N TYR B 55 22.97 83.41 -8.68
CA TYR B 55 22.36 83.53 -7.36
C TYR B 55 21.65 82.24 -7.03
N VAL B 56 21.62 81.90 -5.75
CA VAL B 56 21.14 80.60 -5.28
C VAL B 56 20.03 80.81 -4.26
N GLY B 57 19.01 79.97 -4.34
CA GLY B 57 18.01 79.91 -3.28
C GLY B 57 17.22 81.21 -3.14
N ASP B 58 17.08 81.66 -1.90
CA ASP B 58 16.22 82.80 -1.62
C ASP B 58 16.71 84.05 -2.34
N GLU B 59 18.02 84.23 -2.44
CA GLU B 59 18.55 85.38 -3.15
C GLU B 59 18.12 85.38 -4.61
N ALA B 60 18.15 84.20 -5.25
CA ALA B 60 17.66 84.10 -6.62
C ALA B 60 16.17 84.42 -6.69
N GLN B 61 15.40 83.94 -5.71
CA GLN B 61 13.98 84.22 -5.67
C GLN B 61 13.72 85.71 -5.52
N SER B 62 14.51 86.39 -4.68
CA SER B 62 14.31 87.83 -4.47
C SER B 62 14.61 88.61 -5.74
N LYS B 63 15.63 88.20 -6.50
CA LYS B 63 16.06 88.90 -7.69
C LYS B 63 15.51 88.27 -8.97
N ARG B 64 14.49 87.43 -8.88
CA ARG B 64 14.05 86.67 -10.04
C ARG B 64 13.60 87.56 -11.19
N GLY B 65 13.26 88.83 -10.91
CA GLY B 65 12.82 89.71 -11.98
C GLY B 65 13.83 89.86 -13.09
N ILE B 66 15.12 89.89 -12.75
CA ILE B 66 16.19 90.04 -13.71
C ILE B 66 17.04 88.78 -13.84
N LEU B 67 16.47 87.62 -13.52
CA LEU B 67 17.20 86.36 -13.55
C LEU B 67 16.44 85.31 -14.35
N THR B 68 17.20 84.37 -14.93
CA THR B 68 16.65 83.16 -15.49
C THR B 68 16.80 82.05 -14.47
N LEU B 69 15.69 81.61 -13.89
CA LEU B 69 15.71 80.61 -12.84
C LEU B 69 15.71 79.21 -13.45
N LYS B 70 16.57 78.35 -12.92
CA LYS B 70 16.69 76.98 -13.40
C LYS B 70 16.84 76.05 -12.22
N TYR B 71 16.11 74.94 -12.24
CA TYR B 71 16.17 73.94 -11.18
C TYR B 71 17.20 72.88 -11.54
N PRO B 72 18.24 72.69 -10.73
CA PRO B 72 19.21 71.61 -11.04
C PRO B 72 18.59 70.23 -11.01
N ILE B 73 17.51 70.03 -10.26
CA ILE B 73 16.88 68.73 -10.09
C ILE B 73 15.55 68.74 -10.84
N GLU B 74 15.36 67.79 -11.74
CA GLU B 74 14.13 67.65 -12.47
C GLU B 74 13.62 66.21 -12.39
N HIC B 75 12.44 66.04 -11.82
CA HIC B 75 11.83 64.74 -11.66
C HIC B 75 12.73 63.89 -10.75
O HIC B 75 13.01 62.71 -10.97
CB HIC B 75 11.60 63.97 -12.96
CG HIC B 75 10.63 64.65 -13.83
ND1 HIC B 75 9.32 64.96 -13.45
CD2 HIC B 75 10.87 65.12 -15.14
CE1 HIC B 75 8.76 65.59 -14.51
NE2 HIC B 75 9.67 65.70 -15.57
CZ HIC B 75 9.43 66.30 -16.84
H HIC B 75 11.85 66.77 -11.47
HA HIC B 75 10.84 64.88 -11.13
HB2 HIC B 75 12.58 63.87 -13.51
HB3 HIC B 75 11.22 62.93 -12.73
HD2 HIC B 75 11.76 65.06 -15.77
HE1 HIC B 75 7.73 65.96 -14.56
HZ1 HIC B 75 10.01 67.26 -16.93
HZ2 HIC B 75 9.75 65.60 -17.65
HZ3 HIC B 75 8.34 66.52 -16.94
N GLY B 76 13.20 64.54 -9.69
CA GLY B 76 14.02 63.89 -8.69
C GLY B 76 15.42 63.53 -9.16
N ILE B 77 15.73 63.86 -10.41
CA ILE B 77 17.02 63.54 -11.02
C ILE B 77 17.80 64.83 -11.20
N ILE B 78 19.04 64.83 -10.71
CA ILE B 78 19.91 65.99 -10.89
C ILE B 78 20.36 66.03 -12.34
N THR B 79 20.09 67.14 -13.03
CA THR B 79 20.44 67.30 -14.43
C THR B 79 21.56 68.30 -14.66
N ASN B 80 21.86 69.15 -13.67
CA ASN B 80 22.94 70.13 -13.78
C ASN B 80 23.78 70.00 -12.53
N TRP B 81 24.89 69.26 -12.63
CA TRP B 81 25.68 68.95 -11.45
C TRP B 81 26.52 70.14 -11.00
N ASP B 82 26.89 71.02 -11.93
CA ASP B 82 27.62 72.23 -11.53
C ASP B 82 26.72 73.13 -10.69
N ASP B 83 25.44 73.23 -11.04
CA ASP B 83 24.51 74.01 -10.25
C ASP B 83 24.14 73.32 -8.94
N MET B 84 23.98 71.99 -8.97
CA MET B 84 23.74 71.25 -7.74
C MET B 84 24.89 71.42 -6.77
N GLU B 85 26.12 71.51 -7.29
CA GLU B 85 27.27 71.79 -6.43
C GLU B 85 27.15 73.18 -5.82
N LYS B 86 26.67 74.15 -6.59
CA LYS B 86 26.45 75.49 -6.03
C LYS B 86 25.44 75.45 -4.90
N ILE B 87 24.34 74.71 -5.09
CA ILE B 87 23.30 74.66 -4.06
C ILE B 87 23.84 74.02 -2.79
N TRP B 88 24.56 72.90 -2.92
CA TRP B 88 25.12 72.25 -1.74
C TRP B 88 26.14 73.15 -1.05
N HIS B 89 26.96 73.86 -1.83
CA HIS B 89 27.89 74.81 -1.25
C HIS B 89 27.15 75.90 -0.50
N HIS B 90 26.06 76.40 -1.08
CA HIS B 90 25.23 77.39 -0.38
C HIS B 90 24.64 76.80 0.89
N THR B 91 24.16 75.56 0.83
CA THR B 91 23.53 74.96 2.00
C THR B 91 24.51 74.83 3.16
N PHE B 92 25.70 74.29 2.89
CA PHE B 92 26.65 74.02 3.97
C PHE B 92 27.23 75.31 4.53
N TYR B 93 27.66 76.22 3.66
CA TYR B 93 28.47 77.36 4.09
C TYR B 93 27.64 78.59 4.41
N ASN B 94 26.56 78.83 3.70
CA ASN B 94 25.78 80.05 3.86
C ASN B 94 24.50 79.87 4.64
N GLU B 95 23.94 78.66 4.68
CA GLU B 95 22.70 78.39 5.38
C GLU B 95 22.93 77.69 6.72
N LEU B 96 23.71 76.61 6.72
CA LEU B 96 24.03 75.92 7.96
C LEU B 96 25.31 76.46 8.61
N ARG B 97 26.18 77.09 7.82
CA ARG B 97 27.42 77.65 8.34
C ARG B 97 28.22 76.59 9.10
N VAL B 98 28.48 75.48 8.43
CA VAL B 98 29.25 74.37 9.00
C VAL B 98 30.37 74.01 8.05
N ALA B 99 31.40 73.38 8.59
CA ALA B 99 32.44 72.80 7.76
C ALA B 99 32.03 71.36 7.44
N PRO B 100 31.71 71.04 6.19
CA PRO B 100 31.22 69.69 5.88
C PRO B 100 32.21 68.59 6.20
N GLU B 101 33.50 68.90 6.35
CA GLU B 101 34.50 67.90 6.65
C GLU B 101 34.34 67.31 8.05
N GLU B 102 33.52 67.91 8.91
CA GLU B 102 33.37 67.45 10.28
C GLU B 102 32.09 66.66 10.53
N HIS B 103 31.08 66.80 9.66
CA HIS B 103 29.76 66.27 9.94
C HIS B 103 29.38 65.21 8.91
N PRO B 104 28.94 64.02 9.33
CA PRO B 104 28.32 63.10 8.38
C PRO B 104 27.06 63.72 7.78
N THR B 105 26.84 63.45 6.50
CA THR B 105 25.74 64.04 5.75
C THR B 105 24.81 62.94 5.26
N LEU B 106 23.55 63.00 5.66
CA LEU B 106 22.52 62.07 5.20
C LEU B 106 21.75 62.72 4.06
N LEU B 107 21.80 62.10 2.89
CA LEU B 107 21.11 62.59 1.71
C LEU B 107 19.90 61.72 1.42
N THR B 108 19.02 62.23 0.57
CA THR B 108 17.79 61.54 0.22
C THR B 108 17.59 61.56 -1.30
N GLU B 109 16.89 60.56 -1.81
CA GLU B 109 16.46 60.54 -3.20
C GLU B 109 15.28 59.59 -3.34
N ALA B 110 14.56 59.75 -4.45
CA ALA B 110 13.40 58.92 -4.71
C ALA B 110 13.82 57.53 -5.18
N PRO B 111 12.96 56.53 -4.99
CA PRO B 111 13.27 55.21 -5.53
C PRO B 111 13.15 55.16 -7.04
N LEU B 112 13.79 54.16 -7.62
CA LEU B 112 13.78 53.95 -9.07
C LEU B 112 14.45 55.10 -9.80
N ASN B 113 15.34 55.82 -9.11
CA ASN B 113 16.16 56.83 -9.75
C ASN B 113 17.30 56.18 -10.51
N PRO B 114 17.90 56.89 -11.46
CA PRO B 114 19.10 56.37 -12.12
C PRO B 114 20.20 56.12 -11.10
N LYS B 115 20.93 55.01 -11.28
CA LYS B 115 22.01 54.67 -10.36
C LYS B 115 23.10 55.74 -10.38
N ALA B 116 23.37 56.31 -11.56
CA ALA B 116 24.40 57.34 -11.67
C ALA B 116 24.08 58.55 -10.81
N ASN B 117 22.81 58.84 -10.57
CA ASN B 117 22.47 59.98 -9.72
C ASN B 117 23.07 59.83 -8.34
N ARG B 118 22.83 58.70 -7.68
CA ARG B 118 23.37 58.50 -6.34
C ARG B 118 24.86 58.18 -6.37
N GLU B 119 25.36 57.59 -7.46
CA GLU B 119 26.80 57.40 -7.58
C GLU B 119 27.53 58.74 -7.60
N LYS B 120 26.98 59.71 -8.34
CA LYS B 120 27.60 61.02 -8.42
C LYS B 120 27.36 61.83 -7.15
N MET B 121 26.24 61.60 -6.46
CA MET B 121 26.04 62.23 -5.17
C MET B 121 27.14 61.83 -4.20
N THR B 122 27.49 60.55 -4.17
CA THR B 122 28.56 60.08 -3.30
C THR B 122 29.90 60.70 -3.69
N GLN B 123 30.18 60.75 -4.99
CA GLN B 123 31.46 61.28 -5.45
C GLN B 123 31.63 62.74 -5.06
N ILE B 124 30.60 63.55 -5.27
CA ILE B 124 30.68 64.97 -4.94
C ILE B 124 30.87 65.16 -3.44
N MET B 125 30.12 64.41 -2.63
CA MET B 125 30.18 64.59 -1.19
C MET B 125 31.56 64.24 -0.64
N PHE B 126 32.18 63.17 -1.15
CA PHE B 126 33.44 62.72 -0.58
C PHE B 126 34.64 63.47 -1.15
N GLU B 127 34.54 63.97 -2.37
CA GLU B 127 35.67 64.62 -3.02
C GLU B 127 35.57 66.14 -2.99
N THR B 128 34.46 66.68 -3.48
CA THR B 128 34.28 68.13 -3.46
C THR B 128 34.17 68.66 -2.04
N PHE B 129 33.38 67.99 -1.19
CA PHE B 129 33.10 68.48 0.15
C PHE B 129 33.84 67.72 1.25
N ASN B 130 34.38 66.55 0.94
CA ASN B 130 35.23 65.81 1.88
C ASN B 130 34.51 65.50 3.20
N VAL B 131 33.24 65.09 3.10
CA VAL B 131 32.51 64.73 4.32
C VAL B 131 33.12 63.46 4.90
N PRO B 132 33.17 63.31 6.23
CA PRO B 132 33.73 62.07 6.79
C PRO B 132 32.95 60.83 6.39
N ALA B 133 31.63 60.95 6.27
CA ALA B 133 30.79 59.84 5.87
C ALA B 133 29.47 60.40 5.37
N MET B 134 28.73 59.56 4.64
CA MET B 134 27.43 59.99 4.13
C MET B 134 26.56 58.75 3.94
N TYR B 135 25.29 59.01 3.58
CA TYR B 135 24.31 57.97 3.38
C TYR B 135 23.18 58.53 2.54
N VAL B 136 22.66 57.71 1.64
CA VAL B 136 21.56 58.09 0.75
C VAL B 136 20.35 57.25 1.11
N ALA B 137 19.31 57.90 1.63
CA ALA B 137 18.10 57.24 2.06
C ALA B 137 16.97 57.46 1.06
N ILE B 138 16.05 56.51 1.01
CA ILE B 138 14.86 56.63 0.17
C ILE B 138 13.86 57.51 0.90
N GLN B 139 13.30 58.50 0.19
CA GLN B 139 12.48 59.51 0.85
C GLN B 139 11.24 58.90 1.50
N ALA B 140 10.60 57.94 0.84
CA ALA B 140 9.40 57.34 1.41
C ALA B 140 9.71 56.64 2.72
N VAL B 141 10.85 55.95 2.80
CA VAL B 141 11.21 55.26 4.03
C VAL B 141 11.35 56.25 5.17
N LEU B 142 11.99 57.39 4.92
CA LEU B 142 12.16 58.38 5.97
C LEU B 142 10.82 58.91 6.46
N SER B 143 9.89 59.15 5.54
CA SER B 143 8.57 59.64 5.95
C SER B 143 7.93 58.71 6.98
N LEU B 144 8.12 57.41 6.81
CA LEU B 144 7.60 56.46 7.81
C LEU B 144 8.33 56.62 9.14
N TYR B 145 9.64 56.89 9.09
CA TYR B 145 10.38 57.17 10.31
C TYR B 145 9.78 58.38 11.04
N ALA B 146 9.47 59.43 10.28
CA ALA B 146 8.87 60.62 10.89
C ALA B 146 7.51 60.30 11.49
N SER B 147 6.68 59.55 10.76
CA SER B 147 5.38 59.15 11.30
C SER B 147 5.51 58.28 12.54
N GLY B 148 6.64 57.59 12.69
CA GLY B 148 6.86 56.73 13.82
C GLY B 148 6.36 55.33 13.65
N ARG B 149 5.72 55.03 12.53
CA ARG B 149 5.21 53.69 12.27
C ARG B 149 6.31 52.78 11.75
N THR B 150 6.05 51.47 11.80
CA THR B 150 6.88 50.49 11.14
C THR B 150 6.20 49.84 9.95
N THR B 151 4.90 50.06 9.78
CA THR B 151 4.12 49.53 8.68
C THR B 151 3.33 50.65 8.04
N GLY B 152 3.08 50.53 6.75
CA GLY B 152 2.28 51.49 6.01
C GLY B 152 2.86 51.72 4.62
N ILE B 153 2.01 52.25 3.75
CA ILE B 153 2.39 52.59 2.38
C ILE B 153 2.48 54.11 2.31
N VAL B 154 3.66 54.61 1.98
CA VAL B 154 3.90 56.05 1.98
C VAL B 154 3.65 56.59 0.57
N LEU B 155 2.83 57.64 0.48
CA LEU B 155 2.65 58.38 -0.76
C LEU B 155 3.42 59.69 -0.63
N ASP B 156 4.63 59.71 -1.17
CA ASP B 156 5.49 60.89 -1.13
C ASP B 156 5.35 61.64 -2.45
N SER B 157 4.97 62.91 -2.37
CA SER B 157 4.74 63.73 -3.55
C SER B 157 5.33 65.11 -3.29
N GLY B 158 6.49 65.37 -3.88
CA GLY B 158 7.12 66.67 -3.76
C GLY B 158 6.91 67.52 -4.99
N ASP B 159 7.99 68.12 -5.49
CA ASP B 159 7.92 68.95 -6.69
C ASP B 159 8.18 68.17 -7.96
N GLY B 160 8.97 67.09 -7.90
CA GLY B 160 9.37 66.40 -9.09
C GLY B 160 8.82 64.99 -9.25
N VAL B 161 8.66 64.27 -8.15
CA VAL B 161 8.35 62.84 -8.21
C VAL B 161 7.24 62.52 -7.20
N THR B 162 6.32 61.65 -7.62
CA THR B 162 5.34 61.05 -6.73
C THR B 162 5.55 59.54 -6.75
N HIS B 163 5.89 58.96 -5.60
CA HIS B 163 6.22 57.54 -5.52
C HIS B 163 5.56 56.91 -4.31
N ASN B 164 5.19 55.64 -4.45
CA ASN B 164 4.59 54.86 -3.38
C ASN B 164 5.57 53.77 -2.95
N VAL B 165 5.75 53.63 -1.64
CA VAL B 165 6.59 52.56 -1.09
C VAL B 165 5.82 51.83 -0.01
N PRO B 166 5.36 50.59 -0.25
CA PRO B 166 4.72 49.82 0.82
C PRO B 166 5.77 49.18 1.72
N ILE B 167 5.59 49.37 3.03
CA ILE B 167 6.50 48.82 4.03
C ILE B 167 5.67 48.10 5.09
N TYR B 168 6.10 46.90 5.46
CA TYR B 168 5.41 46.09 6.46
C TYR B 168 6.44 45.56 7.44
N GLU B 169 6.26 45.88 8.73
CA GLU B 169 7.16 45.44 9.78
C GLU B 169 8.61 45.79 9.48
N GLY B 170 8.81 46.92 8.81
CA GLY B 170 10.14 47.37 8.46
C GLY B 170 10.71 46.75 7.20
N TYR B 171 9.95 45.91 6.50
CA TYR B 171 10.40 45.28 5.27
C TYR B 171 9.72 45.94 4.09
N ALA B 172 10.51 46.50 3.18
CA ALA B 172 9.97 47.11 1.98
C ALA B 172 9.76 46.06 0.90
N LEU B 173 8.72 46.25 0.10
CA LEU B 173 8.44 45.36 -1.02
C LEU B 173 8.82 46.09 -2.31
N PRO B 174 10.10 46.06 -2.70
CA PRO B 174 10.53 46.93 -3.81
C PRO B 174 9.78 46.67 -5.11
N HIS B 175 9.35 45.43 -5.37
CA HIS B 175 8.61 45.16 -6.58
C HIS B 175 7.26 45.89 -6.61
N ALA B 176 6.77 46.31 -5.45
CA ALA B 176 5.52 47.05 -5.36
C ALA B 176 5.72 48.56 -5.34
N ILE B 177 6.96 49.03 -5.45
CA ILE B 177 7.22 50.47 -5.46
C ILE B 177 6.74 51.04 -6.78
N MET B 178 5.88 52.05 -6.71
CA MET B 178 5.37 52.75 -7.87
C MET B 178 5.95 54.16 -7.91
N ARG B 179 6.41 54.57 -9.08
CA ARG B 179 6.94 55.91 -9.29
C ARG B 179 6.16 56.58 -10.41
N LEU B 180 5.81 57.85 -10.20
CA LEU B 180 4.97 58.59 -11.14
C LEU B 180 5.58 59.98 -11.29
N ASP B 181 6.09 60.28 -12.48
CA ASP B 181 6.72 61.57 -12.76
C ASP B 181 5.66 62.64 -13.00
N LEU B 182 4.86 62.87 -11.97
CA LEU B 182 3.81 63.90 -12.01
C LEU B 182 3.68 64.43 -10.59
N ALA B 183 4.11 65.66 -10.37
CA ALA B 183 4.22 66.22 -9.03
C ALA B 183 3.97 67.72 -9.12
N GLY B 184 4.39 68.45 -8.09
CA GLY B 184 4.03 69.86 -7.99
C GLY B 184 4.41 70.66 -9.22
N ARG B 185 5.62 70.43 -9.76
CA ARG B 185 6.05 71.22 -10.91
C ARG B 185 5.14 70.98 -12.10
N ASP B 186 4.71 69.74 -12.34
CA ASP B 186 3.78 69.47 -13.42
C ASP B 186 2.45 70.16 -13.18
N LEU B 187 1.98 70.18 -11.92
CA LEU B 187 0.76 70.91 -11.61
C LEU B 187 0.95 72.40 -11.83
N THR B 188 2.13 72.93 -11.50
CA THR B 188 2.40 74.34 -11.74
C THR B 188 2.34 74.67 -13.23
N ASP B 189 2.93 73.81 -14.07
CA ASP B 189 2.89 74.04 -15.50
C ASP B 189 1.47 73.97 -16.03
N TYR B 190 0.67 73.03 -15.51
CA TYR B 190 -0.72 72.94 -15.94
C TYR B 190 -1.52 74.17 -15.50
N LEU B 191 -1.25 74.66 -14.30
CA LEU B 191 -1.95 75.87 -13.85
C LEU B 191 -1.62 77.05 -14.74
N MET B 192 -0.36 77.15 -15.19
CA MET B 192 -0.01 78.15 -16.18
C MET B 192 -0.84 77.99 -17.45
N LYS B 193 -1.00 76.75 -17.90
CA LYS B 193 -1.71 76.49 -19.15
C LYS B 193 -3.18 76.88 -19.04
N ILE B 194 -3.86 76.47 -17.98
CA ILE B 194 -5.28 76.75 -17.85
C ILE B 194 -5.55 78.18 -17.40
N LEU B 195 -4.54 78.87 -16.86
CA LEU B 195 -4.71 80.28 -16.54
C LEU B 195 -4.79 81.14 -17.79
N THR B 196 -4.31 80.64 -18.93
CA THR B 196 -4.46 81.35 -20.18
C THR B 196 -5.89 81.32 -20.69
N GLU B 197 -6.72 80.42 -20.20
CA GLU B 197 -8.13 80.43 -20.56
C GLU B 197 -8.76 81.76 -20.17
N ARG B 198 -8.34 82.34 -19.05
CA ARG B 198 -8.61 83.73 -18.75
C ARG B 198 -7.47 84.56 -19.31
N GLY B 199 -7.51 85.87 -19.11
CA GLY B 199 -6.54 86.74 -19.74
C GLY B 199 -5.14 86.70 -19.15
N TYR B 200 -4.92 85.86 -18.13
CA TYR B 200 -3.64 85.86 -17.40
C TYR B 200 -2.65 84.96 -18.14
N SER B 201 -1.91 85.57 -19.06
CA SER B 201 -0.95 84.86 -19.90
C SER B 201 0.45 85.06 -19.33
N PHE B 202 0.78 84.26 -18.31
CA PHE B 202 2.18 84.17 -17.89
C PHE B 202 3.02 83.54 -18.97
N VAL B 203 2.56 82.39 -19.51
CA VAL B 203 3.02 81.81 -20.78
C VAL B 203 4.50 82.01 -21.04
N THR B 204 5.28 82.32 -20.02
CA THR B 204 6.71 82.54 -20.17
C THR B 204 7.40 82.13 -18.88
N THR B 205 8.68 81.79 -19.00
CA THR B 205 9.42 81.23 -17.88
C THR B 205 9.71 82.25 -16.79
N ALA B 206 9.39 83.53 -17.01
CA ALA B 206 9.68 84.55 -16.01
C ALA B 206 8.84 84.34 -14.75
N GLU B 207 7.55 84.06 -14.90
CA GLU B 207 6.60 84.13 -13.80
C GLU B 207 6.14 82.75 -13.34
N ARG B 208 6.92 81.71 -13.61
CA ARG B 208 6.53 80.37 -13.16
C ARG B 208 6.45 80.29 -11.65
N GLU B 209 7.23 81.14 -10.95
CA GLU B 209 7.20 81.13 -9.49
C GLU B 209 5.95 81.81 -8.95
N ILE B 210 5.48 82.87 -9.62
CA ILE B 210 4.26 83.54 -9.18
C ILE B 210 3.08 82.60 -9.25
N VAL B 211 2.97 81.80 -10.31
CA VAL B 211 1.84 80.88 -10.40
C VAL B 211 2.04 79.70 -9.45
N ARG B 212 3.29 79.36 -9.10
CA ARG B 212 3.50 78.37 -8.05
C ARG B 212 2.96 78.89 -6.72
N ASP B 213 3.20 80.18 -6.43
CA ASP B 213 2.62 80.77 -5.23
C ASP B 213 1.10 80.78 -5.29
N ILE B 214 0.55 81.10 -6.46
CA ILE B 214 -0.90 81.05 -6.63
C ILE B 214 -1.42 79.65 -6.33
N LYS B 215 -0.73 78.63 -6.84
CA LYS B 215 -1.13 77.25 -6.61
C LYS B 215 -1.10 76.91 -5.12
N GLU B 216 -0.03 77.32 -4.43
CA GLU B 216 0.07 77.03 -3.01
C GLU B 216 -1.00 77.75 -2.20
N LYS B 217 -1.39 78.95 -2.65
CA LYS B 217 -2.29 79.76 -1.86
C LYS B 217 -3.76 79.41 -2.09
N LEU B 218 -4.15 79.14 -3.33
CA LEU B 218 -5.56 79.07 -3.70
C LEU B 218 -6.03 77.70 -4.11
N CYS B 219 -5.18 76.87 -4.69
CA CYS B 219 -5.62 75.58 -5.23
C CYS B 219 -5.98 74.61 -4.11
N TYR B 220 -6.94 73.75 -4.40
CA TYR B 220 -7.41 72.75 -3.44
C TYR B 220 -8.00 71.58 -4.23
N VAL B 221 -8.18 70.46 -3.54
CA VAL B 221 -8.72 69.25 -4.15
C VAL B 221 -10.20 69.16 -3.85
N ALA B 222 -11.01 69.02 -4.90
CA ALA B 222 -12.45 68.89 -4.74
C ALA B 222 -12.81 67.47 -4.32
N LEU B 223 -13.67 67.34 -3.32
CA LEU B 223 -14.11 66.02 -2.89
C LEU B 223 -14.87 65.32 -4.02
N ASP B 224 -15.71 66.06 -4.74
CA ASP B 224 -16.39 65.56 -5.93
C ASP B 224 -16.14 66.55 -7.05
N PHE B 225 -15.38 66.13 -8.07
CA PHE B 225 -15.00 67.04 -9.12
C PHE B 225 -16.21 67.56 -9.88
N GLU B 226 -17.15 66.68 -10.22
CA GLU B 226 -18.31 67.10 -10.99
C GLU B 226 -19.15 68.13 -10.24
N ASN B 227 -19.38 67.90 -8.96
CA ASN B 227 -20.15 68.86 -8.17
C ASN B 227 -19.43 70.19 -8.09
N GLU B 228 -18.11 70.16 -7.90
CA GLU B 228 -17.36 71.41 -7.85
C GLU B 228 -17.43 72.15 -9.18
N MET B 229 -17.31 71.41 -10.29
CA MET B 229 -17.40 72.05 -11.61
C MET B 229 -18.77 72.69 -11.81
N ALA B 230 -19.83 71.99 -11.39
CA ALA B 230 -21.17 72.56 -11.52
C ALA B 230 -21.33 73.80 -10.65
N THR B 231 -20.82 73.76 -9.42
CA THR B 231 -20.91 74.91 -8.54
C THR B 231 -20.15 76.09 -9.11
N ALA B 232 -18.95 75.85 -9.62
CA ALA B 232 -18.17 76.94 -10.22
C ALA B 232 -18.90 77.53 -11.43
N ALA B 233 -19.51 76.67 -12.24
CA ALA B 233 -20.23 77.16 -13.41
C ALA B 233 -21.48 77.94 -13.03
N SER B 234 -22.13 77.58 -11.93
CA SER B 234 -23.42 78.16 -11.56
C SER B 234 -23.30 79.40 -10.69
N SER B 235 -22.65 79.28 -9.53
CA SER B 235 -22.73 80.30 -8.49
C SER B 235 -21.71 81.42 -8.65
N SER B 236 -20.45 81.07 -8.93
CA SER B 236 -19.32 81.99 -8.84
C SER B 236 -18.90 82.27 -7.40
N SER B 237 -19.34 81.42 -6.47
CA SER B 237 -18.93 81.56 -5.08
C SER B 237 -17.55 81.01 -4.80
N LEU B 238 -16.99 80.22 -5.71
CA LEU B 238 -15.65 79.67 -5.55
C LEU B 238 -14.57 80.59 -6.09
N GLU B 239 -14.94 81.70 -6.73
CA GLU B 239 -13.95 82.63 -7.26
C GLU B 239 -13.14 83.24 -6.13
N LYS B 240 -11.83 83.33 -6.34
CA LYS B 240 -10.94 83.99 -5.40
C LYS B 240 -9.97 84.87 -6.16
N SER B 241 -9.49 85.91 -5.50
CA SER B 241 -8.62 86.91 -6.10
C SER B 241 -7.22 86.81 -5.53
N TYR B 242 -6.23 86.98 -6.40
CA TYR B 242 -4.83 86.96 -6.02
C TYR B 242 -4.16 88.20 -6.59
N GLU B 243 -3.31 88.83 -5.79
CA GLU B 243 -2.64 90.07 -6.18
C GLU B 243 -1.20 89.75 -6.57
N LEU B 244 -0.84 90.08 -7.82
CA LEU B 244 0.49 89.84 -8.31
C LEU B 244 1.47 90.87 -7.75
N PRO B 245 2.78 90.62 -7.87
CA PRO B 245 3.75 91.63 -7.40
C PRO B 245 3.56 92.98 -8.07
N ASP B 246 3.05 93.00 -9.30
CA ASP B 246 2.77 94.25 -9.99
C ASP B 246 1.64 95.04 -9.37
N GLY B 247 0.87 94.43 -8.46
CA GLY B 247 -0.33 95.04 -7.94
C GLY B 247 -1.60 94.69 -8.69
N GLN B 248 -1.47 94.09 -9.89
CA GLN B 248 -2.63 93.60 -10.61
C GLN B 248 -3.27 92.45 -9.84
N VAL B 249 -4.58 92.32 -9.99
CA VAL B 249 -5.36 91.30 -9.30
C VAL B 249 -5.95 90.35 -10.33
N ILE B 250 -5.70 89.06 -10.14
CA ILE B 250 -6.25 88.01 -10.99
C ILE B 250 -7.31 87.26 -10.21
N THR B 251 -8.44 87.00 -10.86
CA THR B 251 -9.51 86.21 -10.30
C THR B 251 -9.44 84.81 -10.89
N ILE B 252 -9.53 83.80 -10.03
CA ILE B 252 -9.39 82.41 -10.42
C ILE B 252 -10.59 81.64 -9.89
N GLY B 253 -11.23 80.87 -10.76
CA GLY B 253 -12.44 80.16 -10.40
C GLY B 253 -12.25 78.66 -10.29
N ASN B 254 -12.70 77.92 -11.31
CA ASN B 254 -12.59 76.47 -11.26
C ASN B 254 -11.18 75.98 -11.50
N GLU B 255 -10.26 76.85 -11.91
CA GLU B 255 -8.86 76.46 -12.01
C GLU B 255 -8.27 76.15 -10.64
N ARG B 256 -8.94 76.59 -9.56
CA ARG B 256 -8.44 76.31 -8.22
C ARG B 256 -8.40 74.81 -7.95
N PHE B 257 -9.44 74.08 -8.35
CA PHE B 257 -9.50 72.64 -8.14
C PHE B 257 -9.26 71.84 -9.40
N ARG B 258 -9.17 72.47 -10.56
CA ARG B 258 -8.84 71.73 -11.77
C ARG B 258 -7.35 71.39 -11.81
N CYS B 259 -6.50 72.30 -11.33
CA CYS B 259 -5.07 72.03 -11.32
C CYS B 259 -4.71 70.84 -10.44
N PRO B 260 -5.15 70.77 -9.18
CA PRO B 260 -4.86 69.56 -8.39
C PRO B 260 -5.59 68.32 -8.87
N GLU B 261 -6.66 68.47 -9.66
CA GLU B 261 -7.35 67.31 -10.19
C GLU B 261 -6.46 66.48 -11.10
N THR B 262 -5.39 67.07 -11.62
CA THR B 262 -4.47 66.31 -12.48
C THR B 262 -3.82 65.16 -11.72
N LEU B 263 -3.74 65.27 -10.39
CA LEU B 263 -3.17 64.18 -9.60
C LEU B 263 -4.02 62.92 -9.70
N PHE B 264 -5.34 63.08 -9.66
CA PHE B 264 -6.25 61.95 -9.71
C PHE B 264 -6.67 61.59 -11.14
N GLN B 265 -6.49 62.51 -12.08
CA GLN B 265 -6.73 62.27 -13.50
C GLN B 265 -5.49 62.72 -14.25
N PRO B 266 -4.44 61.89 -14.31
CA PRO B 266 -3.21 62.31 -14.98
C PRO B 266 -3.43 62.79 -16.41
N SER B 267 -4.60 62.55 -16.99
CA SER B 267 -4.98 63.27 -18.19
C SER B 267 -5.11 64.76 -17.85
N PHE B 268 -5.45 65.56 -18.86
CA PHE B 268 -5.37 67.01 -18.84
C PHE B 268 -3.94 67.48 -19.04
N ILE B 269 -2.94 66.60 -18.92
CA ILE B 269 -1.56 66.91 -19.27
C ILE B 269 -1.04 65.79 -20.17
N GLY B 270 -1.95 64.98 -20.71
CA GLY B 270 -1.57 63.98 -21.68
C GLY B 270 -0.81 62.79 -21.15
N MET B 271 -0.94 62.48 -19.87
CA MET B 271 -0.28 61.31 -19.29
C MET B 271 -1.22 60.12 -19.30
N GLU B 272 -0.67 58.96 -19.65
CA GLU B 272 -1.43 57.72 -19.71
C GLU B 272 -1.57 57.02 -18.37
N SER B 273 -0.83 57.45 -17.35
CA SER B 273 -0.83 56.76 -16.07
C SER B 273 -2.15 56.98 -15.34
N ALA B 274 -2.34 56.22 -14.27
CA ALA B 274 -3.51 56.35 -13.42
C ALA B 274 -3.25 57.37 -12.32
N GLY B 275 -4.33 57.84 -11.70
CA GLY B 275 -4.22 58.82 -10.64
C GLY B 275 -3.49 58.27 -9.43
N ILE B 276 -3.16 59.17 -8.52
CA ILE B 276 -2.43 58.77 -7.32
C ILE B 276 -3.25 57.81 -6.49
N HIS B 277 -4.57 57.95 -6.50
CA HIS B 277 -5.42 57.02 -5.76
C HIS B 277 -5.30 55.61 -6.31
N GLU B 278 -5.32 55.47 -7.64
CA GLU B 278 -5.20 54.15 -8.26
C GLU B 278 -3.78 53.62 -8.18
N THR B 279 -2.79 54.49 -8.26
CA THR B 279 -1.40 54.06 -8.08
C THR B 279 -1.19 53.51 -6.68
N THR B 280 -1.75 54.17 -5.67
CA THR B 280 -1.68 53.65 -4.31
C THR B 280 -2.38 52.31 -4.19
N TYR B 281 -3.58 52.19 -4.77
CA TYR B 281 -4.30 50.94 -4.72
C TYR B 281 -3.54 49.84 -5.48
N ASN B 282 -3.01 50.17 -6.65
CA ASN B 282 -2.26 49.18 -7.42
C ASN B 282 -1.02 48.73 -6.66
N SER B 283 -0.36 49.65 -5.96
CA SER B 283 0.80 49.27 -5.15
C SER B 283 0.39 48.28 -4.07
N ILE B 284 -0.74 48.54 -3.39
CA ILE B 284 -1.20 47.65 -2.34
C ILE B 284 -1.51 46.26 -2.92
N MET B 285 -2.18 46.23 -4.07
CA MET B 285 -2.57 44.95 -4.66
C MET B 285 -1.39 44.16 -5.19
N LYS B 286 -0.24 44.80 -5.43
CA LYS B 286 0.96 44.08 -5.78
C LYS B 286 1.63 43.42 -4.59
N CYS B 287 1.27 43.82 -3.37
CA CYS B 287 1.84 43.25 -2.16
C CYS B 287 1.18 41.92 -1.82
N ASP B 288 1.74 41.24 -0.83
CA ASP B 288 1.16 40.00 -0.36
C ASP B 288 -0.24 40.26 0.22
N ILE B 289 -1.15 39.33 -0.05
CA ILE B 289 -2.54 39.52 0.36
C ILE B 289 -2.66 39.67 1.86
N ASP B 290 -1.68 39.17 2.61
CA ASP B 290 -1.77 39.16 4.07
C ASP B 290 -1.40 40.49 4.71
N ILE B 291 -0.74 41.40 3.99
CA ILE B 291 -0.37 42.70 4.53
C ILE B 291 -1.25 43.82 4.00
N ARG B 292 -2.18 43.51 3.09
CA ARG B 292 -2.98 44.57 2.48
C ARG B 292 -3.87 45.27 3.50
N LYS B 293 -4.45 44.52 4.46
CA LYS B 293 -5.31 45.15 5.45
C LYS B 293 -4.54 46.19 6.26
N ASP B 294 -3.31 45.87 6.65
CA ASP B 294 -2.51 46.83 7.40
C ASP B 294 -2.08 48.01 6.54
N LEU B 295 -1.80 47.77 5.26
CA LEU B 295 -1.48 48.87 4.37
C LEU B 295 -2.66 49.80 4.17
N TYR B 296 -3.86 49.24 4.02
CA TYR B 296 -5.05 50.07 3.82
C TYR B 296 -5.26 51.04 4.97
N ALA B 297 -4.89 50.64 6.19
CA ALA B 297 -5.12 51.47 7.36
C ALA B 297 -3.93 52.38 7.69
N ASN B 298 -2.88 52.35 6.89
CA ASN B 298 -1.67 53.12 7.16
C ASN B 298 -1.19 53.83 5.91
N ASN B 299 -2.11 54.50 5.21
CA ASN B 299 -1.76 55.33 4.07
C ASN B 299 -1.15 56.63 4.60
N VAL B 300 0.18 56.72 4.53
CA VAL B 300 0.91 57.89 5.01
C VAL B 300 1.19 58.81 3.83
N MET B 301 0.84 60.08 3.99
CA MET B 301 1.04 61.09 2.95
C MET B 301 2.14 62.03 3.38
N SER B 302 3.05 62.35 2.46
CA SER B 302 4.16 63.25 2.76
C SER B 302 4.50 64.04 1.51
N GLY B 303 5.21 65.15 1.72
CA GLY B 303 5.61 66.02 0.65
C GLY B 303 4.68 67.21 0.48
N GLY B 304 5.20 68.25 -0.16
CA GLY B 304 4.44 69.47 -0.33
C GLY B 304 3.20 69.29 -1.18
N THR B 305 3.28 68.44 -2.21
CA THR B 305 2.16 68.27 -3.13
C THR B 305 0.95 67.62 -2.46
N THR B 306 1.11 67.06 -1.26
CA THR B 306 -0.01 66.51 -0.50
C THR B 306 -0.62 67.53 0.46
N MET B 307 -0.19 68.79 0.38
CA MET B 307 -0.67 69.83 1.27
C MET B 307 -1.94 70.52 0.77
N TYR B 308 -2.46 70.12 -0.39
CA TYR B 308 -3.69 70.71 -0.87
C TYR B 308 -4.82 70.45 0.12
N PRO B 309 -5.62 71.45 0.46
CA PRO B 309 -6.80 71.19 1.29
C PRO B 309 -7.71 70.19 0.61
N GLY B 310 -8.16 69.19 1.38
CA GLY B 310 -9.10 68.21 0.89
C GLY B 310 -8.49 67.04 0.14
N ILE B 311 -7.17 66.99 -0.03
CA ILE B 311 -6.56 65.87 -0.74
C ILE B 311 -6.66 64.61 0.11
N ALA B 312 -6.48 64.74 1.42
CA ALA B 312 -6.62 63.57 2.30
C ALA B 312 -8.03 63.01 2.25
N ASP B 313 -9.04 63.88 2.29
CA ASP B 313 -10.41 63.42 2.17
C ASP B 313 -10.67 62.80 0.81
N ARG B 314 -10.14 63.41 -0.26
CA ARG B 314 -10.32 62.86 -1.59
C ARG B 314 -9.64 61.50 -1.70
N MET B 315 -8.44 61.36 -1.16
CA MET B 315 -7.74 60.07 -1.22
C MET B 315 -8.51 59.01 -0.45
N GLN B 316 -9.05 59.37 0.71
CA GLN B 316 -9.84 58.41 1.49
C GLN B 316 -11.05 57.94 0.70
N LYS B 317 -11.76 58.87 0.06
CA LYS B 317 -12.93 58.50 -0.73
C LYS B 317 -12.54 57.62 -1.92
N GLU B 318 -11.47 57.99 -2.62
CA GLU B 318 -11.14 57.29 -3.86
C GLU B 318 -10.64 55.87 -3.59
N ILE B 319 -9.77 55.70 -2.59
CA ILE B 319 -9.27 54.36 -2.28
C ILE B 319 -10.40 53.50 -1.73
N THR B 320 -11.28 54.07 -0.91
CA THR B 320 -12.40 53.30 -0.38
C THR B 320 -13.27 52.76 -1.50
N ALA B 321 -13.40 53.52 -2.60
CA ALA B 321 -14.17 53.05 -3.75
C ALA B 321 -13.47 51.92 -4.48
N LEU B 322 -12.15 51.83 -4.39
CA LEU B 322 -11.41 50.78 -5.08
C LEU B 322 -11.27 49.53 -4.22
N ALA B 323 -11.04 49.69 -2.92
CA ALA B 323 -10.82 48.56 -2.04
C ALA B 323 -12.15 47.91 -1.66
N PRO B 324 -12.12 46.63 -1.27
CA PRO B 324 -13.36 45.97 -0.83
C PRO B 324 -13.95 46.68 0.38
N SER B 325 -15.28 46.67 0.46
CA SER B 325 -15.98 47.47 1.45
C SER B 325 -15.58 47.13 2.88
N THR B 326 -15.31 45.87 3.18
CA THR B 326 -14.95 45.49 4.54
C THR B 326 -13.62 46.08 5.00
N MET B 327 -12.75 46.47 4.08
CA MET B 327 -11.47 47.06 4.45
C MET B 327 -11.66 48.43 5.08
N LYS B 328 -10.75 48.79 5.97
CA LYS B 328 -10.76 50.08 6.65
C LYS B 328 -9.66 50.94 6.03
N ILE B 329 -10.04 51.95 5.27
CA ILE B 329 -9.07 52.85 4.66
C ILE B 329 -8.86 54.03 5.60
N LYS B 330 -7.59 54.37 5.86
CA LYS B 330 -7.23 55.46 6.75
C LYS B 330 -6.03 56.19 6.17
N ILE B 331 -6.20 57.47 5.89
CA ILE B 331 -5.14 58.31 5.36
C ILE B 331 -4.52 59.08 6.52
N ILE B 332 -3.21 58.97 6.68
CA ILE B 332 -2.47 59.69 7.72
C ILE B 332 -1.82 60.89 7.05
N ALA B 333 -2.24 62.09 7.45
CA ALA B 333 -1.77 63.34 6.86
C ALA B 333 -1.32 64.26 7.99
N PRO B 334 -0.10 64.09 8.49
CA PRO B 334 0.37 64.96 9.58
C PRO B 334 0.44 66.39 9.11
N PRO B 335 0.25 67.35 10.02
CA PRO B 335 0.43 68.76 9.62
C PRO B 335 1.84 69.05 9.12
N GLU B 336 2.85 68.38 9.67
CA GLU B 336 4.23 68.56 9.24
C GLU B 336 4.64 67.61 8.12
N ARG B 337 3.66 67.08 7.37
CA ARG B 337 3.99 66.16 6.29
C ARG B 337 4.82 66.81 5.20
N LYS B 338 4.88 68.14 5.15
CA LYS B 338 5.76 68.82 4.21
C LYS B 338 7.23 68.61 4.58
N TYR B 339 7.53 68.49 5.87
CA TYR B 339 8.89 68.23 6.35
C TYR B 339 9.04 66.83 6.94
N SER B 340 8.09 65.94 6.70
CA SER B 340 8.18 64.59 7.27
C SER B 340 9.42 63.86 6.79
N VAL B 341 9.80 64.05 5.52
CA VAL B 341 10.98 63.35 5.02
C VAL B 341 12.22 63.78 5.77
N TRP B 342 12.40 65.09 5.95
CA TRP B 342 13.55 65.58 6.70
C TRP B 342 13.49 65.14 8.15
N ILE B 343 12.29 65.12 8.74
CA ILE B 343 12.16 64.70 10.13
C ILE B 343 12.57 63.25 10.28
N GLY B 344 12.15 62.39 9.35
CA GLY B 344 12.56 61.00 9.39
C GLY B 344 14.05 60.85 9.20
N GLY B 345 14.64 61.63 8.29
CA GLY B 345 16.08 61.61 8.16
C GLY B 345 16.78 62.00 9.44
N SER B 346 16.25 63.01 10.14
CA SER B 346 16.82 63.41 11.41
C SER B 346 16.73 62.29 12.44
N ILE B 347 15.58 61.63 12.51
CA ILE B 347 15.42 60.51 13.44
C ILE B 347 16.39 59.39 13.08
N LEU B 348 16.44 59.02 11.81
CA LEU B 348 17.32 57.93 11.38
C LEU B 348 18.78 58.27 11.63
N ALA B 349 19.18 59.49 11.29
CA ALA B 349 20.58 59.87 11.42
C ALA B 349 21.06 59.87 12.87
N SER B 350 20.15 60.05 13.83
CA SER B 350 20.51 60.13 15.23
C SER B 350 20.36 58.80 15.97
N LEU B 351 19.93 57.74 15.29
CA LEU B 351 19.82 56.43 15.94
C LEU B 351 21.20 55.85 16.19
N SER B 352 21.36 55.24 17.37
CA SER B 352 22.64 54.58 17.68
C SER B 352 22.86 53.38 16.77
N THR B 353 21.80 52.65 16.45
CA THR B 353 21.91 51.50 15.56
C THR B 353 22.30 51.90 14.14
N PHE B 354 22.13 53.18 13.79
CA PHE B 354 22.45 53.63 12.44
C PHE B 354 23.91 54.00 12.25
N GLN B 355 24.67 54.14 13.34
CA GLN B 355 26.02 54.67 13.23
C GLN B 355 26.97 53.73 12.49
N GLN B 356 26.57 52.48 12.28
CA GLN B 356 27.36 51.55 11.47
C GLN B 356 26.89 51.50 10.02
N MET B 357 25.81 52.19 9.68
CA MET B 357 25.28 52.18 8.32
C MET B 357 25.88 53.28 7.45
N TRP B 358 26.64 54.20 8.03
CA TRP B 358 27.24 55.27 7.25
C TRP B 358 28.24 54.72 6.25
N ILE B 359 28.30 55.34 5.08
CA ILE B 359 29.38 55.09 4.13
C ILE B 359 30.54 56.00 4.51
N THR B 360 31.65 55.39 4.92
CA THR B 360 32.80 56.14 5.41
C THR B 360 33.72 56.54 4.26
N LYS B 361 34.54 57.56 4.52
CA LYS B 361 35.52 57.99 3.53
C LYS B 361 36.48 56.86 3.20
N GLN B 362 36.92 56.11 4.21
CA GLN B 362 37.81 54.98 3.97
C GLN B 362 37.15 53.94 3.08
N GLU B 363 35.87 53.65 3.32
CA GLU B 363 35.15 52.71 2.48
C GLU B 363 35.03 53.23 1.05
N TYR B 364 34.77 54.53 0.90
CA TYR B 364 34.55 55.09 -0.42
C TYR B 364 35.78 54.93 -1.30
N ASP B 365 36.91 55.53 -0.91
CA ASP B 365 38.10 55.48 -1.74
C ASP B 365 38.65 54.06 -1.88
N GLU B 366 38.19 53.13 -1.05
CA GLU B 366 38.57 51.74 -1.22
C GLU B 366 37.72 51.07 -2.30
N ALA B 367 36.47 51.51 -2.46
CA ALA B 367 35.53 50.88 -3.37
C ALA B 367 35.01 51.78 -4.48
N GLY B 368 35.14 53.09 -4.34
CA GLY B 368 34.64 54.01 -5.33
C GLY B 368 33.17 54.34 -5.13
N PRO B 369 32.60 55.12 -6.05
CA PRO B 369 31.18 55.51 -5.89
C PRO B 369 30.23 54.34 -5.88
N SER B 370 30.64 53.17 -6.40
CA SER B 370 29.77 52.00 -6.39
C SER B 370 29.42 51.53 -5.00
N ILE B 371 30.15 52.00 -3.97
CA ILE B 371 29.86 51.59 -2.60
C ILE B 371 28.44 51.99 -2.21
N VAL B 372 27.91 53.05 -2.83
CA VAL B 372 26.59 53.54 -2.45
C VAL B 372 25.52 52.48 -2.70
N HIS B 373 25.70 51.66 -3.74
CA HIS B 373 24.69 50.66 -4.07
C HIS B 373 24.66 49.55 -3.03
N ARG B 374 25.81 49.19 -2.45
CA ARG B 374 25.84 48.10 -1.49
C ARG B 374 25.22 48.52 -0.16
N LYS B 375 25.56 49.72 0.32
CA LYS B 375 25.23 50.13 1.68
C LYS B 375 23.92 50.89 1.79
N CYS B 376 23.30 51.27 0.68
CA CYS B 376 22.08 52.08 0.71
C CYS B 376 20.98 51.40 -0.10
N PHE B 377 19.75 51.51 0.40
CA PHE B 377 18.59 50.95 -0.28
C PHE B 377 18.21 51.83 -1.47
N THR C 8 -11.94 22.57 -44.31
CA THR C 8 -10.69 22.59 -43.55
C THR C 8 -10.92 23.17 -42.16
N ALA C 9 -10.08 22.78 -41.22
CA ALA C 9 -10.18 23.22 -39.83
C ALA C 9 -9.24 24.38 -39.57
N LEU C 10 -9.70 25.32 -38.75
CA LEU C 10 -8.89 26.46 -38.34
C LEU C 10 -8.23 26.18 -37.00
N VAL C 11 -6.94 26.51 -36.91
CA VAL C 11 -6.18 26.39 -35.67
C VAL C 11 -5.81 27.80 -35.21
N CYS C 12 -6.42 28.24 -34.11
CA CYS C 12 -6.19 29.58 -33.57
C CYS C 12 -5.55 29.45 -32.20
N ASP C 13 -4.24 29.66 -32.14
CA ASP C 13 -3.50 29.64 -30.88
C ASP C 13 -3.54 31.05 -30.30
N ASN C 14 -4.59 31.34 -29.52
CA ASN C 14 -4.79 32.67 -28.96
C ASN C 14 -4.01 32.75 -27.65
N GLY C 15 -2.72 33.07 -27.78
CA GLY C 15 -1.88 33.24 -26.63
C GLY C 15 -2.07 34.60 -25.98
N SER C 16 -1.39 34.78 -24.85
CA SER C 16 -1.51 36.04 -24.12
C SER C 16 -0.97 37.21 -24.94
N GLY C 17 0.12 36.99 -25.66
CA GLY C 17 0.78 38.05 -26.39
C GLY C 17 0.47 38.09 -27.87
N LEU C 18 0.45 36.92 -28.52
CA LEU C 18 0.30 36.84 -29.96
C LEU C 18 -0.87 35.93 -30.32
N VAL C 19 -1.51 36.24 -31.43
CA VAL C 19 -2.54 35.38 -32.02
C VAL C 19 -1.92 34.68 -33.22
N LYS C 20 -1.73 33.37 -33.13
CA LYS C 20 -1.22 32.55 -34.23
C LYS C 20 -2.40 31.76 -34.78
N ALA C 21 -2.80 32.08 -36.01
CA ALA C 21 -3.97 31.48 -36.63
C ALA C 21 -3.60 30.97 -38.02
N GLY C 22 -4.34 29.97 -38.47
CA GLY C 22 -4.08 29.37 -39.76
C GLY C 22 -4.99 28.19 -40.00
N PHE C 23 -4.66 27.41 -41.02
CA PHE C 23 -5.46 26.26 -41.44
C PHE C 23 -4.75 24.97 -41.06
N ALA C 24 -5.52 24.01 -40.57
CA ALA C 24 -4.96 22.72 -40.22
C ALA C 24 -4.32 22.07 -41.45
N GLY C 25 -3.15 21.47 -41.24
CA GLY C 25 -2.39 20.84 -42.29
C GLY C 25 -1.23 21.66 -42.81
N ASP C 26 -1.21 22.96 -42.56
CA ASP C 26 -0.10 23.80 -42.98
C ASP C 26 1.06 23.66 -41.99
N ASP C 27 2.24 24.08 -42.44
CA ASP C 27 3.44 23.95 -41.62
C ASP C 27 3.69 25.17 -40.74
N ALA C 28 3.07 26.31 -41.03
CA ALA C 28 3.24 27.51 -40.23
C ALA C 28 1.93 28.27 -40.21
N PRO C 29 1.66 29.03 -39.15
CA PRO C 29 0.43 29.83 -39.10
C PRO C 29 0.40 30.87 -40.20
N ARG C 30 -0.81 31.11 -40.72
CA ARG C 30 -0.97 32.09 -41.79
C ARG C 30 -0.93 33.52 -41.26
N ALA C 31 -1.48 33.75 -40.07
CA ALA C 31 -1.56 35.09 -39.49
C ALA C 31 -0.94 35.06 -38.09
N VAL C 32 0.03 35.94 -37.86
CA VAL C 32 0.66 36.10 -36.56
C VAL C 32 0.71 37.59 -36.28
N PHE C 33 -0.13 38.06 -35.37
CA PHE C 33 -0.23 39.48 -35.05
C PHE C 33 -0.40 39.64 -33.55
N PRO C 34 -0.09 40.80 -33.00
CA PRO C 34 -0.20 40.99 -31.54
C PRO C 34 -1.65 40.86 -31.09
N SER C 35 -1.81 40.36 -29.87
CA SER C 35 -3.13 40.21 -29.25
C SER C 35 -3.42 41.45 -28.41
N ILE C 36 -3.57 42.58 -29.10
CA ILE C 36 -3.80 43.86 -28.45
C ILE C 36 -4.96 44.58 -29.14
N VAL C 37 -5.69 45.36 -28.36
CA VAL C 37 -6.69 46.29 -28.87
C VAL C 37 -6.31 47.67 -28.38
N GLY C 38 -6.08 48.59 -29.31
CA GLY C 38 -5.68 49.95 -28.98
C GLY C 38 -6.79 50.93 -29.30
N ARG C 39 -7.06 51.83 -28.35
CA ARG C 39 -8.09 52.85 -28.51
C ARG C 39 -7.44 54.23 -28.39
N PRO C 40 -7.89 55.19 -29.20
CA PRO C 40 -7.27 56.52 -29.15
C PRO C 40 -7.41 57.15 -27.77
N ARG C 41 -6.35 57.85 -27.36
CA ARG C 41 -6.33 58.55 -26.08
C ARG C 41 -6.10 60.04 -26.23
N HIS C 42 -5.91 60.53 -27.45
CA HIS C 42 -5.74 61.95 -27.73
C HIS C 42 -7.01 62.51 -28.35
N GLN C 43 -6.98 63.78 -28.71
CA GLN C 43 -8.17 64.55 -29.04
C GLN C 43 -8.34 64.73 -30.54
N GLY C 44 -9.57 64.52 -31.01
CA GLY C 44 -10.00 65.08 -32.28
C GLY C 44 -9.06 64.73 -33.41
N VAL C 45 -8.80 65.69 -34.30
CA VAL C 45 -9.39 67.02 -34.42
C VAL C 45 -9.76 67.30 -35.87
N MET C 46 -9.59 66.30 -36.73
CA MET C 46 -9.78 66.45 -38.16
C MET C 46 -11.01 65.66 -38.61
N VAL C 47 -11.84 66.31 -39.43
CA VAL C 47 -13.06 65.67 -39.92
C VAL C 47 -12.68 64.48 -40.80
N GLY C 48 -13.25 63.31 -40.48
CA GLY C 48 -13.01 62.11 -41.24
C GLY C 48 -11.77 61.33 -40.87
N MET C 49 -11.19 61.58 -39.70
CA MET C 49 -9.94 60.94 -39.30
C MET C 49 -10.02 60.26 -37.93
N GLY C 50 -11.21 60.19 -37.34
CA GLY C 50 -11.35 59.59 -36.02
C GLY C 50 -12.60 58.76 -35.86
N GLN C 51 -13.23 58.37 -36.97
CA GLN C 51 -14.43 57.55 -36.90
C GLN C 51 -14.14 56.17 -36.33
N LYS C 52 -12.96 55.62 -36.58
CA LYS C 52 -12.62 54.27 -36.16
C LYS C 52 -12.19 54.29 -34.70
N ASP C 53 -13.01 53.72 -33.83
CA ASP C 53 -12.65 53.52 -32.44
C ASP C 53 -12.11 52.11 -32.26
N SER C 54 -10.98 52.02 -31.55
CA SER C 54 -10.34 50.73 -31.30
C SER C 54 -9.63 50.22 -32.55
N TYR C 55 -8.40 49.77 -32.39
CA TYR C 55 -7.64 49.12 -33.46
C TYR C 55 -7.15 47.79 -32.94
N VAL C 56 -7.05 46.80 -33.83
CA VAL C 56 -6.77 45.42 -33.46
C VAL C 56 -5.52 44.95 -34.18
N GLY C 57 -4.62 44.33 -33.41
CA GLY C 57 -3.49 43.63 -34.03
C GLY C 57 -2.45 44.59 -34.54
N ASP C 58 -1.98 44.33 -35.77
CA ASP C 58 -0.86 45.07 -36.31
C ASP C 58 -1.21 46.53 -36.54
N GLU C 59 -2.47 46.82 -36.87
CA GLU C 59 -2.88 48.21 -37.02
C GLU C 59 -2.74 48.97 -35.71
N ALA C 60 -3.13 48.34 -34.59
CA ALA C 60 -2.95 48.97 -33.29
C ALA C 60 -1.46 49.17 -33.01
N GLN C 61 -0.63 48.20 -33.38
CA GLN C 61 0.81 48.34 -33.16
C GLN C 61 1.40 49.47 -34.00
N SER C 62 0.91 49.66 -35.23
CA SER C 62 1.45 50.71 -36.08
C SER C 62 1.02 52.10 -35.60
N LYS C 63 -0.25 52.27 -35.25
CA LYS C 63 -0.75 53.52 -34.69
C LYS C 63 -0.51 53.61 -33.18
N ARG C 64 0.36 52.74 -32.66
CA ARG C 64 0.67 52.62 -31.24
C ARG C 64 0.86 53.97 -30.55
N GLY C 65 1.42 54.95 -31.26
CA GLY C 65 1.80 56.20 -30.63
C GLY C 65 0.63 57.03 -30.11
N ILE C 66 -0.55 56.88 -30.68
CA ILE C 66 -1.71 57.67 -30.30
C ILE C 66 -2.75 56.83 -29.56
N LEU C 67 -2.48 55.55 -29.35
CA LEU C 67 -3.45 54.64 -28.75
C LEU C 67 -3.02 54.24 -27.35
N THR C 68 -4.00 53.71 -26.60
CA THR C 68 -3.74 53.06 -25.33
C THR C 68 -3.94 51.56 -25.53
N LEU C 69 -2.84 50.82 -25.61
CA LEU C 69 -2.88 49.40 -25.92
C LEU C 69 -3.30 48.59 -24.69
N LYS C 70 -4.10 47.56 -24.93
CA LYS C 70 -4.56 46.68 -23.86
C LYS C 70 -4.64 45.25 -24.37
N TYR C 71 -4.15 44.32 -23.57
CA TYR C 71 -4.22 42.90 -23.91
C TYR C 71 -5.49 42.30 -23.33
N PRO C 72 -6.40 41.75 -24.14
CA PRO C 72 -7.58 41.09 -23.57
C PRO C 72 -7.25 39.84 -22.77
N ILE C 73 -6.07 39.26 -22.95
CA ILE C 73 -5.67 38.04 -22.26
C ILE C 73 -4.52 38.40 -21.31
N GLU C 74 -4.68 38.03 -20.04
CA GLU C 74 -3.64 38.25 -19.05
C GLU C 74 -3.42 36.98 -18.25
N HIC C 75 -2.19 36.47 -18.27
CA HIC C 75 -1.84 35.26 -17.56
C HIC C 75 -2.66 34.10 -18.10
O HIC C 75 -3.19 33.24 -17.39
CB HIC C 75 -2.04 35.33 -16.04
CG HIC C 75 -1.18 36.34 -15.41
ND1 HIC C 75 0.21 36.39 -15.54
CD2 HIC C 75 -1.63 37.41 -14.60
CE1 HIC C 75 0.61 37.47 -14.82
NE2 HIC C 75 -0.48 38.11 -14.22
CZ HIC C 75 -0.44 39.27 -13.40
H HIC C 75 -1.41 36.85 -18.76
HA HIC C 75 -0.74 35.05 -17.78
HB2 HIC C 75 -3.12 35.56 -15.83
HB3 HIC C 75 -1.81 34.33 -15.59
HD2 HIC C 75 -2.62 37.69 -14.28
HE1 HIC C 75 1.64 37.80 -14.70
HZ1 HIC C 75 -1.07 39.12 -12.48
HZ2 HIC C 75 -0.83 40.17 -13.97
HZ3 HIC C 75 0.62 39.47 -13.09
N GLY C 76 -2.77 34.07 -19.42
CA GLY C 76 -3.47 33.01 -20.12
C GLY C 76 -4.97 32.99 -19.89
N ILE C 77 -5.48 34.03 -19.24
CA ILE C 77 -6.89 34.14 -18.89
C ILE C 77 -7.48 35.34 -19.62
N ILE C 78 -8.55 35.11 -20.37
CA ILE C 78 -9.23 36.20 -21.07
C ILE C 78 -9.95 37.08 -20.04
N THR C 79 -9.53 38.33 -19.93
CA THR C 79 -10.11 39.25 -18.96
C THR C 79 -11.08 40.25 -19.58
N ASN C 80 -10.93 40.55 -20.87
CA ASN C 80 -11.81 41.50 -21.56
C ASN C 80 -12.43 40.74 -22.73
N TRP C 81 -13.65 40.24 -22.53
CA TRP C 81 -14.28 39.40 -23.54
C TRP C 81 -14.79 40.20 -24.74
N ASP C 82 -15.16 41.46 -24.53
CA ASP C 82 -15.51 42.31 -25.66
C ASP C 82 -14.32 42.52 -26.59
N ASP C 83 -13.14 42.78 -26.00
CA ASP C 83 -11.94 42.92 -26.82
C ASP C 83 -11.54 41.58 -27.45
N MET C 84 -11.71 40.48 -26.73
CA MET C 84 -11.37 39.18 -27.29
C MET C 84 -12.26 38.86 -28.48
N GLU C 85 -13.54 39.24 -28.43
CA GLU C 85 -14.41 39.07 -29.58
C GLU C 85 -13.89 39.85 -30.78
N LYS C 86 -13.41 41.07 -30.54
CA LYS C 86 -12.81 41.86 -31.61
C LYS C 86 -11.59 41.16 -32.19
N ILE C 87 -10.76 40.59 -31.32
CA ILE C 87 -9.55 39.90 -31.79
C ILE C 87 -9.91 38.72 -32.67
N TRP C 88 -10.88 37.91 -32.23
CA TRP C 88 -11.27 36.75 -33.03
C TRP C 88 -11.92 37.17 -34.34
N HIS C 89 -12.78 38.18 -34.30
CA HIS C 89 -13.38 38.68 -35.53
C HIS C 89 -12.31 39.16 -36.50
N HIS C 90 -11.28 39.84 -35.99
CA HIS C 90 -10.18 40.26 -36.83
C HIS C 90 -9.47 39.06 -37.43
N THR C 91 -9.29 38.01 -36.64
CA THR C 91 -8.59 36.82 -37.14
C THR C 91 -9.34 36.16 -38.28
N PHE C 92 -10.63 35.91 -38.10
CA PHE C 92 -11.39 35.15 -39.09
C PHE C 92 -11.60 35.95 -40.37
N TYR C 93 -12.08 37.18 -40.23
CA TYR C 93 -12.54 37.94 -41.40
C TYR C 93 -11.46 38.78 -42.04
N ASN C 94 -10.51 39.30 -41.27
CA ASN C 94 -9.52 40.22 -41.79
C ASN C 94 -8.16 39.58 -42.05
N GLU C 95 -7.78 38.58 -41.26
CA GLU C 95 -6.48 37.93 -41.40
C GLU C 95 -6.56 36.64 -42.21
N LEU C 96 -7.50 35.76 -41.89
CA LEU C 96 -7.66 34.52 -42.63
C LEU C 96 -8.64 34.63 -43.79
N ARG C 97 -9.55 35.61 -43.74
CA ARG C 97 -10.55 35.80 -44.80
C ARG C 97 -11.38 34.54 -44.99
N VAL C 98 -11.98 34.07 -43.89
CA VAL C 98 -12.78 32.85 -43.90
C VAL C 98 -14.12 33.14 -43.21
N ALA C 99 -15.10 32.30 -43.52
CA ALA C 99 -16.37 32.32 -42.81
C ALA C 99 -16.29 31.30 -41.68
N PRO C 100 -16.34 31.72 -40.41
CA PRO C 100 -16.17 30.75 -39.32
C PRO C 100 -17.23 29.67 -39.33
N GLU C 101 -18.41 29.93 -39.90
CA GLU C 101 -19.47 28.95 -39.92
C GLU C 101 -19.17 27.76 -40.82
N GLU C 102 -18.12 27.83 -41.64
CA GLU C 102 -17.77 26.75 -42.55
C GLU C 102 -16.59 25.91 -42.10
N HIS C 103 -15.92 26.28 -41.00
CA HIS C 103 -14.70 25.62 -40.59
C HIS C 103 -14.75 25.28 -39.11
N PRO C 104 -14.48 24.03 -38.72
CA PRO C 104 -14.24 23.76 -37.29
C PRO C 104 -12.97 24.46 -36.83
N THR C 105 -12.99 24.96 -35.59
CA THR C 105 -11.92 25.76 -35.06
C THR C 105 -11.32 25.07 -33.84
N LEU C 106 -10.03 24.77 -33.91
CA LEU C 106 -9.27 24.26 -32.78
C LEU C 106 -8.49 25.41 -32.16
N LEU C 107 -8.70 25.64 -30.87
CA LEU C 107 -8.01 26.70 -30.14
C LEU C 107 -7.42 26.12 -28.87
N THR C 108 -6.47 26.85 -28.29
CA THR C 108 -5.64 26.35 -27.21
C THR C 108 -5.86 27.17 -25.94
N GLU C 109 -5.43 26.61 -24.82
CA GLU C 109 -5.39 27.35 -23.56
C GLU C 109 -4.43 26.64 -22.62
N ALA C 110 -3.97 27.38 -21.62
CA ALA C 110 -3.02 26.83 -20.67
C ALA C 110 -3.73 25.93 -19.67
N PRO C 111 -3.03 24.94 -19.10
CA PRO C 111 -3.64 24.09 -18.09
C PRO C 111 -3.88 24.83 -16.80
N LEU C 112 -4.81 24.30 -16.00
CA LEU C 112 -5.15 24.88 -14.70
C LEU C 112 -5.72 26.29 -14.83
N ASN C 113 -6.35 26.56 -15.97
CA ASN C 113 -7.05 27.82 -16.17
C ASN C 113 -8.43 27.78 -15.52
N PRO C 114 -9.04 28.93 -15.29
CA PRO C 114 -10.42 28.94 -14.81
C PRO C 114 -11.34 28.26 -15.82
N LYS C 115 -12.32 27.51 -15.30
CA LYS C 115 -13.21 26.77 -16.18
C LYS C 115 -14.17 27.69 -16.93
N ALA C 116 -14.50 28.84 -16.34
CA ALA C 116 -15.30 29.83 -17.05
C ALA C 116 -14.59 30.34 -18.30
N ASN C 117 -13.26 30.29 -18.32
CA ASN C 117 -12.53 30.70 -19.52
C ASN C 117 -12.87 29.79 -20.70
N ARG C 118 -12.81 28.47 -20.48
CA ARG C 118 -13.19 27.54 -21.54
C ARG C 118 -14.69 27.66 -21.85
N GLU C 119 -15.52 27.81 -20.83
CA GLU C 119 -16.96 27.86 -21.06
C GLU C 119 -17.34 29.05 -21.93
N LYS C 120 -16.77 30.22 -21.63
CA LYS C 120 -17.12 31.42 -22.38
C LYS C 120 -16.63 31.34 -23.82
N MET C 121 -15.39 30.90 -24.03
CA MET C 121 -14.86 30.81 -25.38
C MET C 121 -15.60 29.77 -26.20
N THR C 122 -16.08 28.71 -25.56
CA THR C 122 -17.00 27.79 -26.24
C THR C 122 -18.30 28.51 -26.58
N GLN C 123 -18.82 29.31 -25.66
CA GLN C 123 -20.07 30.03 -25.89
C GLN C 123 -19.95 30.99 -27.07
N ILE C 124 -18.86 31.75 -27.11
CA ILE C 124 -18.68 32.74 -28.18
C ILE C 124 -18.55 32.05 -29.52
N MET C 125 -17.76 30.99 -29.60
CA MET C 125 -17.49 30.35 -30.88
C MET C 125 -18.77 29.81 -31.52
N PHE C 126 -19.66 29.25 -30.71
CA PHE C 126 -20.89 28.66 -31.22
C PHE C 126 -22.00 29.68 -31.43
N GLU C 127 -22.11 30.68 -30.55
CA GLU C 127 -23.22 31.61 -30.59
C GLU C 127 -22.92 32.89 -31.33
N THR C 128 -21.67 33.37 -31.28
CA THR C 128 -21.28 34.60 -31.97
C THR C 128 -20.74 34.34 -33.37
N PHE C 129 -20.00 33.25 -33.56
CA PHE C 129 -19.40 32.93 -34.84
C PHE C 129 -20.03 31.74 -35.52
N ASN C 130 -20.92 31.01 -34.83
CA ASN C 130 -21.66 29.90 -35.43
C ASN C 130 -20.72 28.87 -36.04
N VAL C 131 -19.61 28.61 -35.35
CA VAL C 131 -18.64 27.62 -35.84
C VAL C 131 -19.30 26.24 -35.85
N PRO C 132 -19.14 25.44 -36.91
CA PRO C 132 -19.79 24.11 -36.91
C PRO C 132 -19.33 23.23 -35.76
N ALA C 133 -18.06 23.31 -35.39
CA ALA C 133 -17.53 22.54 -34.28
C ALA C 133 -16.28 23.25 -33.76
N MET C 134 -15.88 22.90 -32.54
CA MET C 134 -14.71 23.52 -31.95
C MET C 134 -14.09 22.55 -30.94
N TYR C 135 -12.86 22.85 -30.56
CA TYR C 135 -12.12 22.04 -29.60
C TYR C 135 -11.13 22.93 -28.87
N VAL C 136 -10.95 22.68 -27.58
CA VAL C 136 -10.01 23.42 -26.75
C VAL C 136 -8.94 22.44 -26.30
N ALA C 137 -7.71 22.64 -26.74
CA ALA C 137 -6.59 21.78 -26.42
C ALA C 137 -5.63 22.47 -25.47
N ILE C 138 -4.84 21.67 -24.78
CA ILE C 138 -3.81 22.18 -23.87
C ILE C 138 -2.56 22.47 -24.68
N GLN C 139 -1.99 23.66 -24.48
CA GLN C 139 -0.87 24.10 -25.30
C GLN C 139 0.34 23.18 -25.13
N ALA C 140 0.61 22.73 -23.90
CA ALA C 140 1.75 21.84 -23.68
C ALA C 140 1.60 20.55 -24.47
N VAL C 141 0.39 20.00 -24.50
CA VAL C 141 0.17 18.75 -25.23
C VAL C 141 0.45 18.95 -26.72
N LEU C 142 -0.01 20.08 -27.27
CA LEU C 142 0.20 20.33 -28.69
C LEU C 142 1.68 20.42 -29.03
N SER C 143 2.48 21.02 -28.14
CA SER C 143 3.91 21.11 -28.39
C SER C 143 4.52 19.74 -28.60
N LEU C 144 4.07 18.74 -27.84
CA LEU C 144 4.56 17.38 -28.02
C LEU C 144 4.16 16.84 -29.39
N TYR C 145 2.94 17.13 -29.83
CA TYR C 145 2.53 16.75 -31.18
C TYR C 145 3.49 17.34 -32.20
N ALA C 146 3.82 18.62 -32.05
CA ALA C 146 4.73 19.27 -32.99
C ALA C 146 6.10 18.62 -32.97
N SER C 147 6.65 18.34 -31.79
CA SER C 147 7.93 17.67 -31.69
C SER C 147 7.89 16.25 -32.24
N GLY C 148 6.70 15.66 -32.34
CA GLY C 148 6.56 14.32 -32.87
C GLY C 148 6.71 13.22 -31.85
N ARG C 149 7.05 13.55 -30.61
CA ARG C 149 7.18 12.55 -29.56
C ARG C 149 5.80 12.18 -29.01
N THR C 150 5.78 11.10 -28.23
CA THR C 150 4.64 10.75 -27.41
C THR C 150 4.98 10.74 -25.94
N THR C 151 6.25 10.94 -25.59
CA THR C 151 6.71 11.02 -24.21
C THR C 151 7.60 12.25 -24.07
N GLY C 152 7.55 12.87 -22.90
CA GLY C 152 8.39 14.01 -22.61
C GLY C 152 7.64 15.01 -21.75
N ILE C 153 8.42 15.83 -21.04
CA ILE C 153 7.88 16.90 -20.20
C ILE C 153 8.08 18.20 -20.96
N VAL C 154 6.97 18.80 -21.38
CA VAL C 154 7.00 20.04 -22.15
C VAL C 154 7.14 21.20 -21.18
N LEU C 155 7.88 22.23 -21.58
CA LEU C 155 7.95 23.50 -20.85
C LEU C 155 7.50 24.59 -21.81
N ASP C 156 6.25 25.01 -21.67
CA ASP C 156 5.66 26.04 -22.52
C ASP C 156 5.67 27.36 -21.77
N SER C 157 6.33 28.36 -22.34
CA SER C 157 6.40 29.69 -21.73
C SER C 157 6.15 30.72 -22.83
N GLY C 158 5.02 31.41 -22.74
CA GLY C 158 4.69 32.43 -23.72
C GLY C 158 4.74 33.81 -23.12
N ASP C 159 3.72 34.62 -23.38
CA ASP C 159 3.65 35.97 -22.84
C ASP C 159 2.98 36.05 -21.47
N GLY C 160 2.00 35.18 -21.20
CA GLY C 160 1.23 35.29 -19.98
C GLY C 160 1.59 34.28 -18.89
N VAL C 161 1.78 33.02 -19.26
CA VAL C 161 1.93 31.95 -18.28
C VAL C 161 2.95 30.94 -18.79
N THR C 162 3.73 30.41 -17.86
CA THR C 162 4.68 29.34 -18.15
C THR C 162 4.25 28.10 -17.37
N HIS C 163 4.20 26.96 -18.05
CA HIS C 163 3.74 25.71 -17.46
C HIS C 163 4.49 24.56 -18.09
N ASN C 164 4.54 23.44 -17.38
CA ASN C 164 5.09 22.21 -17.94
C ASN C 164 4.15 21.06 -17.63
N VAL C 165 3.89 20.25 -18.66
CA VAL C 165 2.97 19.11 -18.56
C VAL C 165 3.74 17.82 -18.84
N PRO C 166 4.01 17.00 -17.83
CA PRO C 166 4.71 15.73 -18.10
C PRO C 166 3.79 14.71 -18.73
N ILE C 167 4.21 14.20 -19.89
CA ILE C 167 3.45 13.20 -20.64
C ILE C 167 4.35 11.99 -20.88
N TYR C 168 3.82 10.80 -20.66
CA TYR C 168 4.56 9.56 -20.86
C TYR C 168 3.70 8.59 -21.65
N GLU C 169 4.23 8.10 -22.76
CA GLU C 169 3.52 7.15 -23.60
C GLU C 169 2.11 7.64 -23.94
N GLY C 170 2.00 8.95 -24.13
CA GLY C 170 0.74 9.56 -24.46
C GLY C 170 -0.18 9.82 -23.29
N TYR C 171 0.23 9.50 -22.08
CA TYR C 171 -0.58 9.70 -20.88
C TYR C 171 -0.05 10.90 -20.10
N ALA C 172 -0.94 11.83 -19.79
CA ALA C 172 -0.57 12.99 -18.99
C ALA C 172 -0.74 12.66 -17.51
N LEU C 173 0.11 13.25 -16.68
CA LEU C 173 0.03 13.10 -15.24
C LEU C 173 -0.50 14.39 -14.65
N PRO C 174 -1.82 14.59 -14.63
CA PRO C 174 -2.37 15.90 -14.27
C PRO C 174 -1.97 16.37 -12.88
N HIS C 175 -1.69 15.46 -11.95
CA HIS C 175 -1.24 15.88 -10.64
C HIS C 175 0.16 16.49 -10.67
N ALA C 176 0.89 16.33 -11.77
CA ALA C 176 2.24 16.84 -11.89
C ALA C 176 2.34 18.09 -12.76
N ILE C 177 1.21 18.66 -13.18
CA ILE C 177 1.25 19.90 -13.94
C ILE C 177 1.79 21.01 -13.05
N MET C 178 2.55 21.94 -13.64
CA MET C 178 3.01 23.12 -12.95
C MET C 178 2.58 24.35 -13.74
N ARG C 179 2.29 25.43 -13.02
CA ARG C 179 1.87 26.69 -13.61
C ARG C 179 2.49 27.83 -12.83
N LEU C 180 3.17 28.73 -13.53
CA LEU C 180 3.71 29.95 -12.95
C LEU C 180 3.21 31.13 -13.74
N ASP C 181 2.71 32.16 -13.04
CA ASP C 181 2.31 33.40 -13.68
C ASP C 181 3.53 34.31 -13.85
N LEU C 182 4.53 33.75 -14.52
CA LEU C 182 5.80 34.45 -14.76
C LEU C 182 6.23 34.09 -16.17
N ALA C 183 6.07 35.01 -17.10
CA ALA C 183 6.28 34.73 -18.51
C ALA C 183 6.82 36.00 -19.17
N GLY C 184 6.71 36.06 -20.50
CA GLY C 184 7.34 37.15 -21.23
C GLY C 184 6.90 38.52 -20.76
N ARG C 185 5.59 38.69 -20.50
CA ARG C 185 5.11 40.01 -20.09
C ARG C 185 5.70 40.42 -18.75
N ASP C 186 5.83 39.47 -17.82
CA ASP C 186 6.45 39.79 -16.54
C ASP C 186 7.92 40.15 -16.74
N LEU C 187 8.60 39.46 -17.66
CA LEU C 187 9.98 39.83 -17.98
C LEU C 187 10.03 41.20 -18.61
N THR C 188 9.09 41.51 -19.51
CA THR C 188 9.06 42.84 -20.12
C THR C 188 8.90 43.91 -19.06
N ASP C 189 7.98 43.71 -18.12
CA ASP C 189 7.77 44.70 -17.07
C ASP C 189 9.00 44.87 -16.20
N TYR C 190 9.69 43.76 -15.91
CA TYR C 190 10.91 43.85 -15.13
C TYR C 190 11.99 44.62 -15.88
N LEU C 191 12.08 44.41 -17.19
CA LEU C 191 13.12 45.08 -17.98
C LEU C 191 12.94 46.58 -17.95
N MET C 192 11.70 47.07 -18.08
CA MET C 192 11.48 48.51 -18.03
C MET C 192 11.73 49.06 -16.62
N LYS C 193 11.58 48.22 -15.60
CA LYS C 193 11.88 48.67 -14.24
C LYS C 193 13.38 48.83 -14.03
N ILE C 194 14.17 47.86 -14.47
CA ILE C 194 15.62 47.95 -14.32
C ILE C 194 16.26 48.82 -15.39
N LEU C 195 15.53 49.18 -16.44
CA LEU C 195 16.04 50.15 -17.40
C LEU C 195 16.11 51.55 -16.80
N THR C 196 15.30 51.85 -15.79
CA THR C 196 15.38 53.13 -15.11
C THR C 196 16.72 53.32 -14.42
N GLU C 197 17.41 52.24 -14.08
CA GLU C 197 18.73 52.37 -13.45
C GLU C 197 19.71 53.11 -14.35
N ARG C 198 19.50 53.06 -15.67
CA ARG C 198 20.33 53.77 -16.62
C ARG C 198 19.70 55.09 -17.08
N GLY C 199 18.61 55.51 -16.45
CA GLY C 199 17.96 56.75 -16.81
C GLY C 199 16.96 56.66 -17.95
N TYR C 200 16.61 55.46 -18.38
CA TYR C 200 15.64 55.27 -19.45
C TYR C 200 14.26 55.03 -18.82
N SER C 201 13.30 55.87 -19.19
CA SER C 201 11.96 55.84 -18.60
C SER C 201 10.96 55.43 -19.69
N PHE C 202 10.38 54.25 -19.54
CA PHE C 202 9.30 53.77 -20.41
C PHE C 202 8.09 53.52 -19.52
N VAL C 203 7.02 54.29 -19.71
CA VAL C 203 5.91 54.28 -18.77
C VAL C 203 4.58 53.98 -19.46
N THR C 204 4.49 54.31 -20.74
CA THR C 204 3.22 54.14 -21.45
C THR C 204 3.10 52.72 -22.01
N THR C 205 1.86 52.34 -22.34
CA THR C 205 1.64 51.05 -23.00
C THR C 205 2.32 51.02 -24.36
N ALA C 206 2.36 52.17 -25.04
CA ALA C 206 3.09 52.25 -26.30
C ALA C 206 4.57 51.96 -26.09
N GLU C 207 5.15 52.52 -25.02
CA GLU C 207 6.57 52.31 -24.76
C GLU C 207 6.86 50.91 -24.24
N ARG C 208 5.87 50.27 -23.61
CA ARG C 208 6.07 48.90 -23.17
C ARG C 208 6.34 47.98 -24.36
N GLU C 209 5.71 48.26 -25.50
CA GLU C 209 5.99 47.50 -26.72
C GLU C 209 7.44 47.68 -27.16
N ILE C 210 7.96 48.90 -27.06
CA ILE C 210 9.36 49.15 -27.40
C ILE C 210 10.28 48.37 -26.46
N VAL C 211 9.94 48.33 -25.17
CA VAL C 211 10.75 47.56 -24.23
C VAL C 211 10.68 46.08 -24.56
N ARG C 212 9.51 45.61 -25.02
CA ARG C 212 9.40 44.22 -25.45
C ARG C 212 10.31 43.95 -26.64
N ASP C 213 10.37 44.88 -27.59
CA ASP C 213 11.26 44.71 -28.73
C ASP C 213 12.71 44.69 -28.28
N ILE C 214 13.07 45.58 -27.34
CA ILE C 214 14.43 45.58 -26.80
C ILE C 214 14.76 44.24 -26.17
N LYS C 215 13.83 43.71 -25.39
CA LYS C 215 14.04 42.40 -24.76
C LYS C 215 14.28 41.33 -25.82
N GLU C 216 13.36 41.24 -26.80
CA GLU C 216 13.47 40.21 -27.81
C GLU C 216 14.77 40.32 -28.60
N LYS C 217 15.26 41.54 -28.81
CA LYS C 217 16.44 41.74 -29.65
C LYS C 217 17.75 41.56 -28.89
N LEU C 218 17.81 41.95 -27.62
CA LEU C 218 19.08 42.04 -26.91
C LEU C 218 19.23 41.09 -25.73
N CYS C 219 18.15 40.62 -25.14
CA CYS C 219 18.23 39.85 -23.90
C CYS C 219 18.63 38.40 -24.19
N TYR C 220 19.40 37.83 -23.27
CA TYR C 220 19.87 36.45 -23.39
C TYR C 220 20.07 35.89 -21.99
N VAL C 221 20.17 34.57 -21.90
CA VAL C 221 20.33 33.88 -20.62
C VAL C 221 21.80 33.57 -20.40
N ALA C 222 22.33 34.02 -19.27
CA ALA C 222 23.72 33.75 -18.92
C ALA C 222 23.85 32.32 -18.40
N LEU C 223 24.89 31.63 -18.85
CA LEU C 223 25.12 30.27 -18.36
C LEU C 223 25.39 30.26 -16.86
N ASP C 224 26.19 31.21 -16.39
CA ASP C 224 26.44 31.39 -14.96
C ASP C 224 26.20 32.86 -14.63
N PHE C 225 25.15 33.13 -13.85
CA PHE C 225 24.74 34.50 -13.62
C PHE C 225 25.82 35.30 -12.89
N GLU C 226 26.39 34.73 -11.82
CA GLU C 226 27.34 35.48 -11.01
C GLU C 226 28.57 35.86 -11.82
N ASN C 227 29.09 34.93 -12.63
CA ASN C 227 30.24 35.27 -13.48
C ASN C 227 29.88 36.34 -14.50
N GLU C 228 28.68 36.24 -15.08
CA GLU C 228 28.27 37.25 -16.05
C GLU C 228 28.16 38.62 -15.40
N MET C 229 27.62 38.69 -14.18
CA MET C 229 27.56 39.96 -13.47
C MET C 229 28.96 40.52 -13.23
N ALA C 230 29.91 39.66 -12.85
CA ALA C 230 31.28 40.13 -12.64
C ALA C 230 31.89 40.63 -13.95
N THR C 231 31.66 39.91 -15.05
CA THR C 231 32.20 40.33 -16.33
C THR C 231 31.61 41.67 -16.77
N ALA C 232 30.30 41.84 -16.60
CA ALA C 232 29.66 43.10 -16.97
C ALA C 232 30.19 44.25 -16.12
N ALA C 233 30.37 44.01 -14.82
CA ALA C 233 30.91 45.05 -13.96
C ALA C 233 32.34 45.41 -14.33
N SER C 234 33.16 44.42 -14.68
CA SER C 234 34.58 44.64 -14.93
C SER C 234 34.88 45.17 -16.32
N SER C 235 34.00 44.95 -17.30
CA SER C 235 34.28 45.38 -18.66
C SER C 235 32.99 45.80 -19.34
N SER C 236 33.15 46.41 -20.51
CA SER C 236 32.03 46.92 -21.31
C SER C 236 31.72 46.01 -22.50
N SER C 237 32.24 44.79 -22.52
CA SER C 237 32.07 43.92 -23.68
C SER C 237 30.63 43.47 -23.87
N LEU C 238 29.83 43.45 -22.81
CA LEU C 238 28.46 42.96 -22.90
C LEU C 238 27.45 44.06 -23.23
N GLU C 239 27.89 45.32 -23.33
CA GLU C 239 26.98 46.41 -23.64
C GLU C 239 26.56 46.37 -25.10
N LYS C 240 25.27 46.59 -25.34
CA LYS C 240 24.71 46.66 -26.69
C LYS C 240 23.85 47.91 -26.80
N SER C 241 23.85 48.52 -27.98
CA SER C 241 23.07 49.72 -28.24
C SER C 241 21.82 49.39 -29.04
N TYR C 242 20.76 50.14 -28.76
CA TYR C 242 19.48 49.95 -29.42
C TYR C 242 18.91 51.32 -29.76
N GLU C 243 18.40 51.47 -30.98
CA GLU C 243 17.87 52.74 -31.46
C GLU C 243 16.36 52.77 -31.27
N LEU C 244 15.89 53.74 -30.49
CA LEU C 244 14.47 53.90 -30.25
C LEU C 244 13.79 54.46 -31.50
N PRO C 245 12.46 54.36 -31.58
CA PRO C 245 11.77 54.78 -32.81
C PRO C 245 12.05 56.22 -33.22
N ASP C 246 12.34 57.11 -32.27
CA ASP C 246 12.56 58.52 -32.57
C ASP C 246 14.04 58.86 -32.78
N GLY C 247 14.90 57.86 -32.87
CA GLY C 247 16.31 58.06 -33.15
C GLY C 247 17.21 58.05 -31.93
N GLN C 248 16.66 58.19 -30.73
CA GLN C 248 17.48 58.08 -29.53
C GLN C 248 18.06 56.69 -29.42
N VAL C 249 19.30 56.61 -28.92
CA VAL C 249 20.03 55.35 -28.78
C VAL C 249 20.19 55.07 -27.31
N ILE C 250 19.80 53.87 -26.89
CA ILE C 250 19.97 53.41 -25.52
C ILE C 250 20.93 52.23 -25.52
N THR C 251 21.75 52.16 -24.48
CA THR C 251 22.71 51.07 -24.30
C THR C 251 22.47 50.40 -22.96
N ILE C 252 22.49 49.07 -22.96
CA ILE C 252 22.22 48.27 -21.76
C ILE C 252 23.34 47.26 -21.58
N GLY C 253 23.77 47.08 -20.35
CA GLY C 253 24.82 46.13 -20.03
C GLY C 253 24.28 44.86 -19.41
N ASN C 254 24.41 44.75 -18.08
CA ASN C 254 23.94 43.55 -17.40
C ASN C 254 22.43 43.40 -17.44
N GLU C 255 21.69 44.44 -17.81
CA GLU C 255 20.25 44.30 -18.00
C GLU C 255 19.93 43.30 -19.09
N ARG C 256 20.88 43.01 -19.98
CA ARG C 256 20.61 42.07 -21.06
C ARG C 256 20.27 40.69 -20.53
N PHE C 257 21.02 40.21 -19.53
CA PHE C 257 20.78 38.89 -18.97
C PHE C 257 20.12 38.92 -17.61
N ARG C 258 20.03 40.08 -16.96
CA ARG C 258 19.30 40.14 -15.70
C ARG C 258 17.81 39.92 -15.91
N CYS C 259 17.25 40.46 -17.01
CA CYS C 259 15.82 40.28 -17.26
C CYS C 259 15.45 38.82 -17.45
N PRO C 260 16.10 38.05 -18.34
CA PRO C 260 15.79 36.61 -18.42
C PRO C 260 16.10 35.85 -17.16
N GLU C 261 17.03 36.33 -16.33
CA GLU C 261 17.37 35.64 -15.10
C GLU C 261 16.16 35.51 -14.17
N THR C 262 15.16 36.38 -14.32
CA THR C 262 13.96 36.27 -13.49
C THR C 262 13.26 34.93 -13.68
N LEU C 263 13.44 34.30 -14.83
CA LEU C 263 12.84 32.99 -15.05
C LEU C 263 13.40 31.97 -14.07
N PHE C 264 14.71 32.02 -13.82
CA PHE C 264 15.35 31.11 -12.88
C PHE C 264 15.41 31.65 -11.47
N GLN C 265 15.21 32.95 -11.28
CA GLN C 265 15.17 33.58 -9.96
C GLN C 265 13.95 34.47 -9.87
N PRO C 266 12.77 33.88 -9.68
CA PRO C 266 11.54 34.70 -9.63
C PRO C 266 11.53 35.71 -8.50
N SER C 267 12.40 35.58 -7.50
CA SER C 267 12.47 36.57 -6.44
C SER C 267 12.89 37.94 -6.94
N PHE C 268 13.46 38.02 -8.14
CA PHE C 268 13.81 39.32 -8.71
C PHE C 268 12.60 40.24 -8.80
N ILE C 269 11.43 39.67 -9.11
CA ILE C 269 10.20 40.43 -9.21
C ILE C 269 9.29 40.18 -8.01
N GLY C 270 9.87 39.76 -6.88
CA GLY C 270 9.12 39.59 -5.66
C GLY C 270 8.32 38.32 -5.55
N MET C 271 8.43 37.42 -6.52
CA MET C 271 7.69 36.17 -6.46
C MET C 271 8.42 35.16 -5.59
N GLU C 272 7.64 34.40 -4.80
CA GLU C 272 8.18 33.35 -3.96
C GLU C 272 8.42 32.04 -4.70
N SER C 273 7.90 31.92 -5.91
CA SER C 273 7.99 30.66 -6.64
C SER C 273 9.44 30.32 -6.95
N ALA C 274 9.64 29.09 -7.42
CA ALA C 274 10.97 28.62 -7.82
C ALA C 274 11.17 28.85 -9.31
N GLY C 275 12.43 28.81 -9.73
CA GLY C 275 12.76 29.03 -11.12
C GLY C 275 12.19 27.94 -12.01
N ILE C 276 12.17 28.23 -13.31
CA ILE C 276 11.64 27.26 -14.27
C ILE C 276 12.44 25.98 -14.24
N HIS C 277 13.75 26.07 -13.99
CA HIS C 277 14.58 24.87 -13.87
C HIS C 277 14.12 24.00 -12.72
N GLU C 278 13.86 24.62 -11.57
CA GLU C 278 13.48 23.86 -10.38
C GLU C 278 12.03 23.40 -10.48
N THR C 279 11.17 24.20 -11.11
CA THR C 279 9.79 23.78 -11.32
C THR C 279 9.73 22.56 -12.23
N THR C 280 10.53 22.54 -13.28
CA THR C 280 10.57 21.37 -14.16
C THR C 280 11.05 20.14 -13.40
N TYR C 281 12.09 20.29 -12.58
CA TYR C 281 12.55 19.17 -11.78
C TYR C 281 11.48 18.72 -10.78
N ASN C 282 10.80 19.68 -10.16
CA ASN C 282 9.73 19.32 -9.22
C ASN C 282 8.62 18.56 -9.93
N SER C 283 8.26 18.98 -11.15
CA SER C 283 7.24 18.27 -11.90
C SER C 283 7.67 16.83 -12.18
N ILE C 284 8.93 16.65 -12.58
CA ILE C 284 9.43 15.29 -12.84
C ILE C 284 9.40 14.47 -11.56
N MET C 285 9.84 15.07 -10.45
CA MET C 285 9.86 14.34 -9.18
C MET C 285 8.47 13.94 -8.72
N LYS C 286 7.43 14.63 -9.18
CA LYS C 286 6.07 14.24 -8.84
C LYS C 286 5.58 13.06 -9.67
N CYS C 287 6.24 12.75 -10.77
CA CYS C 287 5.85 11.65 -11.64
C CYS C 287 6.35 10.32 -11.07
N ASP C 288 5.80 9.23 -11.59
CA ASP C 288 6.20 7.90 -11.16
C ASP C 288 7.70 7.70 -11.41
N ILE C 289 8.36 7.04 -10.46
CA ILE C 289 9.80 6.88 -10.51
C ILE C 289 10.25 6.17 -11.79
N ASP C 290 9.39 5.31 -12.36
CA ASP C 290 9.80 4.52 -13.51
C ASP C 290 9.88 5.36 -14.78
N ILE C 291 9.12 6.46 -14.84
CA ILE C 291 9.11 7.29 -16.04
C ILE C 291 10.03 8.50 -15.94
N ARG C 292 10.64 8.73 -14.78
CA ARG C 292 11.46 9.93 -14.61
C ARG C 292 12.64 9.94 -15.57
N LYS C 293 13.24 8.77 -15.82
CA LYS C 293 14.39 8.71 -16.72
C LYS C 293 14.01 9.19 -18.13
N ASP C 294 12.85 8.75 -18.62
CA ASP C 294 12.42 9.19 -19.95
C ASP C 294 12.13 10.68 -19.97
N LEU C 295 11.52 11.21 -18.90
CA LEU C 295 11.24 12.63 -18.85
C LEU C 295 12.52 13.45 -18.84
N TYR C 296 13.52 13.00 -18.08
CA TYR C 296 14.79 13.72 -18.03
C TYR C 296 15.39 13.92 -19.42
N ALA C 297 15.17 12.96 -20.32
CA ALA C 297 15.77 13.00 -21.64
C ALA C 297 14.86 13.61 -22.69
N ASN C 298 13.68 14.09 -22.31
CA ASN C 298 12.72 14.63 -23.28
C ASN C 298 12.09 15.92 -22.75
N ASN C 299 12.90 16.81 -22.20
CA ASN C 299 12.45 18.14 -21.85
C ASN C 299 12.37 18.97 -23.14
N VAL C 300 11.17 19.30 -23.57
CA VAL C 300 10.94 20.01 -24.83
C VAL C 300 10.48 21.42 -24.50
N MET C 301 11.15 22.41 -25.05
CA MET C 301 10.81 23.81 -24.86
C MET C 301 9.89 24.28 -25.97
N SER C 302 8.97 25.17 -25.61
CA SER C 302 8.08 25.79 -26.58
C SER C 302 7.66 27.16 -26.06
N GLY C 303 7.23 28.02 -26.97
CA GLY C 303 6.83 29.37 -26.64
C GLY C 303 7.93 30.38 -26.87
N GLY C 304 7.52 31.64 -27.03
CA GLY C 304 8.47 32.70 -27.31
C GLY C 304 9.45 32.92 -26.17
N THR C 305 8.99 32.78 -24.93
CA THR C 305 9.84 33.05 -23.78
C THR C 305 10.98 32.06 -23.67
N THR C 306 10.96 30.96 -24.41
CA THR C 306 12.06 30.02 -24.47
C THR C 306 13.01 30.29 -25.63
N MET C 307 12.87 31.44 -26.30
CA MET C 307 13.71 31.79 -27.43
C MET C 307 14.94 32.60 -27.04
N TYR C 308 15.14 32.86 -25.75
CA TYR C 308 16.34 33.58 -25.34
C TYR C 308 17.58 32.76 -25.69
N PRO C 309 18.60 33.36 -26.30
CA PRO C 309 19.85 32.63 -26.52
C PRO C 309 20.42 32.14 -25.19
N GLY C 310 20.87 30.88 -25.19
CA GLY C 310 21.45 30.28 -24.01
C GLY C 310 20.46 29.74 -23.00
N ILE C 311 19.16 29.82 -23.28
CA ILE C 311 18.17 29.28 -22.33
C ILE C 311 18.27 27.76 -22.27
N ALA C 312 18.42 27.11 -23.41
CA ALA C 312 18.50 25.65 -23.43
C ALA C 312 19.73 25.16 -22.67
N ASP C 313 20.87 25.84 -22.87
CA ASP C 313 22.08 25.43 -22.16
C ASP C 313 21.95 25.69 -20.66
N ARG C 314 21.30 26.80 -20.28
CA ARG C 314 21.11 27.07 -18.86
C ARG C 314 20.19 26.03 -18.22
N MET C 315 19.08 25.70 -18.90
CA MET C 315 18.19 24.68 -18.37
C MET C 315 18.89 23.32 -18.30
N GLN C 316 19.72 23.02 -19.30
CA GLN C 316 20.52 21.81 -19.26
C GLN C 316 21.40 21.78 -18.02
N LYS C 317 22.10 22.89 -17.76
CA LYS C 317 23.01 22.95 -16.62
C LYS C 317 22.24 22.85 -15.30
N GLU C 318 21.13 23.58 -15.18
CA GLU C 318 20.43 23.67 -13.90
C GLU C 318 19.79 22.34 -13.52
N ILE C 319 19.13 21.68 -14.48
CA ILE C 319 18.50 20.41 -14.18
C ILE C 319 19.54 19.34 -13.91
N THR C 320 20.65 19.36 -14.65
CA THR C 320 21.70 18.38 -14.43
C THR C 320 22.25 18.47 -13.01
N ALA C 321 22.23 19.67 -12.42
CA ALA C 321 22.70 19.82 -11.05
C ALA C 321 21.66 19.37 -10.03
N LEU C 322 20.40 19.26 -10.44
CA LEU C 322 19.35 18.76 -9.55
C LEU C 322 19.13 17.26 -9.68
N ALA C 323 19.13 16.76 -10.90
CA ALA C 323 18.91 15.34 -11.14
C ALA C 323 20.12 14.53 -10.67
N PRO C 324 19.92 13.25 -10.36
CA PRO C 324 21.07 12.40 -10.00
C PRO C 324 22.06 12.31 -11.15
N SER C 325 23.34 12.20 -10.80
CA SER C 325 24.40 12.33 -11.78
C SER C 325 24.34 11.28 -12.87
N THR C 326 23.65 10.17 -12.65
CA THR C 326 23.61 9.08 -13.62
C THR C 326 22.51 9.25 -14.66
N MET C 327 21.69 10.28 -14.56
CA MET C 327 20.66 10.55 -15.56
C MET C 327 21.23 11.38 -16.70
N LYS C 328 20.60 11.27 -17.86
CA LYS C 328 20.99 12.02 -19.05
C LYS C 328 19.93 13.09 -19.29
N ILE C 329 20.24 14.32 -18.89
CA ILE C 329 19.33 15.44 -19.11
C ILE C 329 19.50 15.94 -20.54
N LYS C 330 18.39 16.01 -21.27
CA LYS C 330 18.39 16.49 -22.65
C LYS C 330 17.28 17.52 -22.81
N ILE C 331 17.63 18.69 -23.31
CA ILE C 331 16.68 19.76 -23.60
C ILE C 331 16.47 19.81 -25.10
N ILE C 332 15.22 19.69 -25.53
CA ILE C 332 14.85 19.76 -26.94
C ILE C 332 14.24 21.14 -27.18
N ALA C 333 14.93 21.96 -27.97
CA ALA C 333 14.52 23.33 -28.27
C ALA C 333 14.53 23.51 -29.78
N PRO C 334 13.48 23.09 -30.47
CA PRO C 334 13.45 23.23 -31.91
C PRO C 334 13.46 24.69 -32.31
N PRO C 335 14.03 25.02 -33.48
CA PRO C 335 14.00 26.42 -33.92
C PRO C 335 12.60 26.96 -34.10
N GLU C 336 11.61 26.12 -34.41
CA GLU C 336 10.22 26.52 -34.51
C GLU C 336 9.52 26.51 -33.14
N ARG C 337 10.29 26.61 -32.05
CA ARG C 337 9.73 26.70 -30.71
C ARG C 337 8.53 27.63 -30.67
N LYS C 338 8.70 28.84 -31.21
CA LYS C 338 7.68 29.89 -31.08
C LYS C 338 6.34 29.47 -31.67
N TYR C 339 6.34 28.55 -32.64
CA TYR C 339 5.12 28.08 -33.26
C TYR C 339 4.87 26.60 -33.01
N SER C 340 5.56 25.98 -32.06
CA SER C 340 5.34 24.57 -31.77
C SER C 340 3.89 24.29 -31.43
N VAL C 341 3.27 25.15 -30.62
CA VAL C 341 1.89 24.91 -30.19
C VAL C 341 0.97 24.91 -31.40
N TRP C 342 1.10 25.91 -32.27
CA TRP C 342 0.23 25.98 -33.44
C TRP C 342 0.50 24.81 -34.38
N ILE C 343 1.77 24.42 -34.53
CA ILE C 343 2.09 23.30 -35.42
C ILE C 343 1.45 22.02 -34.90
N GLY C 344 1.54 21.79 -33.59
CA GLY C 344 0.90 20.63 -33.01
C GLY C 344 -0.61 20.66 -33.17
N GLY C 345 -1.22 21.83 -32.98
CA GLY C 345 -2.66 21.95 -33.19
C GLY C 345 -3.04 21.64 -34.63
N SER C 346 -2.22 22.09 -35.58
CA SER C 346 -2.46 21.77 -36.98
C SER C 346 -2.35 20.27 -37.23
N ILE C 347 -1.35 19.63 -36.62
CA ILE C 347 -1.23 18.18 -36.74
C ILE C 347 -2.44 17.49 -36.14
N LEU C 348 -2.83 17.91 -34.93
CA LEU C 348 -3.95 17.26 -34.25
C LEU C 348 -5.24 17.46 -35.02
N ALA C 349 -5.47 18.67 -35.53
CA ALA C 349 -6.72 18.97 -36.22
C ALA C 349 -6.88 18.18 -37.51
N SER C 350 -5.78 17.84 -38.18
CA SER C 350 -5.83 17.12 -39.44
C SER C 350 -5.79 15.60 -39.27
N LEU C 351 -5.62 15.10 -38.05
CA LEU C 351 -5.62 13.66 -37.85
C LEU C 351 -7.01 13.09 -38.07
N SER C 352 -7.08 12.00 -38.83
CA SER C 352 -8.37 11.38 -39.10
C SER C 352 -9.00 10.82 -37.83
N THR C 353 -8.19 10.27 -36.93
CA THR C 353 -8.69 9.74 -35.67
C THR C 353 -9.19 10.82 -34.72
N PHE C 354 -8.88 12.09 -34.98
CA PHE C 354 -9.33 13.19 -34.14
C PHE C 354 -10.71 13.72 -34.53
N GLN C 355 -11.21 13.38 -35.72
CA GLN C 355 -12.44 13.98 -36.20
C GLN C 355 -13.65 13.65 -35.33
N GLN C 356 -13.55 12.61 -34.51
CA GLN C 356 -14.64 12.27 -33.59
C GLN C 356 -14.56 13.01 -32.26
N MET C 357 -13.48 13.74 -32.02
CA MET C 357 -13.27 14.43 -30.75
C MET C 357 -13.77 15.87 -30.78
N TRP C 358 -14.26 16.36 -31.92
CA TRP C 358 -14.76 17.72 -31.99
C TRP C 358 -15.99 17.89 -31.12
N ILE C 359 -16.19 19.11 -30.62
CA ILE C 359 -17.48 19.49 -30.04
C ILE C 359 -18.32 20.09 -31.15
N THR C 360 -19.34 19.36 -31.58
CA THR C 360 -20.21 19.81 -32.65
C THR C 360 -21.26 20.78 -32.12
N LYS C 361 -21.83 21.56 -33.04
CA LYS C 361 -22.89 22.49 -32.66
C LYS C 361 -24.06 21.75 -32.03
N GLN C 362 -24.39 20.57 -32.56
CA GLN C 362 -25.49 19.79 -31.99
C GLN C 362 -25.18 19.38 -30.55
N GLU C 363 -23.95 18.95 -30.29
CA GLU C 363 -23.59 18.59 -28.92
C GLU C 363 -23.72 19.79 -27.98
N TYR C 364 -23.29 20.98 -28.44
CA TYR C 364 -23.39 22.17 -27.61
C TYR C 364 -24.85 22.50 -27.29
N ASP C 365 -25.74 22.32 -28.27
CA ASP C 365 -27.14 22.66 -28.08
C ASP C 365 -27.75 21.82 -26.96
N GLU C 366 -27.52 20.51 -26.99
CA GLU C 366 -28.07 19.64 -25.94
C GLU C 366 -27.44 19.93 -24.59
N ALA C 367 -26.12 20.12 -24.54
CA ALA C 367 -25.40 20.15 -23.28
C ALA C 367 -25.01 21.56 -22.83
N GLY C 368 -24.90 22.51 -23.75
CA GLY C 368 -24.51 23.85 -23.38
C GLY C 368 -23.02 24.00 -23.26
N PRO C 369 -22.56 25.14 -22.73
CA PRO C 369 -21.11 25.37 -22.64
C PRO C 369 -20.37 24.37 -21.76
N SER C 370 -21.08 23.68 -20.87
CA SER C 370 -20.45 22.69 -20.01
C SER C 370 -19.92 21.49 -20.77
N ILE C 371 -20.31 21.34 -22.04
CA ILE C 371 -19.85 20.21 -22.84
C ILE C 371 -18.32 20.23 -22.98
N VAL C 372 -17.71 21.41 -22.88
CA VAL C 372 -16.28 21.52 -23.10
C VAL C 372 -15.51 20.74 -22.04
N HIS C 373 -16.02 20.72 -20.81
CA HIS C 373 -15.29 20.04 -19.74
C HIS C 373 -15.27 18.53 -19.93
N ARG C 374 -16.26 17.98 -20.66
CA ARG C 374 -16.31 16.54 -20.86
C ARG C 374 -15.49 16.10 -22.06
N LYS C 375 -15.54 16.86 -23.16
CA LYS C 375 -14.89 16.45 -24.40
C LYS C 375 -13.43 16.86 -24.50
N CYS C 376 -12.96 17.77 -23.65
CA CYS C 376 -11.63 18.33 -23.79
C CYS C 376 -10.85 18.16 -22.49
N PHE C 377 -9.56 17.83 -22.63
CA PHE C 377 -8.66 17.73 -21.50
C PHE C 377 -8.35 19.11 -20.93
N THR D 8 6.84 17.82 36.81
CA THR D 8 6.13 16.74 36.13
C THR D 8 6.68 16.55 34.72
N ALA D 9 6.09 15.61 33.99
CA ALA D 9 6.57 15.26 32.66
C ALA D 9 5.93 16.15 31.60
N LEU D 10 6.72 16.45 30.57
CA LEU D 10 6.24 17.19 29.41
C LEU D 10 5.76 16.23 28.34
N VAL D 11 4.64 16.56 27.71
CA VAL D 11 4.10 15.80 26.58
C VAL D 11 4.07 16.73 25.38
N CYS D 12 4.91 16.44 24.38
CA CYS D 12 5.02 17.25 23.18
C CYS D 12 4.64 16.38 21.98
N ASP D 13 3.43 16.59 21.47
CA ASP D 13 2.94 15.87 20.29
C ASP D 13 3.15 16.78 19.07
N ASN D 14 4.39 16.83 18.61
CA ASN D 14 4.77 17.67 17.47
C ASN D 14 4.49 16.89 16.19
N GLY D 15 3.31 17.08 15.62
CA GLY D 15 2.96 16.48 14.35
C GLY D 15 3.48 17.32 13.20
N SER D 16 3.10 16.90 11.99
CA SER D 16 3.56 17.61 10.80
C SER D 16 3.03 19.04 10.76
N GLY D 17 1.80 19.25 11.19
CA GLY D 17 1.18 20.56 11.07
C GLY D 17 1.26 21.41 12.31
N LEU D 18 0.90 20.86 13.47
CA LEU D 18 0.84 21.61 14.71
C LEU D 18 1.75 21.00 15.76
N VAL D 19 2.11 21.81 16.76
CA VAL D 19 2.82 21.36 17.93
C VAL D 19 1.88 21.44 19.12
N LYS D 20 1.48 20.29 19.65
CA LYS D 20 0.68 20.21 20.86
C LYS D 20 1.60 19.88 22.02
N ALA D 21 1.74 20.81 22.96
CA ALA D 21 2.66 20.64 24.07
C ALA D 21 1.94 20.99 25.37
N GLY D 22 2.42 20.40 26.47
CA GLY D 22 1.82 20.65 27.76
C GLY D 22 2.45 19.74 28.80
N PHE D 23 1.81 19.68 29.97
CA PHE D 23 2.29 18.91 31.10
C PHE D 23 1.44 17.66 31.27
N ALA D 24 2.11 16.54 31.57
CA ALA D 24 1.40 15.28 31.79
C ALA D 24 0.43 15.43 32.95
N GLY D 25 -0.77 14.87 32.79
CA GLY D 25 -1.81 14.96 33.78
C GLY D 25 -2.84 16.04 33.49
N ASP D 26 -2.51 17.01 32.64
CA ASP D 26 -3.47 18.04 32.26
C ASP D 26 -4.44 17.49 31.22
N ASP D 27 -5.61 18.10 31.14
CA ASP D 27 -6.67 17.62 30.27
C ASP D 27 -6.57 18.17 28.85
N ALA D 28 -5.69 19.15 28.61
CA ALA D 28 -5.53 19.72 27.29
C ALA D 28 -4.14 20.31 27.18
N PRO D 29 -3.55 20.33 25.99
CA PRO D 29 -2.21 20.92 25.84
C PRO D 29 -2.22 22.40 26.21
N ARG D 30 -1.14 22.84 26.86
CA ARG D 30 -1.02 24.25 27.23
C ARG D 30 -0.72 25.11 26.01
N ALA D 31 0.20 24.66 25.16
CA ALA D 31 0.64 25.41 23.99
C ALA D 31 0.29 24.63 22.73
N VAL D 32 -0.51 25.24 21.86
CA VAL D 32 -0.83 24.70 20.54
C VAL D 32 -0.55 25.80 19.53
N PHE D 33 0.38 25.53 18.62
CA PHE D 33 0.79 26.52 17.64
C PHE D 33 1.32 25.81 16.40
N PRO D 34 1.31 26.46 15.25
CA PRO D 34 1.77 25.78 14.02
C PRO D 34 3.23 25.41 14.10
N SER D 35 3.57 24.29 13.44
CA SER D 35 4.95 23.82 13.37
C SER D 35 5.58 24.40 12.11
N ILE D 36 5.84 25.69 12.14
CA ILE D 36 6.40 26.42 11.00
C ILE D 36 7.52 27.32 11.47
N VAL D 37 8.53 27.49 10.63
CA VAL D 37 9.56 28.51 10.82
C VAL D 37 9.50 29.43 9.61
N GLY D 38 9.26 30.72 9.85
CA GLY D 38 9.19 31.72 8.80
C GLY D 38 10.47 32.54 8.77
N ARG D 39 10.90 32.88 7.56
CA ARG D 39 12.08 33.71 7.36
C ARG D 39 11.75 34.84 6.40
N PRO D 40 12.19 36.06 6.69
CA PRO D 40 11.84 37.18 5.81
C PRO D 40 12.38 36.97 4.40
N ARG D 41 11.56 37.27 3.41
CA ARG D 41 11.93 37.15 2.01
C ARG D 41 12.03 38.49 1.31
N HIS D 42 11.74 39.59 2.01
CA HIS D 42 11.81 40.93 1.46
C HIS D 42 13.03 41.66 2.03
N GLN D 43 13.16 42.93 1.68
CA GLN D 43 14.40 43.67 1.88
C GLN D 43 14.27 44.68 3.02
N GLY D 44 15.36 44.85 3.77
CA GLY D 44 15.53 46.02 4.61
C GLY D 44 14.36 46.23 5.54
N VAL D 45 14.01 47.50 5.79
CA VAL D 45 14.68 48.73 5.36
C VAL D 45 14.83 49.71 6.51
N MET D 46 14.15 49.44 7.62
CA MET D 46 14.13 50.33 8.76
C MET D 46 15.00 49.76 9.88
N VAL D 47 15.97 50.54 10.31
CA VAL D 47 16.87 50.16 11.40
C VAL D 47 16.16 50.40 12.72
N GLY D 48 16.62 49.69 13.77
CA GLY D 48 16.05 49.83 15.09
C GLY D 48 14.79 49.03 15.31
N MET D 49 14.20 48.47 14.26
CA MET D 49 12.97 47.71 14.38
C MET D 49 13.28 46.34 14.98
N GLY D 50 12.32 45.80 15.73
CA GLY D 50 12.53 44.54 16.41
C GLY D 50 12.51 43.37 15.46
N GLN D 51 13.46 43.37 14.52
CA GLN D 51 13.50 42.35 13.49
C GLN D 51 14.34 41.17 13.95
N LYS D 52 13.94 39.98 13.51
CA LYS D 52 14.66 38.75 13.79
C LYS D 52 14.91 38.01 12.49
N ASP D 53 15.92 37.14 12.51
CA ASP D 53 16.28 36.37 11.33
C ASP D 53 15.31 35.24 11.03
N SER D 54 14.43 34.89 11.98
CA SER D 54 13.46 33.83 11.77
C SER D 54 12.39 33.91 12.84
N TYR D 55 11.19 33.50 12.48
CA TYR D 55 10.05 33.50 13.39
C TYR D 55 9.45 32.10 13.44
N VAL D 56 8.92 31.73 14.61
CA VAL D 56 8.46 30.38 14.88
C VAL D 56 7.02 30.43 15.36
N GLY D 57 6.21 29.49 14.88
CA GLY D 57 4.90 29.29 15.45
C GLY D 57 3.95 30.43 15.15
N ASP D 58 3.23 30.88 16.18
CA ASP D 58 2.19 31.88 15.99
C ASP D 58 2.76 33.18 15.44
N GLU D 59 3.97 33.55 15.87
CA GLU D 59 4.58 34.76 15.35
C GLU D 59 4.81 34.67 13.85
N ALA D 60 5.21 33.50 13.36
CA ALA D 60 5.37 33.31 11.93
C ALA D 60 4.05 33.51 11.20
N GLN D 61 2.96 32.98 11.78
CA GLN D 61 1.65 33.18 11.16
C GLN D 61 1.25 34.65 11.14
N SER D 62 1.52 35.36 12.23
CA SER D 62 1.12 36.76 12.31
C SER D 62 1.81 37.59 11.24
N LYS D 63 3.13 37.45 11.12
CA LYS D 63 3.92 38.15 10.11
C LYS D 63 4.04 37.35 8.83
N ARG D 64 3.07 36.47 8.56
CA ARG D 64 3.07 35.56 7.42
C ARG D 64 3.18 36.30 6.10
N GLY D 65 2.75 37.56 6.07
CA GLY D 65 2.73 38.30 4.82
C GLY D 65 4.10 38.52 4.21
N ILE D 66 5.12 38.72 5.04
CA ILE D 66 6.46 39.06 4.58
C ILE D 66 7.46 37.94 4.88
N LEU D 67 6.99 36.72 5.08
CA LEU D 67 7.84 35.59 5.42
C LEU D 67 7.66 34.46 4.41
N THR D 68 8.67 33.62 4.33
CA THR D 68 8.57 32.33 3.66
C THR D 68 8.45 31.24 4.73
N LEU D 69 7.34 30.53 4.72
CA LEU D 69 7.03 29.55 5.76
C LEU D 69 7.53 28.17 5.35
N LYS D 70 8.23 27.51 6.25
CA LYS D 70 8.74 26.17 6.04
C LYS D 70 8.27 25.27 7.17
N TYR D 71 7.77 24.08 6.81
CA TYR D 71 7.44 23.06 7.81
C TYR D 71 8.65 22.14 8.00
N PRO D 72 9.26 22.11 9.18
CA PRO D 72 10.39 21.18 9.38
C PRO D 72 10.00 19.72 9.28
N ILE D 73 8.72 19.39 9.42
CA ILE D 73 8.22 18.03 9.35
C ILE D 73 7.29 17.92 8.15
N GLU D 74 7.52 16.93 7.30
CA GLU D 74 6.59 16.61 6.23
C GLU D 74 6.41 15.11 6.16
N HIC D 75 5.16 14.69 5.97
CA HIC D 75 4.75 13.31 6.03
C HIC D 75 5.44 12.63 7.22
O HIC D 75 6.11 11.61 7.15
CB HIC D 75 5.02 12.46 4.77
CG HIC D 75 6.23 12.84 4.01
ND1 HIC D 75 6.25 13.79 2.99
CD2 HIC D 75 7.51 12.29 4.19
CE1 HIC D 75 7.53 13.82 2.56
NE2 HIC D 75 8.34 12.93 3.27
CZ HIC D 75 9.74 12.69 3.09
H HIC D 75 4.38 15.29 5.76
HA HIC D 75 3.64 13.30 6.23
HB2 HIC D 75 5.11 11.38 5.08
HB3 HIC D 75 4.13 12.53 4.09
HD2 HIC D 75 7.87 11.53 4.88
HE1 HIC D 75 7.92 14.47 1.76
HZ1 HIC D 75 10.31 13.13 3.94
HZ2 HIC D 75 10.08 13.15 2.13
HZ3 HIC D 75 9.93 11.59 3.05
N GLY D 76 5.25 13.26 8.38
CA GLY D 76 5.67 12.69 9.65
C GLY D 76 7.16 12.59 9.90
N ILE D 77 7.97 12.97 8.91
CA ILE D 77 9.42 12.87 8.98
C ILE D 77 10.00 14.26 9.12
N ILE D 78 10.92 14.42 10.08
CA ILE D 78 11.63 15.68 10.26
C ILE D 78 12.67 15.80 9.16
N THR D 79 12.52 16.80 8.29
CA THR D 79 13.43 17.00 7.17
C THR D 79 14.41 18.14 7.40
N ASN D 80 14.13 19.06 8.31
CA ASN D 80 15.03 20.16 8.65
C ASN D 80 15.23 20.14 10.15
N TRP D 81 16.37 19.58 10.59
CA TRP D 81 16.59 19.42 12.02
C TRP D 81 17.00 20.72 12.70
N ASP D 82 17.63 21.64 11.97
CA ASP D 82 17.91 22.95 12.55
C ASP D 82 16.62 23.71 12.85
N ASP D 83 15.66 23.66 11.93
CA ASP D 83 14.37 24.29 12.17
C ASP D 83 13.61 23.57 13.29
N MET D 84 13.67 22.24 13.31
CA MET D 84 12.99 21.51 14.37
C MET D 84 13.57 21.84 15.73
N GLU D 85 14.89 22.12 15.79
CA GLU D 85 15.51 22.48 17.05
C GLU D 85 14.94 23.78 17.60
N LYS D 86 14.78 24.80 16.75
CA LYS D 86 14.20 26.06 17.22
C LYS D 86 12.71 25.94 17.45
N ILE D 87 12.04 25.00 16.78
CA ILE D 87 10.66 24.69 17.11
C ILE D 87 10.56 24.13 18.52
N TRP D 88 11.46 23.20 18.86
CA TRP D 88 11.48 22.64 20.21
C TRP D 88 11.94 23.69 21.23
N HIS D 89 12.94 24.49 20.87
CA HIS D 89 13.36 25.56 21.76
C HIS D 89 12.22 26.54 22.01
N HIS D 90 11.45 26.86 20.96
CA HIS D 90 10.30 27.73 21.14
C HIS D 90 9.27 27.09 22.07
N THR D 91 9.05 25.79 21.93
CA THR D 91 8.05 25.11 22.75
C THR D 91 8.43 25.13 24.23
N PHE D 92 9.67 24.73 24.55
CA PHE D 92 10.06 24.61 25.95
C PHE D 92 10.15 25.98 26.62
N TYR D 93 10.84 26.93 25.99
CA TYR D 93 11.24 28.16 26.64
C TYR D 93 10.23 29.29 26.48
N ASN D 94 9.61 29.42 25.31
CA ASN D 94 8.73 30.55 25.03
C ASN D 94 7.26 30.21 25.15
N GLU D 95 6.90 28.92 25.14
CA GLU D 95 5.49 28.51 25.20
C GLU D 95 5.14 27.84 26.52
N LEU D 96 5.96 26.89 26.98
CA LEU D 96 5.74 26.25 28.26
C LEU D 96 6.47 26.94 29.40
N ARG D 97 7.57 27.63 29.10
CA ARG D 97 8.33 28.38 30.10
C ARG D 97 8.85 27.45 31.19
N VAL D 98 9.54 26.39 30.76
CA VAL D 98 10.10 25.38 31.66
C VAL D 98 11.54 25.14 31.27
N ALA D 99 12.31 24.61 32.23
CA ALA D 99 13.66 24.16 31.94
C ALA D 99 13.63 22.69 31.57
N PRO D 100 13.93 22.32 30.33
CA PRO D 100 13.86 20.89 29.97
C PRO D 100 14.79 20.01 30.77
N GLU D 101 15.80 20.60 31.43
CA GLU D 101 16.76 19.80 32.20
C GLU D 101 16.12 19.04 33.34
N GLU D 102 14.92 19.44 33.78
CA GLU D 102 14.29 18.87 34.96
C GLU D 102 12.88 18.40 34.67
N HIS D 103 12.63 17.95 33.44
CA HIS D 103 11.33 17.40 33.10
C HIS D 103 11.48 16.24 32.13
N PRO D 104 11.05 15.03 32.49
CA PRO D 104 10.99 13.97 31.48
C PRO D 104 9.98 14.33 30.40
N THR D 105 10.41 14.22 29.14
CA THR D 105 9.63 14.69 28.00
C THR D 105 9.20 13.49 27.16
N LEU D 106 7.90 13.39 26.91
CA LEU D 106 7.34 12.32 26.09
C LEU D 106 7.05 12.87 24.70
N LEU D 107 7.63 12.23 23.69
CA LEU D 107 7.44 12.61 22.30
C LEU D 107 6.61 11.56 21.58
N THR D 108 6.09 11.94 20.42
CA THR D 108 5.23 11.07 19.63
C THR D 108 5.69 11.09 18.18
N GLU D 109 5.46 9.97 17.49
CA GLU D 109 5.75 9.89 16.06
C GLU D 109 4.86 8.82 15.44
N ALA D 110 4.74 8.87 14.12
CA ALA D 110 3.91 7.93 13.40
C ALA D 110 4.64 6.59 13.22
N PRO D 111 3.89 5.50 13.10
CA PRO D 111 4.53 4.20 12.85
C PRO D 111 5.14 4.13 11.46
N LEU D 112 6.10 3.23 11.32
CA LEU D 112 6.77 2.99 10.03
C LEU D 112 7.56 4.22 9.58
N ASN D 113 8.01 5.04 10.53
CA ASN D 113 8.88 6.15 10.21
C ASN D 113 10.33 5.67 10.11
N PRO D 114 11.18 6.45 9.43
CA PRO D 114 12.61 6.10 9.42
C PRO D 114 13.16 6.06 10.83
N LYS D 115 14.05 5.08 11.08
CA LYS D 115 14.61 4.91 12.41
C LYS D 115 15.54 6.04 12.78
N ALA D 116 16.19 6.66 11.78
CA ALA D 116 17.02 7.82 12.04
C ALA D 116 16.22 8.96 12.63
N ASN D 117 14.93 9.05 12.28
CA ASN D 117 14.08 10.08 12.87
C ASN D 117 14.03 9.94 14.39
N ARG D 118 13.71 8.73 14.87
CA ARG D 118 13.69 8.50 16.31
C ARG D 118 15.06 8.71 16.92
N GLU D 119 16.11 8.22 16.26
CA GLU D 119 17.45 8.34 16.83
C GLU D 119 17.84 9.81 16.99
N LYS D 120 17.58 10.63 15.97
CA LYS D 120 17.90 12.06 16.07
C LYS D 120 17.03 12.73 17.12
N MET D 121 15.75 12.38 17.20
CA MET D 121 14.90 12.95 18.24
C MET D 121 15.47 12.65 19.62
N THR D 122 15.90 11.41 19.84
CA THR D 122 16.49 11.04 21.12
C THR D 122 17.80 11.79 21.36
N GLN D 123 18.64 11.88 20.33
CA GLN D 123 19.94 12.52 20.49
C GLN D 123 19.80 13.99 20.85
N ILE D 124 18.90 14.70 20.15
CA ILE D 124 18.74 16.13 20.40
C ILE D 124 18.20 16.36 21.81
N MET D 125 17.23 15.56 22.24
CA MET D 125 16.64 15.77 23.56
C MET D 125 17.66 15.60 24.66
N PHE D 126 18.59 14.65 24.51
CA PHE D 126 19.54 14.37 25.58
C PHE D 126 20.77 15.26 25.50
N GLU D 127 21.23 15.59 24.29
CA GLU D 127 22.46 16.35 24.13
C GLU D 127 22.21 17.84 24.05
N THR D 128 21.18 18.27 23.34
CA THR D 128 20.89 19.70 23.19
C THR D 128 20.07 20.23 24.37
N PHE D 129 18.91 19.62 24.62
CA PHE D 129 18.02 20.06 25.69
C PHE D 129 18.29 19.38 27.01
N ASN D 130 19.16 18.37 27.05
CA ASN D 130 19.63 17.78 28.30
C ASN D 130 18.47 17.36 29.20
N VAL D 131 17.45 16.75 28.61
CA VAL D 131 16.30 16.31 29.41
C VAL D 131 16.71 15.15 30.30
N PRO D 132 16.18 15.02 31.52
CA PRO D 132 16.58 13.90 32.37
C PRO D 132 16.20 12.55 31.78
N ALA D 133 15.07 12.47 31.10
CA ALA D 133 14.63 11.23 30.47
C ALA D 133 13.62 11.57 29.40
N MET D 134 13.40 10.63 28.49
CA MET D 134 12.45 10.86 27.41
C MET D 134 11.92 9.52 26.91
N TYR D 135 10.85 9.59 26.14
CA TYR D 135 10.20 8.42 25.57
C TYR D 135 9.53 8.84 24.27
N VAL D 136 9.52 7.94 23.29
CA VAL D 136 8.89 8.18 21.99
C VAL D 136 7.77 7.17 21.83
N ALA D 137 6.53 7.65 21.85
CA ALA D 137 5.35 6.81 21.72
C ALA D 137 4.80 6.88 20.31
N ILE D 138 3.93 5.94 19.99
CA ILE D 138 3.25 5.89 18.70
C ILE D 138 1.92 6.62 18.83
N GLN D 139 1.64 7.51 17.89
CA GLN D 139 0.46 8.36 18.00
C GLN D 139 -0.82 7.54 18.04
N ALA D 140 -0.92 6.49 17.23
CA ALA D 140 -2.13 5.68 17.22
C ALA D 140 -2.35 5.03 18.59
N VAL D 141 -1.29 4.53 19.21
CA VAL D 141 -1.43 3.91 20.53
C VAL D 141 -1.95 4.93 21.54
N LEU D 142 -1.41 6.15 21.50
CA LEU D 142 -1.82 7.16 22.46
C LEU D 142 -3.30 7.49 22.33
N SER D 143 -3.80 7.58 21.10
CA SER D 143 -5.22 7.87 20.90
C SER D 143 -6.08 6.86 21.64
N LEU D 144 -5.66 5.60 21.68
CA LEU D 144 -6.41 4.59 22.42
C LEU D 144 -6.43 4.89 23.91
N TYR D 145 -5.30 5.36 24.45
CA TYR D 145 -5.27 5.76 25.85
C TYR D 145 -6.30 6.87 26.11
N ALA D 146 -6.37 7.85 25.21
CA ALA D 146 -7.32 8.93 25.37
C ALA D 146 -8.75 8.40 25.32
N SER D 147 -9.04 7.51 24.37
CA SER D 147 -10.37 6.92 24.28
C SER D 147 -10.68 6.05 25.49
N GLY D 148 -9.67 5.62 26.22
CA GLY D 148 -9.85 4.80 27.40
C GLY D 148 -9.96 3.32 27.13
N ARG D 149 -9.85 2.90 25.88
CA ARG D 149 -9.96 1.50 25.52
C ARG D 149 -8.60 0.81 25.56
N THR D 150 -8.64 -0.51 25.40
CA THR D 150 -7.44 -1.29 25.16
C THR D 150 -7.56 -2.12 23.88
N THR D 151 -8.71 -2.10 23.24
CA THR D 151 -8.93 -2.77 21.97
C THR D 151 -9.55 -1.78 20.99
N GLY D 152 -9.18 -1.90 19.73
CA GLY D 152 -9.72 -1.06 18.68
C GLY D 152 -8.66 -0.75 17.64
N ILE D 153 -9.13 -0.41 16.45
CA ILE D 153 -8.25 -0.02 15.34
C ILE D 153 -8.34 1.49 15.21
N VAL D 154 -7.20 2.15 15.37
CA VAL D 154 -7.14 3.61 15.40
C VAL D 154 -6.79 4.13 14.01
N LEU D 155 -7.57 5.09 13.53
CA LEU D 155 -7.27 5.80 12.29
C LEU D 155 -6.82 7.22 12.68
N ASP D 156 -5.52 7.43 12.71
CA ASP D 156 -4.95 8.74 13.02
C ASP D 156 -4.57 9.44 11.73
N SER D 157 -5.11 10.64 11.52
CA SER D 157 -4.84 11.43 10.33
C SER D 157 -4.58 12.86 10.75
N GLY D 158 -3.32 13.28 10.65
CA GLY D 158 -2.95 14.64 10.98
C GLY D 158 -2.67 15.46 9.74
N ASP D 159 -1.57 16.22 9.76
CA ASP D 159 -1.16 16.99 8.59
C ASP D 159 -0.24 16.20 7.67
N GLY D 160 0.57 15.30 8.21
CA GLY D 160 1.53 14.59 7.40
C GLY D 160 1.11 13.22 6.91
N VAL D 161 0.66 12.35 7.83
CA VAL D 161 0.46 10.94 7.50
C VAL D 161 -0.86 10.46 8.09
N THR D 162 -1.45 9.48 7.40
CA THR D 162 -2.59 8.73 7.90
C THR D 162 -2.17 7.28 8.11
N HIS D 163 -2.35 6.77 9.32
CA HIS D 163 -1.96 5.41 9.63
C HIS D 163 -3.05 4.71 10.44
N ASN D 164 -3.12 3.39 10.26
CA ASN D 164 -4.03 2.53 10.99
C ASN D 164 -3.22 1.56 11.84
N VAL D 165 -3.60 1.44 13.12
CA VAL D 165 -2.93 0.53 14.03
C VAL D 165 -3.98 -0.30 14.76
N PRO D 166 -4.18 -1.57 14.40
CA PRO D 166 -5.14 -2.41 15.14
C PRO D 166 -4.52 -2.92 16.43
N ILE D 167 -5.24 -2.75 17.53
CA ILE D 167 -4.81 -3.19 18.85
C ILE D 167 -5.93 -3.99 19.48
N TYR D 168 -5.58 -5.11 20.10
CA TYR D 168 -6.55 -5.98 20.75
C TYR D 168 -6.02 -6.37 22.12
N GLU D 169 -6.76 -6.01 23.17
CA GLU D 169 -6.36 -6.30 24.54
C GLU D 169 -4.97 -5.74 24.83
N GLY D 170 -4.64 -4.62 24.21
CA GLY D 170 -3.35 -3.99 24.38
C GLY D 170 -2.26 -4.51 23.46
N TYR D 171 -2.56 -5.51 22.63
CA TYR D 171 -1.58 -6.11 21.74
C TYR D 171 -1.75 -5.54 20.33
N ALA D 172 -0.69 -4.92 19.83
CA ALA D 172 -0.67 -4.44 18.45
C ALA D 172 -0.28 -5.56 17.51
N LEU D 173 -0.85 -5.53 16.32
CA LEU D 173 -0.46 -6.46 15.26
C LEU D 173 0.36 -5.69 14.24
N PRO D 174 1.66 -5.52 14.48
CA PRO D 174 2.44 -4.59 13.64
C PRO D 174 2.43 -4.95 12.16
N HIS D 175 2.31 -6.22 11.80
CA HIS D 175 2.23 -6.58 10.39
C HIS D 175 0.96 -6.04 9.75
N ALA D 176 -0.05 -5.68 10.53
CA ALA D 176 -1.29 -5.13 10.03
C ALA D 176 -1.33 -3.61 10.08
N ILE D 177 -0.25 -2.96 10.52
CA ILE D 177 -0.21 -1.51 10.57
C ILE D 177 -0.15 -0.96 9.15
N MET D 178 -0.99 0.02 8.85
CA MET D 178 -1.02 0.68 7.56
C MET D 178 -0.63 2.15 7.71
N ARG D 179 -0.03 2.70 6.66
CA ARG D 179 0.40 4.09 6.68
C ARG D 179 0.30 4.65 5.27
N LEU D 180 -0.51 5.69 5.11
CA LEU D 180 -0.60 6.45 3.86
C LEU D 180 0.02 7.82 4.07
N ASP D 181 0.87 8.23 3.15
CA ASP D 181 1.42 9.59 3.16
C ASP D 181 0.44 10.54 2.47
N LEU D 182 -0.79 10.51 2.96
CA LEU D 182 -1.87 11.34 2.43
C LEU D 182 -2.66 11.86 3.63
N ALA D 183 -2.56 13.15 3.88
CA ALA D 183 -3.13 13.75 5.08
C ALA D 183 -3.56 15.18 4.74
N GLY D 184 -3.76 16.00 5.78
CA GLY D 184 -4.31 17.32 5.57
C GLY D 184 -3.53 18.16 4.59
N ARG D 185 -2.19 18.11 4.67
CA ARG D 185 -1.37 18.93 3.79
C ARG D 185 -1.62 18.57 2.33
N ASP D 186 -1.79 17.28 2.03
CA ASP D 186 -2.13 16.88 0.66
C ASP D 186 -3.52 17.38 0.28
N LEU D 187 -4.45 17.42 1.24
CA LEU D 187 -5.77 17.98 0.96
C LEU D 187 -5.68 19.48 0.76
N THR D 188 -4.85 20.18 1.53
CA THR D 188 -4.68 21.60 1.34
C THR D 188 -4.11 21.91 -0.05
N ASP D 189 -3.11 21.14 -0.47
CA ASP D 189 -2.54 21.34 -1.80
C ASP D 189 -3.55 21.04 -2.89
N TYR D 190 -4.37 20.00 -2.71
CA TYR D 190 -5.39 19.69 -3.71
C TYR D 190 -6.44 20.79 -3.77
N LEU D 191 -6.85 21.31 -2.62
CA LEU D 191 -7.80 22.42 -2.61
C LEU D 191 -7.21 23.63 -3.32
N MET D 192 -5.92 23.90 -3.09
CA MET D 192 -5.25 24.96 -3.82
C MET D 192 -5.38 24.75 -5.33
N LYS D 193 -5.20 23.51 -5.79
CA LYS D 193 -5.21 23.24 -7.22
C LYS D 193 -6.60 23.42 -7.81
N ILE D 194 -7.62 22.86 -7.15
CA ILE D 194 -8.98 22.92 -7.71
C ILE D 194 -9.65 24.27 -7.50
N LEU D 195 -9.11 25.11 -6.60
CA LEU D 195 -9.62 26.47 -6.49
C LEU D 195 -9.30 27.31 -7.72
N THR D 196 -8.24 26.95 -8.46
CA THR D 196 -7.94 27.63 -9.71
C THR D 196 -9.06 27.47 -10.73
N GLU D 197 -9.88 26.43 -10.60
CA GLU D 197 -11.01 26.26 -11.50
C GLU D 197 -11.94 27.46 -11.45
N ARG D 198 -12.05 28.11 -10.29
CA ARG D 198 -12.90 29.27 -10.12
C ARG D 198 -12.14 30.58 -10.29
N GLY D 199 -10.86 30.52 -10.68
CA GLY D 199 -10.07 31.71 -10.88
C GLY D 199 -9.28 32.16 -9.68
N TYR D 200 -9.46 31.53 -8.53
CA TYR D 200 -8.70 31.89 -7.34
C TYR D 200 -7.31 31.27 -7.42
N SER D 201 -6.28 32.08 -7.24
CA SER D 201 -4.90 31.65 -7.37
C SER D 201 -4.16 31.88 -6.07
N PHE D 202 -3.71 30.78 -5.46
CA PHE D 202 -2.90 30.82 -4.25
C PHE D 202 -1.62 30.04 -4.52
N VAL D 203 -0.48 30.73 -4.47
CA VAL D 203 0.77 30.11 -4.89
C VAL D 203 1.83 30.21 -3.80
N THR D 204 1.74 31.21 -2.94
CA THR D 204 2.77 31.41 -1.94
C THR D 204 2.53 30.51 -0.73
N THR D 205 3.57 30.35 0.09
CA THR D 205 3.44 29.60 1.33
C THR D 205 2.48 30.30 2.27
N ALA D 206 2.50 31.63 2.29
CA ALA D 206 1.57 32.39 3.11
C ALA D 206 0.13 32.11 2.68
N GLU D 207 -0.13 32.10 1.38
CA GLU D 207 -1.48 31.83 0.89
C GLU D 207 -1.89 30.38 1.08
N ARG D 208 -0.94 29.46 1.22
CA ARG D 208 -1.28 28.09 1.55
C ARG D 208 -1.99 28.01 2.90
N GLU D 209 -1.58 28.87 3.84
CA GLU D 209 -2.25 28.91 5.14
C GLU D 209 -3.69 29.38 5.00
N ILE D 210 -3.94 30.33 4.11
CA ILE D 210 -5.30 30.81 3.88
C ILE D 210 -6.17 29.69 3.33
N VAL D 211 -5.63 28.93 2.37
CA VAL D 211 -6.37 27.80 1.83
C VAL D 211 -6.57 26.74 2.91
N ARG D 212 -5.60 26.60 3.80
CA ARG D 212 -5.77 25.68 4.93
C ARG D 212 -6.94 26.11 5.80
N ASP D 213 -7.06 27.41 6.06
CA ASP D 213 -8.19 27.91 6.85
C ASP D 213 -9.51 27.66 6.13
N ILE D 214 -9.54 27.90 4.82
CA ILE D 214 -10.74 27.63 4.03
C ILE D 214 -11.12 26.17 4.15
N LYS D 215 -10.15 25.28 4.01
CA LYS D 215 -10.41 23.85 4.13
C LYS D 215 -10.93 23.51 5.52
N GLU D 216 -10.33 24.10 6.56
CA GLU D 216 -10.70 23.79 7.92
C GLU D 216 -12.13 24.20 8.25
N LYS D 217 -12.59 25.36 7.77
CA LYS D 217 -13.90 25.85 8.17
C LYS D 217 -14.95 25.85 7.07
N LEU D 218 -14.70 25.26 5.90
CA LEU D 218 -15.72 25.12 4.88
C LEU D 218 -15.87 23.73 4.30
N CYS D 219 -14.81 22.93 4.25
CA CYS D 219 -14.88 21.62 3.63
C CYS D 219 -15.64 20.63 4.52
N TYR D 220 -16.23 19.63 3.87
CA TYR D 220 -16.95 18.58 4.56
C TYR D 220 -16.95 17.34 3.69
N VAL D 221 -17.20 16.19 4.31
CA VAL D 221 -17.21 14.91 3.60
C VAL D 221 -18.63 14.62 3.13
N ALA D 222 -18.77 14.29 1.85
CA ALA D 222 -20.07 13.94 1.29
C ALA D 222 -20.40 12.48 1.58
N LEU D 223 -21.61 12.24 2.09
CA LEU D 223 -22.04 10.87 2.34
C LEU D 223 -22.09 10.09 1.03
N ASP D 224 -22.63 10.70 -0.01
CA ASP D 224 -22.70 10.11 -1.35
C ASP D 224 -22.09 11.11 -2.32
N PHE D 225 -20.87 10.84 -2.76
CA PHE D 225 -20.14 11.82 -3.56
C PHE D 225 -20.86 12.15 -4.86
N GLU D 226 -21.35 11.13 -5.57
CA GLU D 226 -22.02 11.37 -6.84
C GLU D 226 -23.30 12.17 -6.64
N ASN D 227 -24.06 11.87 -5.58
CA ASN D 227 -25.28 12.63 -5.32
C ASN D 227 -24.97 14.09 -5.05
N GLU D 228 -23.93 14.37 -4.25
CA GLU D 228 -23.57 15.75 -3.97
C GLU D 228 -23.10 16.47 -5.23
N MET D 229 -22.36 15.78 -6.09
CA MET D 229 -21.93 16.40 -7.35
C MET D 229 -23.13 16.81 -8.19
N ALA D 230 -24.13 15.94 -8.27
CA ALA D 230 -25.35 16.30 -9.00
C ALA D 230 -26.05 17.47 -8.32
N THR D 231 -26.12 17.46 -6.99
CA THR D 231 -26.77 18.55 -6.27
C THR D 231 -26.06 19.87 -6.51
N ALA D 232 -24.72 19.86 -6.46
CA ALA D 232 -23.97 21.08 -6.72
C ALA D 232 -24.15 21.55 -8.16
N ALA D 233 -24.14 20.61 -9.11
CA ALA D 233 -24.32 20.98 -10.50
C ALA D 233 -25.71 21.54 -10.76
N SER D 234 -26.71 21.11 -9.99
CA SER D 234 -28.09 21.53 -10.22
C SER D 234 -28.48 22.78 -9.45
N SER D 235 -27.81 23.07 -8.34
CA SER D 235 -28.19 24.22 -7.53
C SER D 235 -26.95 24.83 -6.89
N SER D 236 -27.11 26.04 -6.36
CA SER D 236 -26.06 26.74 -5.64
C SER D 236 -26.22 26.62 -4.12
N SER D 237 -27.08 25.72 -3.66
CA SER D 237 -27.34 25.60 -2.23
C SER D 237 -26.10 25.17 -1.44
N LEU D 238 -25.15 24.49 -2.08
CA LEU D 238 -23.95 24.02 -1.40
C LEU D 238 -22.82 25.04 -1.41
N GLU D 239 -23.01 26.18 -2.06
CA GLU D 239 -21.94 27.17 -2.20
C GLU D 239 -21.87 28.05 -0.96
N LYS D 240 -20.65 28.26 -0.47
CA LYS D 240 -20.39 29.11 0.68
C LYS D 240 -19.35 30.16 0.30
N SER D 241 -19.41 31.30 0.99
CA SER D 241 -18.50 32.41 0.75
C SER D 241 -17.49 32.50 1.89
N TYR D 242 -16.27 32.91 1.52
CA TYR D 242 -15.20 33.06 2.49
C TYR D 242 -14.49 34.37 2.19
N GLU D 243 -14.24 35.17 3.22
CA GLU D 243 -13.60 36.48 3.06
C GLU D 243 -12.11 36.33 3.32
N LEU D 244 -11.30 36.72 2.33
CA LEU D 244 -9.86 36.66 2.44
C LEU D 244 -9.36 37.78 3.34
N PRO D 245 -8.10 37.71 3.79
CA PRO D 245 -7.60 38.73 4.72
C PRO D 245 -7.67 40.14 4.16
N ASP D 246 -7.66 40.30 2.84
CA ASP D 246 -7.68 41.62 2.22
C ASP D 246 -9.09 42.09 1.88
N GLY D 247 -10.12 41.42 2.37
CA GLY D 247 -11.49 41.81 2.12
C GLY D 247 -12.11 41.15 0.91
N GLN D 248 -11.31 40.50 0.05
CA GLN D 248 -11.86 39.80 -1.10
C GLN D 248 -12.66 38.59 -0.64
N VAL D 249 -13.75 38.31 -1.36
CA VAL D 249 -14.67 37.23 -1.02
C VAL D 249 -14.59 36.18 -2.13
N ILE D 250 -14.36 34.93 -1.74
CA ILE D 250 -14.29 33.81 -2.66
C ILE D 250 -15.48 32.88 -2.38
N THR D 251 -16.14 32.45 -3.45
CA THR D 251 -17.28 31.54 -3.35
C THR D 251 -16.82 30.15 -3.76
N ILE D 252 -17.11 29.17 -2.91
CA ILE D 252 -16.64 27.80 -3.10
C ILE D 252 -17.85 26.88 -3.13
N GLY D 253 -17.93 26.03 -4.14
CA GLY D 253 -19.07 25.16 -4.33
C GLY D 253 -18.77 23.69 -4.06
N ASN D 254 -18.74 22.89 -5.13
CA ASN D 254 -18.46 21.47 -4.95
C ASN D 254 -17.03 21.20 -4.51
N GLU D 255 -16.15 22.22 -4.57
CA GLU D 255 -14.81 22.07 -4.01
C GLU D 255 -14.86 21.85 -2.50
N ARG D 256 -15.98 22.15 -1.86
CA ARG D 256 -16.08 21.97 -0.41
C ARG D 256 -15.92 20.50 -0.04
N PHE D 257 -16.55 19.60 -0.79
CA PHE D 257 -16.47 18.17 -0.50
C PHE D 257 -15.57 17.40 -1.46
N ARG D 258 -15.16 18.01 -2.58
CA ARG D 258 -14.23 17.33 -3.47
C ARG D 258 -12.84 17.24 -2.85
N CYS D 259 -12.48 18.23 -2.02
CA CYS D 259 -11.17 18.20 -1.36
C CYS D 259 -11.07 17.05 -0.36
N PRO D 260 -11.94 16.96 0.65
CA PRO D 260 -11.87 15.80 1.56
C PRO D 260 -12.21 14.48 0.89
N GLU D 261 -12.85 14.50 -0.27
CA GLU D 261 -13.10 13.26 -0.99
C GLU D 261 -11.81 12.56 -1.40
N THR D 262 -10.70 13.30 -1.46
CA THR D 262 -9.41 12.68 -1.77
C THR D 262 -9.03 11.62 -0.76
N LEU D 263 -9.51 11.73 0.48
CA LEU D 263 -9.20 10.72 1.48
C LEU D 263 -9.75 9.36 1.07
N PHE D 264 -10.94 9.34 0.45
CA PHE D 264 -11.56 8.10 0.01
C PHE D 264 -11.23 7.75 -1.43
N GLN D 265 -10.76 8.72 -2.22
CA GLN D 265 -10.34 8.49 -3.60
C GLN D 265 -8.98 9.14 -3.81
N PRO D 266 -7.91 8.50 -3.36
CA PRO D 266 -6.58 9.10 -3.55
C PRO D 266 -6.21 9.32 -5.00
N SER D 267 -6.91 8.69 -5.95
CA SER D 267 -6.63 8.90 -7.36
C SER D 267 -6.88 10.34 -7.79
N PHE D 268 -7.59 11.13 -6.99
CA PHE D 268 -7.77 12.54 -7.33
C PHE D 268 -6.43 13.27 -7.40
N ILE D 269 -5.51 12.93 -6.51
CA ILE D 269 -4.19 13.54 -6.51
C ILE D 269 -3.13 12.63 -7.13
N GLY D 270 -3.55 11.68 -7.96
CA GLY D 270 -2.62 10.83 -8.67
C GLY D 270 -1.96 9.76 -7.83
N MET D 271 -2.50 9.43 -6.66
CA MET D 271 -1.94 8.39 -5.81
C MET D 271 -2.60 7.06 -6.12
N GLU D 272 -1.79 6.05 -6.44
CA GLU D 272 -2.29 4.70 -6.66
C GLU D 272 -2.40 4.02 -5.31
N SER D 273 -3.49 4.31 -4.60
CA SER D 273 -3.68 3.82 -3.25
C SER D 273 -5.16 3.72 -2.96
N ALA D 274 -5.49 2.92 -1.94
CA ALA D 274 -6.86 2.77 -1.51
C ALA D 274 -7.24 3.87 -0.53
N GLY D 275 -8.50 4.26 -0.55
CA GLY D 275 -8.99 5.26 0.38
C GLY D 275 -8.78 4.83 1.82
N ILE D 276 -9.09 5.75 2.73
CA ILE D 276 -8.93 5.45 4.15
C ILE D 276 -9.89 4.35 4.57
N HIS D 277 -11.08 4.32 3.98
CA HIS D 277 -12.04 3.26 4.31
C HIS D 277 -11.49 1.89 3.94
N GLU D 278 -10.86 1.78 2.77
CA GLU D 278 -10.31 0.49 2.35
C GLU D 278 -9.05 0.15 3.13
N THR D 279 -8.23 1.15 3.47
CA THR D 279 -7.05 0.89 4.26
C THR D 279 -7.42 0.37 5.65
N THR D 280 -8.44 0.97 6.26
CA THR D 280 -8.92 0.47 7.55
C THR D 280 -9.46 -0.96 7.42
N TYR D 281 -10.22 -1.21 6.36
CA TYR D 281 -10.73 -2.56 6.13
C TYR D 281 -9.59 -3.53 5.85
N ASN D 282 -8.63 -3.13 5.02
CA ASN D 282 -7.50 -4.01 4.71
C ASN D 282 -6.71 -4.32 5.96
N SER D 283 -6.56 -3.34 6.86
CA SER D 283 -5.86 -3.58 8.11
C SER D 283 -6.59 -4.63 8.94
N ILE D 284 -7.91 -4.51 9.06
CA ILE D 284 -8.68 -5.45 9.87
C ILE D 284 -8.58 -6.86 9.30
N MET D 285 -8.55 -6.97 7.97
CA MET D 285 -8.49 -8.30 7.35
C MET D 285 -7.13 -8.94 7.53
N LYS D 286 -6.08 -8.13 7.72
CA LYS D 286 -4.77 -8.68 8.04
C LYS D 286 -4.68 -9.17 9.47
N CYS D 287 -5.65 -8.84 10.30
CA CYS D 287 -5.67 -9.29 11.69
C CYS D 287 -6.27 -10.68 11.81
N ASP D 288 -6.09 -11.28 12.97
CA ASP D 288 -6.64 -12.61 13.20
C ASP D 288 -8.16 -12.58 13.14
N ILE D 289 -8.73 -13.60 12.49
CA ILE D 289 -10.18 -13.63 12.27
C ILE D 289 -10.95 -13.52 13.58
N ASP D 290 -10.33 -13.93 14.69
CA ASP D 290 -11.03 -13.96 15.97
C ASP D 290 -11.17 -12.58 16.61
N ILE D 291 -10.43 -11.58 16.16
CA ILE D 291 -10.48 -10.25 16.74
C ILE D 291 -11.14 -9.24 15.81
N ARG D 292 -11.46 -9.62 14.58
CA ARG D 292 -12.01 -8.66 13.63
C ARG D 292 -13.33 -8.08 14.13
N LYS D 293 -14.14 -8.90 14.79
CA LYS D 293 -15.44 -8.41 15.27
C LYS D 293 -15.27 -7.26 16.24
N ASP D 294 -14.32 -7.37 17.17
CA ASP D 294 -14.08 -6.28 18.11
C ASP D 294 -13.44 -5.08 17.42
N LEU D 295 -12.58 -5.33 16.43
CA LEU D 295 -12.00 -4.23 15.67
C LEU D 295 -13.07 -3.48 14.89
N TYR D 296 -14.01 -4.21 14.27
CA TYR D 296 -15.06 -3.57 13.50
C TYR D 296 -15.86 -2.59 14.35
N ALA D 297 -16.09 -2.92 15.62
CA ALA D 297 -16.92 -2.11 16.50
C ALA D 297 -16.14 -1.05 17.26
N ASN D 298 -14.84 -0.93 17.03
CA ASN D 298 -14.00 0.01 17.78
C ASN D 298 -13.05 0.76 16.86
N ASN D 299 -13.56 1.25 15.73
CA ASN D 299 -12.79 2.15 14.88
C ASN D 299 -12.78 3.53 15.51
N VAL D 300 -11.62 3.98 15.96
CA VAL D 300 -11.48 5.24 16.67
C VAL D 300 -10.69 6.20 15.79
N MET D 301 -11.25 7.38 15.57
CA MET D 301 -10.60 8.42 14.78
C MET D 301 -9.81 9.37 15.68
N SER D 302 -8.71 9.89 15.14
CA SER D 302 -7.93 10.90 15.82
C SER D 302 -7.22 11.75 14.78
N GLY D 303 -6.83 12.94 15.19
CA GLY D 303 -6.14 13.86 14.30
C GLY D 303 -7.08 14.88 13.68
N GLY D 304 -6.49 16.02 13.31
CA GLY D 304 -7.29 17.10 12.75
C GLY D 304 -7.94 16.73 11.44
N THR D 305 -7.26 15.93 10.62
CA THR D 305 -7.79 15.57 9.31
C THR D 305 -9.06 14.74 9.40
N THR D 306 -9.38 14.21 10.57
CA THR D 306 -10.63 13.48 10.79
C THR D 306 -11.74 14.39 11.31
N MET D 307 -11.53 15.69 11.35
CA MET D 307 -12.52 16.63 11.88
C MET D 307 -13.53 17.08 10.85
N TYR D 308 -13.41 16.64 9.60
CA TYR D 308 -14.37 17.04 8.59
C TYR D 308 -15.78 16.61 8.99
N PRO D 309 -16.77 17.50 8.94
CA PRO D 309 -18.14 17.07 9.19
C PRO D 309 -18.55 15.96 8.22
N GLY D 310 -19.19 14.93 8.76
CA GLY D 310 -19.68 13.83 7.96
C GLY D 310 -18.65 12.75 7.63
N ILE D 311 -17.41 12.89 8.10
CA ILE D 311 -16.41 11.87 7.81
C ILE D 311 -16.73 10.59 8.57
N ALA D 312 -17.16 10.71 9.83
CA ALA D 312 -17.51 9.54 10.60
C ALA D 312 -18.66 8.77 9.97
N ASP D 313 -19.68 9.49 9.50
CA ASP D 313 -20.81 8.84 8.84
C ASP D 313 -20.38 8.20 7.52
N ARG D 314 -19.49 8.87 6.77
CA ARG D 314 -19.00 8.30 5.52
C ARG D 314 -18.20 7.03 5.79
N MET D 315 -17.32 7.06 6.79
CA MET D 315 -16.55 5.86 7.11
C MET D 315 -17.46 4.72 7.55
N GLN D 316 -18.48 5.02 8.34
CA GLN D 316 -19.43 4.00 8.74
C GLN D 316 -20.10 3.38 7.51
N LYS D 317 -20.50 4.22 6.56
CA LYS D 317 -21.13 3.73 5.35
C LYS D 317 -20.16 2.91 4.51
N GLU D 318 -18.93 3.39 4.36
CA GLU D 318 -17.99 2.74 3.46
C GLU D 318 -17.54 1.38 3.98
N ILE D 319 -17.13 1.31 5.25
CA ILE D 319 -16.69 0.03 5.80
C ILE D 319 -17.86 -0.95 5.86
N THR D 320 -19.05 -0.47 6.24
CA THR D 320 -20.22 -1.33 6.27
C THR D 320 -20.46 -1.98 4.91
N ALA D 321 -20.12 -1.30 3.83
CA ALA D 321 -20.25 -1.88 2.50
C ALA D 321 -19.18 -2.93 2.22
N LEU D 322 -18.04 -2.86 2.91
CA LEU D 322 -16.97 -3.83 2.73
C LEU D 322 -17.13 -5.03 3.66
N ALA D 323 -17.40 -4.80 4.94
CA ALA D 323 -17.48 -5.87 5.90
C ALA D 323 -18.75 -6.70 5.69
N PRO D 324 -18.76 -7.95 6.16
CA PRO D 324 -19.98 -8.76 6.04
C PRO D 324 -21.14 -8.13 6.78
N SER D 325 -22.34 -8.37 6.26
CA SER D 325 -23.52 -7.65 6.75
C SER D 325 -23.81 -7.92 8.22
N THR D 326 -23.29 -9.01 8.79
CA THR D 326 -23.59 -9.34 10.18
C THR D 326 -22.71 -8.59 11.16
N MET D 327 -21.62 -7.97 10.70
CA MET D 327 -20.74 -7.23 11.60
C MET D 327 -21.33 -5.87 11.93
N LYS D 328 -21.10 -5.43 13.16
CA LYS D 328 -21.56 -4.13 13.64
C LYS D 328 -20.39 -3.15 13.57
N ILE D 329 -20.41 -2.28 12.56
CA ILE D 329 -19.37 -1.28 12.39
C ILE D 329 -19.69 -0.07 13.26
N LYS D 330 -18.73 0.36 14.06
CA LYS D 330 -18.90 1.51 14.94
C LYS D 330 -17.67 2.40 14.82
N ILE D 331 -17.89 3.64 14.38
CA ILE D 331 -16.82 4.63 14.29
C ILE D 331 -16.92 5.51 15.53
N ILE D 332 -15.86 5.53 16.33
CA ILE D 332 -15.80 6.35 17.54
C ILE D 332 -15.02 7.61 17.19
N ALA D 333 -15.71 8.75 17.16
CA ALA D 333 -15.14 10.02 16.75
C ALA D 333 -15.39 11.04 17.86
N PRO D 334 -14.54 11.04 18.89
CA PRO D 334 -14.76 11.97 20.00
C PRO D 334 -14.63 13.40 19.52
N PRO D 335 -15.34 14.34 20.16
CA PRO D 335 -15.19 15.75 19.76
C PRO D 335 -13.76 16.27 19.90
N GLU D 336 -13.01 15.78 20.87
CA GLU D 336 -11.62 16.19 21.08
C GLU D 336 -10.63 15.25 20.39
N ARG D 337 -11.04 14.57 19.33
CA ARG D 337 -10.14 13.67 18.63
C ARG D 337 -8.97 14.41 17.99
N LYS D 338 -9.07 15.73 17.84
CA LYS D 338 -7.93 16.50 17.36
C LYS D 338 -6.79 16.49 18.37
N TYR D 339 -7.12 16.52 19.66
CA TYR D 339 -6.12 16.48 20.73
C TYR D 339 -6.07 15.13 21.43
N SER D 340 -6.72 14.10 20.88
CA SER D 340 -6.74 12.80 21.52
C SER D 340 -5.32 12.23 21.69
N VAL D 341 -4.45 12.45 20.70
CA VAL D 341 -3.10 11.92 20.80
C VAL D 341 -2.38 12.54 21.99
N TRP D 342 -2.46 13.86 22.13
CA TRP D 342 -1.82 14.51 23.27
C TRP D 342 -2.46 14.08 24.58
N ILE D 343 -3.77 13.91 24.59
CA ILE D 343 -4.45 13.49 25.82
C ILE D 343 -3.96 12.12 26.25
N GLY D 344 -3.85 11.20 25.29
CA GLY D 344 -3.31 9.88 25.59
C GLY D 344 -1.88 9.95 26.08
N GLY D 345 -1.04 10.76 25.43
CA GLY D 345 0.32 10.91 25.91
C GLY D 345 0.37 11.45 27.33
N SER D 346 -0.54 12.37 27.66
CA SER D 346 -0.61 12.89 29.02
C SER D 346 -1.02 11.79 30.00
N ILE D 347 -1.98 10.95 29.61
CA ILE D 347 -2.39 9.85 30.47
C ILE D 347 -1.22 8.89 30.69
N LEU D 348 -0.54 8.52 29.60
CA LEU D 348 0.54 7.54 29.70
C LEU D 348 1.68 8.05 30.57
N ALA D 349 2.07 9.30 30.38
CA ALA D 349 3.19 9.85 31.14
C ALA D 349 2.88 10.02 32.61
N SER D 350 1.60 10.09 32.99
CA SER D 350 1.22 10.22 34.38
C SER D 350 0.96 8.88 35.06
N LEU D 351 0.96 7.77 34.32
CA LEU D 351 0.81 6.47 34.94
C LEU D 351 2.04 6.13 35.79
N SER D 352 1.79 5.64 37.00
CA SER D 352 2.89 5.21 37.85
C SER D 352 3.61 4.00 37.27
N THR D 353 2.86 3.09 36.63
CA THR D 353 3.47 1.92 36.02
C THR D 353 4.34 2.25 34.82
N PHE D 354 4.23 3.45 34.26
CA PHE D 354 5.04 3.87 33.13
C PHE D 354 6.37 4.49 33.54
N GLN D 355 6.52 4.85 34.82
CA GLN D 355 7.68 5.65 35.23
C GLN D 355 9.00 4.92 35.05
N GLN D 356 9.00 3.60 35.06
CA GLN D 356 10.22 2.83 34.85
C GLN D 356 10.50 2.52 33.39
N MET D 357 9.74 3.12 32.47
CA MET D 357 9.92 2.89 31.04
C MET D 357 10.52 4.08 30.32
N TRP D 358 10.76 5.19 31.01
CA TRP D 358 11.47 6.31 30.42
C TRP D 358 12.88 5.89 30.03
N ILE D 359 13.37 6.43 28.92
CA ILE D 359 14.79 6.34 28.60
C ILE D 359 15.52 7.39 29.42
N THR D 360 16.32 6.94 30.37
CA THR D 360 17.03 7.85 31.26
C THR D 360 18.33 8.32 30.62
N LYS D 361 18.86 9.43 31.15
CA LYS D 361 20.12 9.95 30.63
C LYS D 361 21.24 8.94 30.83
N GLN D 362 21.25 8.25 31.98
CA GLN D 362 22.25 7.22 32.21
C GLN D 362 22.15 6.11 31.18
N GLU D 363 20.93 5.70 30.83
CA GLU D 363 20.74 4.69 29.80
C GLU D 363 21.27 5.18 28.45
N TYR D 364 20.99 6.43 28.11
CA TYR D 364 21.35 6.93 26.79
C TYR D 364 22.86 7.01 26.62
N ASP D 365 23.56 7.61 27.58
CA ASP D 365 25.00 7.76 27.45
C ASP D 365 25.75 6.44 27.48
N GLU D 366 25.10 5.36 27.95
CA GLU D 366 25.70 4.04 27.93
C GLU D 366 25.44 3.31 26.62
N ALA D 367 24.24 3.47 26.04
CA ALA D 367 23.84 2.75 24.84
C ALA D 367 23.88 3.58 23.57
N GLY D 368 23.67 4.89 23.68
CA GLY D 368 23.65 5.75 22.53
C GLY D 368 22.24 6.01 22.02
N PRO D 369 22.12 6.71 20.90
CA PRO D 369 20.78 7.01 20.36
C PRO D 369 19.98 5.77 20.01
N SER D 370 20.63 4.64 19.76
CA SER D 370 19.93 3.42 19.36
C SER D 370 19.08 2.85 20.48
N ILE D 371 19.24 3.33 21.72
CA ILE D 371 18.43 2.81 22.83
C ILE D 371 16.95 2.98 22.54
N VAL D 372 16.59 4.01 21.77
CA VAL D 372 15.18 4.29 21.52
C VAL D 372 14.52 3.11 20.82
N HIS D 373 15.29 2.35 20.04
CA HIS D 373 14.71 1.23 19.31
C HIS D 373 14.40 0.06 20.23
N ARG D 374 15.13 -0.07 21.34
CA ARG D 374 14.87 -1.16 22.27
C ARG D 374 13.84 -0.76 23.32
N LYS D 375 13.97 0.45 23.88
CA LYS D 375 13.09 0.85 24.98
C LYS D 375 11.69 1.17 24.48
N CYS D 376 11.58 1.85 23.35
CA CYS D 376 10.29 2.28 22.80
C CYS D 376 9.81 1.29 21.76
N PHE D 377 8.56 1.46 21.35
CA PHE D 377 7.94 0.62 20.32
C PHE D 377 8.89 0.39 19.15
N THR E 8 3.00 -31.67 -30.96
CA THR E 8 3.86 -31.38 -29.82
C THR E 8 3.07 -30.72 -28.70
N ALA E 9 3.38 -31.09 -27.46
CA ALA E 9 2.64 -30.58 -26.32
C ALA E 9 3.25 -29.30 -25.79
N LEU E 10 2.39 -28.43 -25.27
CA LEU E 10 2.82 -27.18 -24.64
C LEU E 10 2.86 -27.37 -23.13
N VAL E 11 3.92 -26.85 -22.51
CA VAL E 11 4.09 -26.91 -21.06
C VAL E 11 4.02 -25.48 -20.56
N CYS E 12 2.97 -25.16 -19.82
CA CYS E 12 2.75 -23.81 -19.28
C CYS E 12 2.74 -23.92 -17.76
N ASP E 13 3.79 -23.42 -17.12
CA ASP E 13 3.91 -23.43 -15.67
C ASP E 13 3.45 -22.07 -15.15
N ASN E 14 2.15 -21.96 -14.90
CA ASN E 14 1.56 -20.69 -14.47
C ASN E 14 1.81 -20.52 -12.98
N GLY E 15 2.94 -19.93 -12.64
CA GLY E 15 3.22 -19.58 -11.28
C GLY E 15 2.54 -18.29 -10.87
N SER E 16 2.61 -18.01 -9.57
CA SER E 16 2.02 -16.77 -9.06
C SER E 16 2.73 -15.55 -9.63
N GLY E 17 4.04 -15.61 -9.79
CA GLY E 17 4.81 -14.47 -10.25
C GLY E 17 5.12 -14.49 -11.74
N LEU E 18 5.59 -15.62 -12.25
CA LEU E 18 6.06 -15.72 -13.62
C LEU E 18 5.22 -16.72 -14.40
N VAL E 19 5.33 -16.64 -15.73
CA VAL E 19 4.75 -17.61 -16.64
C VAL E 19 5.90 -18.26 -17.40
N LYS E 20 6.19 -19.51 -17.09
CA LYS E 20 7.17 -20.28 -17.83
C LYS E 20 6.43 -21.16 -18.83
N ALA E 21 6.61 -20.86 -20.11
CA ALA E 21 5.90 -21.56 -21.18
C ALA E 21 6.89 -21.99 -22.24
N GLY E 22 6.57 -23.10 -22.90
CA GLY E 22 7.44 -23.62 -23.93
C GLY E 22 6.86 -24.89 -24.52
N PHE E 23 7.70 -25.64 -25.22
CA PHE E 23 7.30 -26.85 -25.90
C PHE E 23 7.90 -28.07 -25.21
N ALA E 24 7.07 -29.09 -25.01
CA ALA E 24 7.55 -30.32 -24.39
C ALA E 24 8.69 -30.90 -25.21
N GLY E 25 9.75 -31.33 -24.52
CA GLY E 25 10.93 -31.86 -25.15
C GLY E 25 12.07 -30.87 -25.25
N ASP E 26 11.80 -29.58 -25.09
CA ASP E 26 12.85 -28.58 -25.07
C ASP E 26 13.54 -28.55 -23.71
N ASP E 27 14.71 -27.92 -23.68
CA ASP E 27 15.51 -27.89 -22.46
C ASP E 27 15.12 -26.75 -21.53
N ALA E 28 14.62 -25.64 -22.06
CA ALA E 28 14.23 -24.50 -21.24
C ALA E 28 12.96 -23.90 -21.82
N PRO E 29 12.15 -23.22 -21.01
CA PRO E 29 10.93 -22.60 -21.53
C PRO E 29 11.25 -21.55 -22.58
N ARG E 30 10.42 -21.51 -23.63
CA ARG E 30 10.60 -20.52 -24.68
C ARG E 30 10.30 -19.11 -24.17
N ALA E 31 9.22 -18.96 -23.41
CA ALA E 31 8.76 -17.65 -22.96
C ALA E 31 8.71 -17.63 -21.43
N VAL E 32 9.38 -16.65 -20.84
CA VAL E 32 9.36 -16.41 -19.40
C VAL E 32 9.10 -14.93 -19.19
N PHE E 33 7.88 -14.58 -18.79
CA PHE E 33 7.49 -13.19 -18.61
C PHE E 33 6.65 -13.09 -17.35
N PRO E 34 6.58 -11.90 -16.73
CA PRO E 34 5.80 -11.75 -15.51
C PRO E 34 4.32 -12.03 -15.74
N SER E 35 3.67 -12.57 -14.72
CA SER E 35 2.24 -12.86 -14.77
C SER E 35 1.46 -11.68 -14.20
N ILE E 36 1.50 -10.58 -14.95
CA ILE E 36 0.88 -9.33 -14.54
C ILE E 36 0.03 -8.78 -15.67
N VAL E 37 -1.10 -8.18 -15.32
CA VAL E 37 -1.91 -7.40 -16.25
C VAL E 37 -1.93 -5.97 -15.75
N GLY E 38 -1.47 -5.04 -16.59
CA GLY E 38 -1.39 -3.64 -16.24
C GLY E 38 -2.43 -2.84 -17.01
N ARG E 39 -3.04 -1.87 -16.33
CA ARG E 39 -4.03 -1.00 -16.93
C ARG E 39 -3.66 0.45 -16.65
N PRO E 40 -3.86 1.35 -17.60
CA PRO E 40 -3.48 2.76 -17.37
C PRO E 40 -4.27 3.34 -16.20
N ARG E 41 -3.58 4.08 -15.35
CA ARG E 41 -4.19 4.78 -14.23
C ARG E 41 -4.15 6.29 -14.38
N HIS E 42 -3.68 6.79 -15.52
CA HIS E 42 -3.60 8.21 -15.80
C HIS E 42 -4.47 8.54 -17.01
N GLN E 43 -4.48 9.82 -17.39
CA GLN E 43 -5.48 10.36 -18.30
C GLN E 43 -4.92 10.56 -19.70
N GLY E 44 -5.77 10.28 -20.69
CA GLY E 44 -5.54 10.77 -22.04
C GLY E 44 -4.14 10.50 -22.54
N VAL E 45 -3.61 11.44 -23.33
CA VAL E 45 -4.22 12.67 -23.85
C VAL E 45 -3.95 12.82 -25.35
N MET E 46 -3.10 11.95 -25.88
CA MET E 46 -2.75 11.99 -27.30
C MET E 46 -3.54 10.94 -28.06
N VAL E 47 -3.99 11.30 -29.26
CA VAL E 47 -4.89 10.45 -30.02
C VAL E 47 -4.11 9.49 -30.91
N GLY E 48 -2.95 9.90 -31.40
CA GLY E 48 -2.23 9.12 -32.40
C GLY E 48 -1.68 7.80 -31.89
N MET E 49 -1.34 7.73 -30.60
CA MET E 49 -0.61 6.56 -30.10
C MET E 49 -1.41 5.26 -30.18
N GLY E 50 -2.72 5.31 -30.00
CA GLY E 50 -3.56 4.13 -30.00
C GLY E 50 -4.17 3.79 -28.65
N GLN E 51 -3.39 3.92 -27.58
CA GLN E 51 -3.91 3.78 -26.21
C GLN E 51 -4.61 2.43 -26.00
N LYS E 52 -3.80 1.38 -26.10
CA LYS E 52 -4.29 0.05 -25.75
C LYS E 52 -4.75 0.02 -24.30
N ASP E 53 -5.87 -0.66 -24.05
CA ASP E 53 -6.53 -0.58 -22.76
C ASP E 53 -5.94 -1.50 -21.71
N SER E 54 -5.07 -2.44 -22.09
CA SER E 54 -4.50 -3.37 -21.13
C SER E 54 -3.21 -3.94 -21.68
N TYR E 55 -2.23 -4.14 -20.80
CA TYR E 55 -0.93 -4.67 -21.16
C TYR E 55 -0.64 -5.91 -20.32
N VAL E 56 0.08 -6.85 -20.92
CA VAL E 56 0.32 -8.16 -20.32
C VAL E 56 1.81 -8.45 -20.32
N GLY E 57 2.32 -8.89 -19.17
CA GLY E 57 3.65 -9.46 -19.14
C GLY E 57 4.74 -8.41 -19.27
N ASP E 58 5.68 -8.67 -20.18
CA ASP E 58 6.83 -7.79 -20.32
C ASP E 58 6.42 -6.39 -20.71
N GLU E 59 5.44 -6.27 -21.61
CA GLU E 59 4.96 -4.94 -22.00
C GLU E 59 4.44 -4.17 -20.79
N ALA E 60 3.64 -4.82 -19.95
CA ALA E 60 3.15 -4.16 -18.75
C ALA E 60 4.30 -3.80 -17.82
N GLN E 61 5.34 -4.64 -17.79
CA GLN E 61 6.50 -4.36 -16.95
C GLN E 61 7.27 -3.15 -17.45
N SER E 62 7.34 -2.96 -18.77
CA SER E 62 8.07 -1.84 -19.32
C SER E 62 7.32 -0.52 -19.14
N LYS E 63 6.00 -0.56 -19.22
CA LYS E 63 5.17 0.63 -19.08
C LYS E 63 4.60 0.81 -17.68
N ARG E 64 5.17 0.12 -16.69
CA ARG E 64 4.56 0.08 -15.36
C ARG E 64 4.44 1.48 -14.74
N GLY E 65 5.22 2.45 -15.21
CA GLY E 65 5.18 3.77 -14.61
C GLY E 65 3.80 4.41 -14.71
N ILE E 66 3.06 4.12 -15.76
CA ILE E 66 1.73 4.68 -15.98
C ILE E 66 0.65 3.60 -15.92
N LEU E 67 0.92 2.49 -15.24
CA LEU E 67 -0.01 1.37 -15.14
C LEU E 67 -0.20 0.98 -13.68
N THR E 68 -1.36 0.39 -13.40
CA THR E 68 -1.62 -0.30 -12.15
C THR E 68 -1.47 -1.79 -12.39
N LEU E 69 -0.39 -2.37 -11.86
CA LEU E 69 -0.08 -3.78 -12.09
C LEU E 69 -0.93 -4.64 -11.17
N LYS E 70 -1.48 -5.73 -11.74
CA LYS E 70 -2.31 -6.67 -11.00
C LYS E 70 -1.82 -8.07 -11.27
N TYR E 71 -1.68 -8.88 -10.22
CA TYR E 71 -1.37 -10.29 -10.37
C TYR E 71 -2.67 -11.09 -10.33
N PRO E 72 -3.06 -11.76 -11.42
CA PRO E 72 -4.30 -12.56 -11.37
C PRO E 72 -4.19 -13.80 -10.51
N ILE E 73 -2.98 -14.21 -10.13
CA ILE E 73 -2.78 -15.37 -9.27
C ILE E 73 -2.24 -14.87 -7.94
N GLU E 74 -2.93 -15.21 -6.85
CA GLU E 74 -2.51 -14.81 -5.52
C GLU E 74 -2.34 -16.03 -4.64
N HIC E 75 -1.12 -16.23 -4.16
CA HIC E 75 -0.74 -17.41 -3.40
C HIC E 75 -1.31 -18.66 -4.04
O HIC E 75 -2.09 -19.43 -3.49
CB HIC E 75 -1.14 -17.41 -1.92
CG HIC E 75 -2.47 -16.84 -1.62
ND1 HIC E 75 -3.69 -17.54 -1.72
CD2 HIC E 75 -2.71 -15.53 -1.16
CE1 HIC E 75 -4.64 -16.66 -1.35
NE2 HIC E 75 -4.09 -15.42 -0.99
CZ HIC E 75 -4.79 -14.27 -0.55
H HIC E 75 -0.35 -15.60 -4.27
HA HIC E 75 0.39 -17.48 -3.45
HB2 HIC E 75 -1.11 -18.48 -1.55
HB3 HIC E 75 -0.37 -16.84 -1.33
HD2 HIC E 75 -2.03 -14.71 -0.95
HE1 HIC E 75 -5.71 -16.87 -1.32
HZ1 HIC E 75 -5.85 -14.29 -0.92
HZ2 HIC E 75 -4.81 -14.24 0.57
HZ3 HIC E 75 -4.30 -13.35 -0.93
N GLY E 76 -0.89 -18.87 -5.29
CA GLY E 76 -1.17 -20.10 -6.01
C GLY E 76 -2.56 -20.23 -6.60
N ILE E 77 -3.46 -19.32 -6.24
CA ILE E 77 -4.87 -19.39 -6.61
C ILE E 77 -5.16 -18.29 -7.62
N ILE E 78 -5.81 -18.66 -8.72
CA ILE E 78 -6.25 -17.67 -9.71
C ILE E 78 -7.44 -16.92 -9.13
N THR E 79 -7.30 -15.60 -9.00
CA THR E 79 -8.35 -14.77 -8.42
C THR E 79 -9.03 -13.87 -9.44
N ASN E 80 -8.44 -13.68 -10.61
CA ASN E 80 -9.01 -12.86 -11.67
C ASN E 80 -8.98 -13.68 -12.95
N TRP E 81 -10.08 -14.36 -13.27
CA TRP E 81 -10.10 -15.26 -14.41
C TRP E 81 -10.14 -14.50 -15.73
N ASP E 82 -10.67 -13.29 -15.74
CA ASP E 82 -10.63 -12.48 -16.96
C ASP E 82 -9.20 -12.08 -17.29
N ASP E 83 -8.43 -11.68 -16.28
CA ASP E 83 -7.02 -11.33 -16.50
C ASP E 83 -6.19 -12.59 -16.77
N MET E 84 -6.52 -13.69 -16.10
CA MET E 84 -5.78 -14.93 -16.34
C MET E 84 -5.99 -15.40 -17.77
N GLU E 85 -7.20 -15.25 -18.29
CA GLU E 85 -7.44 -15.57 -19.70
C GLU E 85 -6.61 -14.67 -20.60
N LYS E 86 -6.44 -13.40 -20.22
CA LYS E 86 -5.57 -12.51 -20.98
C LYS E 86 -4.14 -13.01 -20.99
N ILE E 87 -3.64 -13.45 -19.84
CA ILE E 87 -2.27 -13.93 -19.78
C ILE E 87 -2.09 -15.20 -20.60
N TRP E 88 -3.04 -16.13 -20.50
CA TRP E 88 -2.96 -17.35 -21.31
C TRP E 88 -3.04 -17.03 -22.79
N HIS E 89 -3.94 -16.12 -23.18
CA HIS E 89 -4.01 -15.71 -24.58
C HIS E 89 -2.70 -15.07 -25.02
N HIS E 90 -2.09 -14.26 -24.16
CA HIS E 90 -0.81 -13.67 -24.49
C HIS E 90 0.26 -14.73 -24.67
N THR E 91 0.23 -15.77 -23.84
CA THR E 91 1.24 -16.82 -23.92
C THR E 91 1.14 -17.58 -25.23
N PHE E 92 -0.06 -18.05 -25.57
CA PHE E 92 -0.23 -18.90 -26.75
C PHE E 92 0.03 -18.12 -28.03
N TYR E 93 -0.57 -16.95 -28.19
CA TYR E 93 -0.58 -16.26 -29.47
C TYR E 93 0.57 -15.29 -29.64
N ASN E 94 0.97 -14.58 -28.58
CA ASN E 94 1.97 -13.54 -28.70
C ASN E 94 3.36 -13.96 -28.26
N GLU E 95 3.47 -15.03 -27.45
CA GLU E 95 4.76 -15.48 -26.94
C GLU E 95 5.22 -16.78 -27.59
N LEU E 96 4.33 -17.77 -27.65
CA LEU E 96 4.65 -19.03 -28.32
C LEU E 96 4.22 -19.04 -29.78
N ARG E 97 3.28 -18.17 -30.16
CA ARG E 97 2.81 -18.07 -31.54
C ARG E 97 2.37 -19.43 -32.07
N VAL E 98 1.48 -20.06 -31.30
CA VAL E 98 0.94 -21.36 -31.65
C VAL E 98 -0.58 -21.28 -31.63
N ALA E 99 -1.21 -22.20 -32.36
CA ALA E 99 -2.65 -22.38 -32.27
C ALA E 99 -2.93 -23.43 -31.20
N PRO E 100 -3.54 -23.05 -30.07
CA PRO E 100 -3.72 -24.05 -29.00
C PRO E 100 -4.58 -25.23 -29.41
N GLU E 101 -5.35 -25.10 -30.49
CA GLU E 101 -6.18 -26.21 -30.95
C GLU E 101 -5.34 -27.39 -31.44
N GLU E 102 -4.05 -27.17 -31.71
CA GLU E 102 -3.20 -28.21 -32.28
C GLU E 102 -2.24 -28.84 -31.29
N HIS E 103 -2.17 -28.34 -30.05
CA HIS E 103 -1.18 -28.79 -29.09
C HIS E 103 -1.85 -29.15 -27.77
N PRO E 104 -1.66 -30.36 -27.25
CA PRO E 104 -2.07 -30.63 -25.87
C PRO E 104 -1.23 -29.83 -24.90
N THR E 105 -1.90 -29.26 -23.89
CA THR E 105 -1.27 -28.31 -22.98
C THR E 105 -1.18 -28.93 -21.60
N LEU E 106 0.02 -28.94 -21.03
CA LEU E 106 0.26 -29.43 -19.67
C LEU E 106 0.37 -28.24 -18.73
N LEU E 107 -0.60 -28.11 -17.83
CA LEU E 107 -0.61 -27.05 -16.83
C LEU E 107 -0.09 -27.58 -15.50
N THR E 108 0.15 -26.64 -14.59
CA THR E 108 0.67 -26.98 -13.26
C THR E 108 -0.06 -26.14 -12.22
N GLU E 109 -0.10 -26.66 -11.00
CA GLU E 109 -0.66 -25.93 -9.88
C GLU E 109 -0.13 -26.53 -8.58
N ALA E 110 -0.26 -25.77 -7.50
CA ALA E 110 0.25 -26.22 -6.22
C ALA E 110 -0.74 -27.20 -5.57
N PRO E 111 -0.25 -28.08 -4.70
CA PRO E 111 -1.15 -28.99 -3.99
C PRO E 111 -1.98 -28.25 -2.94
N LEU E 112 -3.09 -28.88 -2.57
CA LEU E 112 -4.02 -28.33 -1.58
C LEU E 112 -4.63 -27.02 -2.06
N ASN E 113 -4.71 -26.84 -3.38
CA ASN E 113 -5.41 -25.70 -3.95
C ASN E 113 -6.91 -25.94 -3.93
N PRO E 114 -7.71 -24.88 -4.04
CA PRO E 114 -9.15 -25.07 -4.22
C PRO E 114 -9.43 -25.86 -5.49
N LYS E 115 -10.41 -26.75 -5.40
CA LYS E 115 -10.73 -27.60 -6.55
C LYS E 115 -11.38 -26.82 -7.67
N ALA E 116 -12.03 -25.69 -7.33
CA ALA E 116 -12.61 -24.85 -8.37
C ALA E 116 -11.53 -24.26 -9.27
N ASN E 117 -10.35 -23.96 -8.73
CA ASN E 117 -9.25 -23.49 -9.56
C ASN E 117 -8.89 -24.53 -10.61
N ARG E 118 -8.67 -25.77 -10.18
CA ARG E 118 -8.36 -26.85 -11.12
C ARG E 118 -9.46 -27.01 -12.16
N GLU E 119 -10.72 -27.02 -11.72
CA GLU E 119 -11.82 -27.21 -12.66
C GLU E 119 -11.89 -26.08 -13.68
N LYS E 120 -11.77 -24.84 -13.23
CA LYS E 120 -11.89 -23.71 -14.13
C LYS E 120 -10.72 -23.63 -15.10
N MET E 121 -9.52 -24.04 -14.67
CA MET E 121 -8.42 -24.15 -15.62
C MET E 121 -8.77 -25.12 -16.74
N THR E 122 -9.37 -26.26 -16.39
CA THR E 122 -9.76 -27.23 -17.40
C THR E 122 -10.85 -26.68 -18.30
N GLN E 123 -11.84 -26.00 -17.72
CA GLN E 123 -12.96 -25.49 -18.51
C GLN E 123 -12.49 -24.46 -19.53
N ILE E 124 -11.61 -23.55 -19.11
CA ILE E 124 -11.19 -22.47 -20.00
C ILE E 124 -10.32 -23.01 -21.13
N MET E 125 -9.44 -23.96 -20.83
CA MET E 125 -8.58 -24.53 -21.86
C MET E 125 -9.40 -25.21 -22.94
N PHE E 126 -10.44 -25.96 -22.55
CA PHE E 126 -11.22 -26.71 -23.53
C PHE E 126 -12.24 -25.85 -24.25
N GLU E 127 -12.81 -24.85 -23.57
CA GLU E 127 -13.92 -24.09 -24.12
C GLU E 127 -13.48 -22.83 -24.84
N THR E 128 -12.54 -22.06 -24.28
CA THR E 128 -12.10 -20.84 -24.91
C THR E 128 -10.87 -21.02 -25.81
N PHE E 129 -9.98 -21.95 -25.47
CA PHE E 129 -8.80 -22.21 -26.27
C PHE E 129 -8.90 -23.49 -27.08
N ASN E 130 -9.89 -24.34 -26.81
CA ASN E 130 -10.18 -25.51 -27.64
C ASN E 130 -8.95 -26.39 -27.84
N VAL E 131 -8.20 -26.61 -26.77
CA VAL E 131 -7.03 -27.50 -26.86
C VAL E 131 -7.51 -28.93 -27.08
N PRO E 132 -6.79 -29.74 -27.86
CA PRO E 132 -7.22 -31.14 -28.03
C PRO E 132 -7.24 -31.92 -26.72
N ALA E 133 -6.29 -31.65 -25.84
CA ALA E 133 -6.22 -32.33 -24.55
C ALA E 133 -5.39 -31.48 -23.61
N MET E 134 -5.51 -31.75 -22.32
CA MET E 134 -4.76 -31.00 -21.32
C MET E 134 -4.51 -31.89 -20.11
N TYR E 135 -3.68 -31.40 -19.20
CA TYR E 135 -3.34 -32.13 -17.99
C TYR E 135 -2.82 -31.13 -16.95
N VAL E 136 -3.22 -31.31 -15.71
CA VAL E 136 -2.78 -30.47 -14.60
C VAL E 136 -1.92 -31.33 -13.68
N ALA E 137 -0.67 -30.92 -13.50
CA ALA E 137 0.28 -31.62 -12.66
C ALA E 137 0.61 -30.80 -11.43
N ILE E 138 1.17 -31.46 -10.42
CA ILE E 138 1.60 -30.81 -9.20
C ILE E 138 3.03 -30.33 -9.39
N GLN E 139 3.29 -29.07 -9.02
CA GLN E 139 4.60 -28.48 -9.28
C GLN E 139 5.71 -29.25 -8.57
N ALA E 140 5.45 -29.70 -7.34
CA ALA E 140 6.46 -30.46 -6.61
C ALA E 140 6.81 -31.75 -7.33
N VAL E 141 5.81 -32.45 -7.84
CA VAL E 141 6.06 -33.72 -8.54
C VAL E 141 6.93 -33.48 -9.76
N LEU E 142 6.62 -32.43 -10.53
CA LEU E 142 7.38 -32.16 -11.75
C LEU E 142 8.85 -31.88 -11.44
N SER E 143 9.12 -31.13 -10.37
CA SER E 143 10.50 -30.84 -10.00
C SER E 143 11.29 -32.13 -9.81
N LEU E 144 10.65 -33.17 -9.27
CA LEU E 144 11.33 -34.45 -9.13
C LEU E 144 11.67 -35.05 -10.49
N TYR E 145 10.75 -34.96 -11.45
CA TYR E 145 11.06 -35.38 -12.81
C TYR E 145 12.29 -34.64 -13.33
N ALA E 146 12.34 -33.33 -13.10
CA ALA E 146 13.48 -32.54 -13.56
C ALA E 146 14.78 -33.00 -12.92
N SER E 147 14.78 -33.22 -11.62
CA SER E 147 15.97 -33.72 -10.93
C SER E 147 16.33 -35.14 -11.36
N GLY E 148 15.37 -35.88 -11.92
CA GLY E 148 15.66 -37.21 -12.39
C GLY E 148 15.55 -38.29 -11.35
N ARG E 149 15.00 -37.97 -10.18
CA ARG E 149 14.82 -38.94 -9.11
C ARG E 149 13.39 -39.47 -9.10
N THR E 150 13.20 -40.56 -8.37
CA THR E 150 11.88 -41.06 -8.05
C THR E 150 11.59 -41.03 -6.55
N THR E 151 12.57 -40.69 -5.74
CA THR E 151 12.43 -40.57 -4.30
C THR E 151 13.02 -39.25 -3.84
N GLY E 152 12.37 -38.62 -2.88
CA GLY E 152 12.84 -37.37 -2.32
C GLY E 152 11.69 -36.47 -1.95
N ILE E 153 11.96 -35.55 -1.03
CA ILE E 153 10.99 -34.56 -0.58
C ILE E 153 11.32 -33.25 -1.24
N VAL E 154 10.38 -32.71 -2.00
CA VAL E 154 10.58 -31.49 -2.78
C VAL E 154 10.09 -30.30 -1.98
N LEU E 155 10.93 -29.29 -1.84
CA LEU E 155 10.54 -28.01 -1.24
C LEU E 155 10.44 -27.00 -2.38
N ASP E 156 9.23 -26.79 -2.87
CA ASP E 156 8.98 -25.88 -3.99
C ASP E 156 8.44 -24.57 -3.44
N SER E 157 9.16 -23.48 -3.70
CA SER E 157 8.76 -22.15 -3.23
C SER E 157 8.88 -21.18 -4.39
N GLY E 158 7.74 -20.67 -4.85
CA GLY E 158 7.73 -19.67 -5.91
C GLY E 158 7.36 -18.31 -5.38
N ASP E 159 6.62 -17.54 -6.17
CA ASP E 159 6.16 -16.23 -5.73
C ASP E 159 4.99 -16.32 -4.77
N GLY E 160 4.15 -17.34 -4.90
CA GLY E 160 2.90 -17.39 -4.17
C GLY E 160 2.84 -18.31 -2.97
N VAL E 161 3.34 -19.54 -3.11
CA VAL E 161 3.13 -20.56 -2.08
C VAL E 161 4.36 -21.45 -2.00
N THR E 162 4.65 -21.92 -0.79
CA THR E 162 5.71 -22.88 -0.54
C THR E 162 5.08 -24.18 -0.04
N HIS E 163 5.36 -25.28 -0.73
CA HIS E 163 4.76 -26.56 -0.40
C HIS E 163 5.81 -27.66 -0.42
N ASN E 164 5.61 -28.64 0.46
CA ASN E 164 6.46 -29.82 0.56
C ASN E 164 5.67 -31.05 0.14
N VAL E 165 6.28 -31.89 -0.70
CA VAL E 165 5.64 -33.11 -1.16
C VAL E 165 6.65 -34.26 -1.05
N PRO E 166 6.55 -35.13 -0.04
CA PRO E 166 7.48 -36.27 0.03
C PRO E 166 7.05 -37.38 -0.92
N ILE E 167 8.00 -37.85 -1.71
CA ILE E 167 7.77 -38.91 -2.70
C ILE E 167 8.84 -39.97 -2.52
N TYR E 168 8.41 -41.24 -2.48
CA TYR E 168 9.31 -42.37 -2.31
C TYR E 168 8.98 -43.43 -3.34
N GLU E 169 9.93 -43.74 -4.21
CA GLU E 169 9.75 -44.74 -5.26
C GLU E 169 8.54 -44.40 -6.13
N GLY E 170 8.34 -43.10 -6.36
CA GLY E 170 7.25 -42.64 -7.17
C GLY E 170 5.92 -42.55 -6.46
N TYR E 171 5.86 -42.90 -5.17
CA TYR E 171 4.62 -42.85 -4.40
C TYR E 171 4.64 -41.62 -3.50
N ALA E 172 3.61 -40.80 -3.63
CA ALA E 172 3.45 -39.63 -2.78
C ALA E 172 2.67 -39.99 -1.52
N LEU E 173 3.02 -39.33 -0.43
CA LEU E 173 2.31 -39.51 0.83
C LEU E 173 1.46 -38.26 1.06
N PRO E 174 0.27 -38.18 0.47
CA PRO E 174 -0.49 -36.92 0.51
C PRO E 174 -0.77 -36.42 1.91
N HIS E 175 -0.96 -37.32 2.89
CA HIS E 175 -1.20 -36.87 4.25
C HIS E 175 -0.02 -36.11 4.82
N ALA E 176 1.17 -36.29 4.25
CA ALA E 176 2.37 -35.61 4.70
C ALA E 176 2.68 -34.36 3.88
N ILE E 177 1.83 -33.99 2.94
CA ILE E 177 2.07 -32.80 2.13
C ILE E 177 1.82 -31.56 2.98
N MET E 178 2.79 -30.65 2.98
CA MET E 178 2.70 -29.39 3.71
C MET E 178 2.63 -28.24 2.72
N ARG E 179 1.76 -27.27 3.01
CA ARG E 179 1.62 -26.07 2.19
C ARG E 179 1.80 -24.86 3.09
N LEU E 180 2.42 -23.82 2.54
CA LEU E 180 2.73 -22.61 3.31
C LEU E 180 2.51 -21.41 2.39
N ASP E 181 1.63 -20.50 2.79
CA ASP E 181 1.33 -19.32 1.99
C ASP E 181 2.37 -18.23 2.14
N LEU E 182 3.52 -18.54 2.72
CA LEU E 182 4.64 -17.60 2.79
C LEU E 182 5.60 -17.92 1.66
N ALA E 183 5.77 -16.98 0.73
CA ALA E 183 6.57 -17.21 -0.46
C ALA E 183 7.21 -15.90 -0.87
N GLY E 184 7.69 -15.83 -2.12
CA GLY E 184 8.45 -14.67 -2.56
C GLY E 184 7.70 -13.37 -2.42
N ARG E 185 6.43 -13.35 -2.83
CA ARG E 185 5.67 -12.10 -2.77
C ARG E 185 5.55 -11.60 -1.33
N ASP E 186 5.40 -12.51 -0.38
CA ASP E 186 5.40 -12.11 1.03
C ASP E 186 6.74 -11.53 1.43
N LEU E 187 7.83 -12.09 0.94
CA LEU E 187 9.15 -11.53 1.22
C LEU E 187 9.30 -10.16 0.58
N THR E 188 8.77 -9.98 -0.63
CA THR E 188 8.81 -8.67 -1.27
C THR E 188 8.07 -7.63 -0.43
N ASP E 189 6.89 -7.99 0.08
CA ASP E 189 6.15 -7.07 0.92
C ASP E 189 6.89 -6.75 2.21
N TYR E 190 7.53 -7.76 2.81
CA TYR E 190 8.28 -7.51 4.03
C TYR E 190 9.48 -6.61 3.77
N LEU E 191 10.17 -6.82 2.63
CA LEU E 191 11.29 -5.95 2.29
C LEU E 191 10.82 -4.51 2.11
N MET E 192 9.63 -4.32 1.55
CA MET E 192 9.06 -2.98 1.44
C MET E 192 8.87 -2.37 2.83
N LYS E 193 8.39 -3.16 3.79
CA LYS E 193 8.14 -2.63 5.13
C LYS E 193 9.43 -2.20 5.80
N ILE E 194 10.47 -3.04 5.73
CA ILE E 194 11.72 -2.75 6.44
C ILE E 194 12.62 -1.80 5.68
N LEU E 195 12.36 -1.57 4.38
CA LEU E 195 13.09 -0.53 3.67
C LEU E 195 12.68 0.86 4.11
N THR E 196 11.47 1.03 4.63
CA THR E 196 11.06 2.30 5.19
C THR E 196 11.87 2.66 6.43
N GLU E 197 12.50 1.67 7.07
CA GLU E 197 13.33 1.96 8.23
C GLU E 197 14.51 2.85 7.87
N ARG E 198 15.00 2.74 6.63
CA ARG E 198 16.10 3.56 6.16
C ARG E 198 15.64 4.78 5.37
N GLY E 199 14.33 5.02 5.29
CA GLY E 199 13.80 6.16 4.59
C GLY E 199 13.43 5.92 3.14
N TYR E 200 13.44 4.68 2.68
CA TYR E 200 13.08 4.34 1.31
C TYR E 200 11.62 3.86 1.33
N SER E 201 10.74 4.67 0.75
CA SER E 201 9.31 4.39 0.74
C SER E 201 8.91 3.93 -0.66
N PHE E 202 8.48 2.68 -0.76
CA PHE E 202 7.93 2.13 -1.99
C PHE E 202 6.48 1.73 -1.74
N VAL E 203 5.56 2.29 -2.52
CA VAL E 203 4.14 2.17 -2.25
C VAL E 203 3.40 1.58 -3.45
N THR E 204 3.59 2.17 -4.61
CA THR E 204 2.82 1.78 -5.78
C THR E 204 3.19 0.37 -6.23
N THR E 205 2.28 -0.24 -6.99
CA THR E 205 2.55 -1.57 -7.53
C THR E 205 3.77 -1.55 -8.43
N ALA E 206 3.97 -0.46 -9.16
CA ALA E 206 5.16 -0.33 -9.99
C ALA E 206 6.42 -0.37 -9.15
N GLU E 207 6.41 0.33 -8.00
CA GLU E 207 7.57 0.32 -7.12
C GLU E 207 7.74 -1.01 -6.41
N ARG E 208 6.67 -1.81 -6.32
CA ARG E 208 6.80 -3.15 -5.77
C ARG E 208 7.72 -3.99 -6.64
N GLU E 209 7.66 -3.81 -7.96
CA GLU E 209 8.57 -4.52 -8.86
C GLU E 209 10.01 -4.11 -8.60
N ILE E 210 10.25 -2.83 -8.33
CA ILE E 210 11.60 -2.37 -8.01
C ILE E 210 12.10 -3.06 -6.75
N VAL E 211 11.26 -3.14 -5.72
CA VAL E 211 11.65 -3.84 -4.50
C VAL E 211 11.86 -5.32 -4.78
N ARG E 212 11.08 -5.89 -5.68
CA ARG E 212 11.28 -7.29 -6.05
C ARG E 212 12.66 -7.49 -6.67
N ASP E 213 13.07 -6.58 -7.56
CA ASP E 213 14.39 -6.68 -8.17
C ASP E 213 15.49 -6.49 -7.13
N ILE E 214 15.31 -5.53 -6.22
CA ILE E 214 16.27 -5.34 -5.14
C ILE E 214 16.43 -6.63 -4.35
N LYS E 215 15.31 -7.23 -3.96
CA LYS E 215 15.36 -8.51 -3.27
C LYS E 215 16.14 -9.53 -4.10
N GLU E 216 15.74 -9.71 -5.35
CA GLU E 216 16.31 -10.77 -6.18
C GLU E 216 17.82 -10.67 -6.26
N LYS E 217 18.35 -9.47 -6.49
CA LYS E 217 19.79 -9.35 -6.74
C LYS E 217 20.58 -8.76 -5.59
N LEU E 218 19.99 -8.61 -4.39
CA LEU E 218 20.78 -8.23 -3.23
C LEU E 218 20.56 -9.09 -2.00
N CYS E 219 19.39 -9.72 -1.83
CA CYS E 219 19.12 -10.45 -0.61
C CYS E 219 19.78 -11.81 -0.63
N TYR E 220 20.11 -12.29 0.57
CA TYR E 220 20.75 -13.59 0.73
C TYR E 220 20.38 -14.15 2.09
N VAL E 221 20.56 -15.46 2.25
CA VAL E 221 20.22 -16.13 3.50
C VAL E 221 21.48 -16.22 4.36
N ALA E 222 21.39 -15.73 5.58
CA ALA E 222 22.48 -15.80 6.54
C ALA E 222 22.58 -17.20 7.11
N LEU E 223 23.81 -17.75 7.10
CA LEU E 223 24.01 -19.05 7.73
C LEU E 223 23.75 -18.98 9.22
N ASP E 224 24.20 -17.91 9.88
CA ASP E 224 23.94 -17.65 11.28
C ASP E 224 23.35 -16.25 11.40
N PHE E 225 22.05 -16.17 11.70
CA PHE E 225 21.38 -14.89 11.69
C PHE E 225 21.99 -13.93 12.71
N GLU E 226 22.20 -14.39 13.94
CA GLU E 226 22.72 -13.49 14.97
C GLU E 226 24.11 -12.99 14.62
N ASN E 227 24.96 -13.89 14.11
CA ASN E 227 26.31 -13.48 13.75
C ASN E 227 26.31 -12.42 12.66
N GLU E 228 25.46 -12.61 11.64
CA GLU E 228 25.34 -11.60 10.59
C GLU E 228 24.77 -10.31 11.14
N MET E 229 23.79 -10.38 12.04
CA MET E 229 23.23 -9.18 12.63
C MET E 229 24.30 -8.39 13.38
N ALA E 230 25.14 -9.09 14.15
CA ALA E 230 26.24 -8.42 14.84
C ALA E 230 27.21 -7.80 13.85
N THR E 231 27.51 -8.52 12.76
CA THR E 231 28.43 -8.00 11.76
C THR E 231 27.87 -6.73 11.11
N ALA E 232 26.59 -6.74 10.76
CA ALA E 232 25.99 -5.58 10.13
C ALA E 232 25.96 -4.39 11.06
N ALA E 233 25.82 -4.64 12.36
CA ALA E 233 25.80 -3.56 13.34
C ALA E 233 27.20 -3.01 13.58
N SER E 234 28.21 -3.88 13.59
CA SER E 234 29.56 -3.48 13.94
C SER E 234 30.38 -3.03 12.74
N SER E 235 29.88 -3.19 11.51
CA SER E 235 30.63 -2.74 10.34
C SER E 235 29.66 -2.45 9.22
N SER E 236 30.20 -1.87 8.14
CA SER E 236 29.45 -1.61 6.92
C SER E 236 29.85 -2.54 5.79
N SER E 237 30.53 -3.64 6.11
CA SER E 237 30.99 -4.57 5.09
C SER E 237 29.84 -5.26 4.37
N LEU E 238 28.68 -5.37 5.00
CA LEU E 238 27.53 -6.02 4.40
C LEU E 238 26.62 -5.07 3.65
N GLU E 239 26.91 -3.77 3.65
CA GLU E 239 26.05 -2.80 2.99
C GLU E 239 26.34 -2.76 1.50
N LYS E 240 25.28 -2.71 0.70
CA LYS E 240 25.38 -2.65 -0.75
C LYS E 240 24.43 -1.58 -1.28
N SER E 241 24.79 -1.02 -2.43
CA SER E 241 24.03 0.05 -3.06
C SER E 241 23.23 -0.49 -4.24
N TYR E 242 22.11 0.16 -4.50
CA TYR E 242 21.25 -0.20 -5.62
C TYR E 242 20.78 1.09 -6.29
N GLU E 243 20.82 1.12 -7.61
CA GLU E 243 20.43 2.30 -8.37
C GLU E 243 19.01 2.14 -8.86
N LEU E 244 18.13 3.04 -8.40
CA LEU E 244 16.73 3.02 -8.81
C LEU E 244 16.62 3.50 -10.26
N PRO E 245 15.49 3.24 -10.92
CA PRO E 245 15.37 3.62 -12.34
C PRO E 245 15.62 5.09 -12.61
N ASP E 246 15.30 5.97 -11.67
CA ASP E 246 15.46 7.40 -11.85
C ASP E 246 16.85 7.90 -11.49
N GLY E 247 17.75 7.01 -11.10
CA GLY E 247 19.12 7.37 -10.79
C GLY E 247 19.40 7.50 -9.31
N GLN E 248 18.37 7.52 -8.46
CA GLN E 248 18.59 7.55 -7.03
C GLN E 248 19.24 6.26 -6.57
N VAL E 249 20.15 6.37 -5.60
CA VAL E 249 20.90 5.23 -5.08
C VAL E 249 20.47 5.00 -3.64
N ILE E 250 20.09 3.75 -3.34
CA ILE E 250 19.70 3.35 -2.00
C ILE E 250 20.73 2.36 -1.47
N THR E 251 21.11 2.51 -0.20
CA THR E 251 22.07 1.64 0.45
C THR E 251 21.33 0.76 1.44
N ILE E 252 21.59 -0.54 1.38
CA ILE E 252 20.87 -1.54 2.14
C ILE E 252 21.86 -2.36 2.95
N GLY E 253 21.59 -2.52 4.23
CA GLY E 253 22.49 -3.24 5.13
C GLY E 253 21.97 -4.59 5.55
N ASN E 254 21.51 -4.69 6.81
CA ASN E 254 21.04 -5.97 7.32
C ASN E 254 19.70 -6.39 6.73
N GLU E 255 19.02 -5.49 6.00
CA GLU E 255 17.80 -5.89 5.31
C GLU E 255 18.08 -6.89 4.20
N ARG E 256 19.35 -7.04 3.79
CA ARG E 256 19.69 -7.99 2.75
C ARG E 256 19.37 -9.42 3.20
N PHE E 257 19.66 -9.74 4.46
CA PHE E 257 19.41 -11.08 4.98
C PHE E 257 18.25 -11.14 5.96
N ARG E 258 17.76 -9.99 6.45
CA ARG E 258 16.57 -10.03 7.29
C ARG E 258 15.33 -10.41 6.50
N CYS E 259 15.24 -9.99 5.25
CA CYS E 259 14.08 -10.35 4.43
C CYS E 259 14.00 -11.84 4.17
N PRO E 260 15.05 -12.51 3.67
CA PRO E 260 14.97 -13.98 3.53
C PRO E 260 14.82 -14.71 4.85
N GLU E 261 15.26 -14.11 5.96
CA GLU E 261 15.12 -14.76 7.26
C GLU E 261 13.68 -15.04 7.61
N THR E 262 12.73 -14.32 6.99
CA THR E 262 11.32 -14.60 7.23
C THR E 262 10.95 -16.02 6.83
N LEU E 263 11.67 -16.60 5.88
CA LEU E 263 11.40 -17.98 5.49
C LEU E 263 11.63 -18.94 6.65
N PHE E 264 12.57 -18.62 7.54
CA PHE E 264 12.89 -19.46 8.68
C PHE E 264 12.27 -18.97 9.98
N GLN E 265 11.81 -17.72 10.02
CA GLN E 265 11.11 -17.16 11.16
C GLN E 265 9.87 -16.42 10.67
N PRO E 266 8.84 -17.17 10.27
CA PRO E 266 7.65 -16.51 9.71
C PRO E 266 7.00 -15.51 10.65
N SER E 267 7.32 -15.56 11.95
CA SER E 267 6.79 -14.57 12.88
C SER E 267 7.26 -13.16 12.56
N PHE E 268 8.31 -13.01 11.75
CA PHE E 268 8.73 -11.69 11.31
C PHE E 268 7.57 -10.94 10.66
N ILE E 269 6.72 -11.66 9.94
CA ILE E 269 5.58 -11.07 9.25
C ILE E 269 4.26 -11.43 9.94
N GLY E 270 4.29 -11.69 11.24
CA GLY E 270 3.07 -11.99 11.97
C GLY E 270 2.38 -13.27 11.57
N MET E 271 3.15 -14.30 11.23
CA MET E 271 2.59 -15.59 10.81
C MET E 271 2.87 -16.62 11.90
N GLU E 272 1.81 -17.30 12.35
CA GLU E 272 1.91 -18.31 13.40
C GLU E 272 2.14 -19.68 12.78
N SER E 273 3.31 -19.83 12.17
CA SER E 273 3.67 -21.06 11.51
C SER E 273 5.18 -21.25 11.59
N ALA E 274 5.62 -22.49 11.39
CA ALA E 274 7.03 -22.81 11.45
C ALA E 274 7.72 -22.45 10.14
N GLY E 275 9.03 -22.28 10.22
CA GLY E 275 9.81 -21.96 9.04
C GLY E 275 9.86 -23.12 8.06
N ILE E 276 10.46 -22.84 6.90
CA ILE E 276 10.54 -23.87 5.86
C ILE E 276 11.38 -25.05 6.33
N HIS E 277 12.42 -24.80 7.12
CA HIS E 277 13.25 -25.89 7.63
C HIS E 277 12.43 -26.82 8.51
N GLU E 278 11.63 -26.25 9.42
CA GLU E 278 10.84 -27.08 10.32
C GLU E 278 9.66 -27.70 9.60
N THR E 279 9.06 -26.98 8.64
CA THR E 279 7.98 -27.55 7.85
C THR E 279 8.48 -28.75 7.06
N THR E 280 9.68 -28.66 6.48
CA THR E 280 10.27 -29.80 5.79
C THR E 280 10.48 -30.96 6.74
N TYR E 281 11.02 -30.69 7.93
CA TYR E 281 11.21 -31.74 8.92
C TYR E 281 9.88 -32.33 9.36
N ASN E 282 8.88 -31.48 9.58
CA ASN E 282 7.57 -31.96 10.00
C ASN E 282 6.95 -32.85 8.93
N SER E 283 7.14 -32.51 7.66
CA SER E 283 6.64 -33.38 6.59
C SER E 283 7.31 -34.74 6.64
N ILE E 284 8.64 -34.76 6.85
CA ILE E 284 9.36 -36.02 6.87
C ILE E 284 8.89 -36.89 8.05
N MET E 285 8.71 -36.28 9.22
CA MET E 285 8.29 -37.04 10.39
C MET E 285 6.85 -37.55 10.25
N LYS E 286 6.06 -36.96 9.36
CA LYS E 286 4.73 -37.49 9.09
C LYS E 286 4.76 -38.70 8.18
N CYS E 287 5.91 -39.03 7.60
CA CYS E 287 6.03 -40.14 6.67
C CYS E 287 6.41 -41.41 7.40
N ASP E 288 6.33 -42.53 6.68
CA ASP E 288 6.67 -43.82 7.26
C ASP E 288 8.13 -43.81 7.73
N ILE E 289 8.36 -44.39 8.91
CA ILE E 289 9.68 -44.34 9.52
C ILE E 289 10.74 -44.95 8.63
N ASP E 290 10.35 -45.89 7.77
CA ASP E 290 11.31 -46.61 6.94
C ASP E 290 11.83 -45.77 5.78
N ILE E 291 11.10 -44.77 5.31
CA ILE E 291 11.51 -43.96 4.18
C ILE E 291 12.13 -42.64 4.60
N ARG E 292 12.13 -42.33 5.90
CA ARG E 292 12.67 -41.05 6.35
C ARG E 292 14.14 -40.90 6.01
N LYS E 293 14.90 -42.00 6.08
CA LYS E 293 16.33 -41.91 5.79
C LYS E 293 16.57 -41.46 4.35
N ASP E 294 15.80 -41.99 3.40
CA ASP E 294 15.97 -41.59 2.01
C ASP E 294 15.45 -40.17 1.77
N LEU E 295 14.37 -39.78 2.46
CA LEU E 295 13.88 -38.42 2.35
C LEU E 295 14.92 -37.43 2.88
N TYR E 296 15.58 -37.76 3.99
CA TYR E 296 16.59 -36.86 4.55
C TYR E 296 17.70 -36.59 3.56
N ALA E 297 18.03 -37.57 2.72
CA ALA E 297 19.13 -37.46 1.78
C ALA E 297 18.71 -36.97 0.41
N ASN E 298 17.44 -36.61 0.23
CA ASN E 298 16.92 -36.21 -1.08
C ASN E 298 16.03 -34.98 -0.95
N ASN E 299 16.49 -33.99 -0.19
CA ASN E 299 15.78 -32.72 -0.08
C ASN E 299 16.00 -31.92 -1.35
N VAL E 300 14.99 -31.87 -2.21
CA VAL E 300 15.09 -31.21 -3.52
C VAL E 300 14.47 -29.82 -3.40
N MET E 301 15.25 -28.79 -3.70
CA MET E 301 14.78 -27.42 -3.68
C MET E 301 14.32 -27.02 -5.07
N SER E 302 13.22 -26.28 -5.14
CA SER E 302 12.64 -25.89 -6.42
C SER E 302 12.01 -24.51 -6.27
N GLY E 303 11.98 -23.77 -7.37
CA GLY E 303 11.32 -22.49 -7.43
C GLY E 303 12.29 -21.32 -7.26
N GLY E 304 11.82 -20.13 -7.64
CA GLY E 304 12.67 -18.96 -7.56
C GLY E 304 13.02 -18.57 -6.14
N THR E 305 12.09 -18.73 -5.22
CA THR E 305 12.32 -18.33 -3.83
C THR E 305 13.44 -19.12 -3.17
N THR E 306 13.86 -20.24 -3.76
CA THR E 306 14.99 -21.00 -3.27
C THR E 306 16.31 -20.57 -3.91
N MET E 307 16.32 -19.45 -4.62
CA MET E 307 17.51 -18.98 -5.31
C MET E 307 18.36 -18.03 -4.47
N TYR E 308 17.96 -17.74 -3.24
CA TYR E 308 18.77 -16.88 -2.40
C TYR E 308 20.14 -17.51 -2.16
N PRO E 309 21.23 -16.76 -2.29
CA PRO E 309 22.53 -17.33 -1.92
C PRO E 309 22.54 -17.78 -0.47
N GLY E 310 23.09 -18.97 -0.24
CA GLY E 310 23.24 -19.50 1.11
C GLY E 310 22.01 -20.16 1.68
N ILE E 311 20.90 -20.23 0.93
CA ILE E 311 19.70 -20.87 1.47
C ILE E 311 19.90 -22.37 1.59
N ALA E 312 20.56 -22.99 0.60
CA ALA E 312 20.81 -24.42 0.68
C ALA E 312 21.67 -24.77 1.89
N ASP E 313 22.72 -23.97 2.14
CA ASP E 313 23.54 -24.20 3.32
C ASP E 313 22.75 -23.99 4.60
N ARG E 314 21.89 -22.97 4.64
CA ARG E 314 21.07 -22.74 5.82
C ARG E 314 20.10 -23.89 6.05
N MET E 315 19.46 -24.38 4.99
CA MET E 315 18.54 -25.50 5.13
C MET E 315 19.27 -26.75 5.63
N GLN E 316 20.46 -27.00 5.11
CA GLN E 316 21.24 -28.15 5.57
C GLN E 316 21.56 -28.02 7.05
N LYS E 317 21.97 -26.84 7.49
CA LYS E 317 22.25 -26.62 8.91
C LYS E 317 20.98 -26.78 9.75
N GLU E 318 19.87 -26.21 9.28
CA GLU E 318 18.64 -26.21 10.07
C GLU E 318 18.05 -27.60 10.16
N ILE E 319 17.95 -28.30 9.02
CA ILE E 319 17.45 -29.66 9.03
C ILE E 319 18.35 -30.57 9.86
N THR E 320 19.67 -30.41 9.70
CA THR E 320 20.61 -31.22 10.45
C THR E 320 20.42 -31.03 11.95
N ALA E 321 19.99 -29.84 12.37
CA ALA E 321 19.78 -29.59 13.79
C ALA E 321 18.50 -30.23 14.31
N LEU E 322 17.56 -30.54 13.43
CA LEU E 322 16.30 -31.15 13.85
C LEU E 322 16.35 -32.67 13.78
N ALA E 323 16.95 -33.23 12.74
CA ALA E 323 16.99 -34.67 12.55
C ALA E 323 18.02 -35.30 13.48
N PRO E 324 17.90 -36.61 13.72
CA PRO E 324 18.90 -37.30 14.54
C PRO E 324 20.29 -37.18 13.93
N SER E 325 21.30 -37.13 14.80
CA SER E 325 22.66 -36.88 14.36
C SER E 325 23.17 -37.92 13.36
N THR E 326 22.65 -39.14 13.41
CA THR E 326 23.13 -40.19 12.51
C THR E 326 22.60 -40.06 11.09
N MET E 327 21.52 -39.30 10.89
CA MET E 327 20.96 -39.13 9.56
C MET E 327 21.85 -38.21 8.72
N LYS E 328 21.98 -38.53 7.44
CA LYS E 328 22.76 -37.74 6.50
C LYS E 328 21.81 -36.84 5.72
N ILE E 329 21.76 -35.57 6.07
CA ILE E 329 20.93 -34.59 5.38
C ILE E 329 21.68 -34.10 4.15
N LYS E 330 21.01 -34.15 2.99
CA LYS E 330 21.58 -33.66 1.74
C LYS E 330 20.53 -32.82 1.03
N ILE E 331 20.86 -31.56 0.77
CA ILE E 331 19.99 -30.64 0.05
C ILE E 331 20.43 -30.64 -1.41
N ILE E 332 19.48 -30.88 -2.31
CA ILE E 332 19.73 -30.88 -3.75
C ILE E 332 19.18 -29.58 -4.30
N ALA E 333 20.06 -28.69 -4.73
CA ALA E 333 19.69 -27.36 -5.22
C ALA E 333 20.34 -27.17 -6.59
N PRO E 334 19.70 -27.64 -7.65
CA PRO E 334 20.29 -27.48 -8.98
C PRO E 334 20.37 -26.02 -9.36
N PRO E 335 21.34 -25.66 -10.21
CA PRO E 335 21.40 -24.26 -10.66
C PRO E 335 20.16 -23.81 -11.40
N GLU E 336 19.50 -24.72 -12.13
CA GLU E 336 18.27 -24.41 -12.85
C GLU E 336 17.02 -24.75 -12.02
N ARG E 337 17.13 -24.72 -10.70
CA ARG E 337 15.98 -25.01 -9.86
C ARG E 337 14.88 -23.97 -10.01
N LYS E 338 15.19 -22.81 -10.60
CA LYS E 338 14.13 -21.85 -10.90
C LYS E 338 13.20 -22.35 -11.99
N TYR E 339 13.73 -23.11 -12.95
CA TYR E 339 12.93 -23.68 -14.03
C TYR E 339 12.76 -25.18 -13.90
N SER E 340 13.11 -25.76 -12.74
CA SER E 340 12.98 -27.21 -12.57
C SER E 340 11.56 -27.70 -12.80
N VAL E 341 10.56 -26.93 -12.34
CA VAL E 341 9.18 -27.36 -12.51
C VAL E 341 8.83 -27.47 -13.99
N TRP E 342 9.18 -26.43 -14.76
CA TRP E 342 8.90 -26.48 -16.19
C TRP E 342 9.68 -27.60 -16.87
N ILE E 343 10.93 -27.80 -16.46
CA ILE E 343 11.74 -28.85 -17.07
C ILE E 343 11.10 -30.21 -16.84
N GLY E 344 10.65 -30.45 -15.60
CA GLY E 344 9.98 -31.71 -15.31
C GLY E 344 8.69 -31.87 -16.09
N GLY E 345 7.91 -30.81 -16.19
CA GLY E 345 6.70 -30.86 -16.99
C GLY E 345 7.01 -31.20 -18.44
N SER E 346 8.10 -30.64 -18.97
CA SER E 346 8.52 -30.95 -20.32
C SER E 346 8.91 -32.42 -20.45
N ILE E 347 9.63 -32.95 -19.46
CA ILE E 347 9.97 -34.37 -19.47
C ILE E 347 8.70 -35.21 -19.42
N LEU E 348 7.79 -34.86 -18.52
CA LEU E 348 6.56 -35.65 -18.36
C LEU E 348 5.74 -35.64 -19.64
N ALA E 349 5.53 -34.46 -20.23
CA ALA E 349 4.73 -34.37 -21.44
C ALA E 349 5.40 -35.08 -22.63
N SER E 350 6.70 -35.36 -22.54
CA SER E 350 7.39 -36.01 -23.64
C SER E 350 7.36 -37.53 -23.53
N LEU E 351 7.06 -38.06 -22.35
CA LEU E 351 7.05 -39.51 -22.16
C LEU E 351 5.97 -40.15 -23.02
N SER E 352 6.33 -41.25 -23.70
CA SER E 352 5.34 -41.98 -24.48
C SER E 352 4.31 -42.65 -23.58
N THR E 353 4.74 -43.10 -22.40
CA THR E 353 3.82 -43.74 -21.46
C THR E 353 2.83 -42.74 -20.85
N PHE E 354 3.10 -41.44 -20.97
CA PHE E 354 2.21 -40.42 -20.45
C PHE E 354 1.09 -40.05 -21.42
N GLN E 355 1.17 -40.50 -22.68
CA GLN E 355 0.23 -40.04 -23.70
C GLN E 355 -1.19 -40.52 -23.45
N GLN E 356 -1.39 -41.52 -22.61
CA GLN E 356 -2.73 -41.97 -22.25
C GLN E 356 -3.28 -41.27 -21.01
N MET E 357 -2.48 -40.42 -20.36
CA MET E 357 -2.92 -39.72 -19.17
C MET E 357 -3.57 -38.38 -19.48
N TRP E 358 -3.50 -37.93 -20.73
CA TRP E 358 -4.11 -36.65 -21.09
C TRP E 358 -5.62 -36.68 -20.87
N ILE E 359 -6.16 -35.56 -20.41
CA ILE E 359 -7.60 -35.34 -20.48
C ILE E 359 -7.92 -34.86 -21.89
N THR E 360 -8.63 -35.68 -22.65
CA THR E 360 -8.93 -35.35 -24.03
C THR E 360 -10.24 -34.57 -24.11
N LYS E 361 -10.44 -33.91 -25.26
CA LYS E 361 -11.66 -33.15 -25.47
C LYS E 361 -12.89 -34.04 -25.36
N GLN E 362 -12.80 -35.26 -25.92
CA GLN E 362 -13.93 -36.18 -25.85
C GLN E 362 -14.29 -36.49 -24.41
N GLU E 363 -13.28 -36.77 -23.57
CA GLU E 363 -13.56 -37.07 -22.17
C GLU E 363 -14.20 -35.89 -21.46
N TYR E 364 -13.67 -34.68 -21.69
CA TYR E 364 -14.24 -33.50 -21.06
C TYR E 364 -15.70 -33.31 -21.47
N ASP E 365 -16.03 -33.62 -22.72
CA ASP E 365 -17.40 -33.46 -23.18
C ASP E 365 -18.36 -34.35 -22.40
N GLU E 366 -17.95 -35.60 -22.16
CA GLU E 366 -18.83 -36.52 -21.43
C GLU E 366 -18.91 -36.17 -19.95
N ALA E 367 -17.77 -35.88 -19.33
CA ALA E 367 -17.71 -35.69 -17.88
C ALA E 367 -17.70 -34.24 -17.44
N GLY E 368 -17.28 -33.32 -18.31
CA GLY E 368 -17.22 -31.93 -17.94
C GLY E 368 -15.94 -31.60 -17.18
N PRO E 369 -15.88 -30.39 -16.62
CA PRO E 369 -14.65 -29.98 -15.93
C PRO E 369 -14.32 -30.83 -14.71
N SER E 370 -15.29 -31.54 -14.14
CA SER E 370 -15.01 -32.38 -12.98
C SER E 370 -14.03 -33.51 -13.31
N ILE E 371 -13.83 -33.80 -14.59
CA ILE E 371 -12.94 -34.88 -14.99
C ILE E 371 -11.52 -34.66 -14.48
N VAL E 372 -11.13 -33.41 -14.27
CA VAL E 372 -9.74 -33.12 -13.90
C VAL E 372 -9.40 -33.76 -12.57
N HIS E 373 -10.35 -33.80 -11.63
CA HIS E 373 -10.07 -34.39 -10.33
C HIS E 373 -9.76 -35.87 -10.44
N ARG E 374 -10.50 -36.59 -11.30
CA ARG E 374 -10.32 -38.03 -11.39
C ARG E 374 -8.99 -38.38 -12.09
N LYS E 375 -8.68 -37.71 -13.19
CA LYS E 375 -7.55 -38.09 -14.02
C LYS E 375 -6.25 -37.36 -13.67
N CYS E 376 -6.28 -36.47 -12.68
CA CYS E 376 -5.07 -35.76 -12.27
C CYS E 376 -4.96 -35.78 -10.75
N PHE E 377 -3.73 -35.90 -10.25
CA PHE E 377 -3.49 -35.87 -8.82
C PHE E 377 -4.06 -34.59 -8.22
N THR F 8 -14.73 -35.15 50.72
CA THR F 8 -15.21 -35.60 49.43
C THR F 8 -14.04 -35.75 48.46
N ALA F 9 -14.27 -36.51 47.38
CA ALA F 9 -13.24 -36.82 46.40
C ALA F 9 -13.45 -36.04 45.13
N LEU F 10 -12.36 -35.53 44.56
CA LEU F 10 -12.38 -34.86 43.27
C LEU F 10 -12.21 -35.88 42.15
N VAL F 11 -13.02 -35.74 41.10
CA VAL F 11 -12.89 -36.55 39.90
C VAL F 11 -12.50 -35.62 38.77
N CYS F 12 -11.30 -35.81 38.23
CA CYS F 12 -10.77 -34.97 37.16
C CYS F 12 -10.43 -35.86 35.97
N ASP F 13 -11.27 -35.81 34.93
CA ASP F 13 -11.04 -36.57 33.71
C ASP F 13 -10.25 -35.67 32.75
N ASN F 14 -8.92 -35.84 32.76
CA ASN F 14 -8.02 -35.04 31.94
C ASN F 14 -7.97 -35.64 30.55
N GLY F 15 -8.88 -35.22 29.70
CA GLY F 15 -8.84 -35.62 28.31
C GLY F 15 -7.87 -34.79 27.51
N SER F 16 -7.61 -35.25 26.28
CA SER F 16 -6.72 -34.51 25.40
C SER F 16 -7.28 -33.14 25.04
N GLY F 17 -8.59 -33.04 24.84
CA GLY F 17 -9.20 -31.80 24.41
C GLY F 17 -9.85 -31.00 25.52
N LEU F 18 -10.54 -31.68 26.44
CA LEU F 18 -11.31 -31.03 27.48
C LEU F 18 -10.88 -31.51 28.86
N VAL F 19 -11.10 -30.67 29.86
CA VAL F 19 -10.94 -31.04 31.26
C VAL F 19 -12.34 -31.11 31.87
N LYS F 20 -12.71 -32.29 32.36
CA LYS F 20 -13.96 -32.48 33.08
C LYS F 20 -13.62 -32.74 34.54
N ALA F 21 -13.94 -31.77 35.40
CA ALA F 21 -13.59 -31.84 36.81
C ALA F 21 -14.82 -31.57 37.65
N GLY F 22 -14.86 -32.18 38.82
CA GLY F 22 -15.98 -32.02 39.71
C GLY F 22 -15.77 -32.78 41.00
N PHE F 23 -16.87 -33.05 41.70
CA PHE F 23 -16.84 -33.74 42.97
C PHE F 23 -17.52 -35.10 42.85
N ALA F 24 -16.90 -36.11 43.44
CA ALA F 24 -17.50 -37.45 43.44
C ALA F 24 -18.86 -37.41 44.11
N GLY F 25 -19.84 -38.07 43.48
CA GLY F 25 -21.20 -38.09 43.94
C GLY F 25 -22.15 -37.22 43.14
N ASP F 26 -21.62 -36.19 42.47
CA ASP F 26 -22.45 -35.37 41.61
C ASP F 26 -22.79 -36.11 40.33
N ASP F 27 -23.83 -35.63 39.65
CA ASP F 27 -24.31 -36.27 38.42
C ASP F 27 -23.66 -35.71 37.17
N ALA F 28 -22.90 -34.63 37.28
CA ALA F 28 -22.23 -34.03 36.12
C ALA F 28 -21.07 -33.19 36.61
N PRO F 29 -20.02 -33.03 35.81
CA PRO F 29 -18.86 -32.26 36.25
C PRO F 29 -19.22 -30.81 36.48
N ARG F 30 -18.59 -30.21 37.51
CA ARG F 30 -18.81 -28.80 37.79
C ARG F 30 -18.04 -27.89 36.84
N ALA F 31 -16.90 -28.34 36.34
CA ALA F 31 -16.05 -27.54 35.47
C ALA F 31 -15.75 -28.32 34.20
N VAL F 32 -16.03 -27.71 33.06
CA VAL F 32 -15.75 -28.30 31.75
C VAL F 32 -15.19 -27.19 30.87
N PHE F 33 -13.88 -27.18 30.68
CA PHE F 33 -13.20 -26.15 29.90
C PHE F 33 -12.16 -26.81 29.01
N PRO F 34 -11.76 -26.14 27.93
CA PRO F 34 -10.74 -26.72 27.06
C PRO F 34 -9.41 -26.89 27.77
N SER F 35 -8.70 -27.95 27.38
CA SER F 35 -7.39 -28.24 27.96
C SER F 35 -6.30 -27.60 27.09
N ILE F 36 -6.26 -26.27 27.13
CA ILE F 36 -5.35 -25.49 26.30
C ILE F 36 -4.65 -24.46 27.17
N VAL F 37 -3.42 -24.13 26.78
CA VAL F 37 -2.68 -23.00 27.34
C VAL F 37 -2.35 -22.07 26.20
N GLY F 38 -2.69 -20.79 26.36
CA GLY F 38 -2.49 -19.80 25.31
C GLY F 38 -1.38 -18.84 25.67
N ARG F 39 -0.46 -18.64 24.72
CA ARG F 39 0.65 -17.72 24.88
C ARG F 39 0.47 -16.56 23.90
N PRO F 40 0.59 -15.31 24.35
CA PRO F 40 0.50 -14.20 23.40
C PRO F 40 1.60 -14.30 22.34
N ARG F 41 1.23 -14.03 21.10
CA ARG F 41 2.16 -14.10 19.97
C ARG F 41 2.35 -12.76 19.27
N HIS F 42 1.72 -11.70 19.75
CA HIS F 42 1.87 -10.36 19.20
C HIS F 42 2.57 -9.47 20.22
N GLN F 43 2.70 -8.19 19.87
CA GLN F 43 3.59 -7.28 20.58
C GLN F 43 2.83 -6.32 21.48
N GLY F 44 3.35 -6.16 22.71
CA GLY F 44 3.05 -4.99 23.51
C GLY F 44 1.57 -4.73 23.67
N VAL F 45 1.17 -3.46 23.59
CA VAL F 45 1.98 -2.24 23.48
C VAL F 45 1.47 -1.19 24.45
N MET F 46 0.68 -1.60 25.45
CA MET F 46 0.05 -0.69 26.39
C MET F 46 0.47 -1.03 27.81
N VAL F 47 0.61 0.00 28.64
CA VAL F 47 0.98 -0.20 30.03
C VAL F 47 -0.20 -0.77 30.80
N GLY F 48 0.10 -1.70 31.70
CA GLY F 48 -0.94 -2.38 32.45
C GLY F 48 -1.71 -3.42 31.67
N MET F 49 -1.19 -3.88 30.54
CA MET F 49 -1.84 -4.90 29.74
C MET F 49 -0.80 -5.93 29.31
N GLY F 50 -1.28 -7.13 29.02
CA GLY F 50 -0.39 -8.22 28.64
C GLY F 50 0.57 -8.58 29.74
N GLN F 51 0.14 -8.49 31.00
CA GLN F 51 0.98 -8.85 32.13
C GLN F 51 0.84 -10.32 32.51
N LYS F 52 -0.07 -11.06 31.87
CA LYS F 52 -0.17 -12.50 32.05
C LYS F 52 0.56 -13.19 30.91
N ASP F 53 1.55 -14.01 31.24
CA ASP F 53 2.33 -14.71 30.24
C ASP F 53 1.60 -15.89 29.62
N SER F 54 0.47 -16.31 30.21
CA SER F 54 -0.27 -17.45 29.68
C SER F 54 -1.71 -17.38 30.18
N TYR F 55 -2.61 -17.95 29.37
CA TYR F 55 -4.01 -18.09 29.73
C TYR F 55 -4.40 -19.56 29.60
N VAL F 56 -5.29 -20.00 30.48
CA VAL F 56 -5.65 -21.41 30.59
C VAL F 56 -7.17 -21.56 30.43
N GLY F 57 -7.56 -22.50 29.58
CA GLY F 57 -8.97 -22.88 29.52
C GLY F 57 -9.80 -21.89 28.75
N ASP F 58 -10.96 -21.54 29.32
CA ASP F 58 -11.90 -20.68 28.61
C ASP F 58 -11.34 -19.29 28.39
N GLU F 59 -10.49 -18.82 29.29
CA GLU F 59 -9.84 -17.53 29.08
C GLU F 59 -8.98 -17.56 27.81
N ALA F 60 -8.21 -18.62 27.62
CA ALA F 60 -7.41 -18.75 26.40
C ALA F 60 -8.30 -18.88 25.17
N GLN F 61 -9.44 -19.55 25.32
CA GLN F 61 -10.35 -19.72 24.20
C GLN F 61 -10.93 -18.38 23.75
N SER F 62 -11.29 -17.53 24.70
CA SER F 62 -11.90 -16.24 24.36
C SER F 62 -10.87 -15.25 23.81
N LYS F 63 -9.63 -15.33 24.27
CA LYS F 63 -8.56 -14.44 23.80
C LYS F 63 -7.73 -15.06 22.68
N ARG F 64 -8.20 -16.17 22.10
CA ARG F 64 -7.36 -16.94 21.19
C ARG F 64 -6.90 -16.14 19.98
N GLY F 65 -7.59 -15.04 19.66
CA GLY F 65 -7.20 -14.24 18.50
C GLY F 65 -5.79 -13.71 18.57
N ILE F 66 -5.26 -13.50 19.77
CA ILE F 66 -3.91 -12.98 19.97
C ILE F 66 -2.99 -13.99 20.64
N LEU F 67 -3.43 -15.24 20.75
CA LEU F 67 -2.68 -16.27 21.46
C LEU F 67 -2.32 -17.41 20.52
N THR F 68 -1.23 -18.10 20.83
CA THR F 68 -0.93 -19.40 20.25
C THR F 68 -1.37 -20.47 21.22
N LEU F 69 -2.32 -21.31 20.80
CA LEU F 69 -2.92 -22.29 21.68
C LEU F 69 -2.14 -23.60 21.60
N LYS F 70 -1.79 -24.16 22.76
CA LYS F 70 -1.07 -25.42 22.85
C LYS F 70 -1.84 -26.37 23.75
N TYR F 71 -2.05 -27.59 23.28
CA TYR F 71 -2.63 -28.65 24.10
C TYR F 71 -1.51 -29.40 24.82
N PRO F 72 -1.46 -29.37 26.15
CA PRO F 72 -0.41 -30.12 26.85
C PRO F 72 -0.52 -31.63 26.69
N ILE F 73 -1.67 -32.14 26.27
CA ILE F 73 -1.89 -33.58 26.11
C ILE F 73 -2.09 -33.87 24.63
N GLU F 74 -1.26 -34.75 24.09
CA GLU F 74 -1.40 -35.19 22.71
C GLU F 74 -1.62 -36.71 22.66
N HIC F 75 -2.72 -37.10 22.03
CA HIC F 75 -3.20 -38.47 22.01
C HIC F 75 -2.96 -39.14 23.35
O HIC F 75 -2.21 -40.11 23.53
CB HIC F 75 -2.59 -39.37 20.92
CG HIC F 75 -1.20 -39.04 20.51
ND1 HIC F 75 -0.85 -38.04 19.59
CD2 HIC F 75 -0.04 -39.70 20.98
CE1 HIC F 75 0.49 -38.09 19.51
NE2 HIC F 75 1.04 -39.08 20.35
CZ HIC F 75 2.41 -39.41 20.51
H HIC F 75 -3.33 -36.50 21.51
HA HIC F 75 -4.31 -38.43 21.83
HB2 HIC F 75 -2.61 -40.43 21.27
HB3 HIC F 75 -3.23 -39.31 20.00
HD2 HIC F 75 0.08 -40.51 21.69
HE1 HIC F 75 1.12 -37.44 18.88
HZ1 HIC F 75 2.81 -38.95 21.45
HZ2 HIC F 75 3.00 -39.04 19.64
HZ3 HIC F 75 2.52 -40.53 20.58
N GLY F 76 -3.64 -38.60 24.34
CA GLY F 76 -3.69 -39.19 25.66
C GLY F 76 -2.43 -39.11 26.50
N ILE F 77 -1.35 -38.59 25.92
CA ILE F 77 -0.05 -38.53 26.58
C ILE F 77 0.25 -37.08 26.90
N ILE F 78 0.52 -36.79 28.17
CA ILE F 78 0.93 -35.45 28.57
C ILE F 78 2.34 -35.20 28.04
N THR F 79 2.47 -34.19 27.19
CA THR F 79 3.75 -33.85 26.59
C THR F 79 4.38 -32.58 27.16
N ASN F 80 3.59 -31.68 27.73
CA ASN F 80 4.08 -30.46 28.36
C ASN F 80 3.63 -30.47 29.81
N TRP F 81 4.52 -30.87 30.72
CA TRP F 81 4.14 -31.01 32.12
C TRP F 81 4.05 -29.67 32.83
N ASP F 82 4.81 -28.67 32.38
CA ASP F 82 4.66 -27.34 32.94
C ASP F 82 3.29 -26.76 32.60
N ASP F 83 2.80 -27.02 31.39
CA ASP F 83 1.46 -26.57 31.01
C ASP F 83 0.38 -27.44 31.67
N MET F 84 0.62 -28.74 31.79
CA MET F 84 -0.35 -29.59 32.47
C MET F 84 -0.48 -29.18 33.93
N GLU F 85 0.64 -28.87 34.58
CA GLU F 85 0.58 -28.37 35.94
C GLU F 85 -0.20 -27.07 36.02
N LYS F 86 -0.09 -26.22 34.99
CA LYS F 86 -0.89 -25.01 34.94
C LYS F 86 -2.38 -25.34 34.86
N ILE F 87 -2.74 -26.31 34.03
CA ILE F 87 -4.15 -26.64 33.85
C ILE F 87 -4.71 -27.25 35.13
N TRP F 88 -3.94 -28.12 35.80
CA TRP F 88 -4.40 -28.67 37.06
C TRP F 88 -4.58 -27.59 38.12
N HIS F 89 -3.64 -26.66 38.19
CA HIS F 89 -3.77 -25.55 39.14
C HIS F 89 -5.04 -24.75 38.85
N HIS F 90 -5.29 -24.45 37.58
CA HIS F 90 -6.50 -23.71 37.22
C HIS F 90 -7.75 -24.48 37.61
N THR F 91 -7.73 -25.80 37.43
CA THR F 91 -8.90 -26.61 37.73
C THR F 91 -9.23 -26.56 39.23
N PHE F 92 -8.23 -26.86 40.08
CA PHE F 92 -8.49 -26.93 41.50
C PHE F 92 -8.83 -25.56 42.09
N TYR F 93 -8.02 -24.55 41.76
CA TYR F 93 -8.08 -23.28 42.47
C TYR F 93 -9.05 -22.29 41.85
N ASN F 94 -9.20 -22.29 40.53
CA ASN F 94 -10.02 -21.29 39.85
C ASN F 94 -11.36 -21.82 39.38
N GLU F 95 -11.47 -23.14 39.12
CA GLU F 95 -12.72 -23.70 38.63
C GLU F 95 -13.51 -24.40 39.75
N LEU F 96 -12.85 -25.28 40.49
CA LEU F 96 -13.49 -25.94 41.63
C LEU F 96 -13.36 -25.15 42.91
N ARG F 97 -12.37 -24.26 43.01
CA ARG F 97 -12.14 -23.45 44.20
C ARG F 97 -12.08 -24.33 45.44
N VAL F 98 -11.10 -25.24 45.44
CA VAL F 98 -10.88 -26.16 46.53
C VAL F 98 -9.40 -26.17 46.88
N ALA F 99 -9.10 -26.61 48.10
CA ALA F 99 -7.73 -26.87 48.51
C ALA F 99 -7.40 -28.31 48.16
N PRO F 100 -6.49 -28.57 47.22
CA PRO F 100 -6.27 -29.96 46.80
C PRO F 100 -5.84 -30.88 47.94
N GLU F 101 -5.17 -30.34 48.96
CA GLU F 101 -4.66 -31.15 50.05
C GLU F 101 -5.76 -31.77 50.90
N GLU F 102 -7.01 -31.34 50.74
CA GLU F 102 -8.11 -31.82 51.55
C GLU F 102 -9.03 -32.80 50.83
N HIS F 103 -8.75 -33.11 49.55
CA HIS F 103 -9.62 -33.95 48.75
C HIS F 103 -8.82 -35.02 48.05
N PRO F 104 -9.15 -36.30 48.21
CA PRO F 104 -8.57 -37.31 47.32
C PRO F 104 -9.03 -37.09 45.88
N THR F 105 -8.11 -37.26 44.94
CA THR F 105 -8.35 -36.93 43.54
C THR F 105 -8.29 -38.19 42.68
N LEU F 106 -9.36 -38.44 41.93
CA LEU F 106 -9.42 -39.56 40.99
C LEU F 106 -9.10 -39.03 39.60
N LEU F 107 -7.97 -39.44 39.05
CA LEU F 107 -7.58 -39.10 37.69
C LEU F 107 -7.95 -40.23 36.74
N THR F 108 -7.74 -39.99 35.46
CA THR F 108 -8.05 -40.97 34.42
C THR F 108 -6.99 -40.92 33.34
N GLU F 109 -6.83 -42.04 32.63
CA GLU F 109 -5.94 -42.08 31.47
C GLU F 109 -6.34 -43.26 30.61
N ALA F 110 -5.92 -43.22 29.35
CA ALA F 110 -6.24 -44.27 28.40
C ALA F 110 -5.33 -45.48 28.63
N PRO F 111 -5.79 -46.67 28.25
CA PRO F 111 -4.94 -47.85 28.37
C PRO F 111 -3.80 -47.83 27.36
N LEU F 112 -2.76 -48.60 27.67
CA LEU F 112 -1.58 -48.72 26.81
C LEU F 112 -0.84 -47.39 26.69
N ASN F 113 -0.95 -46.56 27.71
CA ASN F 113 -0.21 -45.31 27.77
C ASN F 113 1.18 -45.55 28.33
N PRO F 114 2.11 -44.64 28.09
CA PRO F 114 3.45 -44.79 28.69
C PRO F 114 3.37 -44.80 30.20
N LYS F 115 4.22 -45.63 30.81
CA LYS F 115 4.22 -45.73 32.27
C LYS F 115 4.68 -44.44 32.94
N ALA F 116 5.56 -43.69 32.28
CA ALA F 116 6.01 -42.42 32.83
C ALA F 116 4.85 -41.43 32.94
N ASN F 117 3.88 -41.51 32.02
CA ASN F 117 2.71 -40.65 32.12
C ASN F 117 1.99 -40.87 33.44
N ARG F 118 1.76 -42.13 33.80
CA ARG F 118 1.14 -42.44 35.09
C ARG F 118 2.04 -42.01 36.24
N GLU F 119 3.33 -42.31 36.16
CA GLU F 119 4.22 -42.05 37.28
C GLU F 119 4.30 -40.57 37.61
N LYS F 120 4.42 -39.72 36.59
CA LYS F 120 4.56 -38.29 36.85
C LYS F 120 3.25 -37.66 37.29
N MET F 121 2.12 -38.21 36.87
CA MET F 121 0.84 -37.74 37.40
C MET F 121 0.77 -37.96 38.90
N THR F 122 1.21 -39.13 39.37
CA THR F 122 1.24 -39.39 40.80
C THR F 122 2.22 -38.46 41.51
N GLN F 123 3.40 -38.24 40.92
CA GLN F 123 4.40 -37.40 41.55
C GLN F 123 3.89 -35.98 41.74
N ILE F 124 3.26 -35.43 40.69
CA ILE F 124 2.80 -34.04 40.76
C ILE F 124 1.66 -33.91 41.78
N MET F 125 0.73 -34.87 41.78
CA MET F 125 -0.40 -34.80 42.71
C MET F 125 0.07 -34.81 44.15
N PHE F 126 1.11 -35.60 44.46
CA PHE F 126 1.55 -35.74 45.84
C PHE F 126 2.60 -34.71 46.22
N GLU F 127 3.45 -34.31 45.26
CA GLU F 127 4.54 -33.40 45.58
C GLU F 127 4.16 -31.94 45.34
N THR F 128 3.44 -31.65 44.25
CA THR F 128 3.07 -30.27 43.96
C THR F 128 1.77 -29.89 44.64
N PHE F 129 0.69 -30.61 44.36
CA PHE F 129 -0.63 -30.29 44.90
C PHE F 129 -0.86 -30.93 46.27
N ASN F 130 -0.01 -31.86 46.69
CA ASN F 130 -0.04 -32.39 48.05
C ASN F 130 -1.42 -32.95 48.42
N VAL F 131 -2.01 -33.69 47.50
CA VAL F 131 -3.32 -34.32 47.74
C VAL F 131 -3.14 -35.41 48.79
N PRO F 132 -4.16 -35.71 49.60
CA PRO F 132 -4.00 -36.77 50.59
C PRO F 132 -3.96 -38.15 49.97
N ALA F 133 -4.68 -38.36 48.86
CA ALA F 133 -4.66 -39.63 48.16
C ALA F 133 -5.12 -39.39 46.73
N MET F 134 -4.84 -40.35 45.85
CA MET F 134 -5.23 -40.22 44.46
C MET F 134 -5.35 -41.61 43.85
N TYR F 135 -5.86 -41.66 42.62
CA TYR F 135 -6.04 -42.90 41.91
C TYR F 135 -6.14 -42.59 40.42
N VAL F 136 -5.54 -43.45 39.60
CA VAL F 136 -5.57 -43.34 38.15
C VAL F 136 -6.38 -44.51 37.61
N ALA F 137 -7.52 -44.21 37.01
CA ALA F 137 -8.42 -45.22 36.47
C ALA F 137 -8.36 -45.21 34.94
N ILE F 138 -8.76 -46.32 34.34
CA ILE F 138 -8.88 -46.41 32.90
C ILE F 138 -10.21 -45.81 32.48
N GLN F 139 -10.19 -45.01 31.41
CA GLN F 139 -11.37 -44.26 31.02
C GLN F 139 -12.50 -45.19 30.60
N ALA F 140 -12.20 -46.28 29.89
CA ALA F 140 -13.24 -47.19 29.44
C ALA F 140 -13.94 -47.86 30.63
N VAL F 141 -13.17 -48.24 31.64
CA VAL F 141 -13.76 -48.88 32.82
C VAL F 141 -14.73 -47.93 33.49
N LEU F 142 -14.35 -46.65 33.61
CA LEU F 142 -15.26 -45.67 34.17
C LEU F 142 -16.49 -45.49 33.29
N SER F 143 -16.32 -45.58 31.97
CA SER F 143 -17.48 -45.50 31.09
C SER F 143 -18.46 -46.64 31.36
N LEU F 144 -17.94 -47.85 31.56
CA LEU F 144 -18.82 -48.97 31.91
C LEU F 144 -19.49 -48.74 33.25
N TYR F 145 -18.74 -48.22 34.23
CA TYR F 145 -19.35 -47.85 35.50
C TYR F 145 -20.53 -46.92 35.29
N ALA F 146 -20.33 -45.87 34.48
CA ALA F 146 -21.39 -44.91 34.23
C ALA F 146 -22.58 -45.54 33.56
N SER F 147 -22.35 -46.37 32.53
CA SER F 147 -23.44 -47.10 31.91
C SER F 147 -24.15 -48.02 32.90
N GLY F 148 -23.48 -48.40 33.98
CA GLY F 148 -24.11 -49.19 35.01
C GLY F 148 -24.04 -50.68 34.79
N ARG F 149 -23.25 -51.15 33.83
CA ARG F 149 -23.09 -52.56 33.53
C ARG F 149 -21.81 -53.07 34.16
N THR F 150 -21.66 -54.40 34.11
CA THR F 150 -20.40 -55.05 34.43
C THR F 150 -19.87 -55.86 33.25
N THR F 151 -20.63 -55.98 32.16
CA THR F 151 -20.20 -56.66 30.95
C THR F 151 -20.44 -55.74 29.77
N GLY F 152 -19.49 -55.73 28.84
CA GLY F 152 -19.61 -54.94 27.63
C GLY F 152 -18.24 -54.51 27.15
N ILE F 153 -18.18 -54.18 25.87
CA ILE F 153 -16.96 -53.66 25.24
C ILE F 153 -17.18 -52.18 25.00
N VAL F 154 -16.32 -51.36 25.59
CA VAL F 154 -16.46 -49.90 25.58
C VAL F 154 -15.61 -49.34 24.45
N LEU F 155 -16.23 -48.55 23.58
CA LEU F 155 -15.53 -47.79 22.55
C LEU F 155 -15.48 -46.34 23.02
N ASP F 156 -14.35 -45.94 23.61
CA ASP F 156 -14.15 -44.58 24.09
C ASP F 156 -13.29 -43.83 23.10
N SER F 157 -13.83 -42.74 22.56
CA SER F 157 -13.13 -41.92 21.58
C SER F 157 -13.26 -40.46 21.98
N GLY F 158 -12.15 -39.86 22.40
CA GLY F 158 -12.14 -38.46 22.78
C GLY F 158 -11.49 -37.58 21.75
N ASP F 159 -10.78 -36.55 22.21
CA ASP F 159 -10.01 -35.72 21.28
C ASP F 159 -8.71 -36.39 20.86
N GLY F 160 -8.12 -37.20 21.74
CA GLY F 160 -6.77 -37.68 21.52
C GLY F 160 -6.66 -39.10 20.98
N VAL F 161 -7.37 -40.05 21.58
CA VAL F 161 -7.15 -41.46 21.27
C VAL F 161 -8.47 -42.22 21.38
N THR F 162 -8.59 -43.26 20.56
CA THR F 162 -9.73 -44.18 20.58
C THR F 162 -9.25 -45.55 21.03
N HIS F 163 -9.90 -46.10 22.04
CA HIS F 163 -9.51 -47.40 22.60
C HIS F 163 -10.74 -48.24 22.91
N ASN F 164 -10.58 -49.55 22.75
CA ASN F 164 -11.62 -50.53 23.08
C ASN F 164 -11.15 -51.38 24.25
N VAL F 165 -11.98 -51.47 25.28
CA VAL F 165 -11.67 -52.29 26.44
C VAL F 165 -12.82 -53.27 26.66
N PRO F 166 -12.67 -54.56 26.32
CA PRO F 166 -13.74 -55.52 26.59
C PRO F 166 -13.71 -55.97 28.04
N ILE F 167 -14.86 -55.88 28.71
CA ILE F 167 -15.00 -56.24 30.11
C ILE F 167 -16.16 -57.21 30.24
N TYR F 168 -15.96 -58.29 31.00
CA TYR F 168 -16.98 -59.30 31.20
C TYR F 168 -17.09 -59.62 32.68
N GLU F 169 -18.27 -59.39 33.25
CA GLU F 169 -18.51 -59.69 34.66
C GLU F 169 -17.51 -58.98 35.55
N GLY F 170 -17.10 -57.78 35.14
CA GLY F 170 -16.13 -57.02 35.88
C GLY F 170 -14.69 -57.42 35.65
N TYR F 171 -14.43 -58.34 34.73
CA TYR F 171 -13.08 -58.79 34.41
C TYR F 171 -12.69 -58.24 33.04
N ALA F 172 -11.57 -57.52 33.00
CA ALA F 172 -11.05 -57.00 31.76
C ALA F 172 -10.13 -58.03 31.10
N LEU F 173 -10.15 -58.03 29.77
CA LEU F 173 -9.27 -58.90 29.01
C LEU F 173 -8.17 -58.03 28.40
N PRO F 174 -7.12 -57.71 29.16
CA PRO F 174 -6.15 -56.71 28.67
C PRO F 174 -5.50 -57.08 27.35
N HIS F 175 -5.35 -58.37 27.05
CA HIS F 175 -4.79 -58.77 25.77
C HIS F 175 -5.71 -58.37 24.61
N ALA F 176 -6.98 -58.13 24.86
CA ALA F 176 -7.94 -57.75 23.84
C ALA F 176 -8.14 -56.24 23.76
N ILE F 177 -7.44 -55.46 24.57
CA ILE F 177 -7.58 -54.01 24.53
C ILE F 177 -6.93 -53.48 23.26
N MET F 178 -7.69 -52.70 22.50
CA MET F 178 -7.19 -52.03 21.30
C MET F 178 -7.05 -50.54 21.58
N ARG F 179 -6.01 -49.93 21.01
CA ARG F 179 -5.79 -48.50 21.09
C ARG F 179 -5.49 -47.97 19.70
N LEU F 180 -6.13 -46.87 19.35
CA LEU F 180 -6.00 -46.28 18.03
C LEU F 180 -5.81 -44.78 18.19
N ASP F 181 -4.71 -44.26 17.65
CA ASP F 181 -4.42 -42.83 17.75
C ASP F 181 -5.16 -42.07 16.65
N LEU F 182 -6.47 -42.27 16.58
CA LEU F 182 -7.33 -41.59 15.63
C LEU F 182 -8.55 -41.12 16.41
N ALA F 183 -8.66 -39.81 16.63
CA ALA F 183 -9.67 -39.27 17.52
C ALA F 183 -10.10 -37.90 16.98
N GLY F 184 -10.75 -37.11 17.83
CA GLY F 184 -11.33 -35.86 17.37
C GLY F 184 -10.32 -34.93 16.73
N ARG F 185 -9.13 -34.81 17.34
CA ARG F 185 -8.14 -33.90 16.79
C ARG F 185 -7.71 -34.32 15.40
N ASP F 186 -7.53 -35.62 15.17
CA ASP F 186 -7.20 -36.09 13.83
C ASP F 186 -8.32 -35.76 12.85
N LEU F 187 -9.58 -35.86 13.30
CA LEU F 187 -10.69 -35.47 12.45
C LEU F 187 -10.70 -33.96 12.21
N THR F 188 -10.40 -33.17 13.25
CA THR F 188 -10.33 -31.73 13.07
C THR F 188 -9.24 -31.36 12.07
N ASP F 189 -8.07 -31.99 12.18
CA ASP F 189 -6.99 -31.71 11.23
C ASP F 189 -7.36 -32.13 9.83
N TYR F 190 -8.05 -33.27 9.68
CA TYR F 190 -8.49 -33.70 8.36
C TYR F 190 -9.53 -32.75 7.78
N LEU F 191 -10.46 -32.27 8.61
CA LEU F 191 -11.44 -31.31 8.12
C LEU F 191 -10.75 -30.03 7.65
N MET F 192 -9.74 -29.58 8.38
CA MET F 192 -8.93 -28.46 7.92
C MET F 192 -8.38 -28.72 6.53
N LYS F 193 -7.89 -29.94 6.30
CA LYS F 193 -7.25 -30.26 5.02
C LYS F 193 -8.25 -30.23 3.88
N ILE F 194 -9.44 -30.79 4.09
CA ILE F 194 -10.41 -30.89 3.00
C ILE F 194 -11.26 -29.63 2.88
N LEU F 195 -11.22 -28.74 3.87
CA LEU F 195 -11.90 -27.45 3.72
C LEU F 195 -11.18 -26.57 2.71
N THR F 196 -9.87 -26.74 2.54
CA THR F 196 -9.13 -25.99 1.54
C THR F 196 -9.57 -26.34 0.12
N GLU F 197 -10.24 -27.47 -0.08
CA GLU F 197 -10.77 -27.79 -1.40
C GLU F 197 -11.78 -26.76 -1.85
N ARG F 198 -12.55 -26.19 -0.92
CA ARG F 198 -13.53 -25.17 -1.23
C ARG F 198 -12.99 -23.75 -1.06
N GLY F 199 -11.70 -23.62 -0.74
CA GLY F 199 -11.08 -22.32 -0.61
C GLY F 199 -11.04 -21.75 0.80
N TYR F 200 -11.50 -22.50 1.79
CA TYR F 200 -11.49 -22.05 3.18
C TYR F 200 -10.20 -22.49 3.83
N SER F 201 -9.28 -21.55 4.03
CA SER F 201 -7.94 -21.84 4.55
C SER F 201 -7.90 -21.48 6.03
N PHE F 202 -7.71 -22.48 6.87
CA PHE F 202 -7.46 -22.31 8.30
C PHE F 202 -6.10 -22.90 8.63
N VAL F 203 -5.19 -22.07 9.14
CA VAL F 203 -3.80 -22.49 9.30
C VAL F 203 -3.30 -22.25 10.72
N THR F 204 -3.91 -21.31 11.43
CA THR F 204 -3.43 -20.97 12.76
C THR F 204 -4.07 -21.89 13.81
N THR F 205 -3.44 -21.96 14.98
CA THR F 205 -3.99 -22.73 16.08
C THR F 205 -5.34 -22.17 16.52
N ALA F 206 -5.47 -20.85 16.52
CA ALA F 206 -6.76 -20.25 16.85
C ALA F 206 -7.82 -20.65 15.83
N GLU F 207 -7.47 -20.66 14.56
CA GLU F 207 -8.44 -21.04 13.52
C GLU F 207 -8.75 -22.53 13.58
N ARG F 208 -7.87 -23.33 14.18
CA ARG F 208 -8.18 -24.75 14.36
C ARG F 208 -9.37 -24.93 15.29
N GLU F 209 -9.51 -24.06 16.29
CA GLU F 209 -10.68 -24.12 17.15
C GLU F 209 -11.95 -23.83 16.37
N ILE F 210 -11.88 -22.92 15.40
CA ILE F 210 -13.03 -22.64 14.55
C ILE F 210 -13.42 -23.88 13.77
N VAL F 211 -12.43 -24.58 13.22
CA VAL F 211 -12.72 -25.79 12.47
C VAL F 211 -13.28 -26.87 13.39
N ARG F 212 -12.78 -26.92 14.63
CA ARG F 212 -13.34 -27.86 15.60
C ARG F 212 -14.81 -27.56 15.85
N ASP F 213 -15.15 -26.28 16.00
CA ASP F 213 -16.55 -25.90 16.20
C ASP F 213 -17.39 -26.25 14.98
N ILE F 214 -16.86 -26.02 13.78
CA ILE F 214 -17.58 -26.40 12.57
C ILE F 214 -17.86 -27.89 12.56
N LYS F 215 -16.84 -28.69 12.89
CA LYS F 215 -17.02 -30.13 12.93
C LYS F 215 -18.10 -30.51 13.94
N GLU F 216 -17.99 -29.99 15.16
CA GLU F 216 -18.85 -30.40 16.26
C GLU F 216 -20.33 -30.21 15.98
N LYS F 217 -20.69 -29.28 15.09
CA LYS F 217 -22.11 -29.00 14.85
C LYS F 217 -22.55 -29.11 13.41
N LEU F 218 -21.66 -29.45 12.47
CA LEU F 218 -22.09 -29.74 11.10
C LEU F 218 -21.70 -31.14 10.63
N CYS F 219 -20.70 -31.76 11.24
CA CYS F 219 -20.27 -33.08 10.77
C CYS F 219 -21.20 -34.17 11.30
N TYR F 220 -21.39 -35.21 10.49
CA TYR F 220 -22.22 -36.34 10.87
C TYR F 220 -21.75 -37.57 10.12
N VAL F 221 -22.11 -38.73 10.61
CA VAL F 221 -21.72 -40.00 10.02
C VAL F 221 -22.82 -40.46 9.06
N ALA F 222 -22.45 -40.74 7.82
CA ALA F 222 -23.38 -41.25 6.83
C ALA F 222 -23.55 -42.75 6.98
N LEU F 223 -24.80 -43.20 7.00
CA LEU F 223 -25.06 -44.63 7.13
C LEU F 223 -24.48 -45.40 5.95
N ASP F 224 -24.65 -44.88 4.74
CA ASP F 224 -24.06 -45.43 3.53
C ASP F 224 -23.22 -44.33 2.89
N PHE F 225 -21.90 -44.48 2.93
CA PHE F 225 -21.01 -43.42 2.47
C PHE F 225 -21.20 -43.13 1.00
N GLU F 226 -21.18 -44.16 0.15
CA GLU F 226 -21.31 -43.94 -1.28
C GLU F 226 -22.65 -43.32 -1.62
N ASN F 227 -23.72 -43.76 -0.94
CA ASN F 227 -25.02 -43.15 -1.16
C ASN F 227 -24.99 -41.66 -0.82
N GLU F 228 -24.33 -41.31 0.28
CA GLU F 228 -24.23 -39.91 0.66
C GLU F 228 -23.44 -39.11 -0.37
N MET F 229 -22.35 -39.69 -0.89
CA MET F 229 -21.56 -39.00 -1.91
C MET F 229 -22.39 -38.76 -3.17
N ALA F 230 -23.28 -39.70 -3.51
CA ALA F 230 -24.10 -39.53 -4.71
C ALA F 230 -25.08 -38.37 -4.55
N THR F 231 -25.80 -38.34 -3.43
CA THR F 231 -26.77 -37.27 -3.22
C THR F 231 -26.08 -35.91 -3.12
N ALA F 232 -24.91 -35.86 -2.47
CA ALA F 232 -24.17 -34.60 -2.38
C ALA F 232 -23.79 -34.10 -3.76
N ALA F 233 -23.42 -35.02 -4.66
CA ALA F 233 -23.01 -34.61 -6.00
C ALA F 233 -24.22 -34.21 -6.86
N SER F 234 -25.34 -34.90 -6.68
CA SER F 234 -26.50 -34.71 -7.54
C SER F 234 -27.45 -33.64 -7.02
N SER F 235 -27.24 -33.12 -5.82
CA SER F 235 -28.11 -32.07 -5.30
C SER F 235 -27.32 -31.18 -4.35
N SER F 236 -28.04 -30.30 -3.66
CA SER F 236 -27.47 -29.42 -2.65
C SER F 236 -28.18 -29.56 -1.32
N SER F 237 -28.92 -30.65 -1.10
CA SER F 237 -29.69 -30.80 0.13
C SER F 237 -28.80 -30.95 1.35
N LEU F 238 -27.55 -31.42 1.15
CA LEU F 238 -26.63 -31.64 2.26
C LEU F 238 -25.76 -30.43 2.56
N GLU F 239 -25.92 -29.33 1.82
CA GLU F 239 -25.14 -28.13 2.05
C GLU F 239 -25.60 -27.44 3.33
N LYS F 240 -24.64 -27.03 4.16
CA LYS F 240 -24.91 -26.25 5.35
C LYS F 240 -23.95 -25.06 5.39
N SER F 241 -24.43 -23.96 5.97
CA SER F 241 -23.64 -22.75 6.08
C SER F 241 -23.28 -22.50 7.55
N TYR F 242 -22.05 -22.02 7.74
CA TYR F 242 -21.54 -21.73 9.08
C TYR F 242 -20.94 -20.34 9.05
N GLU F 243 -21.24 -19.55 10.07
CA GLU F 243 -20.77 -18.17 10.15
C GLU F 243 -19.49 -18.12 10.99
N LEU F 244 -18.41 -17.64 10.39
CA LEU F 244 -17.15 -17.49 11.09
C LEU F 244 -17.25 -16.33 12.07
N PRO F 245 -16.31 -16.23 13.02
CA PRO F 245 -16.40 -15.16 14.03
C PRO F 245 -16.42 -13.76 13.44
N ASP F 246 -15.85 -13.55 12.25
CA ASP F 246 -15.80 -12.23 11.64
C ASP F 246 -16.95 -11.98 10.69
N GLY F 247 -17.99 -12.81 10.72
CA GLY F 247 -19.18 -12.60 9.92
C GLY F 247 -19.16 -13.25 8.56
N GLN F 248 -18.03 -13.79 8.13
CA GLN F 248 -17.99 -14.52 6.87
C GLN F 248 -18.78 -15.81 6.98
N VAL F 249 -19.30 -16.27 5.85
CA VAL F 249 -20.12 -17.47 5.78
C VAL F 249 -19.44 -18.48 4.87
N ILE F 250 -19.20 -19.69 5.39
CA ILE F 250 -18.64 -20.79 4.62
C ILE F 250 -19.74 -21.82 4.39
N THR F 251 -19.78 -22.38 3.19
CA THR F 251 -20.75 -23.41 2.83
C THR F 251 -20.01 -24.74 2.69
N ILE F 252 -20.48 -25.75 3.42
CA ILE F 252 -19.81 -27.04 3.52
C ILE F 252 -20.76 -28.11 3.00
N GLY F 253 -20.29 -28.91 2.06
CA GLY F 253 -21.14 -29.91 1.42
C GLY F 253 -20.85 -31.32 1.87
N ASN F 254 -20.15 -32.11 1.03
CA ASN F 254 -19.86 -33.48 1.39
C ASN F 254 -18.77 -33.60 2.43
N GLU F 255 -18.08 -32.50 2.76
CA GLU F 255 -17.12 -32.54 3.85
C GLU F 255 -17.79 -32.78 5.20
N ARG F 256 -19.11 -32.61 5.27
CA ARG F 256 -19.82 -32.83 6.52
C ARG F 256 -19.69 -34.27 6.98
N PHE F 257 -19.82 -35.23 6.06
CA PHE F 257 -19.73 -36.64 6.40
C PHE F 257 -18.41 -37.27 5.95
N ARG F 258 -17.60 -36.58 5.15
CA ARG F 258 -16.32 -37.14 4.78
C ARG F 258 -15.32 -37.07 5.93
N CYS F 259 -15.42 -36.04 6.76
CA CYS F 259 -14.52 -35.96 7.92
C CYS F 259 -14.77 -37.08 8.92
N PRO F 260 -16.01 -37.33 9.38
CA PRO F 260 -16.22 -38.49 10.27
C PRO F 260 -15.94 -39.83 9.61
N GLU F 261 -16.01 -39.91 8.28
CA GLU F 261 -15.72 -41.18 7.61
C GLU F 261 -14.30 -41.63 7.86
N THR F 262 -13.40 -40.72 8.27
CA THR F 262 -12.04 -41.12 8.59
C THR F 262 -12.02 -42.15 9.72
N LEU F 263 -13.04 -42.15 10.57
CA LEU F 263 -13.10 -43.13 11.66
C LEU F 263 -13.27 -44.54 11.11
N PHE F 264 -14.04 -44.69 10.03
CA PHE F 264 -14.30 -46.00 9.45
C PHE F 264 -13.38 -46.33 8.28
N GLN F 265 -12.73 -45.34 7.69
CA GLN F 265 -11.73 -45.54 6.65
C GLN F 265 -10.50 -44.73 7.00
N PRO F 266 -9.71 -45.21 7.97
CA PRO F 266 -8.56 -44.42 8.43
C PRO F 266 -7.55 -44.12 7.33
N SER F 267 -7.62 -44.80 6.19
CA SER F 267 -6.70 -44.50 5.10
C SER F 267 -6.91 -43.10 4.55
N PHE F 268 -8.05 -42.46 4.88
CA PHE F 268 -8.26 -41.08 4.44
C PHE F 268 -7.14 -40.17 4.90
N ILE F 269 -6.59 -40.43 6.08
CA ILE F 269 -5.49 -39.65 6.62
C ILE F 269 -4.19 -40.44 6.59
N GLY F 270 -4.10 -41.44 5.71
CA GLY F 270 -2.86 -42.16 5.51
C GLY F 270 -2.53 -43.21 6.55
N MET F 271 -3.44 -43.49 7.49
CA MET F 271 -3.18 -44.50 8.51
C MET F 271 -3.43 -45.89 7.96
N GLU F 272 -2.51 -46.81 8.26
CA GLU F 272 -2.64 -48.20 7.86
C GLU F 272 -3.25 -48.98 9.03
N SER F 273 -4.52 -48.71 9.27
CA SER F 273 -5.25 -49.37 10.36
C SER F 273 -6.71 -49.45 9.99
N ALA F 274 -7.41 -50.38 10.64
CA ALA F 274 -8.82 -50.58 10.36
C ALA F 274 -9.67 -49.54 11.07
N GLY F 275 -10.88 -49.33 10.55
CA GLY F 275 -11.80 -48.40 11.16
C GLY F 275 -12.20 -48.84 12.56
N ILE F 276 -12.96 -47.97 13.23
CA ILE F 276 -13.39 -48.27 14.59
C ILE F 276 -14.30 -49.49 14.61
N HIS F 277 -15.09 -49.69 13.56
CA HIS F 277 -15.96 -50.87 13.51
C HIS F 277 -15.15 -52.15 13.48
N GLU F 278 -14.08 -52.19 12.67
CA GLU F 278 -13.25 -53.38 12.60
C GLU F 278 -12.41 -53.53 13.86
N THR F 279 -11.92 -52.43 14.41
CA THR F 279 -11.16 -52.50 15.65
C THR F 279 -12.02 -53.07 16.78
N THR F 280 -13.28 -52.63 16.86
CA THR F 280 -14.18 -53.19 17.85
C THR F 280 -14.42 -54.67 17.60
N TYR F 281 -14.66 -55.05 16.35
CA TYR F 281 -14.87 -56.46 16.02
C TYR F 281 -13.61 -57.28 16.30
N ASN F 282 -12.44 -56.76 15.94
CA ASN F 282 -11.20 -57.49 16.21
C ASN F 282 -11.01 -57.68 17.71
N SER F 283 -11.37 -56.69 18.52
CA SER F 283 -11.26 -56.84 19.96
C SER F 283 -12.15 -57.98 20.46
N ILE F 284 -13.38 -58.04 19.96
CA ILE F 284 -14.30 -59.09 20.41
C ILE F 284 -13.77 -60.46 20.00
N MET F 285 -13.24 -60.58 18.78
CA MET F 285 -12.72 -61.87 18.31
C MET F 285 -11.46 -62.28 19.06
N LYS F 286 -10.79 -61.35 19.72
CA LYS F 286 -9.66 -61.70 20.56
C LYS F 286 -10.09 -62.17 21.94
N CYS F 287 -11.38 -62.08 22.26
CA CYS F 287 -11.89 -62.51 23.54
C CYS F 287 -12.30 -63.99 23.48
N ASP F 288 -12.51 -64.56 24.66
CA ASP F 288 -12.96 -65.95 24.74
C ASP F 288 -14.29 -66.11 24.00
N ILE F 289 -14.40 -67.23 23.28
CA ILE F 289 -15.57 -67.44 22.43
C ILE F 289 -16.85 -67.43 23.25
N ASP F 290 -16.76 -67.76 24.54
CA ASP F 290 -17.94 -67.87 25.38
C ASP F 290 -18.51 -66.52 25.81
N ILE F 291 -17.75 -65.44 25.69
CA ILE F 291 -18.22 -64.13 26.10
C ILE F 291 -18.53 -63.21 24.93
N ARG F 292 -18.23 -63.64 23.70
CA ARG F 292 -18.50 -62.78 22.55
C ARG F 292 -19.98 -62.48 22.41
N LYS F 293 -20.84 -63.42 22.85
CA LYS F 293 -22.28 -63.19 22.77
C LYS F 293 -22.66 -61.92 23.52
N ASP F 294 -22.17 -61.76 24.75
CA ASP F 294 -22.56 -60.61 25.56
C ASP F 294 -21.84 -59.35 25.11
N LEU F 295 -20.61 -59.47 24.60
CA LEU F 295 -19.90 -58.30 24.09
C LEU F 295 -20.61 -57.73 22.88
N TYR F 296 -21.10 -58.59 21.98
CA TYR F 296 -21.81 -58.10 20.80
C TYR F 296 -23.03 -57.28 21.19
N ALA F 297 -23.67 -57.63 22.31
CA ALA F 297 -24.90 -56.97 22.73
C ALA F 297 -24.67 -55.81 23.68
N ASN F 298 -23.41 -55.47 23.99
CA ASN F 298 -23.11 -54.44 24.97
C ASN F 298 -21.99 -53.54 24.47
N ASN F 299 -22.05 -53.12 23.21
CA ASN F 299 -21.10 -52.15 22.69
C ASN F 299 -21.44 -50.77 23.25
N VAL F 300 -20.65 -50.31 24.21
CA VAL F 300 -20.90 -49.05 24.90
C VAL F 300 -20.03 -47.98 24.28
N MET F 301 -20.66 -46.89 23.82
CA MET F 301 -19.94 -45.78 23.21
C MET F 301 -19.71 -44.68 24.22
N SER F 302 -18.52 -44.09 24.18
CA SER F 302 -18.13 -43.07 25.14
C SER F 302 -17.26 -42.03 24.45
N GLY F 303 -17.25 -40.83 25.00
CA GLY F 303 -16.39 -39.76 24.50
C GLY F 303 -17.13 -38.86 23.53
N GLY F 304 -16.54 -37.68 23.32
CA GLY F 304 -17.15 -36.70 22.43
C GLY F 304 -17.16 -37.15 20.98
N THR F 305 -16.09 -37.85 20.56
CA THR F 305 -15.99 -38.26 19.16
C THR F 305 -17.07 -39.26 18.78
N THR F 306 -17.77 -39.85 19.75
CA THR F 306 -18.90 -40.71 19.49
C THR F 306 -20.22 -39.94 19.42
N MET F 307 -20.18 -38.61 19.51
CA MET F 307 -21.39 -37.79 19.53
C MET F 307 -21.85 -37.40 18.14
N TYR F 308 -21.19 -37.86 17.09
CA TYR F 308 -21.64 -37.55 15.74
C TYR F 308 -23.04 -38.12 15.54
N PRO F 309 -23.95 -37.39 14.90
CA PRO F 309 -25.24 -37.98 14.52
C PRO F 309 -25.03 -39.17 13.59
N GLY F 310 -25.71 -40.26 13.89
CA GLY F 310 -25.70 -41.44 13.04
C GLY F 310 -24.51 -42.35 13.21
N ILE F 311 -23.58 -42.04 14.13
CA ILE F 311 -22.43 -42.92 14.32
C ILE F 311 -22.88 -44.24 14.97
N ALA F 312 -23.83 -44.17 15.90
CA ALA F 312 -24.34 -45.40 16.51
C ALA F 312 -25.01 -46.28 15.47
N ASP F 313 -25.81 -45.68 14.58
CA ASP F 313 -26.43 -46.45 13.51
C ASP F 313 -25.38 -47.03 12.58
N ARG F 314 -24.35 -46.25 12.24
CA ARG F 314 -23.29 -46.75 11.38
C ARG F 314 -22.54 -47.90 12.04
N MET F 315 -22.22 -47.76 13.33
CA MET F 315 -21.54 -48.83 14.04
C MET F 315 -22.40 -50.09 14.06
N GLN F 316 -23.70 -49.93 14.27
CA GLN F 316 -24.60 -51.08 14.25
C GLN F 316 -24.54 -51.80 12.91
N LYS F 317 -24.61 -51.04 11.81
CA LYS F 317 -24.58 -51.64 10.49
C LYS F 317 -23.24 -52.30 10.21
N GLU F 318 -22.14 -51.63 10.58
CA GLU F 318 -20.81 -52.16 10.27
C GLU F 318 -20.54 -53.44 11.04
N ILE F 319 -20.75 -53.41 12.36
CA ILE F 319 -20.47 -54.59 13.17
C ILE F 319 -21.39 -55.74 12.79
N THR F 320 -22.65 -55.43 12.47
CA THR F 320 -23.57 -56.48 12.03
C THR F 320 -23.05 -57.16 10.78
N ALA F 321 -22.44 -56.40 9.86
CA ALA F 321 -21.88 -56.99 8.65
C ALA F 321 -20.69 -57.88 8.95
N LEU F 322 -19.95 -57.58 10.02
CA LEU F 322 -18.76 -58.35 10.37
C LEU F 322 -19.09 -59.59 11.17
N ALA F 323 -19.96 -59.47 12.17
CA ALA F 323 -20.29 -60.59 13.03
C ALA F 323 -21.20 -61.59 12.30
N PRO F 324 -21.25 -62.83 12.77
CA PRO F 324 -22.15 -63.81 12.14
C PRO F 324 -23.60 -63.38 12.27
N SER F 325 -24.41 -63.84 11.30
CA SER F 325 -25.79 -63.34 11.19
C SER F 325 -26.60 -63.60 12.45
N THR F 326 -26.34 -64.71 13.15
CA THR F 326 -27.17 -65.09 14.29
C THR F 326 -26.93 -64.20 15.51
N MET F 327 -25.87 -63.41 15.53
CA MET F 327 -25.56 -62.61 16.71
C MET F 327 -26.47 -61.39 16.76
N LYS F 328 -26.66 -60.86 17.97
CA LYS F 328 -27.45 -59.66 18.19
C LYS F 328 -26.50 -58.51 18.52
N ILE F 329 -26.27 -57.63 17.56
CA ILE F 329 -25.42 -56.46 17.77
C ILE F 329 -26.28 -55.34 18.35
N LYS F 330 -25.81 -54.77 19.46
CA LYS F 330 -26.50 -53.67 20.12
C LYS F 330 -25.48 -52.61 20.52
N ILE F 331 -25.69 -51.39 20.07
CA ILE F 331 -24.83 -50.25 20.41
C ILE F 331 -25.54 -49.43 21.46
N ILE F 332 -24.89 -49.21 22.60
CA ILE F 332 -25.43 -48.41 23.69
C ILE F 332 -24.73 -47.06 23.64
N ALA F 333 -25.49 -46.01 23.34
CA ALA F 333 -24.96 -44.65 23.17
C ALA F 333 -25.79 -43.72 24.03
N PRO F 334 -25.50 -43.64 25.33
CA PRO F 334 -26.27 -42.74 26.19
C PRO F 334 -26.12 -41.31 25.73
N PRO F 335 -27.16 -40.49 25.91
CA PRO F 335 -27.04 -39.08 25.50
C PRO F 335 -25.94 -38.34 26.23
N GLU F 336 -25.58 -38.78 27.44
CA GLU F 336 -24.51 -38.18 28.22
C GLU F 336 -23.18 -38.91 28.06
N ARG F 337 -22.99 -39.63 26.95
CA ARG F 337 -21.76 -40.36 26.75
C ARG F 337 -20.55 -39.44 26.56
N LYS F 338 -20.77 -38.14 26.35
CA LYS F 338 -19.66 -37.20 26.37
C LYS F 338 -19.11 -37.02 27.78
N TYR F 339 -19.93 -37.25 28.81
CA TYR F 339 -19.50 -37.19 30.20
C TYR F 339 -19.57 -38.53 30.90
N SER F 340 -19.75 -39.63 30.16
CA SER F 340 -19.86 -40.94 30.79
C SER F 340 -18.61 -41.29 31.59
N VAL F 341 -17.43 -40.94 31.08
CA VAL F 341 -16.20 -41.28 31.79
C VAL F 341 -16.17 -40.58 33.15
N TRP F 342 -16.48 -39.28 33.16
CA TRP F 342 -16.51 -38.55 34.42
C TRP F 342 -17.59 -39.08 35.34
N ILE F 343 -18.76 -39.43 34.78
CA ILE F 343 -19.85 -39.94 35.61
C ILE F 343 -19.43 -41.23 36.29
N GLY F 344 -18.77 -42.12 35.55
CA GLY F 344 -18.28 -43.35 36.15
C GLY F 344 -17.23 -43.08 37.22
N GLY F 345 -16.30 -42.16 36.93
CA GLY F 345 -15.34 -41.79 37.95
C GLY F 345 -16.01 -41.28 39.21
N SER F 346 -17.08 -40.51 39.06
CA SER F 346 -17.84 -40.05 40.21
C SER F 346 -18.47 -41.22 40.95
N ILE F 347 -19.05 -42.18 40.22
CA ILE F 347 -19.62 -43.35 40.86
C ILE F 347 -18.54 -44.15 41.57
N LEU F 348 -17.42 -44.38 40.89
CA LEU F 348 -16.36 -45.21 41.46
C LEU F 348 -15.77 -44.57 42.72
N ALA F 349 -15.53 -43.26 42.68
CA ALA F 349 -14.86 -42.59 43.79
C ALA F 349 -15.74 -42.46 45.02
N SER F 350 -17.06 -42.64 44.88
CA SER F 350 -17.98 -42.53 46.01
C SER F 350 -18.43 -43.89 46.52
N LEU F 351 -17.84 -44.97 46.03
CA LEU F 351 -18.21 -46.31 46.49
C LEU F 351 -17.50 -46.64 47.79
N SER F 352 -18.22 -47.31 48.69
CA SER F 352 -17.62 -47.70 49.96
C SER F 352 -16.47 -48.67 49.75
N THR F 353 -16.64 -49.63 48.84
CA THR F 353 -15.60 -50.62 48.61
C THR F 353 -14.35 -50.04 47.97
N PHE F 354 -14.45 -48.84 47.38
CA PHE F 354 -13.31 -48.23 46.72
C PHE F 354 -12.40 -47.47 47.68
N GLN F 355 -12.85 -47.20 48.90
CA GLN F 355 -12.10 -46.32 49.79
C GLN F 355 -10.78 -46.91 50.25
N GLN F 356 -10.56 -48.21 50.09
CA GLN F 356 -9.29 -48.83 50.43
C GLN F 356 -8.35 -48.95 49.23
N MET F 357 -8.77 -48.53 48.04
CA MET F 357 -7.94 -48.61 46.84
C MET F 357 -7.26 -47.30 46.50
N TRP F 358 -7.50 -46.24 47.26
CA TRP F 358 -6.78 -44.99 47.03
C TRP F 358 -5.28 -45.18 47.28
N ILE F 359 -4.47 -44.50 46.48
CA ILE F 359 -3.05 -44.39 46.79
C ILE F 359 -2.87 -43.30 47.83
N THR F 360 -2.37 -43.66 48.99
CA THR F 360 -2.28 -42.75 50.12
C THR F 360 -0.90 -42.10 50.18
N LYS F 361 -0.87 -40.85 50.66
CA LYS F 361 0.38 -40.10 50.70
C LYS F 361 1.46 -40.89 51.43
N GLN F 362 1.10 -41.54 52.54
CA GLN F 362 2.05 -42.39 53.24
C GLN F 362 2.56 -43.51 52.33
N GLU F 363 1.67 -44.12 51.55
CA GLU F 363 2.08 -45.17 50.64
C GLU F 363 3.04 -44.64 49.58
N TYR F 364 2.75 -43.47 49.03
CA TYR F 364 3.62 -42.90 48.01
C TYR F 364 4.99 -42.57 48.59
N ASP F 365 5.03 -42.09 49.83
CA ASP F 365 6.31 -41.77 50.45
C ASP F 365 7.18 -43.02 50.60
N GLU F 366 6.58 -44.15 50.96
CA GLU F 366 7.35 -45.37 51.16
C GLU F 366 7.83 -45.97 49.84
N ALA F 367 6.97 -45.99 48.82
CA ALA F 367 7.27 -46.68 47.57
C ALA F 367 7.64 -45.75 46.42
N GLY F 368 7.27 -44.47 46.48
CA GLY F 368 7.55 -43.56 45.40
C GLY F 368 6.51 -43.63 44.30
N PRO F 369 6.75 -42.93 43.20
CA PRO F 369 5.75 -42.89 42.12
C PRO F 369 5.46 -44.25 41.51
N SER F 370 6.36 -45.23 41.66
CA SER F 370 6.11 -46.55 41.09
C SER F 370 4.93 -47.25 41.73
N ILE F 371 4.43 -46.73 42.87
CA ILE F 371 3.29 -47.34 43.54
C ILE F 371 2.08 -47.36 42.62
N VAL F 372 1.99 -46.40 41.69
CA VAL F 372 0.80 -46.29 40.86
C VAL F 372 0.61 -47.53 40.00
N HIS F 373 1.69 -48.22 39.66
CA HIS F 373 1.57 -49.42 38.84
C HIS F 373 1.05 -50.61 39.64
N ARG F 374 1.36 -50.67 40.93
CA ARG F 374 0.91 -51.79 41.74
C ARG F 374 -0.57 -51.67 42.10
N LYS F 375 -1.06 -50.46 42.33
CA LYS F 375 -2.40 -50.25 42.87
C LYS F 375 -3.44 -49.90 41.82
N CYS F 376 -3.04 -49.48 40.63
CA CYS F 376 -3.97 -49.02 39.61
C CYS F 376 -3.83 -49.86 38.34
N PHE F 377 -4.98 -50.17 37.74
CA PHE F 377 -5.00 -50.90 36.48
C PHE F 377 -4.56 -49.99 35.34
N THR G 8 17.50 -83.07 -9.59
CA THR G 8 17.57 -83.17 -8.14
C THR G 8 16.28 -82.68 -7.50
N ALA G 9 16.16 -82.89 -6.20
CA ALA G 9 14.95 -82.57 -5.46
C ALA G 9 15.09 -81.20 -4.80
N LEU G 10 14.02 -80.41 -4.87
CA LEU G 10 13.95 -79.14 -4.16
C LEU G 10 13.38 -79.37 -2.77
N VAL G 11 13.94 -78.65 -1.78
CA VAL G 11 13.46 -78.70 -0.41
C VAL G 11 13.03 -77.28 -0.04
N CYS G 12 11.72 -77.08 0.09
CA CYS G 12 11.15 -75.78 0.41
C CYS G 12 10.45 -75.87 1.76
N ASP G 13 11.01 -75.22 2.76
CA ASP G 13 10.44 -75.20 4.11
C ASP G 13 9.65 -73.90 4.24
N ASN G 14 8.34 -73.97 3.98
CA ASN G 14 7.47 -72.80 4.00
C ASN G 14 7.03 -72.57 5.44
N GLY G 15 7.87 -71.86 6.19
CA GLY G 15 7.49 -71.45 7.52
C GLY G 15 6.56 -70.26 7.49
N SER G 16 5.99 -69.97 8.66
CA SER G 16 5.06 -68.84 8.77
C SER G 16 5.77 -67.52 8.52
N GLY G 17 7.03 -67.42 8.93
CA GLY G 17 7.76 -66.17 8.83
C GLY G 17 8.79 -66.12 7.72
N LEU G 18 9.45 -67.24 7.45
CA LEU G 18 10.52 -67.29 6.48
C LEU G 18 10.32 -68.45 5.50
N VAL G 19 10.89 -68.30 4.32
CA VAL G 19 10.93 -69.35 3.31
C VAL G 19 12.37 -69.82 3.18
N LYS G 20 12.64 -71.06 3.57
CA LYS G 20 13.96 -71.67 3.40
C LYS G 20 13.88 -72.64 2.24
N ALA G 21 14.54 -72.30 1.13
CA ALA G 21 14.47 -73.08 -0.08
C ALA G 21 15.87 -73.43 -0.55
N GLY G 22 15.99 -74.57 -1.21
CA GLY G 22 17.27 -75.02 -1.71
C GLY G 22 17.14 -76.37 -2.37
N PHE G 23 18.28 -76.98 -2.64
CA PHE G 23 18.35 -78.25 -3.36
C PHE G 23 18.74 -79.36 -2.39
N ALA G 24 18.02 -80.48 -2.45
CA ALA G 24 18.34 -81.61 -1.59
C ALA G 24 19.78 -82.05 -1.82
N GLY G 25 20.50 -82.29 -0.73
CA GLY G 25 21.90 -82.64 -0.80
C GLY G 25 22.79 -81.56 -0.24
N ASP G 26 22.38 -80.31 -0.41
CA ASP G 26 23.14 -79.19 0.14
C ASP G 26 22.96 -79.11 1.65
N ASP G 27 23.94 -78.49 2.31
CA ASP G 27 23.94 -78.39 3.76
C ASP G 27 23.27 -77.12 4.27
N ALA G 28 22.86 -76.21 3.39
CA ALA G 28 22.21 -74.97 3.80
C ALA G 28 21.25 -74.55 2.69
N PRO G 29 20.11 -73.95 3.06
CA PRO G 29 19.17 -73.50 2.02
C PRO G 29 19.81 -72.46 1.12
N ARG G 30 19.48 -72.54 -0.17
CA ARG G 30 20.02 -71.58 -1.14
C ARG G 30 19.37 -70.21 -1.00
N ALA G 31 18.08 -70.16 -0.70
CA ALA G 31 17.35 -68.89 -0.62
C ALA G 31 16.61 -68.82 0.71
N VAL G 32 16.78 -67.71 1.42
CA VAL G 32 16.09 -67.44 2.67
C VAL G 32 15.57 -66.01 2.60
N PHE G 33 14.25 -65.86 2.54
CA PHE G 33 13.62 -64.55 2.45
C PHE G 33 12.33 -64.58 3.24
N PRO G 34 11.83 -63.42 3.67
CA PRO G 34 10.56 -63.40 4.42
C PRO G 34 9.41 -63.92 3.58
N SER G 35 8.49 -64.63 4.24
CA SER G 35 7.25 -65.08 3.61
C SER G 35 6.24 -63.94 3.68
N ILE G 36 6.47 -62.93 2.84
CA ILE G 36 5.74 -61.67 2.89
C ILE G 36 5.35 -61.27 1.49
N VAL G 37 4.13 -60.73 1.34
CA VAL G 37 3.68 -60.09 0.12
C VAL G 37 3.25 -58.69 0.49
N GLY G 38 3.96 -57.69 -0.02
CA GLY G 38 3.67 -56.29 0.27
C GLY G 38 3.04 -55.61 -0.93
N ARG G 39 1.94 -54.89 -0.66
CA ARG G 39 1.21 -54.18 -1.70
C ARG G 39 1.19 -52.70 -1.38
N PRO G 40 1.34 -51.83 -2.38
CA PRO G 40 1.40 -50.38 -2.10
C PRO G 40 0.13 -49.89 -1.45
N ARG G 41 0.28 -48.94 -0.53
CA ARG G 41 -0.84 -48.33 0.17
C ARG G 41 -0.91 -46.82 0.00
N HIS G 42 0.05 -46.21 -0.70
CA HIS G 42 0.06 -44.78 -0.96
C HIS G 42 -0.26 -44.52 -2.42
N GLN G 43 -0.26 -43.24 -2.79
CA GLN G 43 -0.83 -42.79 -4.05
C GLN G 43 0.25 -42.59 -5.11
N GLY G 44 -0.04 -43.08 -6.32
CA GLY G 44 0.60 -42.56 -7.51
C GLY G 44 2.11 -42.57 -7.41
N VAL G 45 2.76 -41.50 -7.89
CA VAL G 45 2.21 -40.35 -8.61
C VAL G 45 3.06 -40.06 -9.84
N MET G 46 4.03 -40.93 -10.12
CA MET G 46 4.98 -40.74 -11.19
C MET G 46 4.76 -41.79 -12.27
N VAL G 47 4.97 -41.39 -13.52
CA VAL G 47 4.74 -42.31 -14.64
C VAL G 47 5.84 -43.35 -14.65
N GLY G 48 5.45 -44.62 -14.71
CA GLY G 48 6.40 -45.71 -14.78
C GLY G 48 7.04 -46.09 -13.47
N MET G 49 6.35 -45.92 -12.34
CA MET G 49 6.89 -46.28 -11.04
C MET G 49 5.96 -47.17 -10.23
N GLY G 50 4.65 -47.04 -10.39
CA GLY G 50 3.70 -47.90 -9.69
C GLY G 50 3.25 -49.06 -10.55
N GLN G 51 4.04 -49.36 -11.59
CA GLN G 51 3.64 -50.41 -12.53
C GLN G 51 3.53 -51.76 -11.83
N LYS G 52 4.47 -52.09 -10.96
CA LYS G 52 4.49 -53.39 -10.31
C LYS G 52 3.47 -53.41 -9.17
N ASP G 53 2.56 -54.37 -9.21
CA ASP G 53 1.55 -54.56 -8.18
C ASP G 53 1.99 -55.69 -7.26
N SER G 54 2.15 -55.38 -5.97
CA SER G 54 2.56 -56.37 -4.98
C SER G 54 4.03 -56.72 -5.13
N TYR G 55 4.72 -56.85 -3.99
CA TYR G 55 6.12 -57.25 -3.94
C TYR G 55 6.25 -58.46 -3.04
N VAL G 56 7.24 -59.29 -3.32
CA VAL G 56 7.40 -60.59 -2.65
C VAL G 56 8.80 -60.68 -2.06
N GLY G 57 8.87 -61.05 -0.79
CA GLY G 57 10.15 -61.46 -0.21
C GLY G 57 11.00 -60.28 0.17
N ASP G 58 12.29 -60.34 -0.19
CA ASP G 58 13.23 -59.29 0.20
C ASP G 58 12.82 -57.95 -0.38
N GLU G 59 12.32 -57.94 -1.62
CA GLU G 59 11.92 -56.68 -2.24
C GLU G 59 10.79 -56.03 -1.44
N ALA G 60 9.83 -56.82 -0.97
CA ALA G 60 8.76 -56.27 -0.15
C ALA G 60 9.32 -55.68 1.14
N GLN G 61 10.29 -56.37 1.77
CA GLN G 61 10.89 -55.87 2.99
C GLN G 61 11.65 -54.56 2.73
N SER G 62 12.35 -54.49 1.60
CA SER G 62 13.12 -53.27 1.31
C SER G 62 12.21 -52.07 1.10
N LYS G 63 11.08 -52.27 0.43
CA LYS G 63 10.13 -51.20 0.14
C LYS G 63 9.02 -51.11 1.17
N ARG G 64 9.21 -51.70 2.35
CA ARG G 64 8.11 -51.83 3.31
C ARG G 64 7.59 -50.47 3.78
N GLY G 65 8.35 -49.40 3.58
CA GLY G 65 7.87 -48.09 3.99
C GLY G 65 6.60 -47.67 3.28
N ILE G 66 6.44 -48.07 2.02
CA ILE G 66 5.28 -47.68 1.20
C ILE G 66 4.34 -48.84 0.95
N LEU G 67 4.48 -49.94 1.68
CA LEU G 67 3.70 -51.15 1.42
C LEU G 67 2.95 -51.59 2.67
N THR G 68 1.86 -52.32 2.45
CA THR G 68 1.19 -53.05 3.52
C THR G 68 1.63 -54.51 3.43
N LEU G 69 2.32 -54.99 4.46
CA LEU G 69 2.90 -56.31 4.46
C LEU G 69 1.89 -57.32 4.99
N LYS G 70 1.71 -58.42 4.25
CA LYS G 70 0.79 -59.48 4.62
C LYS G 70 1.51 -60.81 4.59
N TYR G 71 1.37 -61.60 5.65
CA TYR G 71 1.92 -62.95 5.69
C TYR G 71 0.88 -63.93 5.15
N PRO G 72 1.12 -64.63 4.05
CA PRO G 72 0.15 -65.61 3.57
C PRO G 72 -0.07 -66.78 4.52
N ILE G 73 0.86 -67.04 5.44
CA ILE G 73 0.76 -68.16 6.37
C ILE G 73 0.62 -67.59 7.78
N GLU G 74 -0.42 -68.03 8.47
CA GLU G 74 -0.65 -67.63 9.86
C GLU G 74 -0.86 -68.86 10.73
N HIC G 75 0.04 -69.05 11.69
CA HIC G 75 -0.02 -70.18 12.59
C HIC G 75 0.11 -71.46 11.79
O HIC G 75 -0.60 -72.46 11.95
CB HIC G 75 -1.32 -70.28 13.41
CG HIC G 75 -1.59 -69.05 14.17
ND1 HIC G 75 -0.73 -68.48 15.12
CD2 HIC G 75 -2.76 -68.26 14.06
CE1 HIC G 75 -1.35 -67.37 15.57
NE2 HIC G 75 -2.60 -67.20 14.95
CZ HIC G 75 -3.53 -66.15 15.17
H HIC G 75 0.82 -68.46 11.88
HA HIC G 75 0.86 -70.10 13.29
HB2 HIC G 75 -2.17 -70.50 12.72
HB3 HIC G 75 -1.23 -71.14 14.14
HD2 HIC G 75 -3.64 -68.38 13.43
HE1 HIC G 75 -0.96 -66.68 16.32
HZ1 HIC G 75 -4.50 -66.55 15.58
HZ2 HIC G 75 -3.73 -65.60 14.21
HZ3 HIC G 75 -3.10 -65.42 15.92
N GLY G 76 1.09 -71.45 10.88
CA GLY G 76 1.42 -72.60 10.09
C GLY G 76 0.34 -73.02 9.10
N ILE G 77 -0.68 -72.19 8.96
CA ILE G 77 -1.81 -72.46 8.07
C ILE G 77 -1.85 -71.39 6.99
N ILE G 78 -1.84 -71.81 5.73
CA ILE G 78 -1.90 -70.90 4.61
C ILE G 78 -3.29 -70.29 4.56
N THR G 79 -3.38 -68.99 4.78
CA THR G 79 -4.67 -68.28 4.76
C THR G 79 -4.93 -67.54 3.46
N ASN G 80 -3.88 -67.18 2.72
CA ASN G 80 -4.02 -66.47 1.45
C ASN G 80 -3.33 -67.31 0.38
N TRP G 81 -4.11 -68.08 -0.37
CA TRP G 81 -3.53 -69.01 -1.35
C TRP G 81 -3.05 -68.28 -2.60
N ASP G 82 -3.69 -67.17 -2.96
CA ASP G 82 -3.17 -66.38 -4.07
C ASP G 82 -1.79 -65.82 -3.74
N ASP G 83 -1.61 -65.34 -2.51
CA ASP G 83 -0.31 -64.83 -2.11
C ASP G 83 0.70 -65.96 -1.92
N MET G 84 0.27 -67.11 -1.41
CA MET G 84 1.18 -68.23 -1.27
C MET G 84 1.69 -68.69 -2.63
N GLU G 85 0.80 -68.78 -3.62
CA GLU G 85 1.24 -69.09 -4.97
C GLU G 85 2.24 -68.06 -5.48
N LYS G 86 2.05 -66.80 -5.11
CA LYS G 86 3.02 -65.77 -5.47
C LYS G 86 4.37 -66.03 -4.82
N ILE G 87 4.35 -66.47 -3.55
CA ILE G 87 5.60 -66.76 -2.85
C ILE G 87 6.30 -67.96 -3.48
N TRP G 88 5.54 -69.01 -3.77
CA TRP G 88 6.14 -70.21 -4.39
C TRP G 88 6.70 -69.89 -5.76
N HIS G 89 5.96 -69.12 -6.56
CA HIS G 89 6.48 -68.73 -7.88
C HIS G 89 7.77 -67.93 -7.75
N HIS G 90 7.82 -67.02 -6.78
CA HIS G 90 9.04 -66.28 -6.54
C HIS G 90 10.18 -67.21 -6.12
N THR G 91 9.87 -68.20 -5.28
CA THR G 91 10.91 -69.09 -4.77
C THR G 91 11.57 -69.87 -5.89
N PHE G 92 10.77 -70.44 -6.79
CA PHE G 92 11.34 -71.28 -7.86
C PHE G 92 12.04 -70.44 -8.92
N TYR G 93 11.29 -69.53 -9.56
CA TYR G 93 11.78 -68.84 -10.74
C TYR G 93 12.76 -67.72 -10.42
N ASN G 94 12.55 -66.98 -9.34
CA ASN G 94 13.36 -65.79 -9.05
C ASN G 94 14.43 -66.01 -7.99
N GLU G 95 14.32 -67.07 -7.18
CA GLU G 95 15.28 -67.33 -6.12
C GLU G 95 16.17 -68.53 -6.43
N LEU G 96 15.56 -69.66 -6.81
CA LEU G 96 16.32 -70.84 -7.22
C LEU G 96 16.58 -70.87 -8.72
N ARG G 97 15.83 -70.11 -9.50
CA ARG G 97 16.01 -70.05 -10.95
C ARG G 97 15.99 -71.45 -11.56
N VAL G 98 14.93 -72.19 -11.23
CA VAL G 98 14.73 -73.55 -11.72
C VAL G 98 13.36 -73.64 -12.37
N ALA G 99 13.18 -74.68 -13.16
CA ALA G 99 11.86 -75.02 -13.69
C ALA G 99 11.26 -76.07 -12.78
N PRO G 100 10.17 -75.77 -12.06
CA PRO G 100 9.61 -76.77 -11.14
C PRO G 100 9.13 -78.03 -11.83
N GLU G 101 8.94 -77.98 -13.15
CA GLU G 101 8.44 -79.13 -13.89
C GLU G 101 9.37 -80.33 -13.87
N GLU G 102 10.64 -80.15 -13.48
CA GLU G 102 11.62 -81.22 -13.54
C GLU G 102 12.37 -81.40 -12.22
N HIS G 103 11.72 -81.13 -11.09
CA HIS G 103 12.33 -81.33 -9.79
C HIS G 103 11.29 -81.78 -8.77
N PRO G 104 11.43 -82.97 -8.19
CA PRO G 104 10.54 -83.32 -7.07
C PRO G 104 10.75 -82.34 -5.92
N THR G 105 9.64 -81.96 -5.28
CA THR G 105 9.64 -80.90 -4.28
C THR G 105 9.24 -81.47 -2.94
N LEU G 106 10.09 -81.26 -1.93
CA LEU G 106 9.84 -81.70 -0.57
C LEU G 106 9.34 -80.50 0.23
N LEU G 107 8.05 -80.50 0.57
CA LEU G 107 7.45 -79.46 1.39
C LEU G 107 7.33 -79.92 2.83
N THR G 108 7.14 -78.96 3.72
CA THR G 108 7.05 -79.22 5.15
C THR G 108 5.78 -78.61 5.72
N GLU G 109 5.29 -79.20 6.80
CA GLU G 109 4.07 -78.74 7.44
C GLU G 109 4.15 -79.06 8.93
N ALA G 110 3.38 -78.31 9.71
CA ALA G 110 3.30 -78.57 11.14
C ALA G 110 2.30 -79.69 11.42
N PRO G 111 2.48 -80.43 12.50
CA PRO G 111 1.50 -81.46 12.86
C PRO G 111 0.19 -80.83 13.33
N LEU G 112 -0.88 -81.62 13.19
CA LEU G 112 -2.22 -81.19 13.59
C LEU G 112 -2.70 -80.00 12.77
N ASN G 113 -2.24 -79.89 11.53
CA ASN G 113 -2.72 -78.87 10.62
C ASN G 113 -4.02 -79.30 9.97
N PRO G 114 -4.80 -78.35 9.46
CA PRO G 114 -6.00 -78.73 8.69
C PRO G 114 -5.62 -79.54 7.46
N LYS G 115 -6.46 -80.53 7.16
CA LYS G 115 -6.17 -81.40 6.02
C LYS G 115 -6.29 -80.64 4.70
N ALA G 116 -7.16 -79.64 4.64
CA ALA G 116 -7.27 -78.81 3.44
C ALA G 116 -5.95 -78.11 3.13
N ASN G 117 -5.16 -77.78 4.16
CA ASN G 117 -3.85 -77.17 3.92
C ASN G 117 -2.98 -78.10 3.07
N ARG G 118 -2.84 -79.36 3.50
CA ARG G 118 -2.07 -80.32 2.72
C ARG G 118 -2.69 -80.54 1.34
N GLU G 119 -4.01 -80.68 1.28
CA GLU G 119 -4.65 -80.96 -0.01
C GLU G 119 -4.37 -79.86 -1.01
N LYS G 120 -4.51 -78.60 -0.57
CA LYS G 120 -4.26 -77.47 -1.47
C LYS G 120 -2.78 -77.37 -1.82
N MET G 121 -1.90 -77.67 -0.86
CA MET G 121 -0.48 -77.69 -1.17
C MET G 121 -0.18 -78.68 -2.29
N THR G 122 -0.78 -79.86 -2.23
CA THR G 122 -0.57 -80.86 -3.27
C THR G 122 -1.17 -80.41 -4.60
N GLN G 123 -2.40 -79.88 -4.56
CA GLN G 123 -3.06 -79.48 -5.80
C GLN G 123 -2.28 -78.38 -6.50
N ILE G 124 -1.81 -77.38 -5.75
CA ILE G 124 -1.06 -76.29 -6.35
C ILE G 124 0.24 -76.80 -6.97
N MET G 125 0.95 -77.68 -6.26
CA MET G 125 2.22 -78.16 -6.77
C MET G 125 2.04 -78.92 -8.08
N PHE G 126 0.99 -79.73 -8.19
CA PHE G 126 0.82 -80.56 -9.38
C PHE G 126 0.11 -79.81 -10.50
N GLU G 127 -0.94 -79.06 -10.19
CA GLU G 127 -1.74 -78.42 -11.23
C GLU G 127 -1.19 -77.06 -11.64
N THR G 128 -0.53 -76.34 -10.75
CA THR G 128 -0.01 -75.01 -11.08
C THR G 128 1.45 -75.06 -11.50
N PHE G 129 2.29 -75.76 -10.75
CA PHE G 129 3.71 -75.85 -11.05
C PHE G 129 4.10 -77.13 -11.76
N ASN G 130 3.19 -78.11 -11.87
CA ASN G 130 3.43 -79.32 -12.63
C ASN G 130 4.73 -80.00 -12.22
N VAL G 131 4.96 -80.09 -10.92
CA VAL G 131 6.16 -80.74 -10.39
C VAL G 131 6.08 -82.23 -10.70
N PRO G 132 7.21 -82.90 -10.98
CA PRO G 132 7.13 -84.35 -11.24
C PRO G 132 6.56 -85.13 -10.07
N ALA G 133 6.92 -84.74 -8.85
CA ALA G 133 6.44 -85.41 -7.65
C ALA G 133 6.68 -84.48 -6.47
N MET G 134 6.02 -84.77 -5.36
CA MET G 134 6.16 -83.94 -4.18
C MET G 134 5.91 -84.78 -2.94
N TYR G 135 6.19 -84.20 -1.79
CA TYR G 135 6.03 -84.86 -0.50
C TYR G 135 5.92 -83.80 0.58
N VAL G 136 5.01 -84.01 1.51
CA VAL G 136 4.79 -83.10 2.64
C VAL G 136 5.26 -83.80 3.90
N ALA G 137 6.27 -83.23 4.54
CA ALA G 137 6.87 -83.82 5.73
C ALA G 137 6.52 -82.98 6.95
N ILE G 138 6.54 -83.63 8.11
CA ILE G 138 6.33 -82.94 9.38
C ILE G 138 7.63 -82.30 9.79
N GLN G 139 7.58 -81.01 10.15
CA GLN G 139 8.80 -80.25 10.39
C GLN G 139 9.59 -80.83 11.56
N ALA G 140 8.91 -81.26 12.62
CA ALA G 140 9.61 -81.81 13.77
C ALA G 140 10.40 -83.06 13.39
N VAL G 141 9.80 -83.93 12.57
CA VAL G 141 10.50 -85.14 12.15
C VAL G 141 11.76 -84.78 11.37
N LEU G 142 11.68 -83.77 10.52
CA LEU G 142 12.86 -83.37 9.75
C LEU G 142 13.97 -82.88 10.67
N SER G 143 13.62 -82.09 11.68
CA SER G 143 14.64 -81.64 12.63
C SER G 143 15.37 -82.82 13.25
N LEU G 144 14.67 -83.94 13.44
CA LEU G 144 15.31 -85.13 13.95
C LEU G 144 16.30 -85.70 12.95
N TYR G 145 15.95 -85.68 11.66
CA TYR G 145 16.89 -86.10 10.63
C TYR G 145 18.14 -85.23 10.66
N ALA G 146 17.98 -83.92 10.78
CA ALA G 146 19.13 -83.03 10.86
C ALA G 146 19.96 -83.31 12.09
N SER G 147 19.31 -83.53 13.24
CA SER G 147 20.04 -83.88 14.45
C SER G 147 20.76 -85.22 14.30
N GLY G 148 20.31 -86.07 13.39
CA GLY G 148 20.99 -87.33 13.12
C GLY G 148 20.64 -88.46 14.05
N ARG G 149 19.61 -88.30 14.88
CA ARG G 149 19.19 -89.32 15.82
C ARG G 149 17.79 -89.80 15.44
N THR G 150 17.48 -91.04 15.79
CA THR G 150 16.17 -91.62 15.55
C THR G 150 15.29 -91.61 16.79
N THR G 151 15.78 -91.08 17.90
CA THR G 151 15.02 -90.97 19.13
C THR G 151 15.19 -89.58 19.71
N GLY G 152 14.13 -89.07 20.32
CA GLY G 152 14.15 -87.77 20.94
C GLY G 152 12.84 -87.05 20.75
N ILE G 153 12.62 -86.03 21.57
CA ILE G 153 11.44 -85.18 21.49
C ILE G 153 11.86 -83.83 20.96
N VAL G 154 11.30 -83.44 19.82
CA VAL G 154 11.68 -82.20 19.15
C VAL G 154 10.70 -81.10 19.54
N LEU G 155 11.23 -79.96 19.96
CA LEU G 155 10.44 -78.76 20.18
C LEU G 155 10.76 -77.77 19.08
N ASP G 156 9.96 -77.77 18.02
CA ASP G 156 10.11 -76.85 16.92
C ASP G 156 9.23 -75.62 17.19
N SER G 157 9.84 -74.45 17.10
CA SER G 157 9.13 -73.19 17.31
C SER G 157 9.66 -72.17 16.32
N GLY G 158 8.79 -71.68 15.44
CA GLY G 158 9.19 -70.70 14.45
C GLY G 158 8.41 -69.42 14.59
N ASP G 159 7.78 -68.97 13.50
CA ASP G 159 6.99 -67.76 13.55
C ASP G 159 5.52 -68.05 13.84
N GLY G 160 4.99 -69.17 13.36
CA GLY G 160 3.59 -69.44 13.50
C GLY G 160 3.19 -70.33 14.66
N VAL G 161 3.82 -71.50 14.79
CA VAL G 161 3.37 -72.51 15.74
C VAL G 161 4.56 -73.11 16.47
N THR G 162 4.29 -73.64 17.65
CA THR G 162 5.23 -74.43 18.42
C THR G 162 4.62 -75.81 18.64
N HIS G 163 5.38 -76.86 18.33
CA HIS G 163 4.85 -78.22 18.44
C HIS G 163 5.93 -79.17 18.94
N ASN G 164 5.50 -80.11 19.77
CA ASN G 164 6.35 -81.19 20.28
C ASN G 164 5.98 -82.49 19.59
N VAL G 165 6.97 -83.17 19.04
CA VAL G 165 6.74 -84.48 18.42
C VAL G 165 7.70 -85.49 19.04
N PRO G 166 7.23 -86.38 19.93
CA PRO G 166 8.13 -87.38 20.50
C PRO G 166 8.33 -88.58 19.58
N ILE G 167 9.59 -88.88 19.27
CA ILE G 167 9.94 -89.98 18.38
C ILE G 167 10.89 -90.90 19.13
N TYR G 168 10.62 -92.20 19.07
CA TYR G 168 11.46 -93.22 19.69
C TYR G 168 11.80 -94.27 18.67
N GLU G 169 13.10 -94.44 18.40
CA GLU G 169 13.58 -95.46 17.48
C GLU G 169 12.89 -95.35 16.12
N GLY G 170 12.64 -94.11 15.69
CA GLY G 170 11.99 -93.86 14.43
C GLY G 170 10.49 -93.97 14.45
N TYR G 171 9.88 -94.27 15.59
CA TYR G 171 8.44 -94.35 15.73
C TYR G 171 7.93 -93.12 16.46
N ALA G 172 6.98 -92.42 15.84
CA ALA G 172 6.36 -91.28 16.48
C ALA G 172 5.16 -91.72 17.30
N LEU G 173 4.88 -90.99 18.36
CA LEU G 173 3.72 -91.25 19.20
C LEU G 173 2.70 -90.15 18.95
N PRO G 174 1.90 -90.26 17.89
CA PRO G 174 1.05 -89.12 17.50
C PRO G 174 0.09 -88.68 18.58
N HIS G 175 -0.38 -89.58 19.44
CA HIS G 175 -1.28 -89.17 20.51
C HIS G 175 -0.58 -88.23 21.49
N ALA G 176 0.75 -88.27 21.53
CA ALA G 176 1.53 -87.40 22.41
C ALA G 176 2.00 -86.13 21.73
N ILE G 177 1.65 -85.93 20.46
CA ILE G 177 2.02 -84.71 19.77
C ILE G 177 1.24 -83.54 20.36
N MET G 178 1.95 -82.50 20.76
CA MET G 178 1.35 -81.28 21.28
C MET G 178 1.62 -80.13 20.32
N ARG G 179 0.60 -79.32 20.08
CA ARG G 179 0.71 -78.15 19.23
C ARG G 179 0.30 -76.93 20.04
N LEU G 180 0.95 -75.80 19.77
CA LEU G 180 0.76 -74.58 20.54
C LEU G 180 0.85 -73.40 19.60
N ASP G 181 -0.27 -72.67 19.44
CA ASP G 181 -0.28 -71.52 18.55
C ASP G 181 0.36 -70.32 19.21
N LEU G 182 1.59 -70.49 19.66
CA LEU G 182 2.37 -69.42 20.30
C LEU G 182 3.80 -69.54 19.78
N ALA G 183 4.22 -68.56 19.00
CA ALA G 183 5.52 -68.61 18.35
C ALA G 183 6.04 -67.19 18.21
N GLY G 184 7.04 -67.00 17.35
CA GLY G 184 7.68 -65.70 17.24
C GLY G 184 6.72 -64.58 16.90
N ARG G 185 5.76 -64.86 16.02
CA ARG G 185 4.82 -63.81 15.62
C ARG G 185 4.05 -63.28 16.83
N ASP G 186 3.67 -64.17 17.75
CA ASP G 186 2.98 -63.71 18.96
C ASP G 186 3.91 -62.97 19.90
N LEU G 187 5.19 -63.37 19.93
CA LEU G 187 6.16 -62.65 20.75
C LEU G 187 6.43 -61.27 20.17
N THR G 188 6.49 -61.15 18.84
CA THR G 188 6.65 -59.84 18.22
C THR G 188 5.49 -58.94 18.56
N ASP G 189 4.27 -59.46 18.48
CA ASP G 189 3.09 -58.65 18.82
C ASP G 189 3.10 -58.26 20.29
N TYR G 190 3.48 -59.18 21.17
CA TYR G 190 3.56 -58.84 22.59
C TYR G 190 4.63 -57.79 22.84
N LEU G 191 5.79 -57.91 22.18
CA LEU G 191 6.83 -56.91 22.34
C LEU G 191 6.34 -55.54 21.86
N MET G 192 5.58 -55.52 20.77
CA MET G 192 4.97 -54.27 20.33
C MET G 192 4.10 -53.68 21.43
N LYS G 193 3.33 -54.53 22.12
CA LYS G 193 2.40 -54.04 23.12
C LYS G 193 3.13 -53.47 24.33
N ILE G 194 4.17 -54.15 24.81
CA ILE G 194 4.87 -53.70 26.02
C ILE G 194 5.89 -52.61 25.71
N LEU G 195 6.22 -52.38 24.44
CA LEU G 195 7.05 -51.24 24.09
C LEU G 195 6.33 -49.92 24.27
N THR G 196 5.00 -49.93 24.23
CA THR G 196 4.23 -48.71 24.49
C THR G 196 4.41 -48.24 25.93
N GLU G 197 4.83 -49.13 26.83
CA GLU G 197 5.07 -48.71 28.21
C GLU G 197 6.17 -47.65 28.29
N ARG G 198 7.09 -47.65 27.34
CA ARG G 198 8.18 -46.69 27.30
C ARG G 198 7.92 -45.55 26.32
N GLY G 199 6.73 -45.49 25.72
CA GLY G 199 6.40 -44.43 24.81
C GLY G 199 6.71 -44.70 23.36
N TYR G 200 7.12 -45.91 23.01
CA TYR G 200 7.41 -46.30 21.64
C TYR G 200 6.17 -46.96 21.06
N SER G 201 5.60 -46.34 20.03
CA SER G 201 4.36 -46.81 19.41
C SER G 201 4.67 -47.34 18.02
N PHE G 202 4.57 -48.66 17.85
CA PHE G 202 4.71 -49.31 16.56
C PHE G 202 3.37 -49.92 16.19
N VAL G 203 2.79 -49.45 15.07
CA VAL G 203 1.44 -49.81 14.68
C VAL G 203 1.41 -50.44 13.30
N THR G 204 2.12 -49.85 12.34
CA THR G 204 2.03 -50.30 10.96
C THR G 204 2.69 -51.68 10.80
N THR G 205 2.32 -52.37 9.72
CA THR G 205 2.93 -53.65 9.42
C THR G 205 4.43 -53.50 9.16
N ALA G 206 4.84 -52.41 8.54
CA ALA G 206 6.27 -52.14 8.36
C ALA G 206 6.96 -51.97 9.71
N GLU G 207 6.31 -51.26 10.64
CA GLU G 207 6.90 -51.07 11.97
C GLU G 207 6.95 -52.38 12.74
N ARG G 208 6.09 -53.35 12.40
CA ARG G 208 6.15 -54.64 13.06
C ARG G 208 7.45 -55.36 12.74
N GLU G 209 7.98 -55.17 11.53
CA GLU G 209 9.25 -55.78 11.17
C GLU G 209 10.39 -55.19 11.99
N ILE G 210 10.34 -53.88 12.26
CA ILE G 210 11.35 -53.26 13.10
C ILE G 210 11.31 -53.86 14.51
N VAL G 211 10.11 -54.06 15.05
CA VAL G 211 9.99 -54.71 16.34
C VAL G 211 10.52 -56.13 16.27
N ARG G 212 10.30 -56.80 15.13
CA ARG G 212 10.83 -58.15 14.97
C ARG G 212 12.36 -58.14 15.05
N ASP G 213 13.01 -57.17 14.39
CA ASP G 213 14.46 -57.08 14.47
C ASP G 213 14.92 -56.78 15.89
N ILE G 214 14.21 -55.87 16.58
CA ILE G 214 14.55 -55.58 17.97
C ILE G 214 14.48 -56.84 18.81
N LYS G 215 13.41 -57.61 18.64
CA LYS G 215 13.28 -58.87 19.38
C LYS G 215 14.42 -59.82 19.02
N GLU G 216 14.73 -59.93 17.73
CA GLU G 216 15.72 -60.90 17.29
C GLU G 216 17.10 -60.61 17.86
N LYS G 217 17.49 -59.33 17.93
CA LYS G 217 18.85 -59.01 18.33
C LYS G 217 19.00 -58.34 19.70
N LEU G 218 17.92 -58.25 20.49
CA LEU G 218 18.02 -57.72 21.85
C LEU G 218 17.38 -58.61 22.90
N CYS G 219 16.34 -59.37 22.54
CA CYS G 219 15.63 -60.17 23.54
C CYS G 219 16.40 -61.43 23.89
N TYR G 220 16.23 -61.88 25.14
CA TYR G 220 16.87 -63.08 25.63
C TYR G 220 15.99 -63.68 26.72
N VAL G 221 16.23 -64.96 27.02
CA VAL G 221 15.45 -65.68 28.02
C VAL G 221 16.19 -65.60 29.35
N ALA G 222 15.51 -65.07 30.37
CA ALA G 222 16.08 -64.99 31.70
C ALA G 222 16.06 -66.36 32.38
N LEU G 223 17.18 -66.72 33.00
CA LEU G 223 17.25 -68.00 33.71
C LEU G 223 16.23 -68.03 34.84
N ASP G 224 16.14 -66.95 35.61
CA ASP G 224 15.14 -66.81 36.67
C ASP G 224 14.42 -65.49 36.44
N PHE G 225 13.14 -65.58 36.07
CA PHE G 225 12.41 -64.38 35.67
C PHE G 225 12.29 -63.39 36.83
N GLU G 226 11.89 -63.86 38.01
CA GLU G 226 11.66 -62.95 39.12
C GLU G 226 12.95 -62.28 39.56
N ASN G 227 14.06 -63.03 39.59
CA ASN G 227 15.34 -62.41 39.92
C ASN G 227 15.74 -61.38 38.87
N GLU G 228 15.54 -61.71 37.60
CA GLU G 228 15.88 -60.76 36.54
C GLU G 228 15.04 -59.49 36.63
N MET G 229 13.75 -59.65 36.96
CA MET G 229 12.88 -58.48 37.07
C MET G 229 13.37 -57.54 38.15
N ALA G 230 13.81 -58.07 39.29
CA ALA G 230 14.35 -57.24 40.36
C ALA G 230 15.61 -56.52 39.92
N THR G 231 16.49 -57.22 39.18
CA THR G 231 17.73 -56.60 38.72
C THR G 231 17.44 -55.41 37.81
N ALA G 232 16.51 -55.58 36.87
CA ALA G 232 16.15 -54.47 35.99
C ALA G 232 15.54 -53.32 36.78
N ALA G 233 14.75 -53.63 37.80
CA ALA G 233 14.13 -52.58 38.61
C ALA G 233 15.18 -51.81 39.40
N SER G 234 16.20 -52.49 39.93
CA SER G 234 17.16 -51.87 40.82
C SER G 234 18.41 -51.35 40.11
N SER G 235 18.56 -51.61 38.81
CA SER G 235 19.72 -51.12 38.09
C SER G 235 19.37 -50.98 36.61
N SER G 236 20.30 -50.40 35.86
CA SER G 236 20.15 -50.21 34.42
C SER G 236 21.14 -51.06 33.63
N SER G 237 21.78 -52.04 34.27
CA SER G 237 22.77 -52.86 33.59
C SER G 237 22.17 -53.67 32.45
N LEU G 238 20.87 -53.97 32.51
CA LEU G 238 20.23 -54.80 31.50
C LEU G 238 19.68 -54.01 30.31
N GLU G 239 19.76 -52.69 30.34
CA GLU G 239 19.19 -51.87 29.28
C GLU G 239 20.13 -51.80 28.09
N LYS G 240 19.55 -51.95 26.89
CA LYS G 240 20.29 -51.82 25.64
C LYS G 240 19.56 -50.82 24.75
N SER G 241 20.31 -50.22 23.84
CA SER G 241 19.77 -49.24 22.90
C SER G 241 19.74 -49.83 21.50
N TYR G 242 18.73 -49.41 20.74
CA TYR G 242 18.56 -49.86 19.36
C TYR G 242 18.23 -48.66 18.50
N GLU G 243 18.86 -48.58 17.33
CA GLU G 243 18.71 -47.45 16.43
C GLU G 243 17.66 -47.79 15.37
N LEU G 244 16.59 -46.99 15.32
CA LEU G 244 15.55 -47.20 14.34
C LEU G 244 16.03 -46.76 12.96
N PRO G 245 15.32 -47.16 11.91
CA PRO G 245 15.78 -46.81 10.55
C PRO G 245 15.94 -45.31 10.33
N ASP G 246 15.13 -44.49 10.98
CA ASP G 246 15.18 -43.04 10.80
C ASP G 246 16.13 -42.36 11.77
N GLY G 247 17.01 -43.12 12.42
CA GLY G 247 18.00 -42.54 13.30
C GLY G 247 17.57 -42.37 14.74
N GLN G 248 16.30 -42.60 15.05
CA GLN G 248 15.84 -42.51 16.43
C GLN G 248 16.33 -43.72 17.22
N VAL G 249 16.69 -43.49 18.47
CA VAL G 249 17.27 -44.51 19.34
C VAL G 249 16.24 -44.83 20.43
N ILE G 250 15.91 -46.11 20.55
CA ILE G 250 15.01 -46.59 21.59
C ILE G 250 15.83 -47.41 22.58
N THR G 251 15.38 -47.39 23.84
CA THR G 251 16.02 -48.14 24.91
C THR G 251 14.98 -49.02 25.58
N ILE G 252 15.35 -50.27 25.86
CA ILE G 252 14.47 -51.24 26.50
C ILE G 252 15.21 -51.91 27.63
N GLY G 253 14.52 -52.11 28.75
CA GLY G 253 15.10 -52.76 29.91
C GLY G 253 14.55 -54.15 30.11
N ASN G 254 13.58 -54.30 31.02
CA ASN G 254 13.00 -55.61 31.28
C ASN G 254 12.19 -56.14 30.12
N GLU G 255 11.87 -55.30 29.12
CA GLU G 255 11.21 -55.80 27.92
C GLU G 255 12.09 -56.81 27.18
N ARG G 256 13.40 -56.78 27.42
CA ARG G 256 14.30 -57.70 26.70
C ARG G 256 13.98 -59.15 27.03
N PHE G 257 13.75 -59.46 28.30
CA PHE G 257 13.45 -60.82 28.71
C PHE G 257 11.99 -61.05 29.03
N ARG G 258 11.18 -59.99 29.14
CA ARG G 258 9.75 -60.19 29.32
C ARG G 258 9.09 -60.74 28.08
N CYS G 259 9.55 -60.32 26.89
CA CYS G 259 8.93 -60.82 25.66
C CYS G 259 9.16 -62.32 25.49
N PRO G 260 10.39 -62.84 25.55
CA PRO G 260 10.55 -64.31 25.47
C PRO G 260 9.90 -65.06 26.62
N GLU G 261 9.71 -64.40 27.77
CA GLU G 261 9.10 -65.07 28.91
C GLU G 261 7.69 -65.56 28.59
N THR G 262 7.04 -64.98 27.58
CA THR G 262 5.71 -65.44 27.20
C THR G 262 5.72 -66.91 26.78
N LEU G 263 6.86 -67.42 26.31
CA LEU G 263 6.94 -68.82 25.95
C LEU G 263 6.74 -69.72 27.16
N PHE G 264 7.23 -69.29 28.32
CA PHE G 264 7.08 -70.07 29.55
C PHE G 264 5.89 -69.64 30.38
N GLN G 265 5.35 -68.45 30.13
CA GLN G 265 4.17 -67.94 30.83
C GLN G 265 3.21 -67.41 29.78
N PRO G 266 2.51 -68.29 29.05
CA PRO G 266 1.61 -67.82 27.99
C PRO G 266 0.50 -66.92 28.49
N SER G 267 0.24 -66.87 29.80
CA SER G 267 -0.79 -65.99 30.32
C SER G 267 -0.45 -64.52 30.07
N PHE G 268 0.80 -64.21 29.76
CA PHE G 268 1.17 -62.83 29.48
C PHE G 268 0.38 -62.27 28.30
N ILE G 269 0.06 -63.11 27.31
CA ILE G 269 -0.73 -62.70 26.17
C ILE G 269 -2.15 -63.25 26.26
N GLY G 270 -2.61 -63.55 27.47
CA GLY G 270 -3.98 -63.98 27.68
C GLY G 270 -4.26 -65.43 27.33
N MET G 271 -3.24 -66.22 27.03
CA MET G 271 -3.46 -67.61 26.64
C MET G 271 -3.48 -68.50 27.87
N GLU G 272 -4.34 -69.52 27.85
CA GLU G 272 -4.54 -70.39 29.00
C GLU G 272 -3.60 -71.58 29.02
N SER G 273 -2.96 -71.90 27.90
CA SER G 273 -2.13 -73.09 27.84
C SER G 273 -0.91 -72.96 28.75
N ALA G 274 -0.14 -74.03 28.84
CA ALA G 274 1.07 -74.03 29.64
C ALA G 274 2.27 -73.60 28.81
N GLY G 275 3.36 -73.29 29.50
CA GLY G 275 4.58 -72.90 28.82
C GLY G 275 5.15 -74.03 28.01
N ILE G 276 6.16 -73.69 27.19
CA ILE G 276 6.78 -74.71 26.34
C ILE G 276 7.44 -75.78 27.20
N HIS G 277 7.95 -75.41 28.37
CA HIS G 277 8.57 -76.40 29.25
C HIS G 277 7.54 -77.43 29.73
N GLU G 278 6.36 -76.97 30.15
CA GLU G 278 5.33 -77.90 30.58
C GLU G 278 4.78 -78.69 29.42
N THR G 279 4.61 -78.05 28.26
CA THR G 279 4.14 -78.77 27.09
C THR G 279 5.11 -79.88 26.69
N THR G 280 6.42 -79.59 26.75
CA THR G 280 7.41 -80.63 26.48
C THR G 280 7.32 -81.72 27.53
N TYR G 281 7.19 -81.36 28.81
CA TYR G 281 7.07 -82.36 29.86
C TYR G 281 5.78 -83.15 29.71
N ASN G 282 4.66 -82.47 29.43
CA ASN G 282 3.40 -83.18 29.29
C ASN G 282 3.43 -84.15 28.12
N SER G 283 4.15 -83.78 27.05
CA SER G 283 4.31 -84.70 25.93
C SER G 283 5.05 -85.97 26.37
N ILE G 284 6.11 -85.81 27.15
CA ILE G 284 6.89 -86.96 27.58
C ILE G 284 6.06 -87.87 28.48
N MET G 285 5.21 -87.28 29.33
CA MET G 285 4.40 -88.09 30.23
C MET G 285 3.26 -88.79 29.51
N LYS G 286 2.89 -88.33 28.31
CA LYS G 286 1.92 -89.07 27.50
C LYS G 286 2.55 -90.26 26.78
N CYS G 287 3.88 -90.33 26.72
CA CYS G 287 4.57 -91.45 26.10
C CYS G 287 4.69 -92.61 27.09
N ASP G 288 5.04 -93.77 26.54
CA ASP G 288 5.15 -94.97 27.36
C ASP G 288 6.24 -94.78 28.42
N ILE G 289 5.99 -95.35 29.61
CA ILE G 289 6.90 -95.17 30.74
C ILE G 289 8.31 -95.61 30.39
N ASP G 290 8.44 -96.59 29.49
CA ASP G 290 9.75 -97.17 29.18
C ASP G 290 10.63 -96.26 28.34
N ILE G 291 10.05 -95.37 27.53
CA ILE G 291 10.83 -94.53 26.63
C ILE G 291 11.01 -93.12 27.16
N ARG G 292 10.45 -92.78 28.31
CA ARG G 292 10.57 -91.42 28.83
C ARG G 292 12.02 -91.09 29.16
N LYS G 293 12.80 -92.06 29.63
CA LYS G 293 14.20 -91.79 29.95
C LYS G 293 14.96 -91.32 28.73
N ASP G 294 14.76 -91.97 27.58
CA ASP G 294 15.47 -91.58 26.37
C ASP G 294 14.98 -90.23 25.85
N LEU G 295 13.70 -89.93 26.03
CA LEU G 295 13.19 -88.63 25.62
C LEU G 295 13.73 -87.50 26.50
N TYR G 296 13.85 -87.74 27.81
CA TYR G 296 14.39 -86.72 28.70
C TYR G 296 15.79 -86.30 28.27
N ALA G 297 16.58 -87.22 27.75
CA ALA G 297 17.97 -86.94 27.40
C ALA G 297 18.14 -86.49 25.96
N ASN G 298 17.06 -86.34 25.21
CA ASN G 298 17.14 -86.03 23.79
C ASN G 298 16.13 -84.95 23.41
N ASN G 299 16.04 -83.89 24.23
CA ASN G 299 15.19 -82.76 23.89
C ASN G 299 15.88 -81.92 22.82
N VAL G 300 15.34 -81.94 21.60
CA VAL G 300 15.94 -81.27 20.46
C VAL G 300 15.20 -79.97 20.22
N MET G 301 15.95 -78.86 20.16
CA MET G 301 15.39 -77.55 19.88
C MET G 301 15.52 -77.24 18.40
N SER G 302 14.47 -76.66 17.82
CA SER G 302 14.47 -76.34 16.41
C SER G 302 13.65 -75.08 16.19
N GLY G 303 13.98 -74.34 15.13
CA GLY G 303 13.26 -73.16 14.75
C GLY G 303 13.92 -71.88 15.26
N GLY G 304 13.53 -70.77 14.63
CA GLY G 304 14.10 -69.48 14.99
C GLY G 304 13.72 -69.04 16.39
N THR G 305 12.50 -69.36 16.82
CA THR G 305 12.05 -68.94 18.14
C THR G 305 12.82 -69.60 19.27
N THR G 306 13.61 -70.63 18.98
CA THR G 306 14.49 -71.24 19.96
C THR G 306 15.89 -70.65 19.94
N MET G 307 16.11 -69.56 19.22
CA MET G 307 17.41 -68.92 19.11
C MET G 307 17.66 -67.89 20.20
N TYR G 308 16.71 -67.66 21.09
CA TYR G 308 16.92 -66.68 22.15
C TYR G 308 18.09 -67.12 23.03
N PRO G 309 19.03 -66.24 23.34
CA PRO G 309 20.08 -66.61 24.30
C PRO G 309 19.47 -67.03 25.63
N GLY G 310 19.98 -68.14 26.17
CA GLY G 310 19.54 -68.64 27.44
C GLY G 310 18.28 -69.47 27.43
N ILE G 311 17.67 -69.69 26.27
CA ILE G 311 16.45 -70.49 26.22
C ILE G 311 16.75 -71.95 26.52
N ALA G 312 17.87 -72.46 26.00
CA ALA G 312 18.25 -73.84 26.31
C ALA G 312 18.49 -74.03 27.80
N ASP G 313 19.18 -73.07 28.42
CA ASP G 313 19.41 -73.15 29.87
C ASP G 313 18.10 -73.09 30.63
N ARG G 314 17.18 -72.22 30.21
CA ARG G 314 15.90 -72.12 30.89
C ARG G 314 15.10 -73.41 30.74
N MET G 315 15.03 -73.95 29.53
CA MET G 315 14.32 -75.20 29.32
C MET G 315 14.96 -76.33 30.11
N GLN G 316 16.28 -76.37 30.16
CA GLN G 316 16.97 -77.40 30.92
C GLN G 316 16.63 -77.31 32.40
N LYS G 317 16.52 -76.08 32.93
CA LYS G 317 16.15 -75.90 34.32
C LYS G 317 14.68 -76.23 34.56
N GLU G 318 13.81 -75.76 33.67
CA GLU G 318 12.38 -75.94 33.88
C GLU G 318 11.99 -77.41 33.87
N ILE G 319 12.43 -78.15 32.85
CA ILE G 319 12.06 -79.55 32.76
C ILE G 319 12.69 -80.34 33.90
N THR G 320 13.90 -79.96 34.31
CA THR G 320 14.55 -80.63 35.44
C THR G 320 13.69 -80.54 36.69
N ALA G 321 13.02 -79.40 36.90
CA ALA G 321 12.17 -79.25 38.07
C ALA G 321 10.91 -80.10 37.99
N LEU G 322 10.43 -80.39 36.77
CA LEU G 322 9.23 -81.20 36.60
C LEU G 322 9.52 -82.69 36.65
N ALA G 323 10.61 -83.12 36.05
CA ALA G 323 10.94 -84.53 35.98
C ALA G 323 11.56 -85.01 37.29
N PRO G 324 11.49 -86.31 37.57
CA PRO G 324 12.12 -86.84 38.79
C PRO G 324 13.62 -86.62 38.77
N SER G 325 14.20 -86.45 39.97
CA SER G 325 15.60 -86.06 40.09
C SER G 325 16.54 -87.10 39.50
N THR G 326 16.10 -88.35 39.34
CA THR G 326 16.97 -89.41 38.84
C THR G 326 17.19 -89.34 37.34
N MET G 327 16.35 -88.63 36.60
CA MET G 327 16.48 -88.57 35.16
C MET G 327 17.52 -87.54 34.74
N LYS G 328 18.08 -87.73 33.55
CA LYS G 328 19.09 -86.83 32.99
C LYS G 328 18.42 -86.01 31.89
N ILE G 329 18.08 -84.76 32.22
CA ILE G 329 17.46 -83.85 31.27
C ILE G 329 18.55 -83.19 30.45
N LYS G 330 18.48 -83.33 29.13
CA LYS G 330 19.48 -82.78 28.23
C LYS G 330 18.79 -82.10 27.05
N ILE G 331 19.10 -80.83 26.85
CA ILE G 331 18.53 -80.04 25.76
C ILE G 331 19.59 -79.91 24.69
N ILE G 332 19.30 -80.43 23.50
CA ILE G 332 20.19 -80.36 22.35
C ILE G 332 19.76 -79.15 21.53
N ALA G 333 20.62 -78.13 21.47
CA ALA G 333 20.34 -76.89 20.78
C ALA G 333 21.48 -76.59 19.83
N PRO G 334 21.48 -77.19 18.64
CA PRO G 334 22.57 -76.95 17.69
C PRO G 334 22.59 -75.50 17.25
N PRO G 335 23.77 -74.97 16.89
CA PRO G 335 23.81 -73.59 16.38
C PRO G 335 22.97 -73.39 15.13
N GLU G 336 22.83 -74.42 14.29
CA GLU G 336 22.05 -74.35 13.06
C GLU G 336 20.60 -74.78 13.27
N ARG G 337 20.12 -74.76 14.51
CA ARG G 337 18.75 -75.15 14.78
C ARG G 337 17.73 -74.28 14.06
N LYS G 338 18.11 -73.06 13.67
CA LYS G 338 17.21 -72.23 12.87
C LYS G 338 16.93 -72.86 11.51
N TYR G 339 17.90 -73.61 10.97
CA TYR G 339 17.74 -74.29 9.69
C TYR G 339 17.69 -75.80 9.82
N SER G 340 17.54 -76.33 11.03
CA SER G 340 17.46 -77.78 11.21
C SER G 340 16.38 -78.43 10.36
N VAL G 341 15.22 -77.78 10.24
CA VAL G 341 14.12 -78.39 9.49
C VAL G 341 14.51 -78.54 8.03
N TRP G 342 15.08 -77.49 7.44
CA TRP G 342 15.51 -77.57 6.05
C TRP G 342 16.64 -78.58 5.90
N ILE G 343 17.57 -78.63 6.86
CA ILE G 343 18.68 -79.57 6.76
C ILE G 343 18.16 -81.00 6.76
N GLY G 344 17.19 -81.29 7.63
CA GLY G 344 16.59 -82.61 7.65
C GLY G 344 15.85 -82.93 6.36
N GLY G 345 15.11 -81.95 5.84
CA GLY G 345 14.45 -82.15 4.56
C GLY G 345 15.44 -82.46 3.46
N SER G 346 16.58 -81.78 3.46
CA SER G 346 17.64 -82.07 2.49
C SER G 346 18.16 -83.48 2.67
N ILE G 347 18.39 -83.89 3.92
CA ILE G 347 18.86 -85.25 4.17
C ILE G 347 17.80 -86.26 3.73
N LEU G 348 16.54 -86.02 4.11
CA LEU G 348 15.49 -86.96 3.77
C LEU G 348 15.30 -87.07 2.27
N ALA G 349 15.28 -85.94 1.56
CA ALA G 349 15.02 -85.96 0.13
C ALA G 349 16.13 -86.61 -0.68
N SER G 350 17.33 -86.73 -0.10
CA SER G 350 18.46 -87.34 -0.80
C SER G 350 18.73 -88.78 -0.39
N LEU G 351 17.92 -89.35 0.50
CA LEU G 351 18.09 -90.76 0.84
C LEU G 351 17.62 -91.63 -0.31
N SER G 352 18.37 -92.72 -0.56
CA SER G 352 17.98 -93.64 -1.63
C SER G 352 16.65 -94.32 -1.30
N THR G 353 16.45 -94.72 -0.05
CA THR G 353 15.22 -95.40 0.34
C THR G 353 14.00 -94.49 0.32
N PHE G 354 14.19 -93.18 0.25
CA PHE G 354 13.07 -92.25 0.22
C PHE G 354 12.46 -92.08 -1.16
N GLN G 355 13.14 -92.53 -2.21
CA GLN G 355 12.69 -92.26 -3.57
C GLN G 355 11.38 -92.95 -3.92
N GLN G 356 10.95 -93.93 -3.14
CA GLN G 356 9.68 -94.60 -3.37
C GLN G 356 8.54 -93.99 -2.55
N MET G 357 8.79 -92.91 -1.80
CA MET G 357 7.77 -92.29 -0.98
C MET G 357 7.19 -91.03 -1.60
N TRP G 358 7.77 -90.53 -2.69
CA TRP G 358 7.23 -89.36 -3.35
C TRP G 358 5.82 -89.61 -3.85
N ILE G 359 4.97 -88.59 -3.77
CA ILE G 359 3.72 -88.60 -4.50
C ILE G 359 4.01 -88.19 -5.94
N THR G 360 3.94 -89.13 -6.87
CA THR G 360 4.22 -88.83 -8.26
C THR G 360 2.97 -88.32 -8.95
N LYS G 361 3.18 -87.60 -10.07
CA LYS G 361 2.07 -86.98 -10.77
C LYS G 361 1.02 -88.00 -11.18
N GLN G 362 1.44 -89.21 -11.51
CA GLN G 362 0.48 -90.23 -11.96
C GLN G 362 -0.49 -90.60 -10.84
N GLU G 363 0.03 -90.93 -9.66
CA GLU G 363 -0.86 -91.34 -8.58
C GLU G 363 -1.68 -90.18 -8.04
N TYR G 364 -1.25 -88.94 -8.31
CA TYR G 364 -2.11 -87.80 -8.02
C TYR G 364 -3.24 -87.70 -9.04
N ASP G 365 -2.93 -87.98 -10.31
CA ASP G 365 -3.94 -87.90 -11.35
C ASP G 365 -5.05 -88.91 -11.11
N GLU G 366 -4.71 -90.11 -10.64
CA GLU G 366 -5.69 -91.16 -10.46
C GLU G 366 -6.43 -91.04 -9.12
N ALA G 367 -5.81 -90.46 -8.10
CA ALA G 367 -6.42 -90.39 -6.78
C ALA G 367 -6.79 -88.98 -6.34
N GLY G 368 -6.29 -87.94 -6.99
CA GLY G 368 -6.62 -86.59 -6.63
C GLY G 368 -5.78 -86.09 -5.46
N PRO G 369 -6.07 -84.87 -5.00
CA PRO G 369 -5.28 -84.29 -3.91
C PRO G 369 -5.37 -85.06 -2.61
N SER G 370 -6.40 -85.90 -2.43
CA SER G 370 -6.53 -86.67 -1.19
C SER G 370 -5.41 -87.68 -1.00
N ILE G 371 -4.62 -87.95 -2.04
CA ILE G 371 -3.53 -88.92 -1.92
C ILE G 371 -2.52 -88.50 -0.86
N VAL G 372 -2.41 -87.21 -0.57
CA VAL G 372 -1.41 -86.74 0.37
C VAL G 372 -1.64 -87.34 1.75
N HIS G 373 -2.89 -87.64 2.11
CA HIS G 373 -3.18 -88.18 3.42
C HIS G 373 -2.80 -89.65 3.55
N ARG G 374 -2.66 -90.37 2.44
CA ARG G 374 -2.27 -91.77 2.48
C ARG G 374 -0.75 -91.95 2.52
N LYS G 375 -0.01 -91.11 1.79
CA LYS G 375 1.42 -91.30 1.61
C LYS G 375 2.28 -90.46 2.54
N CYS G 376 1.72 -89.45 3.19
CA CYS G 376 2.48 -88.53 4.02
C CYS G 376 1.95 -88.55 5.44
N PHE G 377 2.84 -88.54 6.42
CA PHE G 377 2.46 -88.52 7.83
C PHE G 377 1.97 -87.14 8.25
N THR H 8 -34.13 -89.25 56.27
CA THR H 8 -33.98 -89.66 54.87
C THR H 8 -32.53 -89.51 54.43
N ALA H 9 -32.03 -90.53 53.74
CA ALA H 9 -30.63 -90.58 53.37
C ALA H 9 -30.37 -89.78 52.10
N LEU H 10 -29.13 -89.29 51.98
CA LEU H 10 -28.64 -88.63 50.77
C LEU H 10 -27.85 -89.63 49.96
N VAL H 11 -28.03 -89.61 48.64
CA VAL H 11 -27.25 -90.42 47.72
C VAL H 11 -26.64 -89.48 46.68
N CYS H 12 -25.32 -89.40 46.67
CA CYS H 12 -24.58 -88.50 45.79
C CYS H 12 -23.61 -89.31 44.95
N ASP H 13 -23.84 -89.32 43.64
CA ASP H 13 -22.96 -90.02 42.70
C ASP H 13 -21.95 -89.01 42.18
N ASN H 14 -20.81 -88.92 42.85
CA ASN H 14 -19.77 -87.94 42.52
C ASN H 14 -18.94 -88.37 41.29
N GLY H 15 -19.67 -88.65 40.21
CA GLY H 15 -19.05 -89.08 38.97
C GLY H 15 -17.94 -88.15 38.52
N SER H 16 -17.12 -88.62 37.58
CA SER H 16 -15.96 -87.85 37.16
C SER H 16 -16.36 -86.55 36.47
N GLY H 17 -17.44 -86.55 35.71
CA GLY H 17 -17.85 -85.38 34.97
C GLY H 17 -19.03 -84.65 35.58
N LEU H 18 -20.00 -85.40 36.09
CA LEU H 18 -21.19 -84.84 36.70
C LEU H 18 -21.38 -85.43 38.09
N VAL H 19 -21.99 -84.63 38.97
CA VAL H 19 -22.38 -85.08 40.29
C VAL H 19 -23.90 -85.13 40.31
N LYS H 20 -24.44 -86.31 40.53
CA LYS H 20 -25.89 -86.52 40.65
C LYS H 20 -26.22 -86.68 42.12
N ALA H 21 -26.98 -85.74 42.66
CA ALA H 21 -27.29 -85.71 44.08
C ALA H 21 -28.79 -85.64 44.28
N GLY H 22 -29.24 -86.20 45.40
CA GLY H 22 -30.66 -86.23 45.71
C GLY H 22 -30.90 -87.02 46.98
N PHE H 23 -32.16 -87.35 47.20
CA PHE H 23 -32.60 -88.04 48.41
C PHE H 23 -33.02 -89.46 48.08
N ALA H 24 -32.64 -90.40 48.94
CA ALA H 24 -33.02 -91.79 48.75
C ALA H 24 -34.53 -91.92 48.70
N GLY H 25 -35.01 -92.76 47.78
CA GLY H 25 -36.42 -92.96 47.54
C GLY H 25 -36.94 -92.26 46.31
N ASP H 26 -36.36 -91.10 45.97
CA ASP H 26 -36.77 -90.39 44.77
C ASP H 26 -36.34 -91.16 43.53
N ASP H 27 -37.08 -90.94 42.44
CA ASP H 27 -36.83 -91.63 41.18
C ASP H 27 -35.93 -90.84 40.24
N ALA H 28 -35.41 -89.70 40.67
CA ALA H 28 -34.49 -88.93 39.86
C ALA H 28 -33.65 -88.04 40.77
N PRO H 29 -32.38 -87.82 40.46
CA PRO H 29 -31.57 -86.93 41.30
C PRO H 29 -32.12 -85.52 41.31
N ARG H 30 -32.03 -84.87 42.47
CA ARG H 30 -32.53 -83.51 42.59
C ARG H 30 -31.60 -82.52 41.89
N ALA H 31 -30.30 -82.69 42.07
CA ALA H 31 -29.30 -81.78 41.53
C ALA H 31 -28.35 -82.54 40.60
N VAL H 32 -28.19 -82.04 39.39
CA VAL H 32 -27.25 -82.59 38.42
C VAL H 32 -26.50 -81.42 37.80
N PHE H 33 -25.23 -81.26 38.16
CA PHE H 33 -24.44 -80.14 37.68
C PHE H 33 -23.02 -80.62 37.44
N PRO H 34 -22.25 -79.93 36.62
CA PRO H 34 -20.89 -80.37 36.31
C PRO H 34 -20.02 -80.39 37.57
N SER H 35 -19.09 -81.35 37.61
CA SER H 35 -18.14 -81.46 38.71
C SER H 35 -16.86 -80.70 38.35
N ILE H 36 -16.99 -79.37 38.32
CA ILE H 36 -15.91 -78.48 37.92
C ILE H 36 -15.86 -77.31 38.90
N VAL H 37 -14.64 -76.88 39.21
CA VAL H 37 -14.40 -75.66 39.98
C VAL H 37 -13.66 -74.69 39.08
N GLY H 38 -14.27 -73.55 38.79
CA GLY H 38 -13.70 -72.54 37.91
C GLY H 38 -13.17 -71.38 38.73
N ARG H 39 -12.00 -70.87 38.33
CA ARG H 39 -11.39 -69.73 38.98
C ARG H 39 -11.05 -68.67 37.93
N PRO H 40 -11.20 -67.39 38.26
CA PRO H 40 -10.92 -66.35 37.27
C PRO H 40 -9.47 -66.40 36.79
N ARG H 41 -9.28 -66.16 35.50
CA ARG H 41 -7.95 -66.11 34.91
C ARG H 41 -7.65 -64.76 34.27
N HIS H 42 -8.56 -63.80 34.37
CA HIS H 42 -8.38 -62.46 33.84
C HIS H 42 -8.29 -61.46 34.99
N GLN H 43 -8.07 -60.20 34.65
CA GLN H 43 -7.64 -59.19 35.60
C GLN H 43 -8.80 -58.39 36.16
N GLY H 44 -8.67 -58.04 37.45
CA GLY H 44 -9.46 -56.95 38.01
C GLY H 44 -10.96 -57.19 37.83
N VAL H 45 -11.69 -56.15 37.42
CA VAL H 45 -11.25 -54.77 37.20
C VAL H 45 -12.23 -53.75 37.80
N MET H 46 -13.36 -54.22 38.31
CA MET H 46 -14.40 -53.35 38.85
C MET H 46 -14.63 -53.68 40.31
N VAL H 47 -14.67 -52.63 41.15
CA VAL H 47 -14.92 -52.82 42.57
C VAL H 47 -16.32 -53.37 42.77
N GLY H 48 -16.47 -54.24 43.77
CA GLY H 48 -17.69 -55.00 43.95
C GLY H 48 -17.75 -56.25 43.09
N MET H 49 -17.25 -56.18 41.86
CA MET H 49 -17.01 -57.34 41.03
C MET H 49 -15.72 -58.01 41.50
N GLY H 50 -15.21 -58.98 40.75
CA GLY H 50 -14.20 -59.85 41.32
C GLY H 50 -14.77 -60.59 42.51
N GLN H 51 -16.00 -61.10 42.36
CA GLN H 51 -16.83 -61.42 43.51
C GLN H 51 -16.26 -62.58 44.32
N LYS H 52 -15.94 -63.68 43.64
CA LYS H 52 -15.53 -64.90 44.31
C LYS H 52 -14.24 -65.42 43.69
N ASP H 53 -13.39 -66.01 44.54
CA ASP H 53 -12.15 -66.59 44.06
C ASP H 53 -12.39 -67.85 43.24
N SER H 54 -13.57 -68.45 43.34
CA SER H 54 -13.86 -69.67 42.60
C SER H 54 -15.36 -69.77 42.37
N TYR H 55 -15.72 -70.56 41.36
CA TYR H 55 -17.10 -70.88 41.05
C TYR H 55 -17.23 -72.39 40.89
N VAL H 56 -18.41 -72.91 41.21
CA VAL H 56 -18.64 -74.34 41.29
C VAL H 56 -19.86 -74.71 40.46
N GLY H 57 -19.74 -75.81 39.71
CA GLY H 57 -20.90 -76.38 39.04
C GLY H 57 -21.44 -75.48 37.95
N ASP H 58 -22.76 -75.26 37.98
CA ASP H 58 -23.41 -74.53 36.89
C ASP H 58 -22.88 -73.11 36.78
N GLU H 59 -22.59 -72.47 37.91
CA GLU H 59 -22.02 -71.12 37.86
C GLU H 59 -20.72 -71.09 37.06
N ALA H 60 -19.85 -72.07 37.31
CA ALA H 60 -18.60 -72.13 36.56
C ALA H 60 -18.85 -72.34 35.08
N GLN H 61 -19.84 -73.19 34.74
CA GLN H 61 -20.14 -73.44 33.35
C GLN H 61 -20.65 -72.19 32.64
N SER H 62 -21.47 -71.39 33.33
CA SER H 62 -22.04 -70.20 32.71
C SER H 62 -21.02 -69.07 32.58
N LYS H 63 -20.09 -68.96 33.53
CA LYS H 63 -19.06 -67.94 33.50
C LYS H 63 -17.73 -68.46 32.94
N ARG H 64 -17.76 -69.61 32.27
CA ARG H 64 -16.53 -70.27 31.87
C ARG H 64 -15.68 -69.42 30.94
N GLY H 65 -16.25 -68.40 30.31
CA GLY H 65 -15.48 -67.56 29.42
C GLY H 65 -14.30 -66.90 30.08
N ILE H 66 -14.45 -66.50 31.34
CA ILE H 66 -13.40 -65.81 32.08
C ILE H 66 -12.85 -66.68 33.21
N LEU H 67 -12.99 -68.00 33.11
CA LEU H 67 -12.58 -68.92 34.15
C LEU H 67 -11.69 -70.01 33.58
N THR H 68 -10.84 -70.57 34.45
CA THR H 68 -10.13 -71.80 34.16
C THR H 68 -10.83 -72.95 34.89
N LEU H 69 -11.42 -73.86 34.12
CA LEU H 69 -12.20 -74.95 34.67
C LEU H 69 -11.30 -76.14 35.00
N LYS H 70 -11.42 -76.66 36.21
CA LYS H 70 -10.66 -77.82 36.65
C LYS H 70 -11.62 -78.88 37.19
N TYR H 71 -11.37 -80.13 36.81
CA TYR H 71 -12.15 -81.24 37.32
C TYR H 71 -11.44 -81.84 38.53
N PRO H 72 -12.00 -81.77 39.73
CA PRO H 72 -11.32 -82.38 40.89
C PRO H 72 -11.21 -83.89 40.81
N ILE H 73 -11.97 -84.54 39.94
CA ILE H 73 -11.95 -85.99 39.78
C ILE H 73 -11.41 -86.30 38.40
N GLU H 74 -10.33 -87.08 38.35
CA GLU H 74 -9.73 -87.48 37.08
C GLU H 74 -9.74 -89.01 36.98
N HIC H 75 -10.39 -89.50 35.92
CA HIC H 75 -10.68 -90.90 35.73
C HIC H 75 -10.95 -91.59 37.07
O HIC H 75 -10.25 -92.47 37.56
CB HIC H 75 -9.59 -91.72 35.01
CG HIC H 75 -8.19 -91.35 35.26
ND1 HIC H 75 -7.37 -90.67 34.36
CD2 HIC H 75 -7.47 -91.64 36.44
CE1 HIC H 75 -6.18 -90.54 34.96
NE2 HIC H 75 -6.19 -91.13 36.24
CZ HIC H 75 -5.11 -91.18 37.17
H HIC H 75 -10.74 -88.95 35.16
HA HIC H 75 -11.62 -90.96 35.12
HB2 HIC H 75 -9.73 -92.80 35.29
HB3 HIC H 75 -9.77 -91.65 33.90
HD2 HIC H 75 -7.76 -92.16 37.35
HE1 HIC H 75 -5.30 -90.04 34.55
HZ1 HIC H 75 -5.35 -90.57 38.08
HZ2 HIC H 75 -4.93 -92.24 37.48
HZ3 HIC H 75 -4.18 -90.78 36.70
N GLY H 76 -12.05 -91.15 37.67
CA GLY H 76 -12.59 -91.80 38.85
C GLY H 76 -11.90 -91.46 40.17
N ILE H 77 -10.69 -90.93 40.10
CA ILE H 77 -9.87 -90.66 41.27
C ILE H 77 -9.95 -89.18 41.58
N ILE H 78 -10.22 -88.84 42.85
CA ILE H 78 -10.19 -87.45 43.28
C ILE H 78 -8.74 -87.01 43.35
N THR H 79 -8.40 -85.96 42.61
CA THR H 79 -7.04 -85.45 42.54
C THR H 79 -6.85 -84.11 43.21
N ASN H 80 -7.93 -83.36 43.45
CA ASN H 80 -7.86 -82.06 44.12
C ASN H 80 -8.90 -82.08 45.24
N TRP H 81 -8.46 -82.43 46.44
CA TRP H 81 -9.39 -82.60 47.55
C TRP H 81 -9.97 -81.28 48.04
N ASP H 82 -9.19 -80.20 47.95
CA ASP H 82 -9.74 -78.89 48.31
C ASP H 82 -10.89 -78.51 47.38
N ASP H 83 -10.73 -78.78 46.09
CA ASP H 83 -11.81 -78.53 45.14
C ASP H 83 -12.95 -79.53 45.33
N MET H 84 -12.62 -80.78 45.68
CA MET H 84 -13.68 -81.76 45.91
C MET H 84 -14.52 -81.38 47.12
N GLU H 85 -13.87 -80.93 48.20
CA GLU H 85 -14.62 -80.47 49.36
C GLU H 85 -15.48 -79.26 49.00
N LYS H 86 -14.99 -78.41 48.09
CA LYS H 86 -15.79 -77.31 47.60
C LYS H 86 -17.02 -77.81 46.85
N ILE H 87 -16.85 -78.87 46.05
CA ILE H 87 -17.97 -79.42 45.29
C ILE H 87 -19.01 -80.00 46.23
N TRP H 88 -18.57 -80.80 47.21
CA TRP H 88 -19.51 -81.41 48.13
C TRP H 88 -20.26 -80.37 48.94
N HIS H 89 -19.56 -79.33 49.42
CA HIS H 89 -20.24 -78.26 50.14
C HIS H 89 -21.29 -77.60 49.26
N HIS H 90 -20.97 -77.37 47.98
CA HIS H 90 -21.96 -76.83 47.07
C HIS H 90 -23.14 -77.77 46.91
N THR H 91 -22.87 -79.08 46.84
CA THR H 91 -23.95 -80.04 46.64
C THR H 91 -24.93 -80.03 47.81
N PHE H 92 -24.42 -80.01 49.03
CA PHE H 92 -25.30 -80.09 50.20
C PHE H 92 -26.02 -78.78 50.44
N TYR H 93 -25.27 -77.72 50.72
CA TYR H 93 -25.87 -76.48 51.22
C TYR H 93 -26.55 -75.68 50.12
N ASN H 94 -25.98 -75.65 48.92
CA ASN H 94 -26.48 -74.78 47.86
C ASN H 94 -27.45 -75.47 46.91
N GLU H 95 -27.26 -76.77 46.64
CA GLU H 95 -28.11 -77.49 45.70
C GLU H 95 -29.21 -78.27 46.40
N LEU H 96 -28.85 -79.16 47.33
CA LEU H 96 -29.86 -79.86 48.12
C LEU H 96 -30.43 -79.01 49.24
N ARG H 97 -29.65 -78.07 49.76
CA ARG H 97 -30.09 -77.18 50.84
C ARG H 97 -30.50 -77.99 52.06
N VAL H 98 -29.56 -78.80 52.55
CA VAL H 98 -29.77 -79.67 53.70
C VAL H 98 -28.55 -79.58 54.62
N ALA H 99 -28.75 -80.02 55.86
CA ALA H 99 -27.65 -80.14 56.81
C ALA H 99 -27.08 -81.54 56.73
N PRO H 100 -25.81 -81.72 56.37
CA PRO H 100 -25.26 -83.09 56.29
C PRO H 100 -25.32 -83.83 57.61
N GLU H 101 -25.35 -83.12 58.74
CA GLU H 101 -25.37 -83.76 60.05
C GLU H 101 -26.64 -84.56 60.29
N GLU H 102 -27.69 -84.33 59.51
CA GLU H 102 -28.99 -84.98 59.74
C GLU H 102 -29.24 -86.17 58.83
N HIS H 103 -28.57 -86.25 57.69
CA HIS H 103 -28.85 -87.28 56.70
C HIS H 103 -27.68 -88.22 56.53
N PRO H 104 -27.89 -89.54 56.56
CA PRO H 104 -26.87 -90.44 56.04
C PRO H 104 -26.60 -90.16 54.57
N THR H 105 -25.34 -90.30 54.17
CA THR H 105 -24.91 -89.99 52.82
C THR H 105 -24.35 -91.25 52.17
N LEU H 106 -24.88 -91.60 51.00
CA LEU H 106 -24.38 -92.73 50.21
C LEU H 106 -23.55 -92.18 49.06
N LEU H 107 -22.28 -92.58 49.01
CA LEU H 107 -21.38 -92.18 47.96
C LEU H 107 -21.07 -93.36 47.04
N THR H 108 -20.49 -93.06 45.89
CA THR H 108 -20.19 -94.07 44.89
C THR H 108 -18.78 -93.84 44.36
N GLU H 109 -18.16 -94.93 43.92
CA GLU H 109 -16.86 -94.85 43.27
C GLU H 109 -16.70 -96.07 42.36
N ALA H 110 -15.81 -95.95 41.39
CA ALA H 110 -15.54 -97.05 40.49
C ALA H 110 -14.73 -98.14 41.19
N PRO H 111 -14.83 -99.38 40.75
CA PRO H 111 -14.00 -100.44 41.33
C PRO H 111 -12.54 -100.27 40.94
N LEU H 112 -11.67 -100.89 41.74
CA LEU H 112 -10.23 -100.86 41.52
C LEU H 112 -9.65 -99.46 41.65
N ASN H 113 -10.29 -98.60 42.44
CA ASN H 113 -9.76 -97.27 42.72
C ASN H 113 -8.71 -97.34 43.82
N PRO H 114 -7.87 -96.31 43.94
CA PRO H 114 -6.95 -96.25 45.07
C PRO H 114 -7.70 -96.28 46.40
N LYS H 115 -7.11 -96.99 47.37
CA LYS H 115 -7.75 -97.14 48.67
C LYS H 115 -7.76 -95.83 49.44
N ALA H 116 -6.72 -95.01 49.26
CA ALA H 116 -6.70 -93.69 49.87
C ALA H 116 -7.88 -92.85 49.40
N ASN H 117 -8.39 -93.11 48.19
CA ASN H 117 -9.55 -92.37 47.71
C ASN H 117 -10.75 -92.60 48.62
N ARG H 118 -11.08 -93.85 48.90
CA ARG H 118 -12.15 -94.14 49.83
C ARG H 118 -11.84 -93.61 51.22
N GLU H 119 -10.60 -93.83 51.69
CA GLU H 119 -10.26 -93.44 53.05
C GLU H 119 -10.47 -91.95 53.27
N LYS H 120 -9.93 -91.12 52.37
CA LYS H 120 -10.09 -89.68 52.51
C LYS H 120 -11.53 -89.26 52.27
N MET H 121 -12.21 -89.93 51.33
CA MET H 121 -13.62 -89.64 51.12
C MET H 121 -14.42 -89.92 52.39
N THR H 122 -14.11 -91.02 53.08
CA THR H 122 -14.75 -91.30 54.36
C THR H 122 -14.39 -90.24 55.40
N GLN H 123 -13.12 -89.85 55.46
CA GLN H 123 -12.68 -88.90 56.47
C GLN H 123 -13.35 -87.55 56.30
N ILE H 124 -13.46 -87.06 55.06
CA ILE H 124 -14.07 -85.76 54.82
C ILE H 124 -15.53 -85.77 55.24
N MET H 125 -16.24 -86.87 54.95
CA MET H 125 -17.66 -86.94 55.29
C MET H 125 -17.88 -86.83 56.79
N PHE H 126 -17.06 -87.51 57.58
CA PHE H 126 -17.26 -87.54 59.03
C PHE H 126 -16.62 -86.34 59.74
N GLU H 127 -15.42 -85.94 59.33
CA GLU H 127 -14.68 -84.90 60.04
C GLU H 127 -14.96 -83.50 59.54
N THR H 128 -15.42 -83.33 58.30
CA THR H 128 -15.70 -82.02 57.75
C THR H 128 -17.18 -81.74 57.60
N PHE H 129 -17.97 -82.73 57.19
CA PHE H 129 -19.41 -82.57 57.06
C PHE H 129 -20.19 -83.22 58.19
N ASN H 130 -19.54 -84.03 59.03
CA ASN H 130 -20.13 -84.54 60.27
C ASN H 130 -21.46 -85.24 60.00
N VAL H 131 -21.49 -86.03 58.92
CA VAL H 131 -22.68 -86.81 58.60
C VAL H 131 -22.84 -87.89 59.66
N PRO H 132 -24.07 -88.31 59.99
CA PRO H 132 -24.23 -89.35 61.00
C PRO H 132 -23.87 -90.74 60.50
N ALA H 133 -24.07 -91.02 59.22
CA ALA H 133 -23.74 -92.31 58.64
C ALA H 133 -23.24 -92.11 57.22
N MET H 134 -22.50 -93.08 56.72
CA MET H 134 -21.91 -92.97 55.40
C MET H 134 -21.78 -94.36 54.79
N TYR H 135 -21.59 -94.41 53.48
CA TYR H 135 -21.39 -95.67 52.78
C TYR H 135 -20.90 -95.38 51.37
N VAL H 136 -19.96 -96.20 50.90
CA VAL H 136 -19.40 -96.07 49.55
C VAL H 136 -19.75 -97.33 48.78
N ALA H 137 -20.49 -97.17 47.69
CA ALA H 137 -20.94 -98.28 46.87
C ALA H 137 -20.25 -98.27 45.51
N ILE H 138 -20.11 -99.44 44.92
CA ILE H 138 -19.53 -99.59 43.60
C ILE H 138 -20.56 -99.18 42.55
N GLN H 139 -20.15 -98.34 41.61
CA GLN H 139 -21.10 -97.79 40.65
C GLN H 139 -21.76 -98.88 39.82
N ALA H 140 -20.98 -99.88 39.39
CA ALA H 140 -21.55 -100.94 38.56
C ALA H 140 -22.61 -101.72 39.31
N VAL H 141 -22.38 -102.00 40.60
CA VAL H 141 -23.37 -102.74 41.39
C VAL H 141 -24.66 -101.93 41.48
N LEU H 142 -24.55 -100.63 41.71
CA LEU H 142 -25.76 -99.81 41.87
C LEU H 142 -26.62 -99.85 40.62
N SER H 143 -26.01 -99.71 39.44
CA SER H 143 -26.80 -99.73 38.22
C SER H 143 -27.56 -101.05 38.06
N LEU H 144 -27.02 -102.14 38.61
CA LEU H 144 -27.75 -103.40 38.61
C LEU H 144 -28.99 -103.30 39.48
N TYR H 145 -28.88 -102.66 40.65
CA TYR H 145 -30.05 -102.39 41.47
C TYR H 145 -31.10 -101.62 40.68
N ALA H 146 -30.65 -100.60 39.93
CA ALA H 146 -31.58 -99.80 39.15
C ALA H 146 -32.27 -100.64 38.08
N SER H 147 -31.50 -101.49 37.38
CA SER H 147 -32.11 -102.38 36.41
C SER H 147 -33.05 -103.37 37.07
N GLY H 148 -32.87 -103.64 38.36
CA GLY H 148 -33.72 -104.55 39.09
C GLY H 148 -33.28 -105.99 39.08
N ARG H 149 -32.23 -106.31 38.35
CA ARG H 149 -31.74 -107.69 38.30
C ARG H 149 -30.81 -107.96 39.48
N THR H 150 -30.47 -109.24 39.64
CA THR H 150 -29.40 -109.65 40.52
C THR H 150 -28.32 -110.42 39.79
N THR H 151 -28.46 -110.60 38.47
CA THR H 151 -27.46 -111.26 37.64
C THR H 151 -27.25 -110.44 36.38
N GLY H 152 -26.03 -110.44 35.88
CA GLY H 152 -25.69 -109.73 34.66
C GLY H 152 -24.34 -109.06 34.78
N ILE H 153 -23.78 -108.72 33.63
CA ILE H 153 -22.50 -108.00 33.56
C ILE H 153 -22.80 -106.56 33.18
N VAL H 154 -22.32 -105.63 34.00
CA VAL H 154 -22.59 -104.21 33.82
C VAL H 154 -21.40 -103.54 33.17
N LEU H 155 -21.64 -102.74 32.15
CA LEU H 155 -20.61 -101.91 31.52
C LEU H 155 -20.95 -100.45 31.84
N ASP H 156 -20.41 -99.94 32.93
CA ASP H 156 -20.63 -98.57 33.36
C ASP H 156 -19.50 -97.71 32.80
N SER H 157 -19.86 -96.72 31.98
CA SER H 157 -18.89 -95.81 31.38
C SER H 157 -19.40 -94.39 31.57
N GLY H 158 -18.62 -93.58 32.29
CA GLY H 158 -18.99 -92.20 32.54
C GLY H 158 -18.03 -91.24 31.87
N ASP H 159 -17.76 -90.13 32.54
CA ASP H 159 -16.73 -89.22 32.05
C ASP H 159 -15.32 -89.73 32.35
N GLY H 160 -15.16 -90.46 33.46
CA GLY H 160 -13.85 -90.84 33.91
C GLY H 160 -13.35 -92.21 33.52
N VAL H 161 -14.12 -93.25 33.79
CA VAL H 161 -13.65 -94.63 33.63
C VAL H 161 -14.76 -95.51 33.08
N THR H 162 -14.34 -96.57 32.41
CA THR H 162 -15.24 -97.63 31.95
C THR H 162 -14.83 -98.94 32.62
N HIS H 163 -15.74 -99.54 33.36
CA HIS H 163 -15.43 -100.76 34.10
C HIS H 163 -16.55 -101.77 33.92
N ASN H 164 -16.16 -103.05 33.99
CA ASN H 164 -17.09 -104.16 33.88
C ASN H 164 -17.12 -104.93 35.19
N VAL H 165 -18.32 -105.21 35.69
CA VAL H 165 -18.50 -105.97 36.92
C VAL H 165 -19.47 -107.11 36.67
N PRO H 166 -19.01 -108.36 36.55
CA PRO H 166 -19.95 -109.48 36.42
C PRO H 166 -20.55 -109.85 37.77
N ILE H 167 -21.88 -109.85 37.85
CA ILE H 167 -22.61 -110.22 39.05
C ILE H 167 -23.58 -111.33 38.70
N TYR H 168 -23.62 -112.35 39.55
CA TYR H 168 -24.52 -113.49 39.37
C TYR H 168 -25.22 -113.77 40.69
N GLU H 169 -26.55 -113.72 40.69
CA GLU H 169 -27.34 -114.03 41.88
C GLU H 169 -26.90 -113.17 43.07
N GLY H 170 -26.48 -111.94 42.77
CA GLY H 170 -26.00 -111.04 43.79
C GLY H 170 -24.58 -111.28 44.24
N TYR H 171 -23.87 -112.22 43.62
CA TYR H 171 -22.47 -112.49 43.94
C TYR H 171 -21.59 -111.89 42.86
N ALA H 172 -20.64 -111.05 43.28
CA ALA H 172 -19.71 -110.45 42.35
C ALA H 172 -18.47 -111.32 42.20
N LEU H 173 -17.92 -111.32 41.00
CA LEU H 173 -16.69 -112.05 40.71
C LEU H 173 -15.55 -111.04 40.60
N PRO H 174 -14.96 -110.61 41.72
CA PRO H 174 -13.99 -109.50 41.65
C PRO H 174 -12.80 -109.79 40.75
N HIS H 175 -12.36 -111.05 40.66
CA HIS H 175 -11.22 -111.36 39.79
C HIS H 175 -11.53 -111.09 38.33
N ALA H 176 -12.81 -111.07 37.96
CA ALA H 176 -13.22 -110.79 36.59
C ALA H 176 -13.53 -109.33 36.34
N ILE H 177 -13.50 -108.49 37.38
CA ILE H 177 -13.75 -107.06 37.19
C ILE H 177 -12.63 -106.46 36.36
N MET H 178 -13.00 -105.74 35.32
CA MET H 178 -12.05 -105.06 34.44
C MET H 178 -12.37 -103.58 34.38
N ARG H 179 -11.31 -102.76 34.39
CA ARG H 179 -11.44 -101.31 34.44
C ARG H 179 -10.60 -100.70 33.32
N LEU H 180 -11.15 -99.68 32.67
CA LEU H 180 -10.44 -98.94 31.63
C LEU H 180 -10.42 -97.46 32.00
N ASP H 181 -9.27 -96.83 31.81
CA ASP H 181 -9.17 -95.38 31.95
C ASP H 181 -9.45 -94.73 30.61
N LEU H 182 -10.55 -95.11 29.97
CA LEU H 182 -10.96 -94.57 28.68
C LEU H 182 -12.45 -94.34 28.75
N ALA H 183 -12.86 -93.08 28.79
CA ALA H 183 -14.26 -92.73 29.01
C ALA H 183 -14.55 -91.42 28.26
N GLY H 184 -15.64 -90.76 28.63
CA GLY H 184 -16.08 -89.60 27.89
C GLY H 184 -15.02 -88.51 27.80
N ARG H 185 -14.29 -88.28 28.90
CA ARG H 185 -13.28 -87.23 28.89
C ARG H 185 -12.22 -87.49 27.84
N ASP H 186 -11.78 -88.75 27.70
CA ASP H 186 -10.84 -89.07 26.63
C ASP H 186 -11.47 -88.90 25.26
N LEU H 187 -12.76 -89.23 25.12
CA LEU H 187 -13.44 -89.02 23.86
C LEU H 187 -13.51 -87.53 23.52
N THR H 188 -13.79 -86.69 24.52
CA THR H 188 -13.79 -85.25 24.28
C THR H 188 -12.42 -84.77 23.84
N ASP H 189 -11.37 -85.27 24.50
CA ASP H 189 -10.01 -84.89 24.10
C ASP H 189 -9.72 -85.35 22.67
N TYR H 190 -10.11 -86.57 22.32
CA TYR H 190 -9.88 -87.05 20.96
C TYR H 190 -10.66 -86.22 19.95
N LEU H 191 -11.91 -85.88 20.25
CA LEU H 191 -12.70 -85.07 19.34
C LEU H 191 -12.05 -83.70 19.14
N MET H 192 -11.51 -83.12 20.20
CA MET H 192 -10.74 -81.88 20.06
C MET H 192 -9.58 -82.08 19.10
N LYS H 193 -8.89 -83.22 19.21
CA LYS H 193 -7.72 -83.46 18.36
C LYS H 193 -8.11 -83.56 16.89
N ILE H 194 -9.20 -84.27 16.58
CA ILE H 194 -9.56 -84.48 15.19
C ILE H 194 -10.39 -83.33 14.61
N LEU H 195 -10.89 -82.42 15.46
CA LEU H 195 -11.56 -81.24 14.93
C LEU H 195 -10.58 -80.27 14.30
N THR H 196 -9.29 -80.35 14.67
CA THR H 196 -8.28 -79.53 14.01
C THR H 196 -8.10 -79.91 12.56
N GLU H 197 -8.50 -81.12 12.16
CA GLU H 197 -8.40 -81.52 10.77
C GLU H 197 -9.24 -80.63 9.87
N ARG H 198 -10.35 -80.13 10.39
CA ARG H 198 -11.23 -79.23 9.64
C ARG H 198 -10.95 -77.77 9.93
N GLY H 199 -9.85 -77.46 10.62
CA GLY H 199 -9.48 -76.09 10.88
C GLY H 199 -10.07 -75.49 12.14
N TYR H 200 -10.78 -76.27 12.95
CA TYR H 200 -11.36 -75.78 14.19
C TYR H 200 -10.38 -76.03 15.33
N SER H 201 -10.08 -74.98 16.09
CA SER H 201 -9.15 -75.06 17.20
C SER H 201 -9.87 -74.79 18.52
N PHE H 202 -9.82 -75.77 19.42
CA PHE H 202 -10.39 -75.65 20.75
C PHE H 202 -9.31 -76.04 21.74
N VAL H 203 -8.79 -75.07 22.48
CA VAL H 203 -7.60 -75.29 23.31
C VAL H 203 -7.86 -74.97 24.77
N THR H 204 -8.81 -74.06 25.04
CA THR H 204 -9.05 -73.66 26.41
C THR H 204 -9.96 -74.66 27.11
N THR H 205 -9.93 -74.65 28.44
CA THR H 205 -10.82 -75.51 29.21
C THR H 205 -12.28 -75.17 28.95
N ALA H 206 -12.58 -73.88 28.78
CA ALA H 206 -13.94 -73.49 28.42
C ALA H 206 -14.31 -74.04 27.05
N GLU H 207 -13.38 -74.00 26.09
CA GLU H 207 -13.66 -74.56 24.78
C GLU H 207 -13.80 -76.08 24.82
N ARG H 208 -13.22 -76.72 25.84
CA ARG H 208 -13.39 -78.16 25.98
C ARG H 208 -14.85 -78.51 26.28
N GLU H 209 -15.56 -77.62 26.96
CA GLU H 209 -16.98 -77.85 27.21
C GLU H 209 -17.80 -77.74 25.94
N ILE H 210 -17.43 -76.82 25.05
CA ILE H 210 -18.12 -76.70 23.77
C ILE H 210 -17.95 -77.99 22.98
N VAL H 211 -16.73 -78.54 22.97
CA VAL H 211 -16.49 -79.79 22.27
C VAL H 211 -17.26 -80.91 22.94
N ARG H 212 -17.41 -80.86 24.27
CA ARG H 212 -18.21 -81.86 24.96
C ARG H 212 -19.65 -81.82 24.51
N ASP H 213 -20.22 -80.62 24.38
CA ASP H 213 -21.60 -80.51 23.90
C ASP H 213 -21.72 -81.02 22.47
N ILE H 214 -20.76 -80.67 21.62
CA ILE H 214 -20.76 -81.18 20.24
C ILE H 214 -20.77 -82.70 20.26
N LYS H 215 -19.89 -83.31 21.07
CA LYS H 215 -19.83 -84.75 21.17
C LYS H 215 -21.16 -85.32 21.64
N GLU H 216 -21.74 -84.73 22.67
CA GLU H 216 -22.97 -85.22 23.25
C GLU H 216 -24.14 -85.20 22.26
N LYS H 217 -24.26 -84.15 21.45
CA LYS H 217 -25.44 -84.02 20.61
C LYS H 217 -25.18 -84.18 19.11
N LEU H 218 -24.00 -84.63 18.68
CA LEU H 218 -23.76 -84.92 17.28
C LEU H 218 -23.11 -86.27 17.01
N CYS H 219 -22.36 -86.82 17.95
CA CYS H 219 -21.62 -88.05 17.71
C CYS H 219 -22.53 -89.26 17.87
N TYR H 220 -22.18 -90.33 17.16
CA TYR H 220 -22.92 -91.58 17.23
C TYR H 220 -21.97 -92.72 16.88
N VAL H 221 -22.35 -93.93 17.28
CA VAL H 221 -21.54 -95.13 17.03
C VAL H 221 -22.02 -95.75 15.73
N ALA H 222 -21.11 -95.91 14.78
CA ALA H 222 -21.43 -96.53 13.51
C ALA H 222 -21.50 -98.05 13.67
N LEU H 223 -22.54 -98.65 13.09
CA LEU H 223 -22.69 -100.10 13.18
C LEU H 223 -21.48 -100.81 12.57
N ASP H 224 -21.08 -100.41 11.36
CA ASP H 224 -19.86 -100.88 10.73
C ASP H 224 -18.99 -99.66 10.42
N PHE H 225 -17.83 -99.58 11.09
CA PHE H 225 -17.00 -98.40 10.97
C PHE H 225 -16.54 -98.17 9.54
N GLU H 226 -16.07 -99.23 8.88
CA GLU H 226 -15.50 -99.07 7.54
C GLU H 226 -16.56 -98.63 6.53
N ASN H 227 -17.76 -99.20 6.60
CA ASN H 227 -18.82 -98.80 5.68
C ASN H 227 -19.19 -97.33 5.90
N GLU H 228 -19.27 -96.90 7.16
CA GLU H 228 -19.59 -95.51 7.43
C GLU H 228 -18.50 -94.58 6.92
N MET H 229 -17.24 -94.99 7.07
CA MET H 229 -16.13 -94.19 6.53
C MET H 229 -16.26 -94.02 5.02
N ALA H 230 -16.60 -95.11 4.32
CA ALA H 230 -16.77 -95.02 2.87
C ALA H 230 -17.92 -94.11 2.50
N THR H 231 -19.03 -94.20 3.23
CA THR H 231 -20.17 -93.33 2.94
C THR H 231 -19.82 -91.87 3.16
N ALA H 232 -19.10 -91.57 4.24
CA ALA H 232 -18.69 -90.19 4.50
C ALA H 232 -17.78 -89.67 3.40
N ALA H 233 -16.85 -90.49 2.94
CA ALA H 233 -15.97 -90.08 1.86
C ALA H 233 -16.74 -89.84 0.57
N SER H 234 -17.71 -90.71 0.28
CA SER H 234 -18.44 -90.64 -0.98
C SER H 234 -19.45 -89.50 -1.01
N SER H 235 -20.05 -89.14 0.11
CA SER H 235 -21.10 -88.12 0.11
C SER H 235 -21.04 -87.31 1.40
N SER H 236 -21.91 -86.31 1.47
CA SER H 236 -22.03 -85.44 2.63
C SER H 236 -23.35 -85.67 3.37
N SER H 237 -23.95 -86.86 3.23
CA SER H 237 -25.24 -87.12 3.83
C SER H 237 -25.18 -87.07 5.35
N LEU H 238 -24.08 -87.53 5.95
CA LEU H 238 -23.96 -87.62 7.39
C LEU H 238 -23.23 -86.43 8.00
N GLU H 239 -22.96 -85.39 7.23
CA GLU H 239 -22.39 -84.17 7.77
C GLU H 239 -23.47 -83.35 8.46
N LYS H 240 -23.13 -82.79 9.61
CA LYS H 240 -24.05 -81.95 10.37
C LYS H 240 -23.32 -80.71 10.85
N SER H 241 -24.10 -79.66 11.10
CA SER H 241 -23.58 -78.36 11.52
C SER H 241 -23.92 -78.11 12.97
N TYR H 242 -23.04 -77.33 13.63
CA TYR H 242 -23.23 -76.97 15.03
C TYR H 242 -22.87 -75.50 15.17
N GLU H 243 -23.68 -74.76 15.92
CA GLU H 243 -23.48 -73.33 16.09
C GLU H 243 -22.77 -73.07 17.42
N LEU H 244 -21.60 -72.45 17.35
CA LEU H 244 -20.82 -72.14 18.53
C LEU H 244 -21.47 -70.98 19.28
N PRO H 245 -21.08 -70.77 20.54
CA PRO H 245 -21.73 -69.71 21.34
C PRO H 245 -21.65 -68.34 20.70
N ASP H 246 -20.60 -68.06 19.92
CA ASP H 246 -20.42 -66.75 19.31
C ASP H 246 -21.04 -66.64 17.92
N GLY H 247 -21.81 -67.63 17.51
CA GLY H 247 -22.62 -67.53 16.31
C GLY H 247 -22.04 -68.19 15.07
N GLN H 248 -20.74 -68.46 15.04
CA GLN H 248 -20.18 -69.13 13.87
C GLN H 248 -20.40 -70.63 13.97
N VAL H 249 -20.72 -71.23 12.82
CA VAL H 249 -21.18 -72.61 12.76
C VAL H 249 -20.06 -73.49 12.20
N ILE H 250 -19.86 -74.65 12.83
CA ILE H 250 -18.91 -75.65 12.36
C ILE H 250 -19.67 -76.83 11.77
N THR H 251 -19.13 -77.41 10.71
CA THR H 251 -19.67 -78.61 10.11
C THR H 251 -18.75 -79.78 10.41
N ILE H 252 -19.34 -80.90 10.84
CA ILE H 252 -18.61 -82.07 11.28
C ILE H 252 -19.06 -83.26 10.44
N GLY H 253 -18.11 -83.99 9.88
CA GLY H 253 -18.42 -85.09 8.99
C GLY H 253 -18.19 -86.45 9.61
N ASN H 254 -17.15 -87.15 9.15
CA ASN H 254 -16.87 -88.48 9.68
C ASN H 254 -16.39 -88.44 11.13
N GLU H 255 -16.06 -87.26 11.64
CA GLU H 255 -15.70 -87.16 13.06
C GLU H 255 -16.88 -87.46 13.96
N ARG H 256 -18.10 -87.45 13.43
CA ARG H 256 -19.27 -87.76 14.25
C ARG H 256 -19.18 -89.18 14.81
N PHE H 257 -18.78 -90.14 13.98
CA PHE H 257 -18.67 -91.52 14.41
C PHE H 257 -17.25 -91.98 14.65
N ARG H 258 -16.25 -91.22 14.21
CA ARG H 258 -14.87 -91.57 14.52
C ARG H 258 -14.58 -91.41 16.01
N CYS H 259 -15.11 -90.34 16.62
CA CYS H 259 -14.85 -90.13 18.05
C CYS H 259 -15.39 -91.26 18.91
N PRO H 260 -16.66 -91.65 18.80
CA PRO H 260 -17.14 -92.80 19.59
C PRO H 260 -16.41 -94.10 19.26
N GLU H 261 -15.88 -94.24 18.05
CA GLU H 261 -15.19 -95.47 17.68
C GLU H 261 -14.00 -95.74 18.59
N THR H 262 -13.46 -94.71 19.25
CA THR H 262 -12.35 -94.92 20.16
C THR H 262 -12.70 -95.90 21.27
N LEU H 263 -13.98 -96.00 21.63
CA LEU H 263 -14.38 -96.97 22.64
C LEU H 263 -14.11 -98.39 22.17
N PHE H 264 -14.28 -98.64 20.86
CA PHE H 264 -14.06 -99.97 20.30
C PHE H 264 -12.67 -100.15 19.72
N GLN H 265 -11.97 -99.07 19.42
CA GLN H 265 -10.59 -99.12 18.92
C GLN H 265 -9.76 -98.13 19.73
N PRO H 266 -9.40 -98.48 20.97
CA PRO H 266 -8.64 -97.53 21.80
C PRO H 266 -7.30 -97.15 21.21
N SER H 267 -6.82 -97.86 20.19
CA SER H 267 -5.57 -97.46 19.55
C SER H 267 -5.69 -96.09 18.87
N PHE H 268 -6.91 -95.63 18.61
CA PHE H 268 -7.08 -94.30 18.03
C PHE H 268 -6.39 -93.25 18.88
N ILE H 269 -6.44 -93.40 20.20
CA ILE H 269 -5.80 -92.48 21.13
C ILE H 269 -4.52 -93.09 21.70
N GLY H 270 -3.93 -94.07 21.01
CA GLY H 270 -2.67 -94.62 21.44
C GLY H 270 -2.71 -95.48 22.67
N MET H 271 -3.86 -96.08 22.98
CA MET H 271 -4.00 -96.98 24.12
C MET H 271 -3.82 -98.41 23.65
N GLU H 272 -3.01 -99.18 24.40
CA GLU H 272 -2.78 -100.59 24.10
C GLU H 272 -3.74 -101.42 24.96
N SER H 273 -5.02 -101.29 24.66
CA SER H 273 -6.05 -102.05 25.37
C SER H 273 -7.18 -102.36 24.40
N ALA H 274 -7.90 -103.43 24.68
CA ALA H 274 -8.98 -103.85 23.80
C ALA H 274 -10.19 -102.94 23.99
N GLY H 275 -11.03 -102.90 22.97
CA GLY H 275 -12.25 -102.11 23.03
C GLY H 275 -13.16 -102.58 24.15
N ILE H 276 -14.20 -101.78 24.39
CA ILE H 276 -15.16 -102.12 25.43
C ILE H 276 -15.83 -103.46 25.13
N HIS H 277 -16.05 -103.76 23.86
CA HIS H 277 -16.68 -105.03 23.50
C HIS H 277 -15.81 -106.21 23.89
N GLU H 278 -14.51 -106.13 23.59
CA GLU H 278 -13.62 -107.24 23.94
C GLU H 278 -13.43 -107.36 25.45
N THR H 279 -13.31 -106.23 26.15
CA THR H 279 -13.18 -106.29 27.60
C THR H 279 -14.44 -106.86 28.23
N THR H 280 -15.61 -106.55 27.69
CA THR H 280 -16.84 -107.19 28.15
C THR H 280 -16.78 -108.69 27.91
N TYR H 281 -16.30 -109.10 26.73
CA TYR H 281 -16.16 -110.52 26.45
C TYR H 281 -15.08 -111.16 27.32
N ASN H 282 -13.94 -110.48 27.48
CA ASN H 282 -12.87 -111.03 28.30
C ASN H 282 -13.33 -111.19 29.75
N SER H 283 -14.11 -110.23 30.25
CA SER H 283 -14.63 -110.34 31.61
C SER H 283 -15.51 -111.57 31.76
N ILE H 284 -16.36 -111.83 30.76
CA ILE H 284 -17.22 -113.02 30.81
C ILE H 284 -16.39 -114.29 30.79
N MET H 285 -15.34 -114.33 29.97
CA MET H 285 -14.50 -115.51 29.90
C MET H 285 -13.83 -115.79 31.24
N LYS H 286 -13.50 -114.75 32.00
CA LYS H 286 -12.91 -114.95 33.32
C LYS H 286 -13.92 -115.51 34.33
N CYS H 287 -15.20 -115.52 34.01
CA CYS H 287 -16.22 -116.05 34.90
C CYS H 287 -16.39 -117.55 34.68
N ASP H 288 -16.99 -118.20 35.67
CA ASP H 288 -17.26 -119.63 35.56
C ASP H 288 -18.19 -119.92 34.40
N ILE H 289 -17.91 -121.01 33.69
CA ILE H 289 -18.69 -121.35 32.49
C ILE H 289 -20.16 -121.56 32.84
N ASP H 290 -20.45 -121.95 34.09
CA ASP H 290 -21.82 -122.25 34.48
C ASP H 290 -22.69 -121.00 34.59
N ILE H 291 -22.10 -119.80 34.52
CA ILE H 291 -22.85 -118.56 34.60
C ILE H 291 -22.69 -117.69 33.37
N ARG H 292 -21.84 -118.09 32.42
CA ARG H 292 -21.58 -117.25 31.26
C ARG H 292 -22.84 -117.04 30.43
N LYS H 293 -23.68 -118.07 30.30
CA LYS H 293 -24.89 -117.94 29.48
C LYS H 293 -25.80 -116.84 30.00
N ASP H 294 -25.98 -116.78 31.33
CA ASP H 294 -26.80 -115.72 31.91
C ASP H 294 -26.17 -114.35 31.68
N LEU H 295 -24.86 -114.26 31.83
CA LEU H 295 -24.19 -112.97 31.63
C LEU H 295 -24.34 -112.50 30.19
N TYR H 296 -24.23 -113.41 29.22
CA TYR H 296 -24.38 -113.03 27.82
C TYR H 296 -25.72 -112.36 27.58
N ALA H 297 -26.76 -112.76 28.29
CA ALA H 297 -28.10 -112.24 28.08
C ALA H 297 -28.44 -111.07 28.98
N ASN H 298 -27.50 -110.59 29.80
CA ASN H 298 -27.76 -109.52 30.75
C ASN H 298 -26.64 -108.49 30.71
N ASN H 299 -26.28 -108.06 29.51
CA ASN H 299 -25.29 -107.00 29.33
C ASN H 299 -25.97 -105.67 29.58
N VAL H 300 -25.74 -105.08 30.76
CA VAL H 300 -26.39 -103.85 31.15
C VAL H 300 -25.46 -102.68 30.85
N MET H 301 -25.98 -101.67 30.15
CA MET H 301 -25.24 -100.46 29.84
C MET H 301 -25.62 -99.37 30.85
N SER H 302 -24.61 -98.67 31.36
CA SER H 302 -24.83 -97.62 32.34
C SER H 302 -23.86 -96.47 32.08
N GLY H 303 -24.26 -95.28 32.50
CA GLY H 303 -23.42 -94.11 32.40
C GLY H 303 -23.70 -93.29 31.14
N GLY H 304 -23.25 -92.04 31.18
CA GLY H 304 -23.50 -91.14 30.05
C GLY H 304 -22.77 -91.56 28.79
N THR H 305 -21.56 -92.10 28.93
CA THR H 305 -20.75 -92.44 27.76
C THR H 305 -21.38 -93.55 26.93
N THR H 306 -22.38 -94.25 27.46
CA THR H 306 -23.12 -95.26 26.72
C THR H 306 -24.38 -94.71 26.08
N MET H 307 -24.56 -93.39 26.06
CA MET H 307 -25.73 -92.75 25.47
C MET H 307 -25.58 -92.48 23.99
N TYR H 308 -24.46 -92.85 23.37
CA TYR H 308 -24.29 -92.63 21.95
C TYR H 308 -25.35 -93.40 21.17
N PRO H 309 -26.00 -92.79 20.19
CA PRO H 309 -26.92 -93.56 19.34
C PRO H 309 -26.18 -94.70 18.65
N GLY H 310 -26.80 -95.87 18.65
CA GLY H 310 -26.25 -97.03 17.97
C GLY H 310 -25.20 -97.79 18.75
N ILE H 311 -24.85 -97.36 19.96
CA ILE H 311 -23.81 -98.07 20.71
C ILE H 311 -24.32 -99.43 21.17
N ALA H 312 -25.58 -99.51 21.58
CA ALA H 312 -26.14 -100.79 22.00
C ALA H 312 -26.14 -101.79 20.85
N ASP H 313 -26.53 -101.34 19.66
CA ASP H 313 -26.50 -102.22 18.49
C ASP H 313 -25.07 -102.65 18.18
N ARG H 314 -24.12 -101.71 18.25
CA ARG H 314 -22.73 -102.05 17.98
C ARG H 314 -22.22 -103.05 19.00
N MET H 315 -22.54 -102.84 20.29
CA MET H 315 -22.14 -103.80 21.30
C MET H 315 -22.79 -105.16 21.06
N GLN H 316 -24.06 -105.16 20.66
CA GLN H 316 -24.73 -106.42 20.33
C GLN H 316 -23.98 -107.15 19.22
N LYS H 317 -23.67 -106.46 18.13
CA LYS H 317 -23.00 -107.10 17.01
C LYS H 317 -21.61 -107.59 17.41
N GLU H 318 -20.85 -106.75 18.10
CA GLU H 318 -19.45 -107.06 18.37
C GLU H 318 -19.32 -108.25 19.32
N ILE H 319 -20.09 -108.24 20.40
CA ILE H 319 -20.04 -109.36 21.35
C ILE H 319 -20.52 -110.63 20.68
N THR H 320 -21.53 -110.52 19.81
CA THR H 320 -22.03 -111.70 19.12
C THR H 320 -20.94 -112.35 18.26
N ALA H 321 -20.15 -111.53 17.56
CA ALA H 321 -19.08 -112.07 16.74
C ALA H 321 -18.00 -112.76 17.57
N LEU H 322 -17.87 -112.41 18.85
CA LEU H 322 -16.90 -113.04 19.74
C LEU H 322 -17.46 -114.27 20.43
N ALA H 323 -18.66 -114.19 20.98
CA ALA H 323 -19.23 -115.31 21.72
C ALA H 323 -19.59 -116.44 20.75
N PRO H 324 -19.66 -117.68 21.25
CA PRO H 324 -20.10 -118.78 20.39
C PRO H 324 -21.49 -118.54 19.85
N SER H 325 -21.72 -118.96 18.61
CA SER H 325 -22.96 -118.64 17.90
C SER H 325 -24.21 -119.10 18.65
N THR H 326 -24.11 -120.16 19.45
CA THR H 326 -25.30 -120.68 20.14
C THR H 326 -25.82 -119.70 21.18
N MET H 327 -24.92 -119.05 21.93
CA MET H 327 -25.34 -118.13 22.98
C MET H 327 -26.09 -116.93 22.39
N LYS H 328 -26.97 -116.35 23.21
CA LYS H 328 -27.79 -115.20 22.82
C LYS H 328 -27.30 -113.97 23.56
N ILE H 329 -26.91 -112.94 22.82
CA ILE H 329 -26.38 -111.70 23.38
C ILE H 329 -27.52 -110.71 23.49
N LYS H 330 -27.69 -110.14 24.69
CA LYS H 330 -28.72 -109.14 24.95
C LYS H 330 -28.07 -107.96 25.63
N ILE H 331 -28.13 -106.79 25.00
CA ILE H 331 -27.65 -105.54 25.58
C ILE H 331 -28.84 -104.80 26.15
N ILE H 332 -28.81 -104.53 27.45
CA ILE H 332 -29.89 -103.82 28.13
C ILE H 332 -29.44 -102.37 28.28
N ALA H 333 -30.15 -101.47 27.62
CA ALA H 333 -29.81 -100.05 27.58
C ALA H 333 -31.04 -99.23 27.95
N PRO H 334 -31.33 -99.09 29.24
CA PRO H 334 -32.50 -98.31 29.62
C PRO H 334 -32.33 -96.86 29.18
N PRO H 335 -33.44 -96.18 28.86
CA PRO H 335 -33.32 -94.77 28.48
C PRO H 335 -32.78 -93.89 29.60
N GLU H 336 -32.92 -94.30 30.85
CA GLU H 336 -32.39 -93.56 31.99
C GLU H 336 -31.07 -94.14 32.49
N ARG H 337 -30.35 -94.85 31.63
CA ARG H 337 -29.05 -95.39 32.03
C ARG H 337 -28.05 -94.30 32.38
N LYS H 338 -28.28 -93.07 31.93
CA LYS H 338 -27.42 -91.96 32.34
C LYS H 338 -27.50 -91.74 33.85
N TYR H 339 -28.65 -92.04 34.46
CA TYR H 339 -28.83 -91.91 35.90
C TYR H 339 -29.01 -93.23 36.61
N SER H 340 -28.87 -94.37 35.90
CA SER H 340 -29.13 -95.66 36.53
C SER H 340 -28.31 -95.86 37.80
N VAL H 341 -27.08 -95.35 37.83
CA VAL H 341 -26.25 -95.51 39.03
C VAL H 341 -26.91 -94.81 40.22
N TRP H 342 -27.35 -93.56 40.01
CA TRP H 342 -28.04 -92.85 41.08
C TRP H 342 -29.34 -93.53 41.45
N ILE H 343 -30.06 -94.05 40.45
CA ILE H 343 -31.32 -94.73 40.72
C ILE H 343 -31.08 -95.93 41.64
N GLY H 344 -30.06 -96.72 41.33
CA GLY H 344 -29.74 -97.85 42.17
C GLY H 344 -29.31 -97.42 43.57
N GLY H 345 -28.48 -96.38 43.66
CA GLY H 345 -28.10 -95.87 44.96
C GLY H 345 -29.30 -95.46 45.78
N SER H 346 -30.27 -94.81 45.15
CA SER H 346 -31.51 -94.43 45.84
C SER H 346 -32.28 -95.67 46.29
N ILE H 347 -32.38 -96.68 45.42
CA ILE H 347 -33.06 -97.91 45.79
C ILE H 347 -32.33 -98.59 46.94
N LEU H 348 -31.01 -98.73 46.81
CA LEU H 348 -30.23 -99.42 47.84
C LEU H 348 -30.34 -98.69 49.18
N ALA H 349 -30.15 -97.37 49.16
CA ALA H 349 -30.15 -96.60 50.40
C ALA H 349 -31.49 -96.64 51.12
N SER H 350 -32.59 -96.92 50.41
CA SER H 350 -33.91 -96.94 51.02
C SER H 350 -34.36 -98.34 51.42
N LEU H 351 -33.53 -99.37 51.18
CA LEU H 351 -33.89 -100.71 51.60
C LEU H 351 -33.81 -100.82 53.13
N SER H 352 -34.82 -101.47 53.72
CA SER H 352 -34.81 -101.65 55.17
C SER H 352 -33.64 -102.52 55.61
N THR H 353 -33.36 -103.59 54.87
CA THR H 353 -32.24 -104.47 55.21
C THR H 353 -30.89 -103.76 55.11
N PHE H 354 -30.78 -102.71 54.31
CA PHE H 354 -29.52 -102.01 54.13
C PHE H 354 -29.19 -101.09 55.29
N GLN H 355 -30.15 -100.77 56.16
CA GLN H 355 -29.92 -99.82 57.22
C GLN H 355 -28.84 -100.26 58.19
N GLN H 356 -28.50 -101.54 58.22
CA GLN H 356 -27.43 -102.05 59.07
C GLN H 356 -26.08 -102.06 58.38
N MET H 357 -26.02 -101.70 57.09
CA MET H 357 -24.76 -101.68 56.36
C MET H 357 -24.07 -100.31 56.42
N TRP H 358 -24.73 -99.29 56.97
CA TRP H 358 -24.13 -97.97 57.05
C TRP H 358 -22.88 -97.98 57.92
N ILE H 359 -21.92 -97.14 57.56
CA ILE H 359 -20.80 -96.81 58.44
C ILE H 359 -21.25 -95.65 59.31
N THR H 360 -21.35 -95.88 60.62
CA THR H 360 -21.82 -94.86 61.53
C THR H 360 -20.66 -94.06 62.10
N LYS H 361 -20.97 -92.85 62.59
CA LYS H 361 -19.95 -92.01 63.20
C LYS H 361 -19.28 -92.72 64.36
N GLN H 362 -20.05 -93.48 65.15
CA GLN H 362 -19.47 -94.23 66.26
C GLN H 362 -18.41 -95.21 65.78
N GLU H 363 -18.71 -95.95 64.71
CA GLU H 363 -17.74 -96.90 64.17
C GLU H 363 -16.50 -96.19 63.65
N TYR H 364 -16.70 -95.06 62.95
CA TYR H 364 -15.54 -94.30 62.46
C TYR H 364 -14.68 -93.82 63.61
N ASP H 365 -15.30 -93.41 64.71
CA ASP H 365 -14.53 -92.97 65.88
C ASP H 365 -13.68 -94.11 66.43
N GLU H 366 -14.24 -95.32 66.49
CA GLU H 366 -13.50 -96.45 67.04
C GLU H 366 -12.38 -96.89 66.10
N ALA H 367 -12.66 -97.00 64.81
CA ALA H 367 -11.71 -97.54 63.84
C ALA H 367 -10.99 -96.48 63.03
N GLY H 368 -11.69 -95.48 62.52
CA GLY H 368 -11.09 -94.47 61.68
C GLY H 368 -11.45 -94.66 60.23
N PRO H 369 -10.79 -93.91 59.34
CA PRO H 369 -11.13 -94.00 57.92
C PRO H 369 -10.95 -95.39 57.32
N SER H 370 -10.08 -96.21 57.90
CA SER H 370 -9.84 -97.55 57.36
C SER H 370 -11.07 -98.45 57.45
N ILE H 371 -12.08 -98.07 58.23
CA ILE H 371 -13.27 -98.92 58.37
C ILE H 371 -13.94 -99.13 57.03
N VAL H 372 -13.82 -98.15 56.12
CA VAL H 372 -14.50 -98.25 54.84
C VAL H 372 -14.09 -99.50 54.09
N HIS H 373 -12.83 -99.92 54.21
CA HIS H 373 -12.37 -101.11 53.53
C HIS H 373 -13.05 -102.38 54.05
N ARG H 374 -13.39 -102.41 55.33
CA ARG H 374 -13.97 -103.61 55.94
C ARG H 374 -15.47 -103.71 55.72
N LYS H 375 -16.17 -102.57 55.72
CA LYS H 375 -17.62 -102.55 55.67
C LYS H 375 -18.19 -102.21 54.30
N CYS H 376 -17.35 -101.94 53.30
CA CYS H 376 -17.83 -101.57 51.98
C CYS H 376 -17.06 -102.35 50.91
N PHE H 377 -17.77 -102.73 49.86
CA PHE H 377 -17.17 -103.40 48.72
C PHE H 377 -16.43 -102.39 47.85
N PRO I 18 28.27 -36.88 37.77
CA PRO I 18 27.16 -37.17 38.69
C PRO I 18 25.93 -37.70 37.97
N PHE I 19 25.42 -36.91 37.02
CA PHE I 19 24.25 -37.30 36.23
C PHE I 19 24.66 -38.03 34.95
N SER I 20 25.46 -39.07 35.10
CA SER I 20 25.84 -39.88 33.95
C SER I 20 24.63 -40.64 33.41
N GLY I 21 24.52 -40.68 32.08
CA GLY I 21 23.39 -41.29 31.43
C GLY I 21 22.17 -40.40 31.31
N LEU I 22 22.26 -39.14 31.70
CA LEU I 22 21.15 -38.22 31.53
C LEU I 22 20.89 -38.01 30.04
N LYS I 23 19.62 -38.04 29.66
CA LYS I 23 19.24 -37.96 28.26
C LYS I 23 18.06 -37.00 28.11
N PHE I 24 18.00 -36.33 26.97
CA PHE I 24 17.02 -35.29 26.72
C PHE I 24 16.28 -35.57 25.42
N LYS I 25 14.99 -35.23 25.40
CA LYS I 25 14.18 -35.40 24.21
C LYS I 25 14.53 -34.30 23.21
N GLN I 26 14.87 -34.72 21.99
CA GLN I 26 15.34 -33.77 20.99
C GLN I 26 14.19 -32.90 20.48
N ASN I 27 14.47 -31.60 20.32
CA ASN I 27 13.51 -30.63 19.81
C ASN I 27 12.33 -30.42 20.74
N SER I 28 12.44 -30.87 21.99
CA SER I 28 11.35 -30.73 22.95
C SER I 28 11.05 -29.27 23.28
N PHE I 29 12.03 -28.39 23.17
CA PHE I 29 11.92 -27.02 23.63
C PHE I 29 11.53 -26.04 22.54
N LEU I 30 11.39 -26.50 21.29
CA LEU I 30 11.15 -25.57 20.19
C LEU I 30 9.82 -24.85 20.34
N SER I 31 8.79 -25.54 20.86
CA SER I 31 7.46 -24.95 20.94
C SER I 31 7.34 -23.91 22.03
N THR I 32 8.23 -23.90 23.02
CA THR I 32 8.15 -22.95 24.12
C THR I 32 8.91 -21.66 23.85
N VAL I 33 9.56 -21.53 22.70
CA VAL I 33 10.25 -20.30 22.33
C VAL I 33 9.20 -19.31 21.84
N PRO I 34 9.09 -18.12 22.44
CA PRO I 34 8.05 -17.18 22.01
C PRO I 34 8.37 -16.56 20.67
N SER I 35 7.33 -16.01 20.04
CA SER I 35 7.50 -15.31 18.79
C SER I 35 8.31 -14.03 19.00
N VAL I 36 9.08 -13.64 17.98
CA VAL I 36 9.90 -12.44 18.08
C VAL I 36 9.03 -11.22 18.32
N THR I 37 7.82 -11.22 17.76
CA THR I 37 6.91 -10.10 17.97
C THR I 37 6.58 -9.94 19.45
N ASN I 38 6.32 -11.06 20.13
CA ASN I 38 6.04 -10.99 21.57
C ASN I 38 7.28 -10.64 22.37
N MET I 39 8.46 -10.98 21.86
CA MET I 39 9.69 -10.63 22.57
C MET I 39 9.84 -9.12 22.72
N HIS I 40 9.28 -8.35 21.80
CA HIS I 40 9.33 -6.90 21.85
C HIS I 40 8.21 -6.29 22.70
N SER I 41 7.40 -7.13 23.35
CA SER I 41 6.29 -6.61 24.14
C SER I 41 6.81 -5.77 25.30
N MET I 42 6.00 -4.79 25.70
CA MET I 42 6.41 -3.87 26.75
C MET I 42 6.65 -4.59 28.06
N HIS I 43 5.79 -5.56 28.40
CA HIS I 43 5.88 -6.29 29.66
C HIS I 43 6.40 -7.71 29.49
N PHE I 44 7.07 -7.99 28.37
CA PHE I 44 7.69 -9.29 28.20
C PHE I 44 8.76 -9.53 29.26
N ASP I 45 8.72 -10.70 29.87
CA ASP I 45 9.67 -11.07 30.92
C ASP I 45 10.73 -11.97 30.28
N ALA I 46 11.80 -11.36 29.79
CA ALA I 46 12.81 -12.11 29.06
C ALA I 46 13.45 -13.19 29.92
N ARG I 47 13.78 -12.85 31.17
CA ARG I 47 14.48 -13.80 32.02
C ARG I 47 13.62 -15.02 32.31
N GLU I 48 12.40 -14.79 32.80
CA GLU I 48 11.53 -15.93 33.16
C GLU I 48 11.15 -16.75 31.94
N THR I 49 10.82 -16.08 30.83
CA THR I 49 10.48 -16.81 29.61
C THR I 49 11.67 -17.62 29.10
N PHE I 50 12.86 -17.04 29.13
CA PHE I 50 14.03 -17.75 28.64
C PHE I 50 14.35 -18.97 29.50
N LEU I 51 14.38 -18.79 30.82
CA LEU I 51 14.68 -19.92 31.70
C LEU I 51 13.61 -21.00 31.58
N GLY I 52 12.37 -20.62 31.27
CA GLY I 52 11.36 -21.62 30.99
C GLY I 52 11.72 -22.47 29.78
N VAL I 53 12.36 -21.86 28.78
CA VAL I 53 12.83 -22.61 27.63
C VAL I 53 13.96 -23.55 28.04
N ILE I 54 14.90 -23.06 28.84
CA ILE I 54 16.00 -23.90 29.31
C ILE I 54 15.45 -25.03 30.17
N ARG I 55 14.48 -24.73 31.04
CA ARG I 55 13.88 -25.77 31.87
C ARG I 55 13.26 -26.85 31.01
N LYS I 56 12.54 -26.45 29.95
CA LYS I 56 11.94 -27.42 29.05
C LYS I 56 13.03 -28.23 28.33
N ALA I 57 14.09 -27.56 27.88
CA ALA I 57 15.16 -28.27 27.17
C ALA I 57 15.89 -29.24 28.08
N LEU I 58 15.88 -29.01 29.38
CA LEU I 58 16.59 -29.85 30.34
C LEU I 58 15.70 -30.93 30.95
N GLU I 59 14.46 -31.06 30.51
CA GLU I 59 13.60 -32.11 31.03
C GLU I 59 14.17 -33.46 30.63
N PRO I 60 14.49 -34.35 31.57
CA PRO I 60 15.07 -35.64 31.19
C PRO I 60 14.12 -36.44 30.30
N ASP I 61 14.70 -37.12 29.32
CA ASP I 61 13.93 -38.07 28.53
C ASP I 61 13.62 -39.31 29.37
N THR I 62 12.43 -39.87 29.18
CA THR I 62 12.03 -41.03 29.98
C THR I 62 12.97 -42.21 29.76
N SER I 63 13.72 -42.23 28.67
CA SER I 63 14.74 -43.24 28.48
C SER I 63 15.86 -43.13 29.51
N THR I 64 15.98 -42.00 30.20
CA THR I 64 16.97 -41.87 31.25
C THR I 64 16.62 -42.82 32.40
N PRO I 65 17.61 -43.50 32.99
CA PRO I 65 17.31 -44.36 34.13
C PRO I 65 16.65 -43.58 35.26
N PHE I 66 15.70 -44.23 35.92
CA PHE I 66 14.91 -43.53 36.92
C PHE I 66 15.75 -42.88 38.02
N PRO I 67 16.74 -43.55 38.62
CA PRO I 67 17.52 -42.88 39.68
C PRO I 67 18.19 -41.61 39.21
N VAL I 68 18.72 -41.60 37.98
CA VAL I 68 19.31 -40.38 37.44
C VAL I 68 18.23 -39.36 37.14
N ARG I 69 17.11 -39.82 36.55
CA ARG I 69 16.03 -38.91 36.22
C ARG I 69 15.47 -38.24 37.47
N ARG I 70 15.29 -39.00 38.55
CA ARG I 70 14.80 -38.42 39.79
C ARG I 70 15.80 -37.43 40.38
N ALA I 71 17.09 -37.78 40.35
CA ALA I 71 18.10 -36.92 40.96
C ALA I 71 18.21 -35.59 40.22
N PHE I 72 18.24 -35.62 38.89
CA PHE I 72 18.37 -34.40 38.12
C PHE I 72 17.11 -33.53 38.27
N ASP I 73 15.94 -34.15 38.28
CA ASP I 73 14.71 -33.38 38.42
C ASP I 73 14.71 -32.57 39.71
N GLY I 74 15.27 -33.15 40.78
CA GLY I 74 15.44 -32.37 42.00
C GLY I 74 16.38 -31.19 41.79
N LEU I 75 17.47 -31.41 41.06
CA LEU I 75 18.38 -30.31 40.75
C LEU I 75 17.69 -29.26 39.89
N ARG I 76 17.05 -29.69 38.80
CA ARG I 76 16.41 -28.74 37.89
C ARG I 76 15.29 -27.99 38.59
N ALA I 77 14.53 -28.67 39.45
CA ALA I 77 13.48 -28.00 40.20
C ALA I 77 14.04 -26.91 41.11
N GLU I 78 15.17 -27.19 41.76
CA GLU I 78 15.76 -26.22 42.68
C GLU I 78 16.20 -24.96 41.95
N ILE I 79 16.94 -25.13 40.85
CA ILE I 79 17.56 -23.98 40.19
C ILE I 79 16.66 -23.36 39.13
N LEU I 80 15.74 -24.14 38.56
CA LEU I 80 14.82 -23.65 37.54
C LEU I 80 13.39 -24.00 37.97
N PRO I 81 12.93 -23.45 39.08
CA PRO I 81 11.58 -23.76 39.55
C PRO I 81 10.52 -23.30 38.57
N ASN I 82 9.46 -24.10 38.47
CA ASN I 82 8.34 -23.71 37.61
C ASN I 82 7.51 -22.61 38.26
N ASP I 83 7.42 -22.61 39.59
CA ASP I 83 6.69 -21.58 40.30
C ASP I 83 7.45 -20.26 40.26
N THR I 84 6.72 -19.16 40.08
CA THR I 84 7.35 -17.84 40.03
C THR I 84 7.89 -17.42 41.39
N ILE I 85 7.15 -17.68 42.47
CA ILE I 85 7.61 -17.30 43.80
C ILE I 85 8.93 -17.98 44.12
N LYS I 86 9.03 -19.28 43.84
CA LYS I 86 10.28 -19.98 44.04
C LYS I 86 11.37 -19.42 43.15
N SER I 87 11.03 -19.09 41.91
CA SER I 87 12.00 -18.46 41.02
C SER I 87 12.45 -17.11 41.56
N ALA I 88 11.51 -16.31 42.06
CA ALA I 88 11.87 -15.02 42.64
C ALA I 88 12.73 -15.20 43.89
N ALA I 89 12.37 -16.14 44.75
CA ALA I 89 13.14 -16.36 45.97
C ALA I 89 14.56 -16.81 45.65
N LEU I 90 14.72 -17.67 44.66
CA LEU I 90 16.06 -18.13 44.29
C LEU I 90 16.93 -16.95 43.85
N LYS I 91 16.33 -15.97 43.16
CA LYS I 91 17.10 -14.79 42.77
C LYS I 91 17.58 -14.01 44.00
N ALA I 92 16.74 -13.93 45.03
CA ALA I 92 17.11 -13.18 46.22
C ALA I 92 18.40 -13.72 46.84
N GLN I 93 18.37 -14.98 47.28
CA GLN I 93 19.56 -15.54 47.91
C GLN I 93 20.70 -15.70 46.92
N CYS I 94 20.42 -15.59 45.62
CA CYS I 94 21.49 -15.58 44.63
C CYS I 94 22.10 -14.20 44.43
N SER I 95 21.58 -13.18 45.12
CA SER I 95 22.19 -11.86 45.04
C SER I 95 23.61 -11.89 45.58
N ASP I 96 23.82 -12.55 46.72
CA ASP I 96 25.16 -12.81 47.26
C ASP I 96 25.30 -14.31 47.54
N ILE I 97 25.71 -15.03 46.50
CA ILE I 97 25.92 -16.47 46.56
C ILE I 97 27.13 -16.88 47.40
N ASP I 98 27.86 -15.92 47.97
CA ASP I 98 28.95 -16.29 48.87
C ASP I 98 28.43 -16.96 50.14
N LYS I 99 27.20 -16.68 50.53
CA LYS I 99 26.62 -17.24 51.75
C LYS I 99 25.83 -18.53 51.51
N HIS I 100 25.80 -19.03 50.27
CA HIS I 100 25.09 -20.26 49.94
C HIS I 100 26.01 -21.15 49.11
N PRO I 101 27.07 -21.69 49.73
CA PRO I 101 28.03 -22.49 48.96
C PRO I 101 27.42 -23.71 48.29
N GLU I 102 26.46 -24.38 48.95
CA GLU I 102 25.83 -25.53 48.32
C GLU I 102 25.08 -25.12 47.07
N LEU I 103 24.42 -23.96 47.10
CA LEU I 103 23.77 -23.45 45.89
C LEU I 103 24.81 -23.12 44.82
N LYS I 104 25.98 -22.63 45.22
CA LYS I 104 27.05 -22.43 44.26
C LYS I 104 27.37 -23.72 43.54
N ALA I 105 27.60 -24.79 44.30
CA ALA I 105 27.92 -26.08 43.69
C ALA I 105 26.72 -26.65 42.94
N LYS I 106 25.51 -26.42 43.44
CA LYS I 106 24.32 -26.89 42.75
C LYS I 106 24.24 -26.30 41.35
N MET I 107 24.50 -25.00 41.22
CA MET I 107 24.39 -24.33 39.92
C MET I 107 25.55 -24.71 39.03
N GLU I 108 26.71 -24.99 39.62
CA GLU I 108 27.87 -25.42 38.83
C GLU I 108 27.62 -26.77 38.17
N THR I 109 26.97 -27.69 38.87
CA THR I 109 26.63 -28.98 38.26
C THR I 109 25.63 -28.80 37.12
N LEU I 110 24.62 -27.95 37.32
CA LEU I 110 23.66 -27.70 36.25
C LEU I 110 24.34 -27.02 35.07
N LYS I 111 25.24 -26.09 35.33
CA LYS I 111 25.99 -25.46 34.25
C LYS I 111 26.79 -26.50 33.48
N GLU I 112 27.35 -27.49 34.19
CA GLU I 112 28.08 -28.55 33.52
C GLU I 112 27.15 -29.39 32.64
N VAL I 113 25.94 -29.65 33.12
CA VAL I 113 24.98 -30.42 32.33
C VAL I 113 24.63 -29.67 31.05
N ILE I 114 24.41 -28.35 31.16
CA ILE I 114 24.02 -27.56 29.99
C ILE I 114 25.17 -27.51 28.99
N THR I 115 26.41 -27.47 29.47
CA THR I 115 27.55 -27.39 28.58
C THR I 115 27.61 -28.59 27.64
N HIS I 116 27.11 -29.74 28.08
CA HIS I 116 27.14 -30.97 27.30
C HIS I 116 25.79 -31.31 26.67
N HIS I 117 24.84 -30.38 26.68
CA HIS I 117 23.54 -30.65 26.11
C HIS I 117 23.68 -30.96 24.62
N PRO I 118 23.04 -32.01 24.12
CA PRO I 118 23.22 -32.36 22.69
C PRO I 118 22.79 -31.26 21.73
N GLN I 119 21.86 -30.40 22.13
CA GLN I 119 21.37 -29.31 21.30
C GLN I 119 21.79 -27.95 21.86
N LYS I 120 22.97 -27.90 22.49
CA LYS I 120 23.44 -26.65 23.06
C LYS I 120 23.58 -25.57 22.00
N GLU I 121 23.95 -25.95 20.77
CA GLU I 121 24.11 -24.96 19.71
C GLU I 121 22.80 -24.25 19.42
N LYS I 122 21.71 -25.01 19.33
CA LYS I 122 20.40 -24.39 19.10
C LYS I 122 19.97 -23.56 20.29
N LEU I 123 20.25 -24.03 21.51
CA LEU I 123 19.89 -23.26 22.70
C LEU I 123 20.66 -21.94 22.74
N ALA I 124 21.95 -21.96 22.39
CA ALA I 124 22.70 -20.72 22.31
C ALA I 124 22.11 -19.80 21.25
N GLU I 125 21.66 -20.37 20.13
CA GLU I 125 20.99 -19.57 19.12
C GLU I 125 19.74 -18.90 19.68
N ILE I 126 18.95 -19.63 20.47
CA ILE I 126 17.76 -19.07 21.07
C ILE I 126 18.13 -18.00 22.08
N ALA I 127 19.17 -18.24 22.88
CA ALA I 127 19.56 -17.28 23.91
C ALA I 127 19.97 -15.95 23.29
N LEU I 128 20.73 -16.00 22.20
CA LEU I 128 21.13 -14.76 21.53
C LEU I 128 19.94 -14.03 20.93
N GLN I 129 18.93 -14.76 20.47
CA GLN I 129 17.70 -14.12 20.00
C GLN I 129 17.01 -13.39 21.14
N PHE I 130 17.00 -14.00 22.34
CA PHE I 130 16.44 -13.32 23.50
C PHE I 130 17.21 -12.05 23.81
N ALA I 131 18.53 -12.12 23.80
CA ALA I 131 19.34 -10.93 24.07
C ALA I 131 19.12 -9.86 23.01
N ARG I 132 19.06 -10.27 21.74
CA ARG I 132 18.89 -9.30 20.66
C ARG I 132 17.51 -8.64 20.74
N GLU I 133 16.46 -9.46 20.89
CA GLU I 133 15.09 -8.98 20.75
C GLU I 133 14.42 -8.62 22.07
N ALA I 134 14.78 -9.26 23.17
CA ALA I 134 14.10 -9.05 24.44
C ALA I 134 15.00 -8.45 25.52
N GLY I 135 16.24 -8.10 25.21
CA GLY I 135 17.12 -7.52 26.22
C GLY I 135 17.40 -8.45 27.37
N LEU I 136 17.65 -9.73 27.09
CA LEU I 136 17.95 -10.67 28.16
C LEU I 136 19.25 -10.31 28.86
N THR I 137 20.26 -9.88 28.11
CA THR I 137 21.56 -9.51 28.65
C THR I 137 21.68 -8.00 28.83
N ARG I 138 20.59 -7.34 29.21
CA ARG I 138 20.61 -5.89 29.36
C ARG I 138 21.62 -5.46 30.41
N LEU I 139 21.70 -6.18 31.52
CA LEU I 139 22.50 -5.78 32.66
C LEU I 139 23.99 -6.08 32.49
N LYS I 140 24.40 -6.62 31.34
CA LYS I 140 25.81 -6.88 31.05
C LYS I 140 26.32 -7.82 32.16
N GLY I 141 27.44 -7.50 32.82
CA GLY I 141 27.97 -8.39 33.83
C GLY I 141 27.22 -8.38 35.14
N GLU I 142 26.24 -7.50 35.30
CA GLU I 142 25.41 -7.43 36.49
C GLU I 142 24.22 -8.39 36.43
N THR I 143 24.13 -9.20 35.37
CA THR I 143 23.06 -10.18 35.28
C THR I 143 23.13 -11.14 36.47
N ASP I 144 21.95 -11.53 36.97
CA ASP I 144 21.89 -12.37 38.16
C ASP I 144 22.69 -13.66 37.96
N TYR I 145 22.98 -14.32 39.08
CA TYR I 145 23.91 -15.44 39.07
C TYR I 145 23.39 -16.58 38.21
N VAL I 146 22.16 -17.04 38.47
CA VAL I 146 21.67 -18.24 37.81
C VAL I 146 21.55 -18.02 36.31
N LEU I 147 21.01 -16.87 35.90
CA LEU I 147 20.94 -16.58 34.46
C LEU I 147 22.33 -16.42 33.87
N SER I 148 23.26 -15.84 34.63
CA SER I 148 24.62 -15.68 34.13
C SER I 148 25.28 -17.03 33.88
N ASN I 149 25.10 -17.98 34.81
CA ASN I 149 25.74 -19.27 34.66
C ASN I 149 25.09 -20.10 33.56
N VAL I 150 23.76 -19.98 33.40
CA VAL I 150 23.09 -20.67 32.31
C VAL I 150 23.62 -20.18 30.97
N LEU I 151 23.75 -18.85 30.82
CA LEU I 151 24.26 -18.30 29.57
C LEU I 151 25.71 -18.71 29.35
N ASP I 152 26.50 -18.77 30.43
CA ASP I 152 27.88 -19.24 30.31
C ASP I 152 27.92 -20.69 29.84
N GLY I 153 26.98 -21.51 30.32
CA GLY I 153 26.91 -22.88 29.84
C GLY I 153 26.63 -22.94 28.35
N LEU I 154 25.70 -22.13 27.87
CA LEU I 154 25.38 -22.11 26.45
C LEU I 154 26.47 -21.42 25.64
N ILE I 155 27.03 -20.34 26.19
CA ILE I 155 28.05 -19.54 25.50
C ILE I 155 29.27 -19.54 26.42
N GLY I 156 30.19 -20.48 26.16
CA GLY I 156 31.31 -20.69 27.08
C GLY I 156 32.24 -19.49 27.20
N ASP I 157 32.54 -18.84 26.08
CA ASP I 157 33.48 -17.73 26.10
C ASP I 157 33.01 -16.55 26.95
N GLY I 158 31.71 -16.47 27.25
CA GLY I 158 31.19 -15.39 28.04
C GLY I 158 31.07 -14.07 27.32
N SER I 159 31.26 -14.06 25.99
CA SER I 159 31.22 -12.81 25.25
C SER I 159 29.85 -12.14 25.30
N TRP I 160 28.81 -12.89 25.67
CA TRP I 160 27.48 -12.30 25.78
C TRP I 160 27.44 -11.17 26.80
N ARG I 161 28.38 -11.14 27.74
CA ARG I 161 28.36 -10.09 28.76
C ARG I 161 28.46 -8.70 28.14
N ALA I 162 29.12 -8.60 26.99
CA ALA I 162 29.00 -7.40 26.16
C ALA I 162 27.73 -7.55 25.31
N GLY I 163 26.76 -6.68 25.55
CA GLY I 163 25.45 -6.86 24.98
C GLY I 163 25.46 -6.98 23.48
N PRO I 164 24.31 -7.27 22.88
CA PRO I 164 24.25 -7.43 21.42
C PRO I 164 24.69 -6.16 20.72
N ALA I 165 25.42 -6.35 19.61
CA ALA I 165 25.87 -5.23 18.79
C ALA I 165 24.66 -4.69 18.04
N TYR I 166 24.10 -3.59 18.52
CA TYR I 166 22.95 -2.96 17.89
C TYR I 166 23.43 -1.94 16.87
N GLU I 167 22.74 -1.89 15.74
CA GLU I 167 23.12 -0.98 14.67
C GLU I 167 22.46 0.38 14.87
N SER I 168 23.18 1.42 14.48
CA SER I 168 22.70 2.80 14.57
C SER I 168 22.42 3.31 13.17
N TYR I 169 21.27 3.96 13.01
CA TYR I 169 20.85 4.51 11.73
C TYR I 169 21.30 5.95 11.54
N LEU I 170 22.01 6.53 12.51
CA LEU I 170 22.52 7.89 12.38
C LEU I 170 23.85 7.89 11.65
N ASN I 171 24.05 8.91 10.81
CA ASN I 171 25.33 9.15 10.16
C ASN I 171 25.77 7.90 9.37
N LYS I 172 24.81 7.23 8.75
CA LYS I 172 25.14 6.05 7.96
C LYS I 172 25.93 6.47 6.72
N PRO I 173 26.92 5.66 6.29
CA PRO I 173 27.65 5.97 5.07
C PRO I 173 26.74 6.10 3.86
N PRO J 18 -27.09 -76.29 -8.54
CA PRO J 18 -25.81 -76.27 -9.25
C PRO J 18 -24.60 -76.28 -8.31
N PHE J 19 -24.62 -75.42 -7.31
CA PHE J 19 -23.56 -75.31 -6.31
C PHE J 19 -24.15 -75.22 -4.91
N SER J 20 -25.11 -76.10 -4.63
CA SER J 20 -25.73 -76.12 -3.31
C SER J 20 -24.71 -76.44 -2.24
N GLY J 21 -24.86 -75.80 -1.08
CA GLY J 21 -23.93 -76.01 0.02
C GLY J 21 -22.61 -75.32 -0.14
N LEU J 22 -22.51 -74.33 -1.03
CA LEU J 22 -21.26 -73.61 -1.28
C LEU J 22 -21.15 -72.48 -0.26
N LYS J 23 -20.54 -72.78 0.88
CA LYS J 23 -20.30 -71.79 1.91
C LYS J 23 -19.03 -71.00 1.60
N PHE J 24 -18.97 -69.77 2.10
CA PHE J 24 -17.81 -68.90 1.97
C PHE J 24 -17.38 -68.42 3.33
N LYS J 25 -16.07 -68.36 3.55
CA LYS J 25 -15.51 -67.86 4.80
C LYS J 25 -15.78 -66.36 4.90
N GLN J 26 -16.45 -65.97 5.97
CA GLN J 26 -16.85 -64.58 6.12
C GLN J 26 -15.65 -63.67 6.31
N ASN J 27 -15.71 -62.49 5.69
CA ASN J 27 -14.69 -61.44 5.84
C ASN J 27 -13.33 -61.85 5.32
N SER J 28 -13.27 -62.91 4.51
CA SER J 28 -11.98 -63.33 3.95
C SER J 28 -11.45 -62.28 2.97
N PHE J 29 -12.34 -61.66 2.21
CA PHE J 29 -11.93 -60.70 1.20
C PHE J 29 -11.49 -59.36 1.78
N LEU J 30 -11.68 -59.15 3.09
CA LEU J 30 -11.53 -57.83 3.65
C LEU J 30 -10.10 -57.32 3.52
N SER J 31 -9.11 -58.18 3.77
CA SER J 31 -7.71 -57.74 3.71
C SER J 31 -7.22 -57.50 2.29
N THR J 32 -8.00 -57.90 1.28
CA THR J 32 -7.59 -57.73 -0.10
C THR J 32 -7.96 -56.37 -0.68
N VAL J 33 -8.81 -55.60 0.01
CA VAL J 33 -9.28 -54.31 -0.51
C VAL J 33 -8.12 -53.31 -0.44
N PRO J 34 -7.73 -52.68 -1.54
CA PRO J 34 -6.67 -51.67 -1.47
C PRO J 34 -7.11 -50.44 -0.72
N SER J 35 -6.12 -49.72 -0.19
CA SER J 35 -6.41 -48.44 0.45
C SER J 35 -6.96 -47.46 -0.56
N VAL J 36 -7.80 -46.54 -0.08
CA VAL J 36 -8.38 -45.54 -0.97
C VAL J 36 -7.29 -44.71 -1.62
N THR J 37 -6.21 -44.43 -0.89
CA THR J 37 -5.11 -43.64 -1.44
C THR J 37 -4.50 -44.35 -2.64
N ASN J 38 -4.26 -45.66 -2.54
CA ASN J 38 -3.65 -46.39 -3.65
C ASN J 38 -4.60 -46.46 -4.85
N MET J 39 -5.91 -46.44 -4.60
CA MET J 39 -6.87 -46.44 -5.70
C MET J 39 -6.67 -45.26 -6.63
N HIS J 40 -6.13 -44.15 -6.12
CA HIS J 40 -5.92 -42.95 -6.92
C HIS J 40 -4.60 -42.96 -7.67
N SER J 41 -3.84 -44.04 -7.59
CA SER J 41 -2.53 -44.09 -8.22
C SER J 41 -2.64 -43.98 -9.73
N MET J 42 -1.61 -43.41 -10.35
CA MET J 42 -1.59 -43.26 -11.81
C MET J 42 -1.80 -44.60 -12.49
N HIS J 43 -1.09 -45.64 -12.05
CA HIS J 43 -1.12 -46.95 -12.69
C HIS J 43 -1.83 -47.99 -11.82
N PHE J 44 -2.89 -47.57 -11.13
CA PHE J 44 -3.74 -48.52 -10.43
C PHE J 44 -4.64 -49.25 -11.41
N ASP J 45 -4.64 -50.59 -11.33
CA ASP J 45 -5.45 -51.42 -12.21
C ASP J 45 -6.73 -51.77 -11.45
N ALA J 46 -7.77 -50.95 -11.67
CA ALA J 46 -9.01 -51.15 -10.93
C ALA J 46 -9.64 -52.49 -11.24
N ARG J 47 -9.69 -52.88 -12.52
CA ARG J 47 -10.38 -54.10 -12.88
C ARG J 47 -9.69 -55.33 -12.29
N GLU J 48 -8.38 -55.46 -12.52
CA GLU J 48 -7.68 -56.63 -12.00
C GLU J 48 -7.63 -56.63 -10.48
N THR J 49 -7.43 -55.46 -9.88
CA THR J 49 -7.46 -55.37 -8.42
C THR J 49 -8.84 -55.71 -7.88
N PHE J 50 -9.89 -55.20 -8.53
CA PHE J 50 -11.24 -55.50 -8.07
C PHE J 50 -11.57 -56.98 -8.21
N LEU J 51 -11.32 -57.55 -9.39
CA LEU J 51 -11.62 -58.96 -9.59
C LEU J 51 -10.78 -59.85 -8.68
N GLY J 52 -9.62 -59.36 -8.21
CA GLY J 52 -8.90 -60.08 -7.18
C GLY J 52 -9.67 -60.12 -5.88
N VAL J 53 -10.35 -59.02 -5.53
CA VAL J 53 -11.18 -59.00 -4.34
C VAL J 53 -12.34 -59.96 -4.49
N ILE J 54 -13.01 -59.95 -5.64
CA ILE J 54 -14.13 -60.86 -5.86
C ILE J 54 -13.64 -62.31 -5.86
N ARG J 55 -12.47 -62.57 -6.47
CA ARG J 55 -11.92 -63.92 -6.46
C ARG J 55 -11.69 -64.39 -5.03
N LYS J 56 -11.12 -63.54 -4.19
CA LYS J 56 -10.92 -63.90 -2.79
C LYS J 56 -12.24 -64.10 -2.07
N ALA J 57 -13.22 -63.24 -2.35
CA ALA J 57 -14.52 -63.36 -1.68
C ALA J 57 -15.23 -64.67 -2.05
N LEU J 58 -14.96 -65.19 -3.23
CA LEU J 58 -15.63 -66.40 -3.71
C LEU J 58 -14.87 -67.67 -3.37
N GLU J 59 -13.76 -67.58 -2.64
CA GLU J 59 -13.00 -68.77 -2.30
C GLU J 59 -13.86 -69.69 -1.43
N PRO J 60 -14.11 -70.93 -1.85
CA PRO J 60 -14.95 -71.81 -1.02
C PRO J 60 -14.33 -72.05 0.34
N ASP J 61 -15.20 -72.09 1.36
CA ASP J 61 -14.76 -72.48 2.69
C ASP J 61 -14.46 -73.98 2.72
N THR J 62 -13.52 -74.36 3.58
CA THR J 62 -13.15 -75.77 3.67
C THR J 62 -14.31 -76.64 4.13
N SER J 63 -15.32 -76.05 4.77
CA SER J 63 -16.49 -76.81 5.18
C SER J 63 -17.37 -77.22 4.01
N THR J 64 -17.11 -76.71 2.81
CA THR J 64 -17.88 -77.11 1.65
C THR J 64 -17.59 -78.58 1.31
N PRO J 65 -18.57 -79.33 0.84
CA PRO J 65 -18.29 -80.68 0.36
C PRO J 65 -17.24 -80.65 -0.73
N PHE J 66 -16.31 -81.60 -0.69
CA PHE J 66 -15.20 -81.60 -1.64
C PHE J 66 -15.67 -81.62 -3.08
N PRO J 67 -16.63 -82.45 -3.49
CA PRO J 67 -17.08 -82.40 -4.89
C PRO J 67 -17.59 -81.04 -5.30
N VAL J 68 -18.30 -80.34 -4.42
CA VAL J 68 -18.80 -79.01 -4.75
C VAL J 68 -17.65 -78.02 -4.79
N ARG J 69 -16.75 -78.08 -3.81
CA ARG J 69 -15.62 -77.16 -3.79
C ARG J 69 -14.76 -77.32 -5.04
N ARG J 70 -14.50 -78.56 -5.44
CA ARG J 70 -13.71 -78.79 -6.66
C ARG J 70 -14.45 -78.27 -7.89
N ALA J 71 -15.76 -78.49 -7.96
CA ALA J 71 -16.52 -78.04 -9.12
C ALA J 71 -16.48 -76.53 -9.24
N PHE J 72 -16.71 -75.82 -8.13
CA PHE J 72 -16.71 -74.36 -8.17
C PHE J 72 -15.32 -73.80 -8.41
N ASP J 73 -14.29 -74.43 -7.85
CA ASP J 73 -12.94 -73.92 -8.02
C ASP J 73 -12.54 -73.89 -9.48
N GLY J 74 -12.91 -74.92 -10.24
CA GLY J 74 -12.65 -74.91 -11.66
C GLY J 74 -13.37 -73.77 -12.36
N LEU J 75 -14.65 -73.58 -12.06
CA LEU J 75 -15.39 -72.45 -12.62
C LEU J 75 -14.78 -71.14 -12.15
N ARG J 76 -14.47 -71.04 -10.86
CA ARG J 76 -13.91 -69.80 -10.33
C ARG J 76 -12.54 -69.52 -10.92
N ALA J 77 -11.72 -70.56 -11.11
CA ALA J 77 -10.39 -70.37 -11.67
C ALA J 77 -10.42 -70.07 -13.16
N GLU J 78 -11.53 -70.34 -13.83
CA GLU J 78 -11.63 -70.11 -15.27
C GLU J 78 -12.15 -68.71 -15.60
N ILE J 79 -13.09 -68.21 -14.80
CA ILE J 79 -13.63 -66.88 -15.05
C ILE J 79 -12.92 -65.79 -14.24
N LEU J 80 -12.28 -66.16 -13.12
CA LEU J 80 -11.53 -65.21 -12.30
C LEU J 80 -10.13 -65.77 -12.03
N PRO J 81 -9.33 -65.94 -13.08
CA PRO J 81 -7.98 -66.49 -12.89
C PRO J 81 -7.08 -65.48 -12.20
N ASN J 82 -6.20 -66.00 -11.35
CA ASN J 82 -5.22 -65.17 -10.66
C ASN J 82 -3.98 -64.91 -11.52
N ASP J 83 -3.88 -65.55 -12.68
CA ASP J 83 -2.78 -65.30 -13.61
C ASP J 83 -3.20 -64.18 -14.55
N THR J 84 -2.38 -63.13 -14.63
CA THR J 84 -2.73 -61.99 -15.47
C THR J 84 -2.83 -62.38 -16.93
N ILE J 85 -1.94 -63.27 -17.39
CA ILE J 85 -1.97 -63.68 -18.78
C ILE J 85 -3.28 -64.39 -19.10
N LYS J 86 -3.71 -65.29 -18.22
CA LYS J 86 -5.02 -65.93 -18.42
C LYS J 86 -6.15 -64.92 -18.30
N SER J 87 -6.03 -63.99 -17.36
CA SER J 87 -7.05 -62.95 -17.22
C SER J 87 -7.13 -62.10 -18.48
N ALA J 88 -5.97 -61.74 -19.04
CA ALA J 88 -5.95 -60.98 -20.30
C ALA J 88 -6.57 -61.79 -21.43
N ALA J 89 -6.25 -63.09 -21.50
CA ALA J 89 -6.79 -63.93 -22.56
C ALA J 89 -8.32 -64.03 -22.44
N LEU J 90 -8.83 -64.18 -21.22
CA LEU J 90 -10.27 -64.27 -21.03
C LEU J 90 -10.97 -62.99 -21.48
N LYS J 91 -10.35 -61.83 -21.21
CA LYS J 91 -10.93 -60.57 -21.64
C LYS J 91 -11.05 -60.51 -23.16
N ALA J 92 -10.02 -60.98 -23.87
CA ALA J 92 -10.07 -60.95 -25.33
C ALA J 92 -11.20 -61.81 -25.86
N GLN J 93 -11.40 -62.99 -25.26
CA GLN J 93 -12.46 -63.89 -25.73
C GLN J 93 -13.83 -63.23 -25.62
N CYS J 94 -14.07 -62.48 -24.55
CA CYS J 94 -15.38 -61.89 -24.33
C CYS J 94 -15.64 -60.68 -25.24
N SER J 95 -14.63 -60.19 -25.96
CA SER J 95 -14.89 -59.13 -26.93
C SER J 95 -15.91 -59.58 -27.97
N ASP J 96 -15.97 -60.88 -28.25
CA ASP J 96 -16.96 -61.48 -29.14
C ASP J 96 -17.68 -62.60 -28.42
N ILE J 97 -18.14 -62.30 -27.20
CA ILE J 97 -18.74 -63.28 -26.30
C ILE J 97 -19.86 -64.04 -27.01
N ASP J 98 -20.47 -63.43 -28.03
CA ASP J 98 -21.58 -64.06 -28.72
C ASP J 98 -21.22 -65.44 -29.27
N LYS J 99 -19.96 -65.65 -29.65
CA LYS J 99 -19.53 -66.92 -30.23
C LYS J 99 -18.88 -67.85 -29.21
N HIS J 100 -19.11 -67.61 -27.91
CA HIS J 100 -18.61 -68.46 -26.85
C HIS J 100 -19.76 -68.78 -25.90
N PRO J 101 -20.75 -69.55 -26.36
CA PRO J 101 -21.91 -69.83 -25.50
C PRO J 101 -21.54 -70.52 -24.20
N GLU J 102 -20.57 -71.43 -24.22
CA GLU J 102 -20.18 -72.10 -22.98
C GLU J 102 -19.58 -71.11 -21.99
N LEU J 103 -18.77 -70.16 -22.47
CA LEU J 103 -18.24 -69.13 -21.59
C LEU J 103 -19.36 -68.24 -21.08
N LYS J 104 -20.33 -67.93 -21.93
CA LYS J 104 -21.53 -67.24 -21.48
C LYS J 104 -22.25 -68.04 -20.41
N ALA J 105 -22.35 -69.36 -20.61
CA ALA J 105 -23.02 -70.21 -19.63
C ALA J 105 -22.28 -70.18 -18.29
N LYS J 106 -20.95 -70.26 -18.33
CA LYS J 106 -20.18 -70.23 -17.09
C LYS J 106 -20.35 -68.91 -16.36
N MET J 107 -20.31 -67.80 -17.09
CA MET J 107 -20.45 -66.50 -16.46
C MET J 107 -21.81 -66.37 -15.78
N GLU J 108 -22.86 -66.90 -16.41
CA GLU J 108 -24.19 -66.82 -15.80
C GLU J 108 -24.23 -67.59 -14.49
N THR J 109 -23.64 -68.78 -14.44
CA THR J 109 -23.60 -69.54 -13.19
C THR J 109 -22.81 -68.79 -12.13
N LEU J 110 -21.66 -68.23 -12.49
CA LEU J 110 -20.89 -67.45 -11.52
C LEU J 110 -21.66 -66.23 -11.06
N LYS J 111 -22.37 -65.57 -11.99
CA LYS J 111 -23.19 -64.44 -11.61
C LYS J 111 -24.27 -64.83 -10.61
N GLU J 112 -24.89 -66.00 -10.82
CA GLU J 112 -25.90 -66.48 -9.89
C GLU J 112 -25.30 -66.70 -8.51
N VAL J 113 -24.10 -67.28 -8.45
CA VAL J 113 -23.43 -67.48 -7.17
C VAL J 113 -23.20 -66.15 -6.47
N ILE J 114 -22.75 -65.15 -7.23
CA ILE J 114 -22.46 -63.85 -6.65
C ILE J 114 -23.72 -63.21 -6.09
N THR J 115 -24.83 -63.30 -6.83
CA THR J 115 -26.07 -62.69 -6.38
C THR J 115 -26.53 -63.25 -5.03
N HIS J 116 -26.17 -64.50 -4.74
CA HIS J 116 -26.57 -65.15 -3.50
C HIS J 116 -25.46 -65.16 -2.45
N HIS J 117 -24.38 -64.43 -2.68
CA HIS J 117 -23.30 -64.39 -1.71
C HIS J 117 -23.81 -63.81 -0.39
N PRO J 118 -23.52 -64.44 0.75
CA PRO J 118 -24.04 -63.92 2.02
C PRO J 118 -23.60 -62.49 2.32
N GLN J 119 -22.41 -62.11 1.85
CA GLN J 119 -21.89 -60.76 2.05
C GLN J 119 -21.93 -59.95 0.74
N LYS J 120 -22.93 -60.20 -0.08
CA LYS J 120 -23.07 -59.43 -1.32
C LYS J 120 -23.20 -57.94 -1.04
N GLU J 121 -23.86 -57.58 0.06
CA GLU J 121 -24.05 -56.16 0.37
C GLU J 121 -22.73 -55.46 0.60
N LYS J 122 -21.82 -56.08 1.37
CA LYS J 122 -20.52 -55.47 1.60
C LYS J 122 -19.71 -55.42 0.32
N LEU J 123 -19.77 -56.48 -0.49
CA LEU J 123 -19.05 -56.49 -1.76
C LEU J 123 -19.57 -55.40 -2.68
N ALA J 124 -20.88 -55.15 -2.65
CA ALA J 124 -21.44 -54.06 -3.44
C ALA J 124 -20.86 -52.71 -3.00
N GLU J 125 -20.68 -52.53 -1.69
CA GLU J 125 -20.06 -51.30 -1.21
C GLU J 125 -18.63 -51.18 -1.72
N ILE J 126 -17.88 -52.28 -1.70
CA ILE J 126 -16.50 -52.24 -2.19
C ILE J 126 -16.48 -51.92 -3.68
N ALA J 127 -17.41 -52.51 -4.43
CA ALA J 127 -17.47 -52.25 -5.87
C ALA J 127 -17.70 -50.77 -6.14
N LEU J 128 -18.61 -50.15 -5.39
CA LEU J 128 -18.87 -48.73 -5.58
C LEU J 128 -17.68 -47.87 -5.15
N GLN J 129 -16.94 -48.30 -4.13
CA GLN J 129 -15.73 -47.58 -3.77
C GLN J 129 -14.71 -47.62 -4.90
N PHE J 130 -14.57 -48.79 -5.55
CA PHE J 130 -13.69 -48.87 -6.71
C PHE J 130 -14.17 -47.94 -7.83
N ALA J 131 -15.48 -47.93 -8.10
CA ALA J 131 -16.00 -47.05 -9.14
C ALA J 131 -15.84 -45.59 -8.75
N ARG J 132 -16.13 -45.24 -7.50
CA ARG J 132 -16.04 -43.85 -7.07
C ARG J 132 -14.59 -43.37 -7.06
N GLU J 133 -13.67 -44.21 -6.61
CA GLU J 133 -12.30 -43.79 -6.35
C GLU J 133 -11.31 -44.19 -7.43
N ALA J 134 -11.51 -45.34 -8.08
CA ALA J 134 -10.54 -45.89 -9.03
C ALA J 134 -11.03 -45.89 -10.46
N GLY J 135 -12.20 -45.34 -10.74
CA GLY J 135 -12.71 -45.36 -12.10
C GLY J 135 -12.93 -46.77 -12.63
N LEU J 136 -13.47 -47.65 -11.79
CA LEU J 136 -13.70 -49.02 -12.23
C LEU J 136 -14.71 -49.08 -13.37
N THR J 137 -15.76 -48.26 -13.28
CA THR J 137 -16.83 -48.25 -14.27
C THR J 137 -16.74 -47.06 -15.22
N ARG J 138 -15.52 -46.57 -15.48
CA ARG J 138 -15.37 -45.40 -16.33
C ARG J 138 -15.90 -45.64 -17.74
N LEU J 139 -15.88 -46.90 -18.19
CA LEU J 139 -16.38 -47.22 -19.53
C LEU J 139 -17.90 -47.34 -19.56
N LYS J 140 -18.57 -47.30 -18.41
CA LYS J 140 -20.02 -47.35 -18.36
C LYS J 140 -20.55 -48.57 -19.11
N GLY J 141 -21.33 -48.35 -20.18
CA GLY J 141 -21.92 -49.46 -20.90
C GLY J 141 -20.93 -50.28 -21.69
N GLU J 142 -19.75 -49.74 -21.97
CA GLU J 142 -18.74 -50.44 -22.74
C GLU J 142 -17.83 -51.32 -21.88
N THR J 143 -18.13 -51.44 -20.59
CA THR J 143 -17.32 -52.30 -19.73
C THR J 143 -17.35 -53.74 -20.22
N ASP J 144 -16.21 -54.41 -20.12
CA ASP J 144 -16.08 -55.75 -20.67
C ASP J 144 -17.09 -56.69 -20.01
N TYR J 145 -17.23 -57.88 -20.62
CA TYR J 145 -18.29 -58.80 -20.23
C TYR J 145 -18.10 -59.31 -18.81
N VAL J 146 -16.88 -59.74 -18.47
CA VAL J 146 -16.66 -60.38 -17.18
C VAL J 146 -16.96 -59.42 -16.05
N LEU J 147 -16.40 -58.21 -16.11
CA LEU J 147 -16.62 -57.25 -15.04
C LEU J 147 -18.08 -56.82 -14.98
N SER J 148 -18.74 -56.68 -16.12
CA SER J 148 -20.13 -56.24 -16.13
C SER J 148 -21.02 -57.25 -15.41
N ASN J 149 -20.83 -58.54 -15.67
CA ASN J 149 -21.65 -59.56 -15.02
C ASN J 149 -21.36 -59.63 -13.53
N VAL J 150 -20.09 -59.51 -13.14
CA VAL J 150 -19.76 -59.50 -11.72
C VAL J 150 -20.43 -58.32 -11.04
N LEU J 151 -20.35 -57.14 -11.65
CA LEU J 151 -21.02 -55.97 -11.09
C LEU J 151 -22.53 -56.15 -11.11
N ASP J 152 -23.07 -56.73 -12.18
CA ASP J 152 -24.50 -56.99 -12.24
C ASP J 152 -24.93 -57.92 -11.11
N GLY J 153 -24.07 -58.85 -10.73
CA GLY J 153 -24.38 -59.72 -9.61
C GLY J 153 -24.46 -58.96 -8.30
N LEU J 154 -23.56 -58.00 -8.10
CA LEU J 154 -23.54 -57.23 -6.86
C LEU J 154 -24.60 -56.14 -6.87
N ILE J 155 -24.73 -55.43 -7.99
CA ILE J 155 -25.74 -54.37 -8.14
C ILE J 155 -26.72 -54.89 -9.18
N GLY J 156 -27.81 -55.49 -8.71
CA GLY J 156 -28.72 -56.18 -9.61
C GLY J 156 -29.38 -55.25 -10.61
N ASP J 157 -29.88 -54.10 -10.15
CA ASP J 157 -30.61 -53.20 -11.04
C ASP J 157 -29.75 -52.70 -12.18
N GLY J 158 -28.42 -52.73 -12.04
CA GLY J 158 -27.53 -52.29 -13.10
C GLY J 158 -27.33 -50.80 -13.17
N SER J 159 -27.75 -50.04 -12.16
CA SER J 159 -27.57 -48.59 -12.19
C SER J 159 -26.10 -48.21 -12.24
N TRP J 160 -25.20 -49.10 -11.85
CA TRP J 160 -23.77 -48.79 -11.89
C TRP J 160 -23.32 -48.44 -13.30
N ARG J 161 -24.02 -48.94 -14.32
CA ARG J 161 -23.61 -48.67 -15.69
C ARG J 161 -23.57 -47.18 -15.98
N ALA J 162 -24.44 -46.41 -15.33
CA ALA J 162 -24.31 -44.95 -15.32
C ALA J 162 -23.32 -44.58 -14.23
N GLY J 163 -22.22 -43.95 -14.62
CA GLY J 163 -21.12 -43.71 -13.72
C GLY J 163 -21.55 -43.01 -12.44
N PRO J 164 -20.68 -43.05 -11.44
CA PRO J 164 -21.03 -42.43 -10.15
C PRO J 164 -21.19 -40.93 -10.30
N ALA J 165 -22.08 -40.36 -9.48
CA ALA J 165 -22.31 -38.93 -9.48
C ALA J 165 -21.09 -38.23 -8.87
N TYR J 166 -20.47 -37.35 -9.65
CA TYR J 166 -19.26 -36.66 -9.24
C TYR J 166 -19.57 -35.20 -8.94
N GLU J 167 -19.14 -34.74 -7.77
CA GLU J 167 -19.32 -33.34 -7.42
C GLU J 167 -18.46 -32.44 -8.30
N SER J 168 -19.03 -31.30 -8.67
CA SER J 168 -18.32 -30.26 -9.42
C SER J 168 -18.25 -29.03 -8.54
N TYR J 169 -17.05 -28.46 -8.44
CA TYR J 169 -16.82 -27.33 -7.54
C TYR J 169 -17.02 -25.98 -8.22
N LEU J 170 -17.34 -25.97 -9.51
CA LEU J 170 -17.64 -24.71 -10.19
C LEU J 170 -19.07 -24.29 -9.95
N ASN J 171 -19.30 -22.98 -9.88
CA ASN J 171 -20.64 -22.40 -9.79
C ASN J 171 -21.43 -22.96 -8.60
N LYS J 172 -20.75 -23.45 -7.58
CA LYS J 172 -21.46 -24.00 -6.44
C LYS J 172 -22.26 -22.91 -5.73
N PRO J 173 -23.53 -23.16 -5.35
CA PRO J 173 -24.33 -22.13 -4.70
C PRO J 173 -23.64 -21.49 -3.50
N PRO K 18 42.58 57.19 -26.42
CA PRO K 18 42.59 57.42 -24.97
C PRO K 18 41.22 57.21 -24.33
N PHE K 19 40.24 58.01 -24.73
CA PHE K 19 38.87 57.89 -24.22
C PHE K 19 38.03 57.22 -25.31
N SER K 20 37.99 55.89 -25.26
CA SER K 20 37.24 55.11 -26.23
C SER K 20 35.80 54.96 -25.76
N GLY K 21 34.85 55.22 -26.66
CA GLY K 21 33.45 55.11 -26.33
C GLY K 21 32.88 56.28 -25.55
N LEU K 22 33.65 57.35 -25.35
CA LEU K 22 33.15 58.52 -24.66
C LEU K 22 31.95 59.07 -25.41
N LYS K 23 30.87 59.33 -24.67
CA LYS K 23 29.62 59.81 -25.27
C LYS K 23 29.12 61.00 -24.48
N PHE K 24 28.36 61.86 -25.17
CA PHE K 24 27.87 63.10 -24.61
C PHE K 24 26.37 63.19 -24.78
N LYS K 25 25.72 63.86 -23.83
CA LYS K 25 24.28 64.07 -23.90
C LYS K 25 23.98 65.21 -24.86
N GLN K 26 23.16 64.94 -25.88
CA GLN K 26 22.87 65.94 -26.89
C GLN K 26 22.08 67.10 -26.29
N ASN K 27 22.47 68.32 -26.65
CA ASN K 27 21.80 69.56 -26.25
C ASN K 27 21.93 69.84 -24.76
N SER K 28 22.81 69.13 -24.05
CA SER K 28 22.95 69.35 -22.61
C SER K 28 23.49 70.75 -22.30
N PHE K 29 24.14 71.39 -23.26
CA PHE K 29 24.80 72.68 -23.01
C PHE K 29 23.94 73.88 -23.37
N LEU K 30 22.78 73.67 -23.99
CA LEU K 30 22.00 74.80 -24.48
C LEU K 30 21.52 75.69 -23.35
N SER K 31 21.12 75.09 -22.22
CA SER K 31 20.66 75.88 -21.09
C SER K 31 21.76 76.75 -20.50
N THR K 32 23.02 76.39 -20.69
CA THR K 32 24.13 77.12 -20.08
C THR K 32 24.50 78.39 -20.85
N VAL K 33 24.04 78.55 -22.08
CA VAL K 33 24.39 79.71 -22.88
C VAL K 33 23.70 80.94 -22.30
N PRO K 34 24.42 82.00 -21.96
CA PRO K 34 23.77 83.19 -21.40
C PRO K 34 23.05 83.99 -22.47
N SER K 35 22.12 84.82 -22.00
CA SER K 35 21.35 85.67 -22.92
C SER K 35 22.29 86.61 -23.67
N VAL K 36 21.92 86.91 -24.92
CA VAL K 36 22.73 87.81 -25.73
C VAL K 36 22.85 89.16 -25.05
N THR K 37 21.77 89.64 -24.44
CA THR K 37 21.83 90.93 -23.75
C THR K 37 22.81 90.88 -22.59
N ASN K 38 22.84 89.77 -21.85
CA ASN K 38 23.79 89.64 -20.75
C ASN K 38 25.23 89.66 -21.24
N MET K 39 25.48 89.12 -22.44
CA MET K 39 26.84 89.13 -22.98
C MET K 39 27.38 90.54 -23.13
N HIS K 40 26.51 91.54 -23.25
CA HIS K 40 26.91 92.93 -23.33
C HIS K 40 27.06 93.58 -21.97
N SER K 41 26.89 92.81 -20.88
CA SER K 41 26.96 93.39 -19.55
C SER K 41 28.35 93.96 -19.29
N MET K 42 28.39 94.99 -18.44
CA MET K 42 29.63 95.70 -18.19
C MET K 42 30.68 94.78 -17.57
N HIS K 43 30.27 93.94 -16.62
CA HIS K 43 31.18 93.05 -15.90
C HIS K 43 31.00 91.59 -16.31
N PHE K 44 30.51 91.35 -17.52
CA PHE K 44 30.40 89.98 -18.02
C PHE K 44 31.78 89.35 -18.11
N ASP K 45 31.88 88.11 -17.63
CA ASP K 45 33.14 87.35 -17.70
C ASP K 45 32.99 86.34 -18.82
N ALA K 46 33.41 86.73 -20.02
CA ALA K 46 33.21 85.88 -21.18
C ALA K 46 33.97 84.57 -21.06
N ARG K 47 35.21 84.62 -20.58
CA ARG K 47 36.04 83.41 -20.56
C ARG K 47 35.44 82.35 -19.66
N GLU K 48 35.13 82.70 -18.41
CA GLU K 48 34.60 81.71 -17.48
C GLU K 48 33.22 81.23 -17.91
N THR K 49 32.37 82.15 -18.37
CA THR K 49 31.04 81.75 -18.82
C THR K 49 31.12 80.83 -20.03
N PHE K 50 32.01 81.15 -20.97
CA PHE K 50 32.16 80.29 -22.15
C PHE K 50 32.72 78.93 -21.76
N LEU K 51 33.77 78.90 -20.95
CA LEU K 51 34.33 77.62 -20.51
C LEU K 51 33.31 76.84 -19.68
N GLY K 52 32.37 77.54 -19.04
CA GLY K 52 31.27 76.84 -18.40
C GLY K 52 30.40 76.10 -19.39
N VAL K 53 30.14 76.72 -20.54
CA VAL K 53 29.36 76.05 -21.60
C VAL K 53 30.11 74.83 -22.10
N ILE K 54 31.41 74.98 -22.34
CA ILE K 54 32.20 73.85 -22.85
C ILE K 54 32.29 72.75 -21.79
N ARG K 55 32.43 73.13 -20.52
CA ARG K 55 32.46 72.14 -19.46
C ARG K 55 31.15 71.35 -19.43
N LYS K 56 30.02 72.03 -19.55
CA LYS K 56 28.74 71.33 -19.61
C LYS K 56 28.63 70.49 -20.88
N ALA K 57 29.10 71.04 -22.01
CA ALA K 57 29.03 70.30 -23.26
C ALA K 57 29.84 69.01 -23.20
N LEU K 58 30.92 69.01 -22.42
CA LEU K 58 31.82 67.86 -22.33
C LEU K 58 31.45 66.90 -21.20
N GLU K 59 30.38 67.18 -20.47
CA GLU K 59 29.96 66.27 -19.41
C GLU K 59 29.58 64.93 -20.03
N PRO K 60 30.34 63.86 -19.77
CA PRO K 60 30.07 62.59 -20.47
C PRO K 60 28.67 62.07 -20.18
N ASP K 61 28.04 61.51 -21.20
CA ASP K 61 26.76 60.84 -21.02
C ASP K 61 26.93 59.64 -20.11
N THR K 62 25.90 59.36 -19.31
CA THR K 62 25.96 58.22 -18.41
C THR K 62 26.10 56.90 -19.16
N SER K 63 25.77 56.88 -20.46
CA SER K 63 25.95 55.67 -21.26
C SER K 63 27.42 55.29 -21.35
N THR K 64 28.33 56.25 -21.17
CA THR K 64 29.75 55.96 -21.27
C THR K 64 30.15 54.93 -20.22
N PRO K 65 31.00 53.96 -20.55
CA PRO K 65 31.47 53.02 -19.53
C PRO K 65 32.13 53.76 -18.38
N PHE K 66 31.88 53.27 -17.16
CA PHE K 66 32.34 53.98 -15.98
C PHE K 66 33.84 54.24 -16.00
N PRO K 67 34.71 53.27 -16.34
CA PRO K 67 36.14 53.57 -16.34
C PRO K 67 36.52 54.74 -17.24
N VAL K 68 35.90 54.84 -18.41
CA VAL K 68 36.16 55.97 -19.29
C VAL K 68 35.55 57.24 -18.71
N ARG K 69 34.35 57.13 -18.13
CA ARG K 69 33.71 58.29 -17.53
C ARG K 69 34.55 58.86 -16.39
N ARG K 70 35.08 57.98 -15.53
CA ARG K 70 35.91 58.45 -14.42
C ARG K 70 37.18 59.10 -14.93
N ALA K 71 37.82 58.51 -15.94
CA ALA K 71 39.08 59.05 -16.44
C ALA K 71 38.88 60.43 -17.06
N PHE K 72 37.88 60.57 -17.94
CA PHE K 72 37.66 61.85 -18.60
C PHE K 72 37.23 62.92 -17.61
N ASP K 73 36.38 62.57 -16.64
CA ASP K 73 35.95 63.56 -15.66
C ASP K 73 37.13 64.16 -14.92
N GLY K 74 38.16 63.34 -14.65
CA GLY K 74 39.36 63.87 -14.05
C GLY K 74 40.08 64.84 -14.98
N LEU K 75 40.09 64.56 -16.28
CA LEU K 75 40.76 65.43 -17.22
C LEU K 75 40.07 66.78 -17.30
N ARG K 76 38.76 66.79 -17.52
CA ARG K 76 38.05 68.05 -17.65
C ARG K 76 37.94 68.78 -16.31
N ALA K 77 38.02 68.06 -15.19
CA ALA K 77 38.10 68.72 -13.90
C ALA K 77 39.37 69.53 -13.79
N GLU K 78 40.48 68.99 -14.28
CA GLU K 78 41.76 69.69 -14.19
C GLU K 78 41.81 70.86 -15.17
N ILE K 79 41.38 70.65 -16.41
CA ILE K 79 41.52 71.69 -17.43
C ILE K 79 40.33 72.63 -17.46
N LEU K 80 39.15 72.17 -17.07
CA LEU K 80 37.94 72.99 -17.05
C LEU K 80 37.27 72.88 -15.67
N PRO K 81 37.95 73.33 -14.62
CA PRO K 81 37.33 73.28 -13.29
C PRO K 81 36.23 74.32 -13.16
N ASN K 82 35.14 73.92 -12.50
CA ASN K 82 34.05 74.86 -12.24
C ASN K 82 34.32 75.76 -11.04
N ASP K 83 35.44 75.54 -10.34
CA ASP K 83 35.81 76.38 -9.21
C ASP K 83 36.60 77.58 -9.72
N THR K 84 36.25 78.77 -9.23
CA THR K 84 36.89 79.98 -9.72
C THR K 84 38.38 80.01 -9.37
N ILE K 85 38.73 79.66 -8.14
CA ILE K 85 40.12 79.77 -7.73
C ILE K 85 41.00 78.80 -8.50
N LYS K 86 40.47 77.60 -8.79
CA LYS K 86 41.23 76.65 -9.60
C LYS K 86 41.36 77.11 -11.04
N SER K 87 40.30 77.71 -11.59
CA SER K 87 40.38 78.23 -12.95
C SER K 87 41.40 79.35 -13.04
N ALA K 88 41.41 80.25 -12.05
CA ALA K 88 42.41 81.31 -12.03
C ALA K 88 43.82 80.74 -11.88
N ALA K 89 43.99 79.77 -10.98
CA ALA K 89 45.31 79.17 -10.80
C ALA K 89 45.80 78.49 -12.07
N LEU K 90 44.90 77.76 -12.75
CA LEU K 90 45.28 77.10 -13.99
C LEU K 90 45.67 78.12 -15.05
N LYS K 91 44.93 79.24 -15.12
CA LYS K 91 45.27 80.28 -16.09
C LYS K 91 46.67 80.84 -15.83
N ALA K 92 46.97 81.15 -14.57
CA ALA K 92 48.31 81.62 -14.24
C ALA K 92 49.35 80.53 -14.47
N GLN K 93 49.01 79.29 -14.13
CA GLN K 93 49.93 78.17 -14.35
C GLN K 93 50.18 77.93 -15.83
N CYS K 94 49.31 78.43 -16.70
CA CYS K 94 49.47 78.30 -18.15
C CYS K 94 50.24 79.45 -18.77
N SER K 95 50.56 80.50 -18.00
CA SER K 95 51.36 81.59 -18.55
C SER K 95 52.75 81.11 -18.93
N ASP K 96 53.23 80.03 -18.31
CA ASP K 96 54.49 79.40 -18.64
C ASP K 96 54.28 77.95 -19.04
N ILE K 97 53.31 77.73 -19.94
CA ILE K 97 52.94 76.37 -20.34
C ILE K 97 54.16 75.55 -20.71
N ASP K 98 55.22 76.21 -21.20
CA ASP K 98 56.44 75.49 -21.55
C ASP K 98 57.02 74.75 -20.34
N LYS K 99 56.73 75.22 -19.13
CA LYS K 99 57.27 74.60 -17.92
C LYS K 99 56.38 73.49 -17.37
N HIS K 100 55.27 73.17 -18.04
CA HIS K 100 54.35 72.12 -17.61
C HIS K 100 54.07 71.21 -18.79
N PRO K 101 55.02 70.32 -19.13
CA PRO K 101 54.78 69.42 -20.27
C PRO K 101 53.53 68.57 -20.12
N GLU K 102 53.25 68.08 -18.90
CA GLU K 102 52.06 67.25 -18.71
C GLU K 102 50.80 68.05 -18.96
N LEU K 103 50.76 69.30 -18.50
CA LEU K 103 49.58 70.14 -18.74
C LEU K 103 49.38 70.38 -20.24
N LYS K 104 50.48 70.59 -20.97
CA LYS K 104 50.36 70.78 -22.42
C LYS K 104 49.76 69.54 -23.08
N ALA K 105 50.23 68.35 -22.69
CA ALA K 105 49.70 67.12 -23.27
C ALA K 105 48.24 66.93 -22.88
N LYS K 106 47.88 67.24 -21.64
CA LYS K 106 46.50 67.08 -21.20
C LYS K 106 45.56 67.96 -22.02
N MET K 107 45.95 69.21 -22.25
CA MET K 107 45.12 70.10 -23.05
C MET K 107 45.01 69.60 -24.48
N GLU K 108 46.09 69.05 -25.03
CA GLU K 108 46.02 68.46 -26.37
C GLU K 108 45.03 67.31 -26.41
N THR K 109 45.04 66.46 -25.37
CA THR K 109 44.09 65.34 -25.33
C THR K 109 42.66 65.85 -25.26
N LEU K 110 42.41 66.85 -24.42
CA LEU K 110 41.07 67.46 -24.36
C LEU K 110 40.74 68.12 -25.69
N LYS K 111 41.70 68.83 -26.29
CA LYS K 111 41.46 69.44 -27.58
C LYS K 111 41.07 68.41 -28.62
N GLU K 112 41.66 67.21 -28.55
CA GLU K 112 41.27 66.15 -29.46
C GLU K 112 39.82 65.72 -29.24
N VAL K 113 39.39 65.67 -27.98
CA VAL K 113 38.01 65.30 -27.68
C VAL K 113 37.05 66.34 -28.26
N ILE K 114 37.37 67.63 -28.08
CA ILE K 114 36.46 68.68 -28.52
C ILE K 114 36.27 68.63 -30.03
N THR K 115 37.37 68.49 -30.79
CA THR K 115 37.26 68.51 -32.24
C THR K 115 36.47 67.35 -32.79
N HIS K 116 36.27 66.28 -32.01
CA HIS K 116 35.46 65.14 -32.40
C HIS K 116 34.05 65.22 -31.85
N HIS K 117 33.71 66.30 -31.16
CA HIS K 117 32.41 66.37 -30.48
C HIS K 117 31.28 66.27 -31.51
N PRO K 118 30.25 65.48 -31.25
CA PRO K 118 29.17 65.33 -32.24
C PRO K 118 28.45 66.63 -32.54
N GLN K 119 28.51 67.61 -31.65
CA GLN K 119 27.86 68.91 -31.83
C GLN K 119 28.88 70.02 -31.86
N LYS K 120 30.07 69.74 -32.39
CA LYS K 120 31.11 70.76 -32.50
C LYS K 120 30.63 71.95 -33.29
N GLU K 121 29.77 71.72 -34.29
CA GLU K 121 29.26 72.82 -35.10
C GLU K 121 28.46 73.81 -34.26
N LYS K 122 27.58 73.31 -33.40
CA LYS K 122 26.83 74.19 -32.52
C LYS K 122 27.74 74.87 -31.52
N LEU K 123 28.70 74.13 -30.96
CA LEU K 123 29.63 74.73 -30.00
C LEU K 123 30.47 75.81 -30.66
N ALA K 124 30.92 75.57 -31.90
CA ALA K 124 31.63 76.61 -32.64
C ALA K 124 30.72 77.81 -32.89
N GLU K 125 29.46 77.56 -33.22
CA GLU K 125 28.51 78.66 -33.40
C GLU K 125 28.35 79.46 -32.12
N ILE K 126 28.24 78.77 -30.98
CA ILE K 126 28.12 79.47 -29.70
C ILE K 126 29.41 80.23 -29.40
N ALA K 127 30.56 79.64 -29.74
CA ALA K 127 31.83 80.33 -29.50
C ALA K 127 31.92 81.62 -30.29
N LEU K 128 31.51 81.60 -31.56
CA LEU K 128 31.54 82.82 -32.37
C LEU K 128 30.59 83.87 -31.81
N GLN K 129 29.42 83.44 -31.31
CA GLN K 129 28.51 84.38 -30.69
C GLN K 129 29.12 85.02 -29.45
N PHE K 130 29.87 84.24 -28.67
CA PHE K 130 30.60 84.81 -27.55
C PHE K 130 31.63 85.83 -28.02
N ALA K 131 32.35 85.52 -29.10
CA ALA K 131 33.39 86.41 -29.59
C ALA K 131 32.79 87.75 -30.04
N ARG K 132 31.69 87.70 -30.79
CA ARG K 132 31.12 88.93 -31.34
C ARG K 132 30.40 89.74 -30.27
N GLU K 133 29.66 89.07 -29.39
CA GLU K 133 28.84 89.77 -28.40
C GLU K 133 29.60 90.11 -27.13
N ALA K 134 30.37 89.16 -26.58
CA ALA K 134 31.05 89.36 -25.31
C ALA K 134 32.55 89.59 -25.46
N GLY K 135 33.06 89.67 -26.67
CA GLY K 135 34.50 89.88 -26.85
C GLY K 135 35.33 88.77 -26.27
N LEU K 136 34.95 87.51 -26.50
CA LEU K 136 35.70 86.39 -25.96
C LEU K 136 37.12 86.36 -26.53
N THR K 137 37.26 86.63 -27.83
CA THR K 137 38.56 86.65 -28.49
C THR K 137 39.14 88.05 -28.59
N ARG K 138 38.88 88.89 -27.59
CA ARG K 138 39.35 90.27 -27.63
C ARG K 138 40.87 90.35 -27.71
N LEU K 139 41.57 89.50 -26.94
CA LEU K 139 43.03 89.52 -26.94
C LEU K 139 43.62 88.92 -28.21
N LYS K 140 42.81 88.30 -29.07
CA LYS K 140 43.29 87.77 -30.34
C LYS K 140 44.41 86.76 -30.12
N GLY K 141 45.59 87.02 -30.68
CA GLY K 141 46.69 86.09 -30.55
C GLY K 141 47.15 85.85 -29.13
N GLU K 142 47.09 86.88 -28.28
CA GLU K 142 47.54 86.78 -26.90
C GLU K 142 46.50 86.14 -25.98
N THR K 143 45.52 85.44 -26.53
CA THR K 143 44.53 84.77 -25.71
C THR K 143 45.20 83.66 -24.88
N ASP K 144 44.60 83.38 -23.73
CA ASP K 144 45.15 82.38 -22.82
C ASP K 144 45.33 81.05 -23.53
N TYR K 145 46.27 80.25 -23.02
CA TYR K 145 46.54 78.95 -23.64
C TYR K 145 45.31 78.05 -23.62
N VAL K 146 44.65 77.94 -22.47
CA VAL K 146 43.52 77.03 -22.34
C VAL K 146 42.38 77.47 -23.25
N LEU K 147 42.02 78.76 -23.18
CA LEU K 147 40.93 79.25 -24.01
C LEU K 147 41.27 79.15 -25.49
N SER K 148 42.50 79.49 -25.87
CA SER K 148 42.87 79.45 -27.28
C SER K 148 42.80 78.03 -27.83
N ASN K 149 43.26 77.05 -27.06
CA ASN K 149 43.22 75.67 -27.53
C ASN K 149 41.79 75.14 -27.61
N VAL K 150 40.92 75.55 -26.68
CA VAL K 150 39.53 75.16 -26.75
C VAL K 150 38.89 75.71 -28.02
N LEU K 151 39.16 76.98 -28.32
CA LEU K 151 38.63 77.56 -29.55
C LEU K 151 39.23 76.89 -30.77
N ASP K 152 40.51 76.49 -30.70
CA ASP K 152 41.13 75.81 -31.82
C ASP K 152 40.42 74.51 -32.13
N GLY K 153 40.04 73.75 -31.10
CA GLY K 153 39.30 72.52 -31.32
C GLY K 153 37.96 72.77 -31.99
N LEU K 154 37.25 73.81 -31.55
CA LEU K 154 35.96 74.13 -32.15
C LEU K 154 36.12 74.73 -33.54
N ILE K 155 37.13 75.57 -33.73
CA ILE K 155 37.40 76.23 -35.00
C ILE K 155 38.81 75.83 -35.41
N GLY K 156 38.92 74.86 -36.32
CA GLY K 156 40.21 74.26 -36.59
C GLY K 156 41.20 75.24 -37.21
N ASP K 157 40.75 76.04 -38.18
CA ASP K 157 41.66 76.90 -38.92
C ASP K 157 42.34 77.95 -38.02
N GLY K 158 41.75 78.25 -36.88
CA GLY K 158 42.30 79.28 -36.01
C GLY K 158 42.04 80.70 -36.46
N SER K 159 41.14 80.88 -37.44
CA SER K 159 40.85 82.22 -37.93
C SER K 159 40.22 83.11 -36.87
N TRP K 160 39.70 82.52 -35.79
CA TRP K 160 39.10 83.32 -34.73
C TRP K 160 40.10 84.32 -34.15
N ARG K 161 41.40 84.02 -34.25
CA ARG K 161 42.40 84.93 -33.72
C ARG K 161 42.33 86.30 -34.38
N ALA K 162 41.85 86.37 -35.63
CA ALA K 162 41.66 87.65 -36.30
C ALA K 162 40.35 87.69 -37.07
N GLY K 163 39.34 86.94 -36.63
CA GLY K 163 38.10 86.83 -37.34
C GLY K 163 36.94 87.72 -36.90
N PRO K 164 37.04 88.41 -35.74
CA PRO K 164 35.88 89.19 -35.29
C PRO K 164 35.71 90.47 -36.09
N ALA K 165 35.08 90.36 -37.26
CA ALA K 165 34.86 91.52 -38.14
C ALA K 165 33.67 92.31 -37.60
N TYR K 166 33.95 93.53 -37.14
CA TYR K 166 32.91 94.39 -36.56
C TYR K 166 32.52 95.46 -37.56
N GLU K 167 31.22 95.59 -37.79
CA GLU K 167 30.70 96.60 -38.70
C GLU K 167 30.94 97.99 -38.12
N SER K 168 31.20 98.94 -39.02
CA SER K 168 31.40 100.34 -38.65
C SER K 168 30.34 101.19 -39.34
N TYR K 169 29.76 102.10 -38.58
CA TYR K 169 28.68 102.96 -39.08
C TYR K 169 29.16 104.32 -39.55
N LEU K 170 30.33 104.76 -39.10
CA LEU K 170 30.83 106.08 -39.46
C LEU K 170 31.46 106.04 -40.85
N ASN K 171 31.20 107.07 -41.64
CA ASN K 171 31.80 107.23 -42.97
C ASN K 171 31.51 106.04 -43.88
N LYS K 172 30.29 105.52 -43.83
CA LYS K 172 29.92 104.43 -44.72
C LYS K 172 28.81 104.88 -45.68
N PRO K 173 28.75 104.31 -46.88
CA PRO K 173 27.79 104.76 -47.90
C PRO K 173 26.34 104.53 -47.49
N PRO L 18 -35.50 39.52 -9.50
CA PRO L 18 -35.34 38.89 -10.81
C PRO L 18 -34.00 38.17 -10.97
N PHE L 19 -32.92 38.82 -10.56
CA PHE L 19 -31.57 38.27 -10.64
C PHE L 19 -30.98 38.27 -9.24
N SER L 20 -31.23 37.20 -8.49
CA SER L 20 -30.72 37.03 -7.14
C SER L 20 -29.38 36.31 -7.20
N GLY L 21 -28.43 36.78 -6.40
CA GLY L 21 -27.09 36.23 -6.42
C GLY L 21 -26.21 36.74 -7.53
N LEU L 22 -26.68 37.71 -8.31
CA LEU L 22 -25.86 38.28 -9.37
C LEU L 22 -24.76 39.16 -8.75
N LYS L 23 -23.52 38.88 -9.13
CA LYS L 23 -22.37 39.60 -8.59
C LYS L 23 -21.51 40.09 -9.74
N PHE L 24 -20.79 41.18 -9.50
CA PHE L 24 -19.93 41.80 -10.49
C PHE L 24 -18.52 41.94 -9.95
N LYS L 25 -17.54 41.76 -10.83
CA LYS L 25 -16.14 41.96 -10.47
C LYS L 25 -15.90 43.46 -10.31
N GLN L 26 -15.49 43.87 -9.10
CA GLN L 26 -15.36 45.29 -8.81
C GLN L 26 -14.16 45.87 -9.54
N ASN L 27 -14.33 47.10 -10.05
CA ASN L 27 -13.31 47.84 -10.79
C ASN L 27 -13.03 47.25 -12.17
N SER L 28 -13.89 46.35 -12.66
CA SER L 28 -13.65 45.75 -13.97
C SER L 28 -13.84 46.77 -15.09
N PHE L 29 -14.64 47.79 -14.87
CA PHE L 29 -15.00 48.74 -15.91
C PHE L 29 -14.04 49.91 -16.02
N LEU L 30 -13.13 50.09 -15.05
CA LEU L 30 -12.27 51.26 -15.06
C LEU L 30 -11.40 51.32 -16.30
N SER L 31 -10.86 50.17 -16.73
CA SER L 31 -10.01 50.15 -17.91
C SER L 31 -10.74 50.60 -19.16
N THR L 32 -12.07 50.55 -19.18
CA THR L 32 -12.84 50.89 -20.36
C THR L 32 -13.15 52.36 -20.48
N VAL L 33 -12.91 53.16 -19.45
CA VAL L 33 -13.25 54.58 -19.49
C VAL L 33 -12.24 55.31 -20.36
N PRO L 34 -12.66 56.01 -21.41
CA PRO L 34 -11.69 56.73 -22.24
C PRO L 34 -11.07 57.91 -21.50
N SER L 35 -9.91 58.34 -22.01
CA SER L 35 -9.27 59.53 -21.49
C SER L 35 -10.13 60.75 -21.76
N VAL L 36 -10.07 61.72 -20.85
CA VAL L 36 -10.85 62.94 -21.01
C VAL L 36 -10.47 63.65 -22.31
N THR L 37 -9.20 63.55 -22.70
CA THR L 37 -8.76 64.18 -23.94
C THR L 37 -9.49 63.59 -25.14
N ASN L 38 -9.68 62.27 -25.16
CA ASN L 38 -10.38 61.65 -26.28
C ASN L 38 -11.87 61.94 -26.24
N MET L 39 -12.43 62.19 -25.06
CA MET L 39 -13.84 62.52 -24.98
C MET L 39 -14.16 63.80 -25.75
N HIS L 40 -13.16 64.65 -25.97
CA HIS L 40 -13.34 65.88 -26.72
C HIS L 40 -13.15 65.70 -28.21
N SER L 41 -12.90 64.48 -28.68
CA SER L 41 -12.72 64.24 -30.10
C SER L 41 -13.99 64.62 -30.86
N MET L 42 -13.80 65.25 -32.02
CA MET L 42 -14.92 65.72 -32.83
C MET L 42 -15.77 64.58 -33.37
N HIS L 43 -15.26 63.35 -33.39
CA HIS L 43 -16.03 62.19 -33.81
C HIS L 43 -16.17 61.16 -32.69
N PHE L 44 -16.09 61.61 -31.45
CA PHE L 44 -16.29 60.71 -30.31
C PHE L 44 -17.75 60.28 -30.24
N ASP L 45 -17.97 58.98 -30.08
CA ASP L 45 -19.32 58.44 -29.93
C ASP L 45 -19.59 58.26 -28.44
N ALA L 46 -20.19 59.29 -27.84
CA ALA L 46 -20.40 59.27 -26.39
C ALA L 46 -21.33 58.15 -25.98
N ARG L 47 -22.42 57.94 -26.74
CA ARG L 47 -23.39 56.92 -26.35
C ARG L 47 -22.78 55.53 -26.40
N GLU L 48 -22.17 55.17 -27.54
CA GLU L 48 -21.64 53.82 -27.69
C GLU L 48 -20.51 53.57 -26.70
N THR L 49 -19.62 54.56 -26.52
CA THR L 49 -18.51 54.38 -25.60
C THR L 49 -19.00 54.28 -24.16
N PHE L 50 -19.94 55.13 -23.77
CA PHE L 50 -20.47 55.06 -22.41
C PHE L 50 -21.20 53.74 -22.17
N LEU L 51 -22.04 53.33 -23.12
CA LEU L 51 -22.73 52.06 -22.98
C LEU L 51 -21.76 50.89 -22.92
N GLY L 52 -20.58 51.04 -23.55
CA GLY L 52 -19.55 50.03 -23.40
C GLY L 52 -19.04 49.95 -21.98
N VAL L 53 -18.92 51.09 -21.31
CA VAL L 53 -18.51 51.10 -19.91
C VAL L 53 -19.56 50.40 -19.05
N ILE L 54 -20.83 50.69 -19.30
CA ILE L 54 -21.91 50.08 -18.53
C ILE L 54 -22.00 48.60 -18.83
N ARG L 55 -21.82 48.22 -20.09
CA ARG L 55 -21.82 46.80 -20.44
C ARG L 55 -20.69 46.08 -19.71
N LYS L 56 -19.49 46.66 -19.71
CA LYS L 56 -18.37 46.04 -19.01
C LYS L 56 -18.62 46.00 -17.50
N ALA L 57 -19.22 47.07 -16.95
CA ALA L 57 -19.49 47.12 -15.53
C ALA L 57 -20.55 46.10 -15.12
N LEU L 58 -21.45 45.76 -16.04
CA LEU L 58 -22.52 44.82 -15.76
C LEU L 58 -22.15 43.37 -16.07
N GLU L 59 -20.92 43.12 -16.47
CA GLU L 59 -20.50 41.76 -16.78
C GLU L 59 -20.57 40.92 -15.51
N PRO L 60 -21.36 39.84 -15.47
CA PRO L 60 -21.47 39.07 -14.24
C PRO L 60 -20.13 38.49 -13.80
N ASP L 61 -19.90 38.51 -12.49
CA ASP L 61 -18.73 37.87 -11.93
C ASP L 61 -18.85 36.36 -12.10
N THR L 62 -17.70 35.70 -12.27
CA THR L 62 -17.71 34.25 -12.49
C THR L 62 -18.29 33.52 -11.29
N SER L 63 -18.25 34.13 -10.11
CA SER L 63 -18.81 33.49 -8.92
C SER L 63 -20.34 33.40 -8.95
N THR L 64 -20.99 34.13 -9.85
CA THR L 64 -22.44 34.06 -9.95
C THR L 64 -22.85 32.67 -10.43
N PRO L 65 -23.95 32.12 -9.91
CA PRO L 65 -24.40 30.81 -10.40
C PRO L 65 -24.70 30.85 -11.89
N PHE L 66 -24.39 29.74 -12.56
CA PHE L 66 -24.54 29.69 -14.01
C PHE L 66 -25.95 30.03 -14.47
N PRO L 67 -27.02 29.52 -13.86
CA PRO L 67 -28.36 29.87 -14.34
C PRO L 67 -28.62 31.37 -14.34
N VAL L 68 -28.14 32.08 -13.33
CA VAL L 68 -28.32 33.53 -13.29
C VAL L 68 -27.46 34.20 -14.34
N ARG L 69 -26.21 33.75 -14.48
CA ARG L 69 -25.32 34.35 -15.47
C ARG L 69 -25.91 34.26 -16.87
N ARG L 70 -26.31 33.05 -17.28
CA ARG L 70 -26.88 32.89 -18.61
C ARG L 70 -28.17 33.69 -18.76
N ALA L 71 -28.99 33.73 -17.71
CA ALA L 71 -30.21 34.52 -17.76
C ALA L 71 -29.89 36.00 -17.92
N PHE L 72 -28.97 36.52 -17.11
CA PHE L 72 -28.66 37.95 -17.16
C PHE L 72 -27.87 38.29 -18.42
N ASP L 73 -26.95 37.43 -18.83
CA ASP L 73 -26.16 37.72 -20.03
C ASP L 73 -27.06 37.93 -21.24
N GLY L 74 -28.17 37.18 -21.32
CA GLY L 74 -29.12 37.42 -22.38
C GLY L 74 -29.79 38.78 -22.27
N LEU L 75 -30.03 39.23 -21.04
CA LEU L 75 -30.68 40.53 -20.86
C LEU L 75 -29.76 41.67 -21.31
N ARG L 76 -28.52 41.68 -20.84
CA ARG L 76 -27.61 42.76 -21.21
C ARG L 76 -27.13 42.63 -22.65
N ALA L 77 -27.02 41.41 -23.16
CA ALA L 77 -26.66 41.23 -24.56
C ALA L 77 -27.70 41.85 -25.49
N GLU L 78 -28.99 41.70 -25.14
CA GLU L 78 -30.04 42.29 -25.95
C GLU L 78 -30.08 43.80 -25.77
N ILE L 79 -29.96 44.29 -24.54
CA ILE L 79 -30.08 45.71 -24.27
C ILE L 79 -28.76 46.45 -24.48
N LEU L 80 -27.63 45.77 -24.30
CA LEU L 80 -26.31 46.38 -24.46
C LEU L 80 -25.45 45.52 -25.36
N PRO L 81 -25.84 45.36 -26.62
CA PRO L 81 -25.07 44.50 -27.54
C PRO L 81 -23.73 45.12 -27.91
N ASN L 82 -22.77 44.25 -28.22
CA ASN L 82 -21.48 44.71 -28.69
C ASN L 82 -21.59 45.28 -30.11
N ASP L 83 -22.28 44.57 -30.99
CA ASP L 83 -22.34 44.98 -32.39
C ASP L 83 -22.98 46.35 -32.53
N THR L 84 -22.41 47.16 -33.42
CA THR L 84 -23.00 48.46 -33.71
C THR L 84 -24.31 48.32 -34.48
N ILE L 85 -24.37 47.32 -35.37
CA ILE L 85 -25.61 47.09 -36.13
C ILE L 85 -26.75 46.75 -35.17
N LYS L 86 -26.49 45.84 -34.23
CA LYS L 86 -27.52 45.47 -33.26
C LYS L 86 -27.84 46.63 -32.33
N SER L 87 -26.83 47.38 -31.91
CA SER L 87 -27.07 48.53 -31.06
C SER L 87 -27.91 49.58 -31.76
N ALA L 88 -27.61 49.85 -33.03
CA ALA L 88 -28.42 50.80 -33.79
C ALA L 88 -29.84 50.28 -34.00
N ALA L 89 -29.99 48.99 -34.29
CA ALA L 89 -31.32 48.43 -34.49
C ALA L 89 -32.14 48.55 -33.21
N LEU L 90 -31.53 48.28 -32.06
CA LEU L 90 -32.22 48.47 -30.79
C LEU L 90 -32.59 49.93 -30.57
N LYS L 91 -31.70 50.86 -30.91
CA LYS L 91 -31.99 52.27 -30.75
C LYS L 91 -33.23 52.67 -31.52
N ALA L 92 -33.32 52.28 -32.79
CA ALA L 92 -34.50 52.61 -33.59
C ALA L 92 -35.74 51.93 -33.03
N GLN L 93 -35.62 50.68 -32.59
CA GLN L 93 -36.79 49.97 -32.10
C GLN L 93 -37.32 50.59 -30.81
N CYS L 94 -36.47 51.29 -30.07
CA CYS L 94 -36.89 51.95 -28.84
C CYS L 94 -37.46 53.35 -29.08
N SER L 95 -37.34 53.89 -30.29
CA SER L 95 -37.94 55.18 -30.58
C SER L 95 -39.46 55.12 -30.48
N ASP L 96 -40.04 53.95 -30.74
CA ASP L 96 -41.47 53.73 -30.60
C ASP L 96 -41.72 52.66 -29.54
N ILE L 97 -41.01 52.78 -28.42
CA ILE L 97 -41.09 51.80 -27.34
C ILE L 97 -42.53 51.53 -26.91
N ASP L 98 -43.45 52.46 -27.19
CA ASP L 98 -44.84 52.23 -26.80
C ASP L 98 -45.40 50.95 -27.42
N LYS L 99 -44.87 50.53 -28.56
CA LYS L 99 -45.33 49.33 -29.24
C LYS L 99 -44.46 48.12 -28.94
N HIS L 100 -43.54 48.22 -27.98
CA HIS L 100 -42.63 47.12 -27.63
C HIS L 100 -42.63 46.94 -26.12
N PRO L 101 -43.70 46.34 -25.57
CA PRO L 101 -43.72 46.11 -24.11
C PRO L 101 -42.60 45.22 -23.62
N GLU L 102 -42.15 44.25 -24.42
CA GLU L 102 -41.10 43.35 -23.96
C GLU L 102 -39.82 44.10 -23.68
N LEU L 103 -39.46 45.05 -24.54
CA LEU L 103 -38.32 45.91 -24.25
C LEU L 103 -38.56 46.75 -23.01
N LYS L 104 -39.79 47.26 -22.85
CA LYS L 104 -40.13 48.01 -21.65
C LYS L 104 -39.85 47.19 -20.39
N ALA L 105 -40.22 45.91 -20.42
CA ALA L 105 -39.94 45.03 -19.28
C ALA L 105 -38.44 44.78 -19.16
N LYS L 106 -37.76 44.52 -20.27
CA LYS L 106 -36.32 44.25 -20.22
C LYS L 106 -35.56 45.47 -19.74
N MET L 107 -35.85 46.65 -20.33
CA MET L 107 -35.18 47.86 -19.89
C MET L 107 -35.47 48.16 -18.43
N GLU L 108 -36.71 47.96 -18.00
CA GLU L 108 -37.04 48.14 -16.59
C GLU L 108 -36.28 47.16 -15.73
N THR L 109 -36.17 45.90 -16.16
CA THR L 109 -35.42 44.91 -15.40
C THR L 109 -33.95 45.28 -15.30
N LEU L 110 -33.35 45.71 -16.43
CA LEU L 110 -31.94 46.08 -16.41
C LEU L 110 -31.70 47.30 -15.53
N LYS L 111 -32.60 48.29 -15.61
CA LYS L 111 -32.44 49.48 -14.78
C LYS L 111 -32.48 49.13 -13.30
N GLU L 112 -33.32 48.16 -12.93
CA GLU L 112 -33.36 47.72 -11.54
C GLU L 112 -32.02 47.13 -11.12
N VAL L 113 -31.38 46.37 -12.01
CA VAL L 113 -30.07 45.81 -11.70
C VAL L 113 -29.04 46.93 -11.55
N ILE L 114 -29.09 47.92 -12.43
CA ILE L 114 -28.10 48.99 -12.40
C ILE L 114 -28.18 49.77 -11.10
N THR L 115 -29.40 50.11 -10.67
CA THR L 115 -29.55 50.92 -9.46
C THR L 115 -29.06 50.19 -8.22
N HIS L 116 -28.97 48.87 -8.27
CA HIS L 116 -28.44 48.07 -7.16
C HIS L 116 -26.99 47.66 -7.37
N HIS L 117 -26.34 48.17 -8.40
CA HIS L 117 -24.95 47.81 -8.66
C HIS L 117 -24.08 48.26 -7.49
N PRO L 118 -23.17 47.42 -7.00
CA PRO L 118 -22.38 47.80 -5.81
C PRO L 118 -21.53 49.04 -6.03
N GLN L 119 -21.18 49.36 -7.27
CA GLN L 119 -20.37 50.53 -7.59
C GLN L 119 -21.17 51.55 -8.40
N LYS L 120 -22.45 51.73 -8.07
CA LYS L 120 -23.26 52.70 -8.79
C LYS L 120 -22.72 54.11 -8.63
N GLU L 121 -22.14 54.42 -7.48
CA GLU L 121 -21.62 55.76 -7.25
C GLU L 121 -20.51 56.09 -8.23
N LYS L 122 -19.59 55.14 -8.45
CA LYS L 122 -18.50 55.38 -9.38
C LYS L 122 -19.02 55.44 -10.82
N LEU L 123 -19.98 54.56 -11.16
CA LEU L 123 -20.56 54.61 -12.50
C LEU L 123 -21.30 55.92 -12.72
N ALA L 124 -21.90 56.47 -11.66
CA ALA L 124 -22.52 57.79 -11.77
C ALA L 124 -21.49 58.87 -12.06
N GLU L 125 -20.32 58.80 -11.41
CA GLU L 125 -19.27 59.76 -11.69
C GLU L 125 -18.80 59.67 -13.13
N ILE L 126 -18.64 58.45 -13.64
CA ILE L 126 -18.25 58.28 -15.04
C ILE L 126 -19.32 58.84 -15.96
N ALA L 127 -20.58 58.57 -15.65
CA ALA L 127 -21.66 59.09 -16.48
C ALA L 127 -21.66 60.61 -16.50
N LEU L 128 -21.43 61.24 -15.34
CA LEU L 128 -21.36 62.69 -15.28
C LEU L 128 -20.15 63.23 -16.04
N GLN L 129 -19.02 62.50 -15.97
CA GLN L 129 -17.86 62.89 -16.76
C GLN L 129 -18.16 62.82 -18.25
N PHE L 130 -18.87 61.77 -18.68
CA PHE L 130 -19.25 61.68 -20.08
C PHE L 130 -20.13 62.84 -20.50
N ALA L 131 -21.12 63.18 -19.67
CA ALA L 131 -21.98 64.32 -19.96
C ALA L 131 -21.18 65.62 -19.95
N ARG L 132 -20.29 65.78 -18.97
CA ARG L 132 -19.53 67.02 -18.85
C ARG L 132 -18.60 67.23 -20.04
N GLU L 133 -17.87 66.18 -20.42
CA GLU L 133 -16.83 66.30 -21.44
C GLU L 133 -17.33 65.93 -22.83
N ALA L 134 -17.98 64.78 -22.98
CA ALA L 134 -18.35 64.26 -24.29
C ALA L 134 -19.75 64.65 -24.72
N GLY L 135 -20.49 65.40 -23.91
CA GLY L 135 -21.85 65.76 -24.26
C GLY L 135 -22.75 64.55 -24.39
N LEU L 136 -22.67 63.62 -23.45
CA LEU L 136 -23.49 62.42 -23.51
C LEU L 136 -24.98 62.75 -23.45
N THR L 137 -25.35 63.71 -22.60
CA THR L 137 -26.74 64.09 -22.40
C THR L 137 -27.07 65.42 -23.06
N ARG L 138 -26.48 65.70 -24.23
CA ARG L 138 -26.73 66.97 -24.89
C ARG L 138 -28.17 67.10 -25.34
N LEU L 139 -28.82 65.99 -25.68
CA LEU L 139 -30.23 66.03 -26.07
C LEU L 139 -31.17 66.28 -24.89
N LYS L 140 -30.66 66.21 -23.66
CA LYS L 140 -31.47 66.48 -22.47
C LYS L 140 -32.66 65.54 -22.41
N GLY L 141 -33.88 66.08 -22.45
CA GLY L 141 -35.07 65.25 -22.31
C GLY L 141 -35.33 64.36 -23.50
N GLU L 142 -34.75 64.66 -24.66
CA GLU L 142 -34.94 63.87 -25.86
C GLU L 142 -33.92 62.75 -26.00
N THR L 143 -33.24 62.39 -24.92
CA THR L 143 -32.32 61.26 -24.96
C THR L 143 -33.08 59.98 -25.26
N ASP L 144 -32.44 59.09 -26.01
CA ASP L 144 -33.09 57.85 -26.41
C ASP L 144 -33.45 57.02 -25.17
N TYR L 145 -34.36 56.07 -25.37
CA TYR L 145 -34.92 55.33 -24.25
C TYR L 145 -33.85 54.55 -23.50
N VAL L 146 -32.99 53.84 -24.23
CA VAL L 146 -31.99 52.99 -23.58
C VAL L 146 -31.03 53.83 -22.75
N LEU L 147 -30.47 54.87 -23.37
CA LEU L 147 -29.50 55.70 -22.66
C LEU L 147 -30.14 56.42 -21.49
N SER L 148 -31.37 56.91 -21.67
CA SER L 148 -32.05 57.61 -20.59
C SER L 148 -32.31 56.68 -19.41
N ASN L 149 -32.73 55.44 -19.69
CA ASN L 149 -32.99 54.49 -18.61
C ASN L 149 -31.72 54.15 -17.86
N VAL L 150 -30.61 53.95 -18.58
CA VAL L 150 -29.35 53.64 -17.92
C VAL L 150 -28.94 54.77 -16.99
N LEU L 151 -29.05 56.02 -17.48
CA LEU L 151 -28.72 57.16 -16.65
C LEU L 151 -29.64 57.25 -15.44
N ASP L 152 -30.94 57.00 -15.64
CA ASP L 152 -31.88 57.02 -14.52
C ASP L 152 -31.51 55.98 -13.47
N GLY L 153 -31.00 54.83 -13.91
CA GLY L 153 -30.53 53.85 -12.96
C GLY L 153 -29.35 54.34 -12.15
N LEU L 154 -28.39 54.98 -12.82
CA LEU L 154 -27.22 55.52 -12.12
C LEU L 154 -27.58 56.79 -11.36
N ILE L 155 -28.36 57.67 -11.97
CA ILE L 155 -28.78 58.93 -11.36
C ILE L 155 -30.29 58.84 -11.16
N GLY L 156 -30.71 58.49 -9.95
CA GLY L 156 -32.11 58.19 -9.71
C GLY L 156 -33.03 59.37 -9.97
N ASP L 157 -32.65 60.55 -9.50
CA ASP L 157 -33.54 61.70 -9.57
C ASP L 157 -33.81 62.16 -11.00
N GLY L 158 -32.93 61.84 -11.94
CA GLY L 158 -33.09 62.30 -13.30
C GLY L 158 -32.66 63.73 -13.54
N SER L 159 -31.92 64.33 -12.61
CA SER L 159 -31.47 65.70 -12.79
C SER L 159 -30.56 65.86 -13.99
N TRP L 160 -29.94 64.78 -14.45
CA TRP L 160 -29.05 64.87 -15.60
C TRP L 160 -29.79 65.40 -16.83
N ARG L 161 -31.11 65.23 -16.90
CA ARG L 161 -31.85 65.74 -18.05
C ARG L 161 -31.62 67.23 -18.24
N ALA L 162 -31.48 67.98 -17.16
CA ALA L 162 -30.94 69.34 -17.22
C ALA L 162 -29.44 69.23 -17.42
N GLY L 163 -28.97 69.56 -18.61
CA GLY L 163 -27.59 69.32 -18.98
C GLY L 163 -26.59 69.93 -18.01
N PRO L 164 -25.33 69.59 -18.17
CA PRO L 164 -24.30 70.09 -17.25
C PRO L 164 -24.24 71.62 -17.27
N ALA L 165 -23.95 72.19 -16.10
CA ALA L 165 -23.71 73.62 -16.01
C ALA L 165 -22.34 73.96 -16.58
N TYR L 166 -22.27 75.06 -17.32
CA TYR L 166 -21.05 75.44 -18.02
C TYR L 166 -20.63 76.85 -17.63
N GLU L 167 -19.34 77.12 -17.81
CA GLU L 167 -18.71 78.27 -17.15
C GLU L 167 -19.19 79.59 -17.74
N SER L 168 -19.24 79.70 -19.07
CA SER L 168 -19.61 80.95 -19.73
C SER L 168 -18.64 82.08 -19.34
N TYR L 169 -17.39 81.89 -19.79
CA TYR L 169 -16.30 82.78 -19.40
C TYR L 169 -16.62 84.25 -19.63
N LEU L 170 -17.32 84.57 -20.71
CA LEU L 170 -17.49 85.97 -21.08
C LEU L 170 -18.38 86.70 -20.08
N ASN L 171 -18.20 88.02 -20.01
CA ASN L 171 -18.94 88.90 -19.11
C ASN L 171 -18.73 88.54 -17.65
N LYS L 172 -17.66 87.82 -17.34
CA LYS L 172 -17.39 87.45 -15.97
C LYS L 172 -17.11 88.69 -15.13
N PRO L 173 -17.48 88.68 -13.84
CA PRO L 173 -17.22 89.83 -12.98
C PRO L 173 -15.75 90.07 -12.71
PB ADP M . -2.57 87.03 -39.58
O1B ADP M . -3.07 85.62 -39.75
O2B ADP M . -3.18 88.05 -40.51
O3B ADP M . -2.49 87.49 -38.14
PA ADP M . -0.64 86.62 -41.55
O1A ADP M . -0.55 85.12 -41.73
O2A ADP M . -1.52 87.46 -42.45
O3A ADP M . -1.04 86.94 -40.03
O5' ADP M . 0.83 87.24 -41.57
C5' ADP M . 1.00 88.64 -41.79
C4' ADP M . 2.36 89.06 -41.25
O4' ADP M . 3.39 88.38 -41.96
C3' ADP M . 2.60 90.55 -41.38
O3' ADP M . 2.71 91.14 -40.08
C2' ADP M . 3.89 90.70 -42.15
O2' ADP M . 4.82 91.51 -41.44
C1' ADP M . 4.43 89.28 -42.33
N9 ADP M . 4.82 89.04 -43.74
C8 ADP M . 3.97 88.93 -44.78
N7 ADP M . 4.64 88.71 -45.94
C5 ADP M . 5.96 88.66 -45.64
C6 ADP M . 7.21 88.46 -46.39
N6 ADP M . 7.20 88.26 -47.73
N1 ADP M . 8.37 88.49 -45.70
C2 ADP M . 8.40 88.69 -44.37
N3 ADP M . 7.30 88.89 -43.63
C4 ADP M . 6.06 88.89 -44.19
H5'1 ADP M . 0.21 89.19 -41.29
H5'2 ADP M . 0.94 88.86 -42.87
H4' ADP M . 2.41 88.79 -40.18
H3' ADP M . 1.77 91.01 -41.95
HO3' ADP M . 2.72 92.10 -40.15
H2' ADP M . 3.68 91.14 -43.14
HO2' ADP M . 4.50 92.42 -41.41
H1' ADP M . 5.30 89.15 -41.67
H8 ADP M . 2.89 89.03 -44.70
HN61 ADP M . 8.07 88.12 -48.23
HN62 ADP M . 6.33 88.24 -48.24
H2 ADP M . 9.36 88.71 -43.88
P PO4 N . -2.03 84.80 -36.01
O1 PO4 N . -1.38 83.50 -35.61
O2 PO4 N . -2.74 84.61 -37.34
O3 PO4 N . -0.98 85.87 -36.16
O4 PO4 N . -3.03 85.23 -34.97
MG MG O . -2.40 83.79 -39.70
P PO4 P . 10.77 64.77 -4.44
O1 PO4 P . 10.11 63.42 -4.42
O2 PO4 P . 10.74 65.37 -3.05
O3 PO4 P . 10.05 65.67 -5.40
O4 PO4 P . 12.22 64.63 -4.89
PB ADP Q . 10.72 68.48 -2.78
O1B ADP Q . 10.95 67.57 -1.60
O2B ADP Q . 11.35 69.85 -2.66
O3B ADP Q . 10.92 67.84 -4.13
PA ADP Q . 8.46 69.41 -1.43
O1A ADP Q . 7.96 68.30 -0.55
O2A ADP Q . 9.38 70.48 -0.90
O3A ADP Q . 9.14 68.78 -2.74
O5' ADP Q . 7.20 70.12 -2.12
C5' ADP Q . 7.40 71.28 -2.93
C4' ADP Q . 6.21 71.40 -3.86
O4' ADP Q . 5.01 71.29 -3.10
C3' ADP Q . 6.17 72.74 -4.59
O3' ADP Q . 6.24 72.54 -6.00
C2' ADP Q . 4.87 73.39 -4.19
O2' ADP Q . 4.14 73.84 -5.33
C1' ADP Q . 4.09 72.31 -3.45
N9 ADP Q . 3.46 72.87 -2.24
C8 ADP Q . 4.11 73.29 -1.15
N7 ADP Q . 3.24 73.75 -0.21
C5 ADP Q . 2.01 73.64 -0.73
C6 ADP Q . 0.63 73.94 -0.27
N6 ADP Q . 0.40 74.48 0.95
N1 ADP Q . -0.39 73.66 -1.12
C2 ADP Q . -0.18 73.13 -2.34
N3 ADP Q . 1.04 72.83 -2.80
C4 ADP Q . 2.16 73.06 -2.06
H5'1 ADP Q . 8.32 71.17 -3.51
H5'2 ADP Q . 7.48 72.17 -2.30
H4' ADP Q . 6.26 70.59 -4.61
H3' ADP Q . 7.02 73.36 -4.25
HO3' ADP Q . 6.26 73.40 -6.45
H2' ADP Q . 5.07 74.22 -3.51
HO2' ADP Q . 4.57 74.62 -5.69
H1' ADP Q . 3.31 71.91 -4.13
H8 ADP Q . 5.19 73.25 -1.01
HN61 ADP Q . -0.55 74.68 1.24
HN62 ADP Q . 1.17 74.67 1.57
H2 ADP Q . -1.03 72.93 -2.96
MG MG R . 10.57 65.80 -1.07
PB ADP S . 1.70 33.55 -26.54
O1B ADP S . 1.44 32.13 -26.98
O2B ADP S . 1.45 34.59 -27.59
O3B ADP S . 1.14 33.91 -25.18
PA ADP S . 4.30 33.38 -27.54
O1A ADP S . 4.70 31.93 -27.60
O2A ADP S . 3.72 34.07 -28.74
O3A ADP S . 3.29 33.60 -26.31
O5' ADP S . 5.54 34.24 -27.00
C5' ADP S . 5.47 35.66 -27.05
C4' ADP S . 6.37 36.21 -25.96
O4' ADP S . 7.68 35.67 -26.12
C3' ADP S . 6.48 37.73 -26.01
O3' ADP S . 6.00 38.30 -24.79
C2' ADP S . 7.94 38.03 -26.21
O2' ADP S . 8.40 38.96 -25.21
C1' ADP S . 8.67 36.70 -26.08
N9 ADP S . 9.62 36.50 -27.20
C8 ADP S . 9.28 36.29 -28.48
N7 ADP S . 10.38 36.15 -29.26
C5 ADP S . 11.46 36.26 -28.47
C6 ADP S . 12.92 36.21 -28.64
N6 ADP S . 13.48 36.00 -29.86
N1 ADP S . 13.69 36.38 -27.54
C2 ADP S . 13.15 36.59 -26.32
N3 ADP S . 11.83 36.64 -26.10
C4 ADP S . 10.95 36.50 -27.11
H5'1 ADP S . 4.45 36.00 -26.89
H5'2 ADP S . 5.81 36.02 -28.02
H4' ADP S . 5.96 35.92 -24.98
H3' ADP S . 5.91 38.10 -26.87
HO3' ADP S . 5.91 39.25 -24.89
H2' ADP S . 8.10 38.43 -27.22
HO2' ADP S . 7.97 39.80 -25.36
H1' ADP S . 9.21 36.67 -25.12
H8 ADP S . 8.25 36.25 -28.85
HN61 ADP S . 14.48 35.96 -29.95
HN62 ADP S . 12.89 35.87 -30.67
H2 ADP S . 13.83 36.72 -25.49
MG MG T . 2.05 30.35 -26.54
P PO4 U . 0.89 31.40 -23.23
O1 PO4 U . 1.28 30.31 -22.25
O2 PO4 U . 1.28 30.98 -24.63
O3 PO4 U . 1.60 32.67 -22.87
O4 PO4 U . -0.60 31.61 -23.16
MG MG V . -1.59 14.21 14.88
PB ADP W . -0.56 16.92 13.48
O1B ADP W . -0.75 15.84 14.51
O2B ADP W . -0.28 18.29 14.05
O3B ADP W . 0.34 16.54 12.33
PA ADP W . -3.26 17.59 13.65
O1A ADP W . -3.94 16.40 14.29
O2A ADP W . -2.80 18.76 14.48
O3A ADP W . -2.01 17.07 12.81
O5' ADP W . -4.16 18.11 12.44
C5' ADP W . -3.77 19.29 11.74
C4' ADP W . -4.34 19.19 10.33
O4' ADP W . -5.74 18.90 10.42
C3' ADP W . -4.18 20.48 9.56
O3' ADP W . -3.45 20.23 8.36
C2' ADP W . -5.58 20.96 9.25
O2' ADP W . -5.73 21.30 7.88
C1' ADP W . -6.50 19.80 9.61
N9 ADP W . -7.68 20.27 10.38
C8 ADP W . -7.65 20.78 11.62
N7 ADP W . -8.91 21.11 12.03
C5 ADP W . -9.75 20.80 11.03
C6 ADP W . -11.21 20.90 10.81
N6 ADP W . -12.03 21.40 11.76
N1 ADP W . -11.69 20.46 9.63
C2 ADP W . -10.88 19.96 8.67
N3 ADP W . -9.55 19.85 8.81
C4 ADP W . -8.94 20.24 9.95
H5'1 ADP W . -2.68 19.36 11.70
H5'2 ADP W . -4.16 20.17 12.24
H4' ADP W . -3.83 18.38 9.80
H3' ADP W . -3.66 21.22 10.18
HO3' ADP W . -3.25 21.07 7.92
H2' ADP W . -5.82 21.82 9.89
HO2' ADP W . -5.20 22.09 7.70
H1' ADP W . -6.81 19.29 8.69
H8 ADP W . -6.75 20.91 12.21
HN61 ADP W . -13.02 21.45 11.59
HN62 ADP W . -11.65 21.72 12.64
H2 ADP W . -11.34 19.63 7.74
P PO4 X . 1.04 13.42 12.03
O1 PO4 X . 0.80 11.97 11.67
O2 PO4 X . 0.26 13.77 13.26
O3 PO4 X . 0.62 14.30 10.88
O4 PO4 X . 2.52 13.63 12.30
MG MG Y . 7.33 -21.95 -9.08
PB ADP Z . 6.32 -18.99 -9.70
O1B ADP Z . 6.59 -20.46 -9.94
O2B ADP Z . 6.34 -18.15 -10.95
O3B ADP Z . 5.17 -18.69 -8.77
PA ADP Z . 9.07 -18.64 -9.52
O1A ADP Z . 9.60 -20.01 -9.20
O2A ADP Z . 9.03 -18.13 -10.94
O3A ADP Z . 7.61 -18.50 -8.89
O5' ADP Z . 9.84 -17.56 -8.62
C5' ADP Z . 9.51 -16.19 -8.76
C4' ADP Z . 9.74 -15.53 -7.41
O4' ADP Z . 11.03 -15.92 -6.92
C3' ADP Z . 9.69 -14.01 -7.48
O3' ADP Z . 8.63 -13.52 -6.64
C2' ADP Z . 11.04 -13.54 -6.98
O2' ADP Z . 10.88 -12.61 -5.91
C1' ADP Z . 11.78 -14.78 -6.52
N9 ADP Z . 13.13 -14.85 -7.13
C8 ADP Z . 13.38 -15.09 -8.43
N7 ADP Z . 14.70 -15.10 -8.67
C5 ADP Z . 15.33 -14.87 -7.51
C6 ADP Z . 16.74 -14.75 -7.06
N6 ADP Z . 17.76 -14.89 -7.93
N1 ADP Z . 16.95 -14.51 -5.76
C2 ADP Z . 15.95 -14.37 -4.87
N3 ADP Z . 14.66 -14.47 -5.21
C4 ADP Z . 14.29 -14.71 -6.50
H5'1 ADP Z . 8.47 -16.08 -9.06
H5'2 ADP Z . 10.15 -15.72 -9.50
H4' ADP Z . 8.96 -15.88 -6.70
H3' ADP Z . 9.54 -13.70 -8.51
HO3' ADP Z . 8.51 -12.58 -6.81
H2' ADP Z . 11.59 -13.08 -7.81
HO2' ADP Z . 10.48 -11.81 -6.24
H1' ADP Z . 11.87 -14.76 -5.42
H8 ADP Z . 12.61 -15.25 -9.18
HN61 ADP Z . 18.72 -14.80 -7.61
HN62 ADP Z . 17.58 -15.07 -8.91
H2 ADP Z . 16.20 -14.17 -3.84
P PO4 AA . 4.04 -21.25 -6.98
O1 PO4 AA . 4.60 -22.24 -5.97
O2 PO4 AA . 4.84 -21.33 -8.25
O3 PO4 AA . 4.13 -19.85 -6.42
O4 PO4 AA . 2.59 -21.59 -7.26
MG MG BA . -12.40 -38.77 27.10
PB ADP CA . -11.33 -36.04 25.87
O1B ADP CA . -11.70 -37.00 26.97
O2B ADP CA . -11.44 -34.59 26.26
O3B ADP CA . -10.08 -36.38 25.13
PA ADP CA . -13.97 -35.66 24.98
O1A ADP CA . -14.89 -36.78 25.41
O2A ADP CA . -13.89 -34.38 25.76
O3A ADP CA . -12.49 -36.25 24.78
O5' ADP CA . -14.27 -35.29 23.46
C5' ADP CA . -13.77 -34.06 22.94
C4' ADP CA . -13.72 -34.18 21.43
O4' ADP CA . -14.98 -34.62 20.94
C3' ADP CA . -13.39 -32.85 20.75
O3' ADP CA . -12.15 -32.94 20.05
C2' ADP CA . -14.54 -32.58 19.80
O2' ADP CA . -14.04 -32.32 18.50
C1' ADP CA . -15.40 -33.84 19.83
N9 ADP CA . -16.83 -33.48 19.97
C8 ADP CA . -17.38 -32.91 21.06
N7 ADP CA . -18.72 -32.72 20.86
C5 ADP CA . -19.02 -33.17 19.63
C6 ADP CA . -20.23 -33.25 18.79
N6 ADP CA . -21.43 -32.82 19.25
N1 ADP CA . -20.10 -33.80 17.56
C2 ADP CA . -18.93 -34.23 17.09
N3 ADP CA . -17.79 -34.18 17.79
C4 ADP CA . -17.77 -33.67 19.04
H5'1 ADP CA . -12.78 -33.86 23.33
H5'2 ADP CA . -14.44 -33.24 23.22
H4' ADP CA . -12.93 -34.91 21.16
H3' ADP CA . -13.35 -32.07 21.52
HO3' ADP CA . -11.88 -32.07 19.74
H2' ADP CA . -15.11 -31.73 20.18
HO2' ADP CA . -13.59 -31.47 18.50
H1' ADP CA . -15.23 -34.40 18.89
H8 ADP CA . -16.85 -32.65 21.95
HN61 ADP CA . -22.25 -32.89 18.66
HN62 ADP CA . -21.50 -32.42 20.18
H2 ADP CA . -18.91 -34.65 16.10
P PO4 DA . -8.79 -39.41 25.32
O1 PO4 DA . -9.23 -40.75 24.79
O2 PO4 DA . -9.94 -38.77 26.07
O3 PO4 DA . -8.38 -38.51 24.17
O4 PO4 DA . -7.62 -39.59 26.26
P PO4 EA . 6.50 -73.16 11.75
O1 PO4 EA . 6.44 -74.00 13.01
O2 PO4 EA . 7.85 -73.34 11.10
O3 PO4 EA . 6.29 -71.71 12.10
O4 PO4 EA . 5.42 -73.61 10.80
PB ADP FA . 9.38 -70.52 10.30
O1B ADP FA . 9.85 -71.95 10.27
O2B ADP FA . 9.93 -69.66 9.18
O3B ADP FA . 7.91 -70.33 10.55
PA ADP FA . 11.68 -69.85 11.72
O1A ADP FA . 12.19 -71.14 12.28
O2A ADP FA . 12.20 -69.30 10.40
O3A ADP FA . 10.08 -69.92 11.62
O5' ADP FA . 11.80 -68.70 12.83
C5' ADP FA . 11.42 -67.36 12.49
C4' ADP FA . 11.10 -66.65 13.79
O4' ADP FA . 12.19 -66.79 14.69
C3' ADP FA . 10.86 -65.16 13.57
O3' ADP FA . 9.56 -64.78 14.04
C2' ADP FA . 11.94 -64.46 14.38
O2' ADP FA . 11.41 -63.40 15.16
C1' ADP FA . 12.53 -65.54 15.27
N9 ADP FA . 14.01 -65.40 15.34
C8 ADP FA . 14.87 -65.56 14.32
N7 ADP FA . 16.14 -65.35 14.74
C5 ADP FA . 16.11 -65.06 16.05
C6 ADP FA . 17.09 -64.72 17.10
N6 ADP FA . 18.42 -64.68 16.83
N1 ADP FA . 16.63 -64.47 18.34
C2 ADP FA . 15.32 -64.52 18.63
N3 ADP FA . 14.37 -64.81 17.72
C4 ADP FA . 14.70 -65.08 16.44
H5'1 ADP FA . 10.55 -67.38 11.84
H5'2 ADP FA . 12.24 -66.86 11.97
H4' ADP FA . 10.18 -67.09 14.22
H3' ADP FA . 10.98 -64.92 12.51
HO3' ADP FA . 9.41 -63.84 13.87
H2' ADP FA . 12.71 -64.08 13.68
HO2' ADP FA . 11.17 -62.67 14.58
H1' ADP FA . 12.10 -65.45 16.27
H8 ADP FA . 14.58 -65.82 13.31
HN61 ADP FA . 19.07 -64.45 17.57
HN62 ADP FA . 18.75 -64.86 15.90
H2 ADP FA . 15.01 -64.31 19.65
MG MG GA . 10.04 -73.68 10.97
MG MG HA . -21.07 -92.59 36.08
P PO4 IA . -17.38 -92.96 36.49
O1 PO4 IA . -17.34 -94.34 35.88
O2 PO4 IA . -18.81 -92.46 36.51
O3 PO4 IA . -16.53 -92.03 35.67
O4 PO4 IA . -16.85 -93.03 37.90
PB ADP JA . -19.91 -89.60 35.64
O1B ADP JA . -20.65 -90.65 36.43
O2B ADP JA . -20.42 -88.20 35.83
O3B ADP JA . -18.41 -89.73 35.68
PA ADP JA . -21.79 -89.79 33.57
O1A ADP JA . -22.49 -91.12 33.67
O2A ADP JA . -22.39 -88.55 34.19
O3A ADP JA . -20.29 -89.95 34.11
O5' ADP JA . -21.46 -89.48 32.03
C5' ADP JA . -21.02 -88.18 31.66
C4' ADP JA . -20.28 -88.28 30.35
O4' ADP JA . -21.15 -88.86 29.37
C3' ADP JA . -19.83 -86.93 29.83
O3' ADP JA . -18.40 -86.87 29.77
C2' ADP JA . -20.44 -86.79 28.44
O2' ADP JA . -19.43 -86.47 27.49
C1' ADP JA . -21.09 -88.12 28.14
N9 ADP JA . -22.46 -87.94 27.61
C8 ADP JA . -23.49 -87.41 28.28
N7 ADP JA . -24.61 -87.38 27.51
C5 ADP JA . -24.29 -87.90 26.32
C6 ADP JA . -24.99 -88.18 25.04
N6 ADP JA . -26.29 -87.88 24.88
N1 ADP JA . -24.27 -88.74 24.04
C2 ADP JA . -22.98 -89.06 24.18
N3 ADP JA . -22.28 -88.84 25.31
C4 ADP JA . -22.87 -88.28 26.38
H5'1 ADP JA . -20.36 -87.78 32.43
H5'2 ADP JA . -21.87 -87.50 31.57
H4' ADP JA . -19.40 -88.93 30.48
H3' ADP JA . -20.22 -86.15 30.48
HO3' ADP JA . -18.12 -85.99 29.51
H2' ADP JA . -21.20 -86.00 28.48
HO2' ADP JA . -19.13 -85.56 27.61
H1' ADP JA . -20.47 -88.66 27.41
H8 ADP JA . -23.45 -87.04 29.29
HN61 ADP JA . -26.75 -88.06 24.01
HN62 ADP JA . -26.81 -87.45 25.64
H2 ADP JA . -22.47 -89.51 23.33
#